data_7XZI
#
_entry.id   7XZI
#
_cell.length_a   1.00
_cell.length_b   1.00
_cell.length_c   1.00
_cell.angle_alpha   90.00
_cell.angle_beta   90.00
_cell.angle_gamma   90.00
#
_symmetry.space_group_name_H-M   'P 1'
#
loop_
_entity.id
_entity.type
_entity.pdbx_description
1 polymer Ctap3
2 polymer Ctap4
3 polymer Ctap5
4 polymer Toc75
5 polymer Toc90
6 polymer Tic214
7 polymer 'Protein TIC 20'
8 polymer Tic15
9 polymer Simp3
10 polymer Tic100
11 polymer Tic56
12 polymer Toc34
13 polymer Simp2
14 polymer 'Unknown peptide'
15 non-polymer Digitonin
16 non-polymer 1,2-DISTEAROYL-MONOGALACTOSYL-DIGLYCERIDE
17 non-polymer HEXADECANE
18 non-polymer DODECANE
19 non-polymer 'INOSITOL HEXAKISPHOSPHATE'
20 non-polymer 1,2-DIPALMITOYL-PHOSPHATIDYL-GLYCEROLE
#
loop_
_entity_poly.entity_id
_entity_poly.type
_entity_poly.pdbx_seq_one_letter_code
_entity_poly.pdbx_strand_id
1 'polypeptide(L)'
;MADGPSPIRIVLWNDGGESLAAGVEDEEQQQVLHSFADLVGSAIDAVLELPQFRHVEAVTAEAEEDEPGLSIGFDAGSGD
GEVDIDNLKGRLDIAGLLLGSAQLPEELAEVAAVEVTDEEEGTTELQFTDEGLVQQLQAVVKRAKLEKRYNDWVAGVAES
LGPALDAAAGGVEVTEMPVDPYDVLQAVVAQLIRVAGVSPPAPSLFSRTGALVGGVLGAPRSAVRQVTKRLGRAQRLWWR
LEDVVVDGSKLALRLAVKAARPVLVGFVLHRVLKTLDRSRQLEYRLARMGPEEAREAYYEAVLGKDWKQQLQADWDKALE
DVDAGLVTDEINHEKRLMTAAQLRRLEVEEWDKQRMKNFYLASFGGLRWFDQMEQALHNPLFIESRGWTDPVQNWVGQNR
TYMDDLPAGQYMAGVGNAAIRIKEAELKRKLTDVERAHVLARGGAVAGGLLPQQPTDPATLAVAVGGAFVPSVAGKR
;
3
2 'polypeptide(L)'
;MGASQESELDFVPRLSFLPIEWRSIGSAFGLKDKSGAAANGRATFTVRQGVDAAELTSTGRVIDGQADVGASLKLNTLAI
GVSASNITFHSGLDDPTAAAAQRSSLIPSLKLTAAKQFKRDNYIAVSYDLKHQKPELSACWTGEAGADRATLLVNVDPVM
RSVKLAAAVRTPGPEWRKVLYNDETDLLEYPADDGARHTLYVQHEVRGRDLLHATRLGCRLDLGRLVNYVVDFVDYRIEE
NIPSFVWNVPLLPQLYSLLVPADNDEQVRHRITGWELDVSHDFARSGLLPVVAISKTSKKLLGGGTLTASYDAAAREAGV
SLSRKGVSVGARVARAEGAAGGLSAGWGRPSIHVAVEPLGLLQ
;
4
3 'polypeptide(L)'
;MQLGQLRQPLRACQDQRLTRGVPLARRQLVVVSNWNPLGGKGGGNAEQPGGEEPIQDELLKLLRGGWVLLSNLALFLVFS
SFLHRSLNWFVQTELLVAVGAPQQAGERVVGKFFEAIEWVERNILGWKLPGDEEAEDATSKVYEVLQNYTPAEAAYSFAQ
LKYKDLTHKERELFHKAYALRHFERRDGRPGDVDAAELQAVKDRLDPLEADRRAYAAAKAAGRLDEYWAAPGREATYQRI
VGAPRIAARQCEMASMLKGLQAVLPAMELLAQLQVAQFVYAASKASKSRQQDDFKLQLQTFYGNVLDEQCQLRCMLLNVQ
LPMALVTVFVPQYCFCLLDRVVLPRRECGSASTLGSLLRACGRPGSACHAGGCSAQRRDPLTI
;
5
4 'polypeptide(L)'
;MQGLKATPGLRASSGRPTLRTARTALVVRAHASQPSSSNHAEQQECSSSGSGVSVNQPSALGRLGKFGLSSALSAFVLVP
NFGGFGGNGGNRGGGGGGGGGGGSGGQGQPDGGLPLPLYELAEESSDEKEKQQKDDKRNWKNLVTDSEDLEEKPGERSGT
NRCVEIVIEGWPDVGNLPTADELKDLLTVQEGHIFEKQDLLDDRRKLEIQYEDYIAEVEIRTEYVDGKSNHQRVVYKFTP
HQFRGINAIDIKGAALMPASEVERICNECLPKQPYMVDIAVMDKVRNRIEQWYQSRGLPFCYVGFFDGMDDGILRANVTE
AKIDNVSVRFVRPKLTGDSELEYSVYDEGKVVKADKIIEASGFQRGHHYHVEDGYDAMNSIFACGLLEDINIEPEQDPSD
VNKINVKIRCEEVQPKSMELDLDWSFQLKNGIPSINRQSLIPGGSVEVSHENLFGNSESATLSLSASDWRNPSADLGFSV
AYSEPFYKPHTTRNAQLFNTRKTSTIFTPGGESEVPPVFVDRFGLKGWTSQITGQDNKVEHALMLQLVSTLDENGQVVAK
GTKVQRGYYADNGPPTTNSGNGRDLSLSYQGFFALDNVRFINGNQLGERMLFQVDQGLNPSISLPGGRKLGLSGGIYNRA
TASYTKFLEAPFLPKLTTEQLWKERKAPNTVVLHAKAGNALGDVAAYDYFSLGGPYSVRGYSHGEIGAARRFLELATEVR
VPLKNYGLPGTAYGFVEYATDLGSGRELNGNPTEYYRKPGRGMSYGLGLKALGACRFEYARDCNAGTGTFLVNFGERF
;
7
5 'polypeptide(L)'
;MGGGLPPKRSEVAESQPASSASSSAAAPAPAAETAGPKLPPRPAGLGLGGAGLLPSRGAAAAPSAGSATGTPAAAASSSL
QQQQQQPAPPATQPAAHAAPAAPAGLGGAGLKPMLPPRPAAAAGAGAAGAAAAKPTPAPAPAAAPVPAAAPPPRPAMPNP
AAGMSLPPRPVVAAAPPVLAAAGSDAVVDPSEDRRVQRVQRIAHDTRVRLIRAASRLGLAPRTDQVAQFLQAIERSERMV
GAQHYKGSRRVDLLAAAEREARLAEEREGAAAEAVAGLRVKILVLGMTGTGKTELINSLLNRPAGSRTNAFREATRRVRV
VRGDHNGIPLTFIDTPGLHASASRTADNRAILRAVRAAYRWHKPDYVFYVDRLDATRPGFGEMGLLGLITESLGAGVWRN
TMAVLTHAHAARTAFGGQYDVNSRQRRNIVSQLLRQAAGDQQSRNPVFLADCHPACPTNSLGQPVILEGPTAVPWKQQLL
VQLVGYKSYNVATSAFKDLAKAKAGKAAAGAAGGARGPQDIFKQMMRSRLPPMTFFVEQMSEGVLKPEGWATMETVAGLG
EEVTEDEGAESFNHVYYRQMYELAVAGDPWAQREYAAMLRAYDKGCESYRASYEEADVDANVEYGVESYVVDPIDFGPSF
DPEDMYSHRHAYAEAADAGVTVIPSQDYYGPEHDDPLNGIVFQYEAQPFSRHGWGGVPFDLTVCCEKDKTSLCLQGETHV
SLVHSVPPFGPRHITQVTGSWEVLRPNIKDVMYQLEVDTFKDGLLGKSDHAGCGLMLARLGEGGDPRKGPTAVGVRLQDT
LRVGPFKLEACASKVAVQGPTGGKEEGWGARAFVGYDWLPGLGMAFDFIQERTPEEGGKRLRGYGANFTYDWEALGAAFG
MEVDYVAASESVFVSVNAFSGNDYRLGWLLLLPAVNYFKETVSSLWARLRGAGGGEGEEGEELEEEGEGEEGDDEEAMMM
MAQEGDL
;
9
6 'polypeptide(L)'
;MITFTFMSLVTSVKDYVEITHKLIEIEPLKNYTEFGAVFTYFIFSIGEFFKNFFSFSFLNNIWSIPIIIPDIASAMISEV
SVLDGYFHNAFTFLETSVNTTTNPSLVIFEKFVIGIINSLFLILPTSTSHLITLRRFVMQGLEAGYMAGLGTLAGNFLWL
ASIILGWRFFVIPWLSLDIFRYLLGFVLLVKYIWDSSKERRMALEDLSKWKIFLLNFLLALTEQSCIYPFISNLSFGPDA
SILEGFPVDNYPQFLLIHGAYLLGILFGSFSLLQFTCWFWENPAFSIYLWITTKSSLKISTSSYYKILNFTFLYATMLCA
IASIPYYGLDYTITNPIGLVPQDRILNQKKSQSDPDKLITETAFLNLNPTDKNSRIRDGVHARRERWKQRLIKYQAFDAS
TYDQGVYDFLTIEDLNYGFDRFWLRRKMRNHQIRFRLFPGPWMRSLKKQLNNPANPSLETSTKAASGPRVEFFRILFEQF
YHPNFHDRAAMQTNPAEARNKFISTSPLASTESKKALNSTFSLGNINNSSTGIEGLVLTNTQATLLPTDLQTKRTIKPGL
IYTNSALRKFVRNVNTRLNLKLLNSKETNLTTKYKSQFIYSKRWKSIFSKIQPLQNGTTRKSYQLFRNVAKQILVTPDAK
SLKLITINQKLSLKERKLLELRTQYNNNSTLTTTAPLTLVRPLNVYLQKEEAFKRKLRYYGTMPMRKLTVGNQAPYFKAL
MKRGFYYYKPTLRWRKTLYVASLRRGFRKKSRKQRILVMPSNQQNFNNTLDNTKTNINQNNLANPLGGNEVPMYGADGEN
SLITKPTHSYTVLGKRASRYRHQIYKDVLQHWYYTPFNRLLMKFDVDAFINRQPKSHFLTKNEERALHIRRFLLSEHYDT
LRWYTYMQHYKTMKTNIGGTKSFANRAYNQQFQGTFKKIRHLFAITPKQGDFYTLKFDQPLYNDNKLKDNLYFHEELLTD
YYNGTNLQTNQTSNISVNSTTTFIDNSLRTTQLPVPSSSFDIVNQSSTLIGLTTMQNALRKNVVESTLTSLNSDGEAATS
QPKLNFVYSELFVKLIKECKKRIHDQTFLKNYITHRIEKREQLNQEQTKELNKRLEKLKVWLNSDKGSISKLQNTPVQDP
NISSPDKVLTTAMQKAVNESISLSGIMPSDKIKTTYGNLTNAYTIKTENAILTKLNVINQLTNNETTTQKNTLIKSIGVN
KIQTVLQTIITNFKSSLYNQTQLLRVKTDKDLQWWRTKQRVITKRKSARKRDRFKKQIAVVNKKLAALSKKVETEKSNLY
QTLYGNYEISDYLLRNVPTGSSAVIDSTVLRKKQDNQAYLPKETNNVQFNSFVDSNNNVWQTFFAKKLRKKISSKGRRYR
SLSLARYLTATRKPRLVGLDNLTKIDNITTLQGAFITKEEKQDSLNLTIQRKQELTNSLKKSQIKKRSRHSWKKRSRHQF
SRNHYKYRKRHTHGNGKLRVMNKKLKKFKATNELRQWWWNSFLPRYLSNLQVNNSTLTNKNVSFKPLSNTNSVPSTNMAS
PTTSRNLLDNLNSSNQISTSASMNQNIVTESVKVETNQVYLPEGEKSFDITSMTTTLPFYAGWDESLKKFVVTNRLLSRR
DAGLSVNNNPQEINFTNPPIQGLNEGSFLYWQTEMPFNSYNIDQFITTNQSFYAPLGWRRFEFRHSILKTWVNNTKAGNN
NIKKKTLIISLKNLQPLKSSQQKQNQIKTKKLVARRIKKRYKLLKQMPNQLMYSPTGPLLTEVLPSHYISVFDQQYRLPR
NRYLKRNPLKTLKKTTLLALMDSSKQTNGVNKEFTLRKRVKPRRKYHRKRFIKKDGLIFPRRTKFNTNTTLTGNALITNN
VNSIEEDDLRWRPSSRTKQKRKDNTRSSAASKTKSNKRVKTNPLRLRQLRRREFQQVLKPLQRYIPQNGGFTWPGDYLRL
EIVEMPKLKSINIKKTSLKQKINVQPVGIMPRKYLIEKHNIKVLKKKLSQAYSTQQLTKVVQEYKNLIQNSPPAI
;
A
7 'polypeptide(L)'
;MSALLSQASGFSGLALGSSASSKRLCKPLCRRPAVCVQAAHRPASAVSSGVPSTGFGPVSPLQRRPTLPTRKLVVASSQS
GGRAEDAEKQDWKFGRNEGPMTWPWKLMCAILYMLPWVDVTEKTVYFVERFPAFVWTEYFSEPFEHWYNIHEYAPLFIFF
ATYLGIVRNKKIPHVARYHVMMGVMLDIVAMILIVTEENLPTGVLWTPWSDLFYALMFWFIFLLVIYCLFFCFLGWYCEI
PLISEGVYLQIEQAEQLGQ
;
B
8 'polypeptide(L)'
;MDEEPPFNLALNVYKGPASIPHASAEVFGAFFLATNTALLAHMFPGKLFGSELHVRKWDPDYLASCCNEQGMRREALSGK
KPNLWLLGGGPRLVNDSWERMWWNNLHWKRWKVPRTGPAFPQDMYWQ
;
C
9 'polypeptide(L)'
;MATCAAVSLATAVFQVAAKYVNKARDAVASALPSPSNIDGVQQDWRQQVKELKKHTRVLGFVLPLAKAFAAESLTSVYAR
TFERAAFGFAKMYLFCLFMRVLLSWFPSIDWNSQPWAFLRLITEPYLQIYRGILPPLFGQLDFTPLFGFLILQDVVELMS
PVYTLGHAKDTSMFWTTTDIMCYFDGH
;
D
10 'polypeptide(L)'
;MASKKGTDAPAALTDPLKEDPTVIRDEAQFPEPSLYFKVFESEAGEPEAKIRADVNKLYDRWIEKYGRRWPEDGINTEDM
VWLAEEANKRKRAKPRPRGTVAAEKTEYEDEFMPDPTVGAPVSAADAAKAARRAKKDRKKKKAAGGAEQPAGPRTNYEKT
VAGGKWVTDEFESADYEAGNLEKLWDMYLWDREGKPTMMPDTPAAQQEGEESEDFDDFYTAYRPRDVDSEEAREAVWATD
EFESDEDNTESEWAPEYVGAGLGLVAEDPLNPQYSLRHSNHPLAPFPGEPLKWASYVYPDFTTFEGLSKQSIPHGMGVMT
FGTGTGAGFAMSQTRYGDKYEGEFQAGYAHGLGQFTSEASGEVYIGEFFAGQRHGCGMTLDMKPYFYLLERGVDPVEAYR
RTAGAIMKNVEVRTWYRGNKLGDAKEDEVVEINVLKDELDDPFEIALRNSLHDAKLRKWKAMSPQDKAMDRIVSIIERVQ
RRNPGRFGAYYREDEKGRVRPVLDSDGADTDFDSVDMIQGVDTDGDLGPGWEGATDSEENPMDPRIRELMAAEGMDDKLE
DEGFKDTVLGSAIINPYTGLDMKTYLDGKERHQAELVSVYKASREGRKYLNKVRKDKGGAAKDDESSYVEDDAASGHPGA
LLSREAEDDRLARLYEQAGVSKEDERRVEGLAARWRRLLAADEEEVLGGAVGAFRRPGNPLAANDSDTGFETESDMMEMC
DIPEILGTVQEARQIVERARMWRFKPYGEVGLRMAQDANGSPVSLMQEPLHYPHGTKFMAPGPLGLCHAVPDDPSLRQEM
AKVAHNYAAIYRMYNFDWDPEPGTVQYKIDQRIRRAQELRNNAMARYLAAADEVLRDGAAPAGEGDQALLLASTSTGAPE
AFDGQGNASGSGSSSALSSRGGSMFASMTLSRPAPMAGVVSLGRAARVVLGAFADAAKSVPMARPRLARPSGRRQ
;
E
11 'polypeptide(L)'
;MSEPGAGPSDGQVVTRKIRLHKVMRPLDESSPSSQEQHMDRRLAEILPAIADLPVPGPSGAGGSPADARAVEMRRLRGTQ
QELAQMEAMELATLFDMSKPHPLDNAAPATPWKGELRPVPRKIVLSPYQYEMINYQRMLMRKNIWYYRDRMNVPRGPCPL
HVVKEAWVSGIVDENTLFWGHGLYDWLPAKNIKLLLPMVRTPEVRFATWIKRTFSLKPSLNRIREQRKEHRDPQEASLQV
ELMR
;
F
12 'polypeptide(L)'
;MAQPPRPAEEYDDDVQEDEDELKEGELDDDESHEAASEGGEAAAGDEEAEDDEQDEEDGDEDSQPWAGLNRLPERDDMLD
ILNELRAEGRKQLTVLLLGKSSVGKSSLINSLLGEAVVRVQAFKLQADTDITTTVVRQVAVGNSEVDGFRLKLIDTCGLE
DPEAGDTVNLGALSKIAEDVRGVGIDVVLYCDRLDLYRVDPLDKAIIDAISSTFGRGIWRRTVVALTHANLVQTPPGTDY
DSFVNGRVRLIRGAVRGPLFFRPSLPVALVENSETCPVSSESGFRVLPDGEPWLVALVSQLVDMAAARRRPYKYHPRLSS
KPSHRFRWLLPVAIAAEVLFYRRFLHPRLDDNQRRVEREEERVWALRGQQRRALGLHRPHRPDKDAAWRLEQMYDDD
;
G
13 'polypeptide(L)'
;MSSDVQAKLSGLLGDIGVKCTLAFAGTVAAGAAIVVPSGKQVEAASLDIYGRPPSQLLPNERRAAEFAAGHRRWKGFVDN
SIYSWTRTLPGHDNPIVNPYKGPRRPQRPQQKLEEEVEAAAKQE
;
U
14 'polypeptide(L)' AAAAAFAAFAGFAFAAFAAAG X
#
# COMPACT_ATOMS: atom_id res chain seq x y z
N PHE A 267 61.10 44.21 19.52
CA PHE A 267 61.10 43.06 20.41
C PHE A 267 59.74 42.37 20.39
N VAL A 268 59.66 41.18 20.98
CA VAL A 268 58.42 40.41 20.94
C VAL A 268 57.30 41.15 21.66
N LEU A 269 57.57 41.60 22.89
CA LEU A 269 56.56 42.33 23.65
C LEU A 269 56.20 43.64 22.97
N HIS A 270 57.21 44.37 22.48
CA HIS A 270 56.95 45.63 21.80
C HIS A 270 56.14 45.41 20.53
N ARG A 271 56.47 44.38 19.75
CA ARG A 271 55.72 44.09 18.54
C ARG A 271 54.28 43.72 18.86
N VAL A 272 54.07 42.90 19.89
CA VAL A 272 52.72 42.51 20.28
C VAL A 272 51.92 43.73 20.71
N LEU A 273 52.52 44.60 21.53
CA LEU A 273 51.82 45.79 21.99
C LEU A 273 51.47 46.72 20.84
N LYS A 274 52.43 46.94 19.94
CA LYS A 274 52.18 47.84 18.80
C LYS A 274 51.10 47.27 17.89
N THR A 275 51.16 45.97 17.62
CA THR A 275 50.14 45.35 16.78
C THR A 275 48.76 45.42 17.42
N LEU A 276 48.68 45.16 18.72
CA LEU A 276 47.40 45.24 19.42
C LEU A 276 46.84 46.66 19.39
N ASP A 277 47.70 47.65 19.64
CA ASP A 277 47.25 49.04 19.63
C ASP A 277 46.79 49.46 18.24
N ARG A 278 47.55 49.08 17.20
CA ARG A 278 47.18 49.43 15.84
C ARG A 278 45.88 48.76 15.42
N SER A 279 45.69 47.49 15.80
CA SER A 279 44.44 46.80 15.49
C SER A 279 43.27 47.42 16.21
N ARG A 280 43.45 47.80 17.49
CA ARG A 280 42.38 48.45 18.23
C ARG A 280 42.01 49.80 17.62
N GLN A 281 43.02 50.57 17.20
CA GLN A 281 42.76 51.87 16.61
C GLN A 281 42.07 51.74 15.25
N LEU A 282 42.55 50.81 14.42
CA LEU A 282 41.99 50.64 13.08
C LEU A 282 40.57 50.08 13.12
N GLU A 283 40.31 49.16 14.05
CA GLU A 283 38.98 48.55 14.13
C GLU A 283 37.90 49.58 14.44
N TYR A 284 38.25 50.61 15.22
CA TYR A 284 37.28 51.63 15.57
C TYR A 284 36.80 52.39 14.34
N ARG A 285 37.73 52.74 13.44
CA ARG A 285 37.37 53.48 12.23
C ARG A 285 37.11 52.53 11.06
N LEU A 286 36.24 51.53 11.31
CA LEU A 286 35.80 50.60 10.28
C LEU A 286 34.30 50.32 10.45
N ALA A 287 33.48 51.13 9.76
CA ALA A 287 32.03 50.98 9.74
C ALA A 287 31.41 50.92 11.13
N ARG A 288 32.09 51.50 12.12
CA ARG A 288 31.62 51.49 13.49
C ARG A 288 31.04 52.82 13.94
N MET A 289 30.68 53.70 12.99
CA MET A 289 30.03 54.95 13.36
C MET A 289 28.71 54.69 14.07
N GLY A 290 27.93 53.72 13.58
CA GLY A 290 26.75 53.26 14.27
C GLY A 290 25.66 54.31 14.42
N PRO A 291 25.31 54.62 15.67
CA PRO A 291 24.16 55.50 15.94
C PRO A 291 24.41 56.91 15.41
N GLU A 292 23.58 57.31 14.44
CA GLU A 292 23.63 58.66 13.90
C GLU A 292 22.25 59.27 13.69
N GLU A 293 21.17 58.58 14.03
CA GLU A 293 19.78 58.98 13.85
C GLU A 293 19.28 58.81 12.42
N ALA A 294 20.13 58.36 11.50
CA ALA A 294 19.73 58.18 10.10
C ALA A 294 20.49 56.99 9.52
N ARG A 295 19.92 56.43 8.44
CA ARG A 295 20.50 55.28 7.78
C ARG A 295 21.08 55.61 6.41
N GLU A 296 21.12 56.90 6.03
CA GLU A 296 21.63 57.27 4.71
C GLU A 296 23.11 56.91 4.56
N ALA A 297 23.85 56.87 5.67
CA ALA A 297 25.25 56.46 5.61
C ALA A 297 25.38 55.02 5.14
N TYR A 298 24.49 54.15 5.60
CA TYR A 298 24.50 52.74 5.16
C TYR A 298 24.26 52.65 3.66
N TYR A 299 23.29 53.41 3.15
CA TYR A 299 23.01 53.40 1.71
C TYR A 299 24.22 53.91 0.93
N GLU A 300 24.82 55.01 1.38
CA GLU A 300 25.97 55.57 0.67
C GLU A 300 27.17 54.63 0.72
N ALA A 301 27.30 53.85 1.80
CA ALA A 301 28.39 52.90 1.87
C ALA A 301 28.15 51.71 0.94
N VAL A 302 26.92 51.18 0.93
CA VAL A 302 26.66 49.96 0.17
C VAL A 302 26.60 50.25 -1.32
N LEU A 303 25.99 51.37 -1.74
CA LEU A 303 25.74 51.63 -3.14
C LEU A 303 26.46 52.85 -3.70
N GLY A 304 26.92 53.76 -2.85
CA GLY A 304 27.53 54.99 -3.29
C GLY A 304 26.61 56.18 -3.10
N LYS A 305 27.06 57.32 -3.61
CA LYS A 305 26.32 58.56 -3.42
C LYS A 305 24.96 58.54 -4.13
N ASP A 306 24.94 58.04 -5.36
CA ASP A 306 23.73 58.06 -6.18
C ASP A 306 22.95 56.74 -6.05
N TRP A 307 22.57 56.43 -4.81
CA TRP A 307 21.75 55.24 -4.58
C TRP A 307 20.32 55.42 -5.09
N LYS A 308 19.78 56.63 -4.96
CA LYS A 308 18.41 56.88 -5.41
C LYS A 308 18.27 56.66 -6.91
N GLN A 309 19.25 57.12 -7.69
CA GLN A 309 19.20 56.94 -9.14
C GLN A 309 19.24 55.46 -9.51
N GLN A 310 20.09 54.68 -8.82
CA GLN A 310 20.17 53.26 -9.08
C GLN A 310 18.86 52.54 -8.74
N LEU A 311 18.25 52.91 -7.61
CA LEU A 311 16.96 52.31 -7.26
C LEU A 311 15.89 52.68 -8.28
N GLN A 312 15.89 53.93 -8.75
CA GLN A 312 14.95 54.34 -9.78
C GLN A 312 15.17 53.56 -11.07
N ALA A 313 16.43 53.34 -11.44
CA ALA A 313 16.72 52.54 -12.62
C ALA A 313 16.22 51.11 -12.48
N ASP A 314 16.40 50.53 -11.29
CA ASP A 314 15.88 49.18 -11.04
C ASP A 314 14.37 49.14 -11.15
N TRP A 315 13.68 50.15 -10.59
CA TRP A 315 12.23 50.22 -10.69
C TRP A 315 11.78 50.34 -12.14
N ASP A 316 12.47 51.19 -12.92
CA ASP A 316 12.16 51.35 -14.33
C ASP A 316 12.36 50.05 -15.09
N LYS A 317 13.45 49.34 -14.81
CA LYS A 317 13.72 48.07 -15.48
C LYS A 317 12.64 47.04 -15.14
N ALA A 318 12.23 46.98 -13.88
CA ALA A 318 11.18 46.04 -13.49
C ALA A 318 9.87 46.37 -14.20
N LEU A 319 9.51 47.65 -14.24
CA LEU A 319 8.29 48.04 -14.93
C LEU A 319 8.35 47.73 -16.41
N GLU A 320 9.50 47.97 -17.05
CA GLU A 320 9.66 47.65 -18.46
C GLU A 320 9.53 46.16 -18.71
N ASP A 321 10.15 45.34 -17.86
CA ASP A 321 10.05 43.89 -18.02
C ASP A 321 8.61 43.42 -17.85
N VAL A 322 7.89 43.98 -16.88
CA VAL A 322 6.49 43.60 -16.70
C VAL A 322 5.66 44.01 -17.91
N ASP A 323 5.88 45.23 -18.41
CA ASP A 323 5.12 45.71 -19.56
C ASP A 323 5.42 44.91 -20.81
N ALA A 324 6.63 44.37 -20.93
CA ALA A 324 7.00 43.60 -22.12
C ALA A 324 6.28 42.26 -22.19
N GLY A 325 5.62 41.83 -21.12
CA GLY A 325 4.90 40.56 -21.11
C GLY A 325 5.63 39.42 -20.42
N LEU A 326 6.79 39.68 -19.82
CA LEU A 326 7.59 38.64 -19.19
C LEU A 326 7.14 38.39 -17.75
N VAL A 327 5.85 38.08 -17.62
CA VAL A 327 5.27 37.79 -16.31
C VAL A 327 5.56 36.34 -15.96
N THR A 328 5.97 36.11 -14.71
CA THR A 328 6.39 34.77 -14.29
C THR A 328 5.23 33.77 -14.34
N ASP A 329 4.05 34.19 -13.88
CA ASP A 329 2.94 33.25 -13.74
C ASP A 329 2.48 32.72 -15.09
N GLU A 330 2.30 33.62 -16.07
CA GLU A 330 1.75 33.21 -17.36
C GLU A 330 2.71 32.30 -18.12
N ILE A 331 3.98 32.31 -17.78
CA ILE A 331 4.96 31.42 -18.41
C ILE A 331 5.08 30.10 -17.66
N ASN A 332 5.16 30.17 -16.33
CA ASN A 332 5.26 28.96 -15.52
C ASN A 332 4.01 28.10 -15.65
N HIS A 333 2.84 28.71 -15.85
CA HIS A 333 1.61 27.94 -16.02
C HIS A 333 1.71 27.05 -17.25
N GLU A 334 2.13 27.63 -18.39
CA GLU A 334 2.28 26.86 -19.61
C GLU A 334 3.38 25.80 -19.47
N LYS A 335 4.48 26.16 -18.82
CA LYS A 335 5.56 25.19 -18.62
C LYS A 335 5.07 23.98 -17.85
N ARG A 336 4.37 24.20 -16.74
CA ARG A 336 3.86 23.10 -15.93
C ARG A 336 2.79 22.30 -16.66
N LEU A 337 1.96 22.97 -17.46
CA LEU A 337 0.96 22.26 -18.25
C LEU A 337 1.62 21.28 -19.21
N MET A 338 2.63 21.75 -19.95
CA MET A 338 3.34 20.86 -20.88
C MET A 338 4.07 19.75 -20.14
N THR A 339 4.67 20.07 -18.99
CA THR A 339 5.36 19.05 -18.20
C THR A 339 4.41 17.95 -17.77
N ALA A 340 3.23 18.32 -17.26
CA ALA A 340 2.23 17.33 -16.88
C ALA A 340 1.77 16.51 -18.08
N ALA A 341 1.60 17.17 -19.22
CA ALA A 341 1.17 16.47 -20.43
C ALA A 341 2.15 15.37 -20.81
N GLN A 342 3.45 15.68 -20.78
CA GLN A 342 4.44 14.67 -21.12
C GLN A 342 4.53 13.60 -20.03
N LEU A 343 4.42 14.01 -18.77
CA LEU A 343 4.59 13.08 -17.65
C LEU A 343 3.50 12.02 -17.64
N ARG A 344 2.26 12.41 -17.96
CA ARG A 344 1.17 11.44 -17.95
C ARG A 344 1.44 10.30 -18.93
N ARG A 345 1.81 10.63 -20.16
CA ARG A 345 2.11 9.60 -21.15
C ARG A 345 3.31 8.76 -20.75
N LEU A 346 4.37 9.43 -20.27
CA LEU A 346 5.59 8.69 -19.90
C LEU A 346 5.32 7.73 -18.75
N GLU A 347 4.37 8.03 -17.88
CA GLU A 347 4.03 7.10 -16.81
C GLU A 347 3.11 5.99 -17.30
N VAL A 348 2.09 6.33 -18.12
CA VAL A 348 1.12 5.31 -18.55
C VAL A 348 1.73 4.29 -19.50
N GLU A 349 2.82 4.62 -20.20
CA GLU A 349 3.47 3.60 -21.01
C GLU A 349 4.27 2.60 -20.19
N GLU A 350 5.02 3.07 -19.19
CA GLU A 350 5.73 2.16 -18.31
C GLU A 350 4.76 1.29 -17.51
N TRP A 351 3.62 1.87 -17.11
CA TRP A 351 2.61 1.07 -16.42
C TRP A 351 2.09 -0.05 -17.31
N ASP A 352 1.86 0.24 -18.60
CA ASP A 352 1.41 -0.79 -19.53
C ASP A 352 2.46 -1.88 -19.70
N LYS A 353 3.73 -1.49 -19.81
CA LYS A 353 4.79 -2.48 -19.96
C LYS A 353 4.88 -3.37 -18.74
N GLN A 354 4.80 -2.78 -17.54
CA GLN A 354 4.85 -3.58 -16.31
C GLN A 354 3.64 -4.49 -16.17
N ARG A 355 2.47 -4.07 -16.63
CA ARG A 355 1.31 -4.95 -16.62
C ARG A 355 1.49 -6.11 -17.60
N MET A 356 2.02 -5.83 -18.78
CA MET A 356 2.18 -6.87 -19.79
C MET A 356 3.19 -7.92 -19.34
N LYS A 357 4.28 -7.49 -18.70
CA LYS A 357 5.27 -8.46 -18.22
C LYS A 357 4.65 -9.42 -17.21
N ASN A 358 3.88 -8.90 -16.26
CA ASN A 358 3.24 -9.74 -15.27
C ASN A 358 2.16 -10.62 -15.89
N PHE A 359 1.42 -10.11 -16.87
CA PHE A 359 0.41 -10.94 -17.52
C PHE A 359 1.06 -12.11 -18.26
N TYR A 360 2.17 -11.87 -18.95
CA TYR A 360 2.88 -12.94 -19.63
C TYR A 360 3.48 -13.93 -18.64
N LEU A 361 3.99 -13.45 -17.51
CA LEU A 361 4.52 -14.36 -16.50
C LEU A 361 3.41 -15.23 -15.91
N ALA A 362 2.23 -14.66 -15.69
CA ALA A 362 1.14 -15.43 -15.10
C ALA A 362 0.54 -16.42 -16.09
N SER A 363 0.41 -16.04 -17.36
CA SER A 363 -0.22 -16.91 -18.34
C SER A 363 0.71 -18.04 -18.77
N PHE A 364 1.88 -17.69 -19.31
CA PHE A 364 2.82 -18.69 -19.78
C PHE A 364 3.50 -19.46 -18.66
N GLY A 365 3.43 -18.95 -17.42
CA GLY A 365 3.92 -19.63 -16.25
C GLY A 365 2.81 -20.36 -15.52
N GLY A 366 3.02 -20.58 -14.22
CA GLY A 366 2.02 -21.25 -13.42
C GLY A 366 1.89 -20.72 -12.00
N LEU A 367 2.30 -19.47 -11.79
CA LEU A 367 2.28 -18.86 -10.47
C LEU A 367 1.16 -17.84 -10.37
N ARG A 368 0.33 -17.97 -9.32
CA ARG A 368 -0.77 -17.04 -9.11
C ARG A 368 -0.29 -15.69 -8.59
N TRP A 369 0.94 -15.63 -8.04
CA TRP A 369 1.43 -14.39 -7.46
C TRP A 369 1.53 -13.29 -8.50
N PHE A 370 1.98 -13.62 -9.71
CA PHE A 370 2.06 -12.63 -10.77
C PHE A 370 0.69 -12.20 -11.25
N ASP A 371 -0.29 -13.11 -11.25
CA ASP A 371 -1.66 -12.72 -11.58
C ASP A 371 -2.21 -11.74 -10.56
N GLN A 372 -1.95 -11.99 -9.27
CA GLN A 372 -2.37 -11.06 -8.23
C GLN A 372 -1.64 -9.73 -8.35
N MET A 373 -0.37 -9.76 -8.76
CA MET A 373 0.36 -8.51 -9.00
C MET A 373 -0.26 -7.71 -10.13
N GLU A 374 -0.66 -8.39 -11.22
CA GLU A 374 -1.33 -7.70 -12.31
C GLU A 374 -2.67 -7.13 -11.85
N GLN A 375 -3.41 -7.88 -11.03
CA GLN A 375 -4.67 -7.38 -10.51
C GLN A 375 -4.45 -6.15 -9.64
N ALA A 376 -3.40 -6.16 -8.82
CA ALA A 376 -3.06 -5.00 -8.00
C ALA A 376 -2.68 -3.81 -8.87
N LEU A 377 -1.94 -4.05 -9.96
CA LEU A 377 -1.66 -3.00 -10.92
C LEU A 377 -2.93 -2.48 -11.59
N HIS A 378 -3.99 -3.30 -11.65
CA HIS A 378 -5.26 -2.91 -12.23
C HIS A 378 -6.22 -2.32 -11.20
N ASN A 379 -5.69 -1.74 -10.12
CA ASN A 379 -6.53 -1.19 -9.06
C ASN A 379 -7.05 0.18 -9.49
N PRO A 380 -8.37 0.40 -9.48
CA PRO A 380 -8.91 1.72 -9.85
C PRO A 380 -8.44 2.85 -8.94
N LEU A 381 -8.23 2.57 -7.64
CA LEU A 381 -7.76 3.62 -6.74
C LEU A 381 -6.37 4.09 -7.13
N PHE A 382 -5.50 3.16 -7.52
CA PHE A 382 -4.16 3.53 -7.95
C PHE A 382 -4.20 4.42 -9.19
N ILE A 383 -5.07 4.08 -10.15
CA ILE A 383 -5.20 4.89 -11.35
C ILE A 383 -5.75 6.26 -11.02
N GLU A 384 -6.74 6.35 -10.13
CA GLU A 384 -7.29 7.65 -9.76
C GLU A 384 -6.25 8.51 -9.05
N SER A 385 -5.46 7.90 -8.16
CA SER A 385 -4.40 8.64 -7.47
C SER A 385 -3.35 9.12 -8.46
N ARG A 386 -3.00 8.28 -9.43
CA ARG A 386 -2.03 8.71 -10.45
C ARG A 386 -2.57 9.86 -11.29
N GLY A 387 -3.89 10.00 -11.37
CA GLY A 387 -4.48 11.10 -12.11
C GLY A 387 -4.43 10.98 -13.62
N TRP A 388 -4.26 9.76 -14.13
CA TRP A 388 -4.19 9.57 -15.58
C TRP A 388 -5.53 9.83 -16.25
N THR A 389 -6.63 9.49 -15.56
CA THR A 389 -7.95 9.69 -16.15
C THR A 389 -8.29 11.17 -16.24
N ASP A 390 -7.84 11.96 -15.27
CA ASP A 390 -8.17 13.38 -15.25
C ASP A 390 -7.52 14.10 -16.43
N PRO A 391 -8.15 15.12 -16.98
CA PRO A 391 -7.50 15.93 -18.01
C PRO A 391 -6.29 16.67 -17.44
N VAL A 392 -5.35 16.98 -18.33
CA VAL A 392 -4.09 17.57 -17.89
C VAL A 392 -4.31 18.93 -17.23
N GLN A 393 -5.36 19.64 -17.63
CA GLN A 393 -5.63 20.95 -17.03
C GLN A 393 -5.86 20.85 -15.53
N ASN A 394 -6.61 19.84 -15.09
CA ASN A 394 -6.84 19.65 -13.66
C ASN A 394 -5.54 19.43 -12.90
N TRP A 395 -4.46 19.03 -13.59
CA TRP A 395 -3.17 18.91 -12.93
C TRP A 395 -2.66 20.26 -12.47
N VAL A 396 -2.82 21.30 -13.29
CA VAL A 396 -2.23 22.60 -12.95
C VAL A 396 -3.14 23.38 -12.02
N GLY A 397 -4.45 23.13 -12.07
CA GLY A 397 -5.35 23.75 -11.12
C GLY A 397 -6.64 24.27 -11.71
N GLN A 398 -6.69 24.43 -13.04
CA GLN A 398 -7.86 24.93 -13.71
C GLN A 398 -8.66 23.77 -14.30
N ASN A 399 -9.77 24.10 -14.96
CA ASN A 399 -10.67 23.09 -15.51
C ASN A 399 -10.74 23.25 -17.03
N ARG A 400 -11.06 22.14 -17.69
CA ARG A 400 -11.16 22.11 -19.15
C ARG A 400 -12.41 22.86 -19.59
N THR A 401 -12.23 23.90 -20.39
CA THR A 401 -13.33 24.76 -20.83
C THR A 401 -13.50 24.63 -22.33
N TYR A 402 -14.74 24.43 -22.76
CA TYR A 402 -15.08 24.35 -24.19
C TYR A 402 -15.62 25.72 -24.60
N MET A 403 -14.70 26.66 -24.82
CA MET A 403 -15.07 28.02 -25.15
C MET A 403 -15.64 28.18 -26.54
N ASP A 404 -15.42 27.21 -27.43
CA ASP A 404 -15.94 27.28 -28.79
C ASP A 404 -17.37 26.76 -28.90
N ASP A 405 -17.86 26.02 -27.90
CA ASP A 405 -19.24 25.53 -27.94
C ASP A 405 -20.24 26.69 -27.83
N LEU A 406 -19.93 27.68 -27.02
CA LEU A 406 -20.83 28.82 -26.86
C LEU A 406 -20.96 29.56 -28.20
N PRO A 407 -22.15 30.08 -28.52
CA PRO A 407 -22.34 30.72 -29.82
C PRO A 407 -21.48 31.99 -29.95
N ALA A 408 -21.07 32.26 -31.19
CA ALA A 408 -20.27 33.44 -31.51
C ALA A 408 -21.11 34.33 -32.42
N GLY A 409 -21.92 35.19 -31.80
CA GLY A 409 -22.76 36.12 -32.54
C GLY A 409 -22.69 37.51 -31.95
N GLN A 410 -23.54 38.42 -32.43
CA GLN A 410 -23.53 39.79 -31.93
C GLN A 410 -23.97 39.85 -30.46
N TYR A 411 -24.89 38.98 -30.06
CA TYR A 411 -25.37 38.96 -28.68
C TYR A 411 -24.25 38.48 -27.76
N MET A 412 -23.84 39.34 -26.83
CA MET A 412 -22.74 39.07 -25.91
C MET A 412 -21.48 38.66 -26.67
N ALA A 413 -21.00 39.58 -27.49
CA ALA A 413 -19.92 39.32 -28.43
C ALA A 413 -18.55 39.77 -27.94
N GLY A 414 -18.50 40.74 -27.04
CA GLY A 414 -17.26 41.43 -26.73
C GLY A 414 -17.12 42.71 -27.52
N VAL A 415 -16.19 43.56 -27.07
CA VAL A 415 -16.06 44.90 -27.64
C VAL A 415 -15.66 44.84 -29.10
N GLY A 416 -14.60 44.08 -29.41
CA GLY A 416 -14.10 44.04 -30.77
C GLY A 416 -14.98 43.23 -31.71
N ASN A 417 -15.44 42.06 -31.26
CA ASN A 417 -16.18 41.17 -32.15
C ASN A 417 -17.50 41.77 -32.59
N ALA A 418 -18.21 42.45 -31.67
CA ALA A 418 -19.47 43.08 -32.04
C ALA A 418 -19.27 44.15 -33.09
N ALA A 419 -18.24 44.99 -32.93
CA ALA A 419 -17.96 46.02 -33.92
C ALA A 419 -17.57 45.42 -35.25
N ILE A 420 -16.77 44.36 -35.24
CA ILE A 420 -16.36 43.71 -36.49
C ILE A 420 -17.57 43.15 -37.21
N ARG A 421 -18.47 42.50 -36.47
CA ARG A 421 -19.67 41.93 -37.08
C ARG A 421 -20.60 43.02 -37.62
N ILE A 422 -20.73 44.13 -36.89
CA ILE A 422 -21.56 45.24 -37.37
C ILE A 422 -20.99 45.81 -38.66
N LYS A 423 -19.67 45.99 -38.71
CA LYS A 423 -19.06 46.53 -39.93
C LYS A 423 -19.16 45.54 -41.09
N GLU A 424 -19.03 44.24 -40.82
CA GLU A 424 -19.21 43.24 -41.88
C GLU A 424 -20.63 43.26 -42.40
N ALA A 425 -21.62 43.37 -41.52
CA ALA A 425 -23.01 43.46 -41.95
C ALA A 425 -23.23 44.72 -42.78
N GLU A 426 -22.62 45.83 -42.38
CA GLU A 426 -22.73 47.07 -43.15
C GLU A 426 -22.12 46.91 -44.55
N LEU A 427 -20.98 46.23 -44.63
CA LEU A 427 -20.30 46.02 -45.90
C LEU A 427 -20.83 44.81 -46.67
N LYS A 428 -21.67 43.99 -46.04
CA LYS A 428 -22.29 42.83 -46.68
C LYS A 428 -21.26 41.84 -47.20
N ARG A 429 -20.10 41.76 -46.55
CA ARG A 429 -19.07 40.80 -46.92
C ARG A 429 -18.17 40.55 -45.73
N LYS A 430 -17.77 39.29 -45.54
CA LYS A 430 -16.91 38.92 -44.43
C LYS A 430 -15.50 39.47 -44.62
N LEU A 431 -14.91 39.95 -43.53
CA LEU A 431 -13.56 40.49 -43.57
C LEU A 431 -12.55 39.35 -43.54
N THR A 432 -11.38 39.61 -44.13
CA THR A 432 -10.31 38.63 -44.19
C THR A 432 -9.53 38.62 -42.87
N ASP A 433 -8.49 37.79 -42.82
CA ASP A 433 -7.70 37.66 -41.60
C ASP A 433 -6.82 38.90 -41.38
N VAL A 434 -6.16 39.39 -42.43
CA VAL A 434 -5.27 40.54 -42.29
C VAL A 434 -6.06 41.79 -41.92
N GLU A 435 -7.20 42.01 -42.58
CA GLU A 435 -8.04 43.16 -42.25
C GLU A 435 -8.53 43.08 -40.81
N ARG A 436 -8.97 41.91 -40.37
CA ARG A 436 -9.41 41.74 -38.99
C ARG A 436 -8.28 42.02 -38.01
N ALA A 437 -7.08 41.50 -38.30
CA ALA A 437 -5.95 41.73 -37.41
C ALA A 437 -5.60 43.21 -37.32
N HIS A 438 -5.58 43.90 -38.46
CA HIS A 438 -5.27 45.33 -38.44
C HIS A 438 -6.33 46.13 -37.69
N VAL A 439 -7.62 45.80 -37.90
CA VAL A 439 -8.69 46.52 -37.22
C VAL A 439 -8.60 46.30 -35.71
N LEU A 440 -8.39 45.04 -35.29
CA LEU A 440 -8.28 44.76 -33.87
C LEU A 440 -7.07 45.45 -33.26
N ALA A 441 -5.95 45.47 -33.98
CA ALA A 441 -4.74 46.12 -33.48
C ALA A 441 -4.98 47.61 -33.27
N ARG A 442 -5.59 48.27 -34.26
CA ARG A 442 -5.86 49.70 -34.12
C ARG A 442 -6.86 49.98 -33.01
N GLY A 443 -7.90 49.14 -32.89
CA GLY A 443 -8.87 49.34 -31.82
C GLY A 443 -8.27 49.17 -30.45
N GLY A 444 -7.39 48.18 -30.29
CA GLY A 444 -6.70 48.02 -29.02
C GLY A 444 -5.73 49.16 -28.73
N ALA A 445 -5.03 49.64 -29.76
CA ALA A 445 -4.07 50.71 -29.58
C ALA A 445 -4.75 52.02 -29.21
N VAL A 446 -5.89 52.32 -29.82
CA VAL A 446 -6.57 53.58 -29.53
C VAL A 446 -7.09 53.63 -28.09
N ALA A 447 -7.27 52.47 -27.46
CA ALA A 447 -7.69 52.41 -26.07
C ALA A 447 -6.51 52.20 -25.12
N GLY A 448 -5.29 52.16 -25.63
CA GLY A 448 -4.12 51.97 -24.79
C GLY A 448 -3.84 50.54 -24.41
N GLY A 449 -4.64 49.58 -24.89
CA GLY A 449 -4.45 48.19 -24.55
C GLY A 449 -4.95 47.80 -23.18
N LEU A 450 -5.62 48.69 -22.46
CA LEU A 450 -6.11 48.39 -21.12
C LEU A 450 -7.43 47.63 -21.14
N LEU A 451 -8.07 47.51 -22.29
CA LEU A 451 -9.33 46.79 -22.35
C LEU A 451 -9.11 45.30 -22.09
N PRO A 452 -10.05 44.62 -21.44
CA PRO A 452 -9.87 43.18 -21.17
C PRO A 452 -9.80 42.38 -22.47
N GLN A 453 -8.92 41.37 -22.46
CA GLN A 453 -8.79 40.47 -23.60
C GLN A 453 -8.70 39.00 -23.22
N GLN A 454 -8.58 38.67 -21.94
CA GLN A 454 -8.49 37.31 -21.46
C GLN A 454 -9.43 37.14 -20.29
N PRO A 455 -9.87 35.91 -20.00
CA PRO A 455 -10.85 35.70 -18.92
C PRO A 455 -10.39 36.20 -17.56
N THR A 456 -9.08 36.15 -17.28
CA THR A 456 -8.60 36.55 -15.96
C THR A 456 -8.58 38.07 -15.79
N ASP A 457 -8.81 38.83 -16.87
CA ASP A 457 -8.85 40.28 -16.74
C ASP A 457 -10.02 40.71 -15.87
N PRO A 458 -9.85 41.72 -15.01
CA PRO A 458 -10.93 42.07 -14.07
C PRO A 458 -12.12 42.75 -14.72
N ALA A 459 -11.99 43.23 -15.95
CA ALA A 459 -13.02 44.04 -16.59
C ALA A 459 -13.90 43.23 -17.54
N THR A 460 -13.78 41.90 -17.54
CA THR A 460 -14.61 41.08 -18.41
C THR A 460 -16.07 41.10 -17.95
N LEU A 461 -16.29 41.04 -16.63
CA LEU A 461 -17.65 41.00 -16.12
C LEU A 461 -18.42 42.28 -16.44
N ALA A 462 -17.74 43.42 -16.36
CA ALA A 462 -18.40 44.69 -16.69
C ALA A 462 -18.85 44.71 -18.14
N VAL A 463 -18.00 44.27 -19.06
CA VAL A 463 -18.36 44.23 -20.47
C VAL A 463 -19.51 43.26 -20.70
N ALA A 464 -19.45 42.09 -20.04
CA ALA A 464 -20.52 41.10 -20.20
C ALA A 464 -21.86 41.66 -19.73
N VAL A 465 -21.86 42.35 -18.58
CA VAL A 465 -23.08 42.97 -18.09
C VAL A 465 -23.55 44.06 -19.04
N GLY A 466 -22.63 44.87 -19.56
CA GLY A 466 -23.02 45.92 -20.49
C GLY A 466 -23.62 45.40 -21.78
N GLY A 467 -23.16 44.24 -22.25
CA GLY A 467 -23.66 43.68 -23.49
C GLY A 467 -24.78 42.67 -23.28
N ALA A 468 -25.42 42.72 -22.12
CA ALA A 468 -26.45 41.76 -21.75
C ALA A 468 -27.86 42.22 -22.07
N PHE A 469 -28.04 43.41 -22.64
CA PHE A 469 -29.37 43.95 -22.93
C PHE A 469 -29.52 44.18 -24.43
N VAL A 470 -30.58 43.64 -24.99
CA VAL A 470 -30.90 43.80 -26.42
C VAL A 470 -31.94 44.91 -26.56
N PRO A 471 -31.66 45.96 -27.33
CA PRO A 471 -32.67 47.02 -27.51
C PRO A 471 -33.92 46.49 -28.19
N SER A 472 -35.07 47.03 -27.79
CA SER A 472 -36.35 46.62 -28.35
C SER A 472 -36.68 47.41 -29.61
N ALA B 3 43.25 59.26 27.03
CA ALA B 3 42.82 60.22 28.04
C ALA B 3 41.89 59.58 29.06
N SER B 4 42.06 59.95 30.33
CA SER B 4 41.24 59.40 31.41
C SER B 4 41.48 57.90 31.61
N GLN B 5 42.75 57.49 31.52
CA GLN B 5 43.13 56.10 31.68
C GLN B 5 44.25 55.99 32.70
N GLU B 6 44.35 54.81 33.30
CA GLU B 6 45.37 54.55 34.31
C GLU B 6 46.77 54.48 33.71
N SER B 7 47.77 54.47 34.57
CA SER B 7 49.16 54.39 34.14
N TRP B 22 52.02 68.17 27.91
CA TRP B 22 51.67 67.01 28.71
C TRP B 22 50.16 66.89 28.88
N ARG B 23 49.71 66.82 30.14
CA ARG B 23 48.28 66.72 30.41
C ARG B 23 47.53 67.98 30.03
N SER B 24 48.19 69.14 30.01
CA SER B 24 47.54 70.37 29.62
C SER B 24 47.08 70.32 28.17
N ILE B 25 47.90 69.74 27.29
CA ILE B 25 47.52 69.62 25.87
C ILE B 25 46.29 68.74 25.73
N GLY B 26 46.25 67.62 26.45
CA GLY B 26 45.09 66.76 26.40
C GLY B 26 43.83 67.42 26.95
N SER B 27 43.98 68.15 28.05
CA SER B 27 42.84 68.87 28.62
C SER B 27 42.31 69.92 27.66
N ALA B 28 43.21 70.64 27.00
CA ALA B 28 42.79 71.64 26.01
C ALA B 28 42.10 70.97 24.82
N PHE B 29 42.64 69.84 24.36
CA PHE B 29 42.02 69.13 23.25
C PHE B 29 40.65 68.57 23.62
N GLY B 30 40.46 68.23 24.90
CA GLY B 30 39.15 67.73 25.32
C GLY B 30 38.04 68.74 25.15
N LEU B 31 38.32 70.00 25.47
CA LEU B 31 37.33 71.06 25.32
C LEU B 31 36.27 70.98 26.41
N SER B 35 42.39 75.26 21.71
CA SER B 35 41.50 76.30 21.20
C SER B 35 40.56 76.78 22.30
N GLY B 36 41.06 76.81 23.53
CA GLY B 36 40.26 77.26 24.64
C GLY B 36 41.02 77.16 25.95
N ALA B 37 40.32 77.48 27.03
CA ALA B 37 40.90 77.46 28.37
C ALA B 37 39.96 76.73 29.32
N ALA B 38 40.53 75.84 30.14
CA ALA B 38 39.79 75.10 31.14
C ALA B 38 40.59 75.07 32.44
N ALA B 39 39.89 74.94 33.55
CA ALA B 39 40.52 74.91 34.87
C ALA B 39 39.73 73.98 35.77
N ASN B 40 40.41 72.94 36.29
CA ASN B 40 39.79 71.99 37.19
C ASN B 40 40.71 71.80 38.40
N GLY B 41 40.10 71.74 39.59
CA GLY B 41 40.83 71.56 40.82
C GLY B 41 40.59 70.20 41.45
N ARG B 42 41.40 69.91 42.47
CA ARG B 42 41.30 68.64 43.18
C ARG B 42 40.40 68.78 44.41
N THR B 46 52.12 62.73 49.02
CA THR B 46 52.77 62.33 47.78
C THR B 46 54.27 62.17 47.96
N VAL B 47 54.66 61.51 49.04
CA VAL B 47 56.07 61.26 49.33
C VAL B 47 56.60 60.13 48.47
N ASP B 64 54.02 67.31 51.75
CA ASP B 64 54.14 67.08 50.32
C ASP B 64 52.88 66.41 49.77
N GLY B 65 52.02 67.19 49.14
CA GLY B 65 50.79 66.71 48.56
C GLY B 65 50.83 66.81 47.04
N GLN B 66 50.20 65.85 46.37
CA GLN B 66 50.18 65.86 44.91
C GLN B 66 49.39 67.05 44.39
N ALA B 67 48.18 67.26 44.90
CA ALA B 67 47.32 68.38 44.52
C ALA B 67 47.14 68.44 43.00
N ASP B 68 46.64 67.33 42.44
CA ASP B 68 46.49 67.22 40.99
C ASP B 68 45.39 68.17 40.53
N VAL B 69 45.80 69.30 39.96
CA VAL B 69 44.89 70.31 39.42
C VAL B 69 45.37 70.69 38.04
N GLY B 70 44.43 70.79 37.10
CA GLY B 70 44.80 71.08 35.72
C GLY B 70 44.24 72.39 35.20
N ALA B 71 45.12 73.33 34.88
CA ALA B 71 44.75 74.59 34.24
C ALA B 71 45.38 74.61 32.86
N SER B 72 44.57 74.38 31.83
CA SER B 72 45.03 74.29 30.45
C SER B 72 44.52 75.48 29.66
N LEU B 73 45.38 76.01 28.79
CA LEU B 73 45.02 77.16 27.97
C LEU B 73 45.80 77.08 26.66
N LYS B 74 45.08 76.90 25.56
CA LYS B 74 45.71 76.81 24.25
C LYS B 74 44.72 77.16 23.14
N ALA B 79 50.90 78.45 25.64
CA ALA B 79 49.93 77.53 26.20
C ALA B 79 50.19 77.29 27.69
N ILE B 80 49.21 77.65 28.52
CA ILE B 80 49.34 77.46 29.96
C ILE B 80 49.04 76.00 30.29
N GLY B 81 49.97 75.36 30.98
CA GLY B 81 49.86 73.95 31.33
C GLY B 81 49.98 73.71 32.82
N VAL B 82 49.34 74.55 33.63
CA VAL B 82 49.57 74.56 35.07
C VAL B 82 49.09 73.23 35.65
N SER B 83 50.03 72.42 36.12
CA SER B 83 49.73 71.15 36.78
C SER B 83 50.73 70.94 37.90
N ALA B 84 50.23 70.73 39.11
CA ALA B 84 51.09 70.59 40.28
C ALA B 84 51.77 69.22 40.26
N SER B 85 53.07 69.21 40.50
CA SER B 85 53.86 67.98 40.54
C SER B 85 55.14 68.26 41.32
N ASN B 86 56.08 67.32 41.24
CA ASN B 86 57.38 67.44 41.90
C ASN B 86 57.23 67.66 43.40
N ILE B 87 56.31 66.92 44.02
CA ILE B 87 56.09 67.03 45.45
C ILE B 87 57.27 66.40 46.19
N THR B 88 57.82 67.11 47.16
CA THR B 88 58.96 66.64 47.92
C THR B 88 58.57 65.46 48.82
N LEU B 106 59.90 74.59 53.92
CA LEU B 106 59.64 73.91 52.67
C LEU B 106 59.99 74.80 51.48
N ILE B 107 60.51 74.18 50.42
CA ILE B 107 60.88 74.90 49.20
C ILE B 107 60.23 74.21 48.01
N PRO B 108 58.95 74.48 47.74
CA PRO B 108 58.29 73.82 46.60
C PRO B 108 58.96 74.20 45.27
N SER B 109 59.00 73.22 44.36
CA SER B 109 59.56 73.41 43.03
C SER B 109 58.58 72.87 42.00
N LEU B 110 58.39 73.62 40.92
CA LEU B 110 57.46 73.25 39.86
C LEU B 110 58.22 73.13 38.54
N LYS B 111 57.82 72.14 37.73
CA LYS B 111 58.44 71.91 36.43
C LYS B 111 57.80 72.85 35.41
N LEU B 112 58.31 74.07 35.36
CA LEU B 112 57.81 75.09 34.45
C LEU B 112 58.49 74.94 33.10
N THR B 113 57.68 74.90 32.04
CA THR B 113 58.20 74.76 30.68
C THR B 113 57.19 75.41 29.73
N ALA B 114 57.53 76.60 29.23
CA ALA B 114 56.67 77.30 28.30
C ALA B 114 56.82 76.73 26.90
N ALA B 115 55.69 76.38 26.28
CA ALA B 115 55.68 75.80 24.95
C ALA B 115 54.63 76.48 24.10
N LYS B 116 54.75 76.32 22.79
CA LYS B 116 53.83 76.89 21.82
C LYS B 116 53.03 75.77 21.17
N GLN B 117 51.70 75.90 21.20
CA GLN B 117 50.82 74.89 20.64
C GLN B 117 50.86 74.93 19.11
N ALA B 125 62.39 70.45 15.96
CA ALA B 125 63.15 70.79 17.15
C ALA B 125 63.63 72.24 17.10
N VAL B 126 63.06 73.08 17.96
CA VAL B 126 63.44 74.49 18.03
C VAL B 126 63.29 74.95 19.47
N SER B 127 64.35 75.53 20.02
CA SER B 127 64.35 76.01 21.39
C SER B 127 65.31 77.18 21.57
N GLN B 133 59.26 79.44 25.57
CA GLN B 133 60.66 79.02 25.65
C GLN B 133 60.95 77.92 24.63
N LYS B 134 60.57 76.70 24.97
CA LYS B 134 60.78 75.53 24.11
C LYS B 134 59.45 74.92 23.72
N PRO B 135 58.99 75.11 22.48
CA PRO B 135 57.69 74.55 22.08
C PRO B 135 57.79 73.05 21.84
N GLU B 136 56.93 72.30 22.50
CA GLU B 136 56.82 70.85 22.34
C GLU B 136 55.48 70.49 21.71
N LEU B 137 55.47 69.41 20.93
CA LEU B 137 54.31 69.03 20.14
C LEU B 137 53.78 67.68 20.63
N SER B 138 52.50 67.65 21.00
CA SER B 138 51.85 66.43 21.46
C SER B 138 50.65 66.14 20.56
N ALA B 139 50.62 64.95 19.97
CA ALA B 139 49.53 64.53 19.11
C ALA B 139 48.84 63.33 19.74
N CYS B 140 47.52 63.38 19.83
CA CYS B 140 46.73 62.32 20.46
C CYS B 140 45.72 61.78 19.45
N TRP B 141 45.71 60.46 19.26
CA TRP B 141 44.73 59.78 18.43
C TRP B 141 43.93 58.82 19.30
N THR B 142 42.61 59.00 19.32
CA THR B 142 41.72 58.23 20.19
C THR B 142 40.65 57.55 19.34
N GLY B 143 40.61 56.23 19.40
CA GLY B 143 39.56 55.45 18.77
C GLY B 143 39.21 54.20 19.54
N GLU B 144 37.95 54.00 19.88
CA GLU B 144 37.51 52.85 20.66
C GLU B 144 36.57 51.98 19.84
N ALA B 145 36.76 50.66 19.91
CA ALA B 145 35.92 49.70 19.23
C ALA B 145 35.42 48.67 20.25
N GLY B 146 34.13 48.70 20.52
CA GLY B 146 33.57 47.77 21.50
C GLY B 146 34.17 48.01 22.88
N ALA B 147 34.64 46.94 23.50
CA ALA B 147 35.27 47.05 24.81
C ALA B 147 36.65 47.71 24.72
N ASP B 148 37.39 47.48 23.64
CA ASP B 148 38.72 48.04 23.50
C ASP B 148 38.65 49.54 23.25
N ARG B 149 39.55 50.28 23.90
CA ARG B 149 39.67 51.72 23.70
C ARG B 149 41.15 52.02 23.51
N ALA B 150 41.50 52.58 22.35
CA ALA B 150 42.89 52.81 21.98
C ALA B 150 43.20 54.30 22.06
N THR B 151 44.30 54.62 22.76
CA THR B 151 44.79 55.99 22.88
C THR B 151 46.27 55.97 22.53
N LEU B 152 46.64 56.69 21.47
CA LEU B 152 48.01 56.77 21.01
C LEU B 152 48.50 58.21 21.16
N LEU B 153 49.62 58.39 21.87
CA LEU B 153 50.17 59.72 22.14
C LEU B 153 51.59 59.80 21.59
N VAL B 154 51.87 60.82 20.80
CA VAL B 154 53.21 61.06 20.27
C VAL B 154 53.68 62.43 20.76
N ASN B 155 54.71 62.44 21.58
CA ASN B 155 55.25 63.67 22.15
C ASN B 155 56.65 63.93 21.63
N VAL B 156 56.86 65.13 21.08
CA VAL B 156 58.15 65.55 20.57
C VAL B 156 58.59 66.77 21.36
N ASP B 157 59.78 66.69 21.97
CA ASP B 157 60.38 67.77 22.72
C ASP B 157 61.57 68.31 21.98
N PRO B 158 61.70 69.64 21.83
CA PRO B 158 62.79 70.18 21.00
C PRO B 158 64.17 69.95 21.60
N VAL B 159 64.32 70.09 22.91
CA VAL B 159 65.63 69.92 23.54
C VAL B 159 66.10 68.47 23.41
N MET B 160 65.22 67.51 23.69
CA MET B 160 65.61 66.10 23.61
C MET B 160 65.83 65.68 22.15
N ARG B 161 65.07 66.27 21.23
CA ARG B 161 65.12 65.98 19.79
C ARG B 161 64.73 64.54 19.48
N SER B 162 64.08 63.85 20.40
CA SER B 162 63.63 62.47 20.20
C SER B 162 62.16 62.35 20.53
N VAL B 163 61.44 61.60 19.72
CA VAL B 163 60.00 61.44 19.90
C VAL B 163 59.73 60.29 20.85
N LYS B 164 58.76 60.47 21.74
CA LYS B 164 58.35 59.46 22.69
C LYS B 164 56.91 59.07 22.41
N LEU B 165 56.65 57.77 22.33
CA LEU B 165 55.34 57.24 22.02
C LEU B 165 54.64 56.78 23.30
N ALA B 166 53.31 56.67 23.22
CA ALA B 166 52.51 56.22 24.35
C ALA B 166 51.27 55.52 23.81
N ALA B 167 51.01 54.32 24.31
CA ALA B 167 49.87 53.52 23.88
C ALA B 167 49.06 53.10 25.10
N ALA B 168 47.74 53.11 24.96
CA ALA B 168 46.85 52.68 26.03
C ALA B 168 45.68 51.91 25.43
N VAL B 169 45.44 50.71 25.93
CA VAL B 169 44.33 49.86 25.49
C VAL B 169 43.57 49.40 26.73
N ARG B 170 42.24 49.46 26.66
CA ARG B 170 41.38 49.16 27.81
C ARG B 170 40.50 47.97 27.50
N THR B 171 40.32 47.11 28.51
CA THR B 171 39.49 45.92 28.43
C THR B 171 39.79 45.04 27.20
N PRO B 172 41.06 44.60 27.03
CA PRO B 172 41.37 43.66 25.95
C PRO B 172 41.36 42.21 26.44
N GLY B 173 40.92 42.00 27.68
CA GLY B 173 41.06 40.74 28.36
C GLY B 173 40.45 39.56 27.62
N PRO B 174 41.21 38.47 27.54
CA PRO B 174 40.69 37.27 26.86
C PRO B 174 39.43 36.74 27.53
N GLU B 175 38.52 36.23 26.72
CA GLU B 175 37.24 35.74 27.22
C GLU B 175 37.27 34.24 27.40
N TRP B 176 36.68 33.78 28.51
CA TRP B 176 36.58 32.36 28.81
C TRP B 176 35.14 31.85 28.83
N ARG B 177 34.16 32.75 28.85
CA ARG B 177 32.76 32.34 28.81
C ARG B 177 32.36 31.93 27.39
N LYS B 178 31.20 31.29 27.28
CA LYS B 178 30.75 30.74 26.02
C LYS B 178 29.27 31.04 25.82
N VAL B 179 28.86 31.11 24.56
CA VAL B 179 27.46 31.34 24.23
C VAL B 179 26.66 30.08 24.55
N LEU B 180 25.43 30.26 25.01
CA LEU B 180 24.58 29.14 25.42
C LEU B 180 23.28 29.17 24.63
N TYR B 181 22.97 28.07 23.94
CA TYR B 181 21.70 27.95 23.25
C TYR B 181 20.61 27.52 24.22
N ASN B 182 19.48 28.22 24.19
CA ASN B 182 18.33 27.89 25.02
C ASN B 182 17.24 27.33 24.13
N ASP B 183 16.84 26.09 24.38
CA ASP B 183 15.87 25.41 23.52
C ASP B 183 14.44 25.80 23.88
N GLU B 184 14.16 26.09 25.15
CA GLU B 184 12.82 26.51 25.54
C GLU B 184 12.42 27.81 24.87
N THR B 185 13.33 28.78 24.86
CA THR B 185 13.13 30.02 24.11
C THR B 185 13.66 29.94 22.69
N ASP B 186 14.40 28.88 22.36
CA ASP B 186 14.98 28.69 21.02
C ASP B 186 15.79 29.92 20.60
N LEU B 187 16.63 30.40 21.51
CA LEU B 187 17.40 31.61 21.27
C LEU B 187 18.80 31.47 21.84
N LEU B 188 19.74 32.23 21.27
CA LEU B 188 21.08 32.28 21.80
C LEU B 188 21.14 33.19 23.02
N GLU B 189 22.07 32.87 23.93
CA GLU B 189 22.35 33.69 25.09
C GLU B 189 23.86 33.95 25.10
N TYR B 190 24.24 35.15 24.69
CA TYR B 190 25.63 35.55 24.66
C TYR B 190 26.14 35.76 26.08
N PRO B 191 27.47 35.80 26.27
CA PRO B 191 28.00 36.07 27.61
C PRO B 191 27.67 37.47 28.08
N ALA B 192 26.44 37.65 28.58
CA ALA B 192 25.97 38.96 29.00
C ALA B 192 26.75 39.52 30.17
N ASP B 193 27.49 38.69 30.90
CA ASP B 193 28.36 39.25 31.93
C ASP B 193 29.44 40.09 31.28
N ASP B 194 29.21 41.40 31.23
CA ASP B 194 30.07 42.35 30.54
C ASP B 194 30.38 43.52 31.44
N GLY B 195 30.74 43.23 32.70
CA GLY B 195 31.03 44.23 33.69
C GLY B 195 32.19 45.15 33.34
N ALA B 196 33.06 44.72 32.42
CA ALA B 196 34.17 45.51 31.90
C ALA B 196 35.16 45.94 32.97
N ARG B 197 35.13 45.31 34.15
CA ARG B 197 36.13 45.62 35.16
C ARG B 197 37.53 45.24 34.70
N HIS B 198 37.63 44.28 33.78
CA HIS B 198 38.92 43.88 33.23
C HIS B 198 39.55 45.04 32.46
N THR B 199 40.84 45.28 32.73
CA THR B 199 41.59 46.32 32.04
C THR B 199 43.06 45.88 31.96
N LEU B 200 43.43 45.33 30.81
CA LEU B 200 44.81 44.91 30.55
C LEU B 200 45.56 46.04 29.83
N TYR B 201 45.83 47.10 30.57
CA TYR B 201 46.56 48.23 30.02
C TYR B 201 47.98 47.83 29.64
N VAL B 202 48.40 48.25 28.46
CA VAL B 202 49.76 48.05 27.98
C VAL B 202 50.30 49.41 27.54
N GLN B 203 51.37 49.85 28.21
CA GLN B 203 51.97 51.16 27.96
C GLN B 203 53.39 50.94 27.46
N HIS B 204 53.60 51.11 26.15
CA HIS B 204 54.91 50.98 25.53
C HIS B 204 55.39 52.36 25.08
N GLU B 205 56.55 52.76 25.58
CA GLU B 205 57.15 54.05 25.25
C GLU B 205 58.48 53.80 24.57
N VAL B 206 58.68 54.45 23.42
CA VAL B 206 59.90 54.36 22.64
C VAL B 206 60.51 55.75 22.54
N ARG B 207 61.77 55.88 22.90
CA ARG B 207 62.47 57.17 22.91
C ARG B 207 63.67 57.08 21.97
N GLY B 208 63.60 57.78 20.85
CA GLY B 208 64.70 57.83 19.92
C GLY B 208 65.05 56.45 19.38
N ARG B 209 66.35 56.15 19.37
CA ARG B 209 66.80 54.86 18.87
C ARG B 209 66.30 53.71 19.73
N ASP B 210 66.28 53.91 21.05
CA ASP B 210 65.84 52.87 21.99
C ASP B 210 64.34 52.68 21.85
N LEU B 211 63.93 51.65 21.12
CA LEU B 211 62.52 51.36 20.96
C LEU B 211 61.90 50.83 22.25
N LEU B 212 62.66 50.08 23.03
CA LEU B 212 62.17 49.56 24.31
C LEU B 212 62.58 50.49 25.46
N HIS B 213 62.16 51.75 25.34
CA HIS B 213 62.45 52.71 26.40
C HIS B 213 61.70 52.37 27.69
N ALA B 214 60.43 52.00 27.58
CA ALA B 214 59.66 51.65 28.77
C ALA B 214 58.51 50.73 28.38
N THR B 215 58.26 49.73 29.23
CA THR B 215 57.12 48.82 29.06
C THR B 215 56.43 48.68 30.42
N ARG B 216 55.47 49.57 30.68
CA ARG B 216 54.72 49.54 31.93
C ARG B 216 53.39 48.81 31.70
N LEU B 217 53.49 47.51 31.49
CA LEU B 217 52.32 46.66 31.24
C LEU B 217 51.78 46.18 32.56
N GLY B 218 50.82 46.92 33.12
CA GLY B 218 50.18 46.52 34.36
C GLY B 218 48.68 46.41 34.22
N CYS B 219 48.14 45.20 34.37
CA CYS B 219 46.71 45.00 34.20
C CYS B 219 45.94 45.54 35.39
N ARG B 220 44.88 46.29 35.10
CA ARG B 220 43.97 46.81 36.11
C ARG B 220 42.72 45.94 36.27
N LEU B 221 42.74 44.74 35.68
CA LEU B 221 41.61 43.82 35.81
C LEU B 221 41.47 43.37 37.26
N ASP B 222 40.26 42.92 37.59
CA ASP B 222 39.97 42.46 38.95
C ASP B 222 40.74 41.20 39.32
N LEU B 223 41.53 40.65 38.40
CA LEU B 223 42.27 39.39 38.48
C LEU B 223 41.32 38.20 38.42
N GLY B 224 40.01 38.42 38.52
CA GLY B 224 39.07 37.34 38.30
C GLY B 224 39.12 36.84 36.88
N ARG B 225 39.30 37.75 35.92
CA ARG B 225 39.46 37.35 34.53
C ARG B 225 40.58 36.32 34.37
N LEU B 226 41.76 36.64 34.89
CA LEU B 226 42.92 35.76 34.72
C LEU B 226 42.76 34.45 35.47
N VAL B 227 42.32 34.51 36.74
CA VAL B 227 42.20 33.28 37.52
C VAL B 227 41.13 32.37 36.93
N ASN B 228 40.00 32.96 36.50
CA ASN B 228 38.93 32.17 35.91
C ASN B 228 39.34 31.58 34.58
N TYR B 229 40.08 32.34 33.77
CA TYR B 229 40.58 31.79 32.50
C TYR B 229 41.51 30.61 32.76
N VAL B 230 42.40 30.75 33.74
CA VAL B 230 43.34 29.66 34.04
C VAL B 230 42.59 28.41 34.51
N VAL B 231 41.65 28.58 35.46
CA VAL B 231 40.95 27.42 35.99
C VAL B 231 40.04 26.80 34.94
N ASP B 232 39.46 27.62 34.06
CA ASP B 232 38.62 27.10 32.98
C ASP B 232 39.45 26.30 32.00
N PHE B 233 40.64 26.78 31.66
CA PHE B 233 41.53 26.03 30.77
C PHE B 233 41.95 24.71 31.42
N VAL B 234 42.25 24.74 32.72
CA VAL B 234 42.70 23.53 33.41
C VAL B 234 41.57 22.51 33.48
N ASP B 235 40.36 22.97 33.83
CA ASP B 235 39.26 22.05 34.08
C ASP B 235 38.82 21.31 32.82
N TYR B 236 38.68 22.03 31.70
CA TYR B 236 38.07 21.44 30.52
C TYR B 236 39.08 20.65 29.68
N ARG B 237 40.33 21.12 29.61
CA ARG B 237 41.28 20.58 28.65
C ARG B 237 42.43 19.79 29.26
N ILE B 238 42.64 19.87 30.57
CA ILE B 238 43.78 19.22 31.19
C ILE B 238 43.38 18.11 32.16
N GLU B 239 42.22 18.19 32.80
CA GLU B 239 41.84 17.20 33.81
C GLU B 239 41.72 15.81 33.21
N GLU B 240 41.17 15.71 31.99
CA GLU B 240 40.97 14.40 31.38
C GLU B 240 42.29 13.69 31.10
N ASN B 241 43.33 14.43 30.69
CA ASN B 241 44.61 13.82 30.37
C ASN B 241 45.45 13.52 31.60
N ILE B 242 45.04 13.99 32.77
CA ILE B 242 45.79 13.72 34.01
C ILE B 242 45.74 12.22 34.30
N PRO B 243 46.87 11.57 34.62
CA PRO B 243 46.85 10.14 34.90
C PRO B 243 46.05 9.82 36.16
N SER B 244 45.51 8.61 36.19
CA SER B 244 44.59 8.23 37.27
C SER B 244 45.32 8.01 38.59
N PHE B 245 46.55 7.48 38.53
CA PHE B 245 47.21 7.04 39.76
C PHE B 245 47.56 8.21 40.68
N VAL B 246 47.60 9.44 40.13
CA VAL B 246 47.88 10.60 40.97
C VAL B 246 46.64 11.02 41.73
N TRP B 247 45.45 10.62 41.26
CA TRP B 247 44.22 11.02 41.92
C TRP B 247 44.03 10.31 43.26
N ASN B 248 44.52 9.06 43.37
CA ASN B 248 44.28 8.29 44.59
C ASN B 248 45.09 8.83 45.76
N VAL B 249 46.03 9.74 45.50
CA VAL B 249 46.82 10.38 46.54
C VAL B 249 45.89 11.07 47.53
N PRO B 250 46.02 10.82 48.83
CA PRO B 250 45.07 11.39 49.80
C PRO B 250 45.09 12.92 49.80
N LEU B 251 43.90 13.50 49.93
CA LEU B 251 43.69 14.94 50.09
C LEU B 251 44.03 15.73 48.83
N LEU B 252 44.54 15.05 47.80
CA LEU B 252 44.78 15.67 46.50
C LEU B 252 43.46 16.03 45.82
N PRO B 253 42.46 15.14 45.76
CA PRO B 253 41.17 15.55 45.18
C PRO B 253 40.53 16.71 45.92
N GLN B 254 40.69 16.79 47.24
CA GLN B 254 40.16 17.93 47.98
C GLN B 254 40.84 19.23 47.57
N LEU B 255 42.16 19.17 47.40
CA LEU B 255 42.90 20.34 46.92
C LEU B 255 42.43 20.77 45.54
N TYR B 256 42.24 19.79 44.64
CA TYR B 256 41.77 20.10 43.30
C TYR B 256 40.37 20.72 43.33
N SER B 257 39.48 20.17 44.15
CA SER B 257 38.13 20.70 44.24
C SER B 257 38.12 22.12 44.81
N LEU B 258 38.93 22.37 45.85
CA LEU B 258 38.99 23.71 46.42
C LEU B 258 39.57 24.71 45.43
N LEU B 259 40.64 24.32 44.72
CA LEU B 259 41.24 25.24 43.75
C LEU B 259 40.32 25.46 42.55
N VAL B 260 39.77 24.38 41.99
CA VAL B 260 38.90 24.48 40.82
C VAL B 260 37.52 23.94 41.18
N PRO B 261 36.56 24.80 41.53
CA PRO B 261 35.21 24.33 41.84
C PRO B 261 34.38 24.11 40.58
N ALA B 262 33.20 23.53 40.79
CA ALA B 262 32.29 23.27 39.68
C ALA B 262 31.66 24.58 39.19
N ASP B 263 31.42 24.64 37.89
CA ASP B 263 30.83 25.83 37.29
C ASP B 263 29.35 25.93 37.63
N ASN B 264 28.88 27.18 37.75
CA ASN B 264 27.46 27.47 37.95
C ASN B 264 27.01 28.41 36.84
N ASP B 265 26.03 27.96 36.06
CA ASP B 265 25.56 28.67 34.86
C ASP B 265 26.78 28.99 34.01
N GLU B 266 26.98 30.24 33.58
CA GLU B 266 28.19 30.66 32.89
C GLU B 266 29.04 31.58 33.76
N GLN B 267 28.68 31.74 35.03
CA GLN B 267 29.35 32.70 35.90
C GLN B 267 30.73 32.21 36.29
N VAL B 268 31.41 33.00 37.12
CA VAL B 268 32.79 32.71 37.50
C VAL B 268 32.83 31.59 38.53
N ARG B 269 33.91 30.82 38.51
CA ARG B 269 34.14 29.82 39.55
C ARG B 269 34.53 30.49 40.86
N HIS B 270 35.44 31.45 40.81
CA HIS B 270 35.86 32.23 41.98
C HIS B 270 35.51 33.69 41.74
N ARG B 271 34.84 34.30 42.72
CA ARG B 271 34.41 35.70 42.61
C ARG B 271 35.54 36.60 43.14
N ILE B 272 36.51 36.86 42.27
CA ILE B 272 37.63 37.73 42.57
C ILE B 272 37.37 39.07 41.91
N THR B 273 37.10 40.09 42.71
CA THR B 273 36.81 41.42 42.20
C THR B 273 37.53 42.47 43.06
N GLY B 274 37.82 43.62 42.44
CA GLY B 274 38.44 44.72 43.12
C GLY B 274 39.97 44.70 43.12
N TRP B 275 40.56 43.51 43.16
CA TRP B 275 42.01 43.41 43.19
C TRP B 275 42.62 43.82 41.85
N GLU B 276 43.93 44.08 41.86
CA GLU B 276 44.64 44.45 40.64
C GLU B 276 46.11 44.10 40.81
N LEU B 277 46.81 44.00 39.68
CA LEU B 277 48.24 43.73 39.65
C LEU B 277 48.87 44.71 38.65
N ASP B 278 49.41 45.81 39.17
CA ASP B 278 50.01 46.86 38.35
C ASP B 278 51.52 46.64 38.32
N VAL B 279 52.01 46.08 37.22
CA VAL B 279 53.44 45.83 37.05
C VAL B 279 54.05 47.07 36.39
N SER B 280 54.78 47.86 37.18
CA SER B 280 55.42 49.08 36.68
C SER B 280 56.83 48.78 36.20
N HIS B 281 56.97 47.83 35.28
CA HIS B 281 58.26 47.50 34.73
C HIS B 281 58.75 48.61 33.80
N ASP B 282 60.07 48.68 33.65
CA ASP B 282 60.69 49.67 32.75
C ASP B 282 61.98 49.05 32.21
N PHE B 283 62.06 48.90 30.88
CA PHE B 283 63.26 48.38 30.26
C PHE B 283 64.42 49.37 30.32
N ALA B 284 64.16 50.63 30.69
CA ALA B 284 65.25 51.59 30.84
C ALA B 284 66.19 51.19 31.96
N ARG B 285 65.66 50.65 33.05
CA ARG B 285 66.48 50.19 34.15
C ARG B 285 67.31 48.98 33.72
N SER B 286 68.44 48.80 34.40
CA SER B 286 69.35 47.71 34.06
C SER B 286 68.70 46.36 34.34
N GLY B 287 68.89 45.42 33.42
CA GLY B 287 68.32 44.10 33.57
C GLY B 287 66.80 44.14 33.62
N LEU B 288 66.23 43.32 34.50
CA LEU B 288 64.79 43.24 34.70
C LEU B 288 64.50 43.54 36.17
N LEU B 289 64.02 44.76 36.45
CA LEU B 289 63.68 45.19 37.79
C LEU B 289 62.27 45.76 37.77
N PRO B 290 61.25 44.90 37.69
CA PRO B 290 59.88 45.39 37.67
C PRO B 290 59.43 45.86 39.04
N VAL B 291 58.37 46.66 39.04
CA VAL B 291 57.74 47.16 40.26
C VAL B 291 56.33 46.57 40.33
N VAL B 292 56.03 45.87 41.41
CA VAL B 292 54.75 45.19 41.61
C VAL B 292 53.93 46.01 42.59
N ALA B 293 52.69 46.34 42.19
CA ALA B 293 51.78 47.14 43.01
C ALA B 293 50.41 46.47 42.96
N ILE B 294 50.03 45.82 44.06
CA ILE B 294 48.72 45.21 44.19
C ILE B 294 47.76 46.25 44.73
N SER B 295 46.69 46.52 44.00
CA SER B 295 45.73 47.57 44.33
C SER B 295 44.38 46.95 44.67
N LYS B 296 43.83 47.37 45.80
CA LYS B 296 42.49 46.94 46.23
C LYS B 296 41.55 48.13 46.11
N THR B 297 40.50 47.98 45.30
CA THR B 297 39.52 49.04 45.05
C THR B 297 38.16 48.53 45.53
N SER B 298 37.81 48.87 46.77
CA SER B 298 36.56 48.47 47.37
C SER B 298 35.87 49.68 47.99
N LYS B 299 34.54 49.60 48.09
CA LYS B 299 33.74 50.66 48.68
C LYS B 299 33.69 50.58 50.20
N LYS B 300 34.24 49.53 50.81
CA LYS B 300 34.24 49.43 52.26
C LYS B 300 35.17 50.47 52.88
N LEU B 301 36.29 50.77 52.22
CA LEU B 301 37.29 51.69 52.75
C LEU B 301 36.82 53.12 52.51
N LEU B 302 36.07 53.66 53.47
CA LEU B 302 35.61 55.06 53.45
C LEU B 302 34.83 55.39 52.17
N GLY B 303 34.01 54.46 51.70
CA GLY B 303 33.19 54.70 50.53
C GLY B 303 33.99 54.88 49.24
N GLY B 304 35.00 54.07 49.02
CA GLY B 304 35.82 54.13 47.83
C GLY B 304 37.21 54.65 48.12
N GLY B 305 38.10 54.38 47.16
CA GLY B 305 39.49 54.77 47.30
C GLY B 305 40.44 53.58 47.18
N THR B 306 41.43 53.71 46.30
CA THR B 306 42.36 52.62 46.04
C THR B 306 43.38 52.51 47.16
N LEU B 307 43.51 51.31 47.73
CA LEU B 307 44.53 51.00 48.73
C LEU B 307 45.58 50.15 48.05
N THR B 308 46.73 50.76 47.73
CA THR B 308 47.76 50.14 46.92
C THR B 308 48.96 49.78 47.78
N ALA B 309 49.43 48.55 47.65
CA ALA B 309 50.66 48.08 48.29
C ALA B 309 51.67 47.79 47.19
N SER B 310 52.66 48.66 47.04
CA SER B 310 53.64 48.57 45.97
C SER B 310 55.01 48.23 46.55
N TYR B 311 55.63 47.18 46.02
CA TYR B 311 56.95 46.73 46.45
C TYR B 311 57.92 46.91 45.29
N ASP B 312 58.94 47.76 45.49
CA ASP B 312 59.95 47.99 44.47
C ASP B 312 61.17 47.13 44.77
N ALA B 313 61.64 46.41 43.74
CA ALA B 313 62.80 45.53 43.91
C ALA B 313 64.11 46.30 44.04
N ALA B 314 64.14 47.58 43.69
CA ALA B 314 65.35 48.39 43.75
C ALA B 314 65.26 49.54 44.73
N ALA B 315 64.13 50.25 44.76
CA ALA B 315 63.98 51.40 45.65
C ALA B 315 63.86 51.01 47.11
N ARG B 316 63.60 49.72 47.41
CA ARG B 316 63.50 49.23 48.79
C ARG B 316 62.41 49.97 49.58
N GLU B 317 61.33 50.34 48.91
CA GLU B 317 60.23 51.06 49.53
C GLU B 317 58.92 50.30 49.31
N ALA B 318 58.26 49.95 50.41
CA ALA B 318 56.93 49.33 50.35
C ALA B 318 55.89 50.43 50.56
N GLY B 319 55.24 50.84 49.47
CA GLY B 319 54.32 51.96 49.53
C GLY B 319 52.88 51.57 49.79
N VAL B 320 52.36 51.98 50.95
CA VAL B 320 50.96 51.80 51.29
C VAL B 320 50.28 53.13 51.05
N SER B 321 49.55 53.25 49.93
CA SER B 321 48.97 54.50 49.48
C SER B 321 47.45 54.37 49.51
N LEU B 322 46.80 55.26 50.26
CA LEU B 322 45.33 55.38 50.25
C LEU B 322 44.98 56.62 49.44
N SER B 323 44.54 56.40 48.20
CA SER B 323 44.26 57.49 47.26
C SER B 323 42.77 57.51 46.95
N ARG B 324 42.15 58.67 47.14
CA ARG B 324 40.73 58.87 46.86
C ARG B 324 40.54 60.28 46.30
N LYS B 325 40.35 60.35 44.98
CA LYS B 325 40.11 61.63 44.29
C LYS B 325 41.22 62.64 44.58
N GLY B 326 42.47 62.17 44.57
CA GLY B 326 43.60 63.03 44.82
C GLY B 326 43.98 63.22 46.27
N VAL B 327 43.19 62.69 47.20
CA VAL B 327 43.51 62.74 48.62
C VAL B 327 44.33 61.50 48.95
N SER B 328 45.56 61.70 49.44
CA SER B 328 46.51 60.62 49.62
C SER B 328 46.95 60.54 51.07
N VAL B 329 47.03 59.32 51.57
CA VAL B 329 47.65 59.01 52.87
C VAL B 329 48.76 58.01 52.55
N GLY B 330 49.97 58.53 52.29
CA GLY B 330 51.05 57.72 51.81
C GLY B 330 52.04 57.39 52.91
N ALA B 331 52.28 56.10 53.10
CA ALA B 331 53.24 55.62 54.10
C ALA B 331 54.33 54.84 53.36
N ARG B 332 55.48 55.48 53.17
CA ARG B 332 56.63 54.84 52.54
C ARG B 332 57.38 54.04 53.61
N VAL B 333 57.22 52.72 53.57
CA VAL B 333 57.74 51.83 54.61
C VAL B 333 58.97 51.13 54.07
N ALA B 334 60.05 51.15 54.85
CA ALA B 334 61.30 50.50 54.50
C ALA B 334 61.64 49.44 55.53
N ARG B 335 62.00 48.25 55.06
CA ARG B 335 62.42 47.18 55.95
C ARG B 335 63.69 47.58 56.70
N ALA B 336 63.86 47.03 57.90
CA ALA B 336 64.98 47.37 58.77
C ALA B 336 66.31 47.30 58.03
N GLU B 337 66.98 48.44 57.94
CA GLU B 337 68.23 48.55 57.20
C GLU B 337 69.35 47.80 57.89
N GLY B 348 60.85 42.86 59.24
CA GLY B 348 61.13 42.69 60.66
C GLY B 348 60.78 43.91 61.48
N ARG B 349 61.59 44.96 61.37
CA ARG B 349 61.39 46.22 62.09
C ARG B 349 61.21 47.32 61.05
N PRO B 350 59.96 47.62 60.66
CA PRO B 350 59.74 48.60 59.61
C PRO B 350 60.08 50.02 60.06
N SER B 351 60.52 50.82 59.09
CA SER B 351 60.71 52.25 59.26
C SER B 351 59.69 52.97 58.38
N ILE B 352 58.93 53.88 58.97
CA ILE B 352 57.75 54.46 58.33
C ILE B 352 58.03 55.92 58.00
N HIS B 353 57.76 56.31 56.76
CA HIS B 353 57.77 57.69 56.33
C HIS B 353 56.34 58.15 56.10
N VAL B 354 55.93 59.18 56.83
CA VAL B 354 54.56 59.67 56.73
C VAL B 354 54.51 60.91 55.84
N GLY C 51 -94.51 -7.73 1.23
CA GLY C 51 -94.02 -6.41 0.86
C GLY C 51 -92.53 -6.25 1.03
N GLU C 52 -92.09 -6.10 2.28
CA GLU C 52 -90.68 -5.93 2.60
C GLU C 52 -90.23 -7.05 3.52
N GLU C 53 -89.16 -7.74 3.13
CA GLU C 53 -88.63 -8.83 3.93
C GLU C 53 -87.93 -8.29 5.17
N PRO C 54 -87.83 -9.08 6.23
CA PRO C 54 -87.14 -8.63 7.44
C PRO C 54 -85.67 -8.41 7.19
N ILE C 55 -85.06 -7.58 8.05
CA ILE C 55 -83.67 -7.17 7.86
C ILE C 55 -82.72 -8.36 7.96
N GLN C 56 -82.98 -9.26 8.91
CA GLN C 56 -82.08 -10.41 9.09
C GLN C 56 -82.05 -11.29 7.85
N ASP C 57 -83.18 -11.39 7.14
CA ASP C 57 -83.20 -12.16 5.90
C ASP C 57 -82.26 -11.57 4.87
N GLU C 58 -82.28 -10.24 4.71
CA GLU C 58 -81.38 -9.58 3.78
C GLU C 58 -79.93 -9.71 4.23
N LEU C 59 -79.66 -9.64 5.53
CA LEU C 59 -78.30 -9.84 6.02
C LEU C 59 -77.80 -11.25 5.70
N LEU C 60 -78.65 -12.25 5.92
CA LEU C 60 -78.27 -13.62 5.59
C LEU C 60 -78.01 -13.78 4.10
N LYS C 61 -78.85 -13.19 3.26
CA LYS C 61 -78.64 -13.27 1.82
C LYS C 61 -77.32 -12.61 1.41
N LEU C 62 -77.03 -11.44 1.98
CA LEU C 62 -75.77 -10.76 1.68
C LEU C 62 -74.58 -11.61 2.11
N LEU C 63 -74.65 -12.20 3.31
CA LEU C 63 -73.57 -13.04 3.79
C LEU C 63 -73.35 -14.24 2.87
N ARG C 64 -74.44 -14.88 2.45
CA ARG C 64 -74.34 -16.04 1.57
C ARG C 64 -73.70 -15.66 0.24
N GLY C 65 -74.18 -14.57 -0.38
CA GLY C 65 -73.62 -14.16 -1.65
C GLY C 65 -72.15 -13.79 -1.55
N GLY C 66 -71.79 -13.02 -0.51
CA GLY C 66 -70.40 -12.66 -0.32
C GLY C 66 -69.51 -13.87 -0.10
N TRP C 67 -69.99 -14.83 0.69
CA TRP C 67 -69.21 -16.04 0.94
C TRP C 67 -68.97 -16.82 -0.34
N VAL C 68 -70.02 -16.98 -1.16
CA VAL C 68 -69.87 -17.71 -2.42
C VAL C 68 -68.87 -17.01 -3.33
N LEU C 69 -69.02 -15.68 -3.47
CA LEU C 69 -68.12 -14.92 -4.34
C LEU C 69 -66.68 -15.02 -3.88
N LEU C 70 -66.45 -14.83 -2.58
CA LEU C 70 -65.08 -14.88 -2.04
C LEU C 70 -64.48 -16.27 -2.18
N SER C 71 -65.26 -17.31 -1.93
CA SER C 71 -64.73 -18.67 -2.05
C SER C 71 -64.31 -18.98 -3.48
N ASN C 72 -65.18 -18.63 -4.45
CA ASN C 72 -64.82 -18.89 -5.85
C ASN C 72 -63.60 -18.08 -6.28
N LEU C 73 -63.54 -16.80 -5.85
CA LEU C 73 -62.39 -15.97 -6.19
C LEU C 73 -61.11 -16.54 -5.58
N ALA C 74 -61.19 -17.00 -4.33
CA ALA C 74 -60.02 -17.58 -3.69
C ALA C 74 -59.54 -18.85 -4.40
N LEU C 75 -60.49 -19.71 -4.81
CA LEU C 75 -60.10 -20.90 -5.56
C LEU C 75 -59.42 -20.53 -6.88
N PHE C 76 -59.99 -19.56 -7.60
CA PHE C 76 -59.38 -19.14 -8.86
C PHE C 76 -57.99 -18.56 -8.64
N LEU C 77 -57.82 -17.76 -7.59
CA LEU C 77 -56.50 -17.18 -7.31
C LEU C 77 -55.50 -18.26 -6.90
N VAL C 78 -55.94 -19.28 -6.17
CA VAL C 78 -55.04 -20.38 -5.82
C VAL C 78 -54.59 -21.11 -7.08
N PHE C 79 -55.52 -21.35 -8.01
CA PHE C 79 -55.14 -21.99 -9.27
C PHE C 79 -54.17 -21.12 -10.06
N SER C 80 -54.40 -19.81 -10.09
CA SER C 80 -53.50 -18.90 -10.79
C SER C 80 -52.12 -18.91 -10.16
N SER C 81 -52.05 -18.93 -8.82
CA SER C 81 -50.77 -19.00 -8.14
C SER C 81 -50.04 -20.30 -8.46
N PHE C 82 -50.76 -21.42 -8.50
CA PHE C 82 -50.14 -22.68 -8.87
C PHE C 82 -49.59 -22.62 -10.29
N LEU C 83 -50.33 -22.02 -11.21
CA LEU C 83 -49.82 -21.86 -12.58
C LEU C 83 -48.58 -20.99 -12.60
N HIS C 84 -48.57 -19.92 -11.80
CA HIS C 84 -47.43 -19.01 -11.80
C HIS C 84 -46.17 -19.68 -11.26
N ARG C 85 -46.32 -20.46 -10.18
CA ARG C 85 -45.14 -20.96 -9.48
C ARG C 85 -44.43 -22.07 -10.25
N SER C 86 -45.17 -22.87 -11.01
CA SER C 86 -44.61 -24.06 -11.64
C SER C 86 -44.46 -23.92 -13.15
N LEU C 87 -44.22 -22.72 -13.65
CA LEU C 87 -44.10 -22.51 -15.10
C LEU C 87 -42.78 -23.06 -15.62
N ASN C 88 -41.68 -22.79 -14.92
CA ASN C 88 -40.36 -23.14 -15.44
C ASN C 88 -40.16 -24.65 -15.55
N TRP C 89 -40.76 -25.43 -14.66
CA TRP C 89 -40.63 -26.88 -14.75
C TRP C 89 -41.25 -27.42 -16.03
N PHE C 90 -42.48 -26.98 -16.34
CA PHE C 90 -43.11 -27.36 -17.59
C PHE C 90 -42.32 -26.84 -18.78
N VAL C 91 -41.75 -25.64 -18.67
CA VAL C 91 -40.94 -25.10 -19.76
C VAL C 91 -39.73 -25.98 -20.03
N GLN C 92 -39.05 -26.42 -18.96
CA GLN C 92 -37.88 -27.28 -19.12
C GLN C 92 -38.27 -28.63 -19.70
N THR C 93 -39.40 -29.18 -19.26
CA THR C 93 -39.88 -30.46 -19.82
C THR C 93 -40.19 -30.30 -21.31
N GLU C 94 -40.83 -29.19 -21.69
CA GLU C 94 -41.14 -28.95 -23.09
C GLU C 94 -39.86 -28.79 -23.91
N LEU C 95 -38.85 -28.11 -23.37
CA LEU C 95 -37.58 -27.98 -24.07
C LEU C 95 -36.89 -29.32 -24.23
N LEU C 96 -36.94 -30.17 -23.20
CA LEU C 96 -36.38 -31.51 -23.32
C LEU C 96 -37.10 -32.32 -24.39
N VAL C 97 -38.42 -32.19 -24.47
CA VAL C 97 -39.17 -32.86 -25.53
C VAL C 97 -38.76 -32.34 -26.89
N ALA C 98 -38.65 -31.02 -27.03
CA ALA C 98 -38.41 -30.41 -28.34
C ALA C 98 -37.00 -30.67 -28.85
N VAL C 99 -36.02 -30.72 -27.94
CA VAL C 99 -34.62 -30.88 -28.35
C VAL C 99 -34.38 -32.25 -28.99
N GLY C 100 -35.27 -33.21 -28.76
CA GLY C 100 -35.14 -34.52 -29.38
C GLY C 100 -34.81 -35.63 -28.40
N ALA C 101 -35.21 -35.47 -27.14
CA ALA C 101 -34.99 -36.47 -26.10
C ALA C 101 -36.27 -36.70 -25.31
N PRO C 102 -37.29 -37.30 -25.93
CA PRO C 102 -38.53 -37.60 -25.18
C PRO C 102 -38.30 -38.52 -24.00
N GLN C 103 -37.32 -39.43 -24.10
CA GLN C 103 -37.03 -40.33 -23.00
C GLN C 103 -36.60 -39.56 -21.75
N GLN C 104 -35.82 -38.49 -21.93
CA GLN C 104 -35.42 -37.67 -20.79
C GLN C 104 -36.62 -37.02 -20.12
N ALA C 105 -37.58 -36.53 -20.90
CA ALA C 105 -38.77 -35.93 -20.32
C ALA C 105 -39.62 -36.97 -19.58
N GLY C 106 -39.78 -38.15 -20.16
CA GLY C 106 -40.49 -39.21 -19.46
C GLY C 106 -39.80 -39.62 -18.17
N GLU C 107 -38.46 -39.69 -18.20
CA GLU C 107 -37.70 -39.97 -17.00
C GLU C 107 -37.91 -38.87 -15.95
N ARG C 108 -37.97 -37.61 -16.39
CA ARG C 108 -38.20 -36.51 -15.47
C ARG C 108 -39.58 -36.62 -14.81
N VAL C 109 -40.60 -36.96 -15.59
CA VAL C 109 -41.95 -37.07 -15.04
C VAL C 109 -42.03 -38.25 -14.05
N VAL C 110 -41.50 -39.41 -14.44
CA VAL C 110 -41.54 -40.55 -13.53
C VAL C 110 -40.65 -40.30 -12.32
N GLY C 111 -39.60 -39.48 -12.47
CA GLY C 111 -38.78 -39.11 -11.33
C GLY C 111 -39.52 -38.22 -10.35
N LYS C 112 -40.33 -37.29 -10.86
CA LYS C 112 -41.18 -36.51 -9.98
C LYS C 112 -42.18 -37.40 -9.24
N PHE C 113 -42.79 -38.36 -9.95
CA PHE C 113 -43.70 -39.28 -9.31
C PHE C 113 -43.00 -40.10 -8.23
N PHE C 114 -41.81 -40.61 -8.53
CA PHE C 114 -41.04 -41.38 -7.56
C PHE C 114 -40.58 -40.51 -6.39
N GLU C 115 -40.32 -39.22 -6.63
CA GLU C 115 -40.00 -38.32 -5.53
C GLU C 115 -41.19 -38.13 -4.61
N ALA C 116 -42.40 -38.03 -5.18
CA ALA C 116 -43.60 -37.99 -4.36
C ALA C 116 -43.74 -39.27 -3.54
N ILE C 117 -43.49 -40.42 -4.17
CA ILE C 117 -43.56 -41.70 -3.45
C ILE C 117 -42.52 -41.74 -2.33
N GLU C 118 -41.31 -41.24 -2.60
CA GLU C 118 -40.26 -41.21 -1.59
C GLU C 118 -40.64 -40.32 -0.41
N TRP C 119 -41.26 -39.16 -0.70
CA TRP C 119 -41.72 -38.31 0.39
C TRP C 119 -42.79 -39.02 1.22
N VAL C 120 -43.70 -39.74 0.55
CA VAL C 120 -44.72 -40.48 1.28
C VAL C 120 -44.07 -41.52 2.19
N GLU C 121 -43.07 -42.24 1.67
CA GLU C 121 -42.37 -43.23 2.49
C GLU C 121 -41.64 -42.60 3.66
N ARG C 122 -40.95 -41.48 3.40
CA ARG C 122 -40.04 -40.91 4.39
C ARG C 122 -40.77 -40.15 5.50
N ASN C 123 -41.83 -39.41 5.16
CA ASN C 123 -42.52 -38.57 6.13
C ASN C 123 -43.77 -39.23 6.70
N ILE C 124 -44.67 -39.71 5.84
CA ILE C 124 -45.88 -40.37 6.33
C ILE C 124 -45.52 -41.65 7.07
N LEU C 125 -44.57 -42.41 6.53
CA LEU C 125 -44.09 -43.63 7.18
C LEU C 125 -42.75 -43.38 7.85
N GLY C 126 -42.31 -44.37 8.64
CA GLY C 126 -41.20 -44.16 9.54
C GLY C 126 -39.81 -44.53 9.05
N TRP C 127 -39.68 -45.59 8.26
CA TRP C 127 -38.36 -46.08 7.90
C TRP C 127 -37.63 -45.09 7.00
N LYS C 128 -36.31 -45.05 7.15
CA LYS C 128 -35.46 -44.16 6.38
C LYS C 128 -35.12 -44.77 5.02
N LEU C 129 -34.27 -44.06 4.27
CA LEU C 129 -33.85 -44.48 2.95
C LEU C 129 -32.32 -44.48 2.87
N PRO C 130 -31.75 -45.32 2.02
CA PRO C 130 -30.29 -45.33 1.87
C PRO C 130 -29.77 -44.01 1.31
N GLY C 131 -28.58 -43.63 1.75
CA GLY C 131 -27.96 -42.39 1.32
C GLY C 131 -28.45 -41.14 2.03
N ASP C 132 -29.32 -41.29 3.03
CA ASP C 132 -29.81 -40.12 3.77
C ASP C 132 -28.70 -39.48 4.59
N GLU C 133 -27.86 -40.29 5.23
CA GLU C 133 -26.78 -39.76 6.06
C GLU C 133 -25.78 -38.98 5.21
N GLU C 134 -25.46 -39.50 4.02
CA GLU C 134 -24.51 -38.80 3.15
C GLU C 134 -25.07 -37.46 2.69
N ALA C 135 -26.36 -37.41 2.36
CA ALA C 135 -26.97 -36.16 1.92
C ALA C 135 -27.20 -35.20 3.09
N GLU C 136 -27.25 -35.70 4.33
CA GLU C 136 -27.45 -34.83 5.47
C GLU C 136 -26.23 -33.97 5.77
N ASP C 137 -25.07 -34.31 5.20
CA ASP C 137 -23.84 -33.55 5.43
C ASP C 137 -23.44 -32.73 4.21
N ALA C 138 -24.42 -32.38 3.36
CA ALA C 138 -24.17 -31.58 2.17
C ALA C 138 -24.47 -30.10 2.37
N THR C 139 -25.40 -29.77 3.27
CA THR C 139 -25.75 -28.39 3.57
C THR C 139 -25.76 -28.18 5.08
N SER C 140 -25.51 -26.94 5.49
CA SER C 140 -25.47 -26.58 6.90
C SER C 140 -26.07 -25.20 7.09
N LYS C 141 -26.50 -24.93 8.32
CA LYS C 141 -27.09 -23.65 8.65
C LYS C 141 -25.99 -22.60 8.86
N VAL C 142 -26.41 -21.33 8.83
CA VAL C 142 -25.44 -20.23 8.87
C VAL C 142 -24.68 -20.21 10.19
N TYR C 143 -25.39 -20.41 11.31
CA TYR C 143 -24.71 -20.36 12.60
C TYR C 143 -23.74 -21.52 12.75
N GLU C 144 -24.05 -22.68 12.16
CA GLU C 144 -23.10 -23.78 12.15
C GLU C 144 -21.84 -23.41 11.35
N VAL C 145 -22.02 -22.71 10.22
CA VAL C 145 -20.88 -22.26 9.44
C VAL C 145 -20.03 -21.29 10.26
N LEU C 146 -20.68 -20.37 10.96
CA LEU C 146 -19.93 -19.44 11.82
C LEU C 146 -19.20 -20.16 12.94
N GLN C 147 -19.81 -21.22 13.49
CA GLN C 147 -19.15 -21.98 14.53
C GLN C 147 -17.95 -22.76 14.01
N ASN C 148 -18.03 -23.29 12.79
CA ASN C 148 -17.02 -24.24 12.34
C ASN C 148 -15.99 -23.63 11.40
N TYR C 149 -16.45 -23.05 10.28
CA TYR C 149 -15.52 -22.66 9.23
C TYR C 149 -15.03 -21.22 9.41
N THR C 150 -15.88 -20.34 9.91
CA THR C 150 -15.53 -18.92 9.94
C THR C 150 -14.37 -18.66 10.90
N PRO C 151 -13.31 -18.00 10.47
CA PRO C 151 -12.22 -17.66 11.39
C PRO C 151 -12.65 -16.60 12.38
N ALA C 152 -11.93 -16.55 13.50
CA ALA C 152 -12.27 -15.61 14.57
C ALA C 152 -11.79 -14.19 14.28
N GLU C 153 -10.96 -13.99 13.25
CA GLU C 153 -10.46 -12.66 12.95
C GLU C 153 -11.50 -11.78 12.25
N ALA C 154 -12.54 -12.38 11.67
CA ALA C 154 -13.56 -11.62 10.95
C ALA C 154 -14.73 -11.26 11.86
N ALA C 155 -14.42 -10.59 12.98
CA ALA C 155 -15.45 -10.21 13.94
C ALA C 155 -14.89 -9.12 14.84
N TYR C 156 -15.56 -7.97 14.88
CA TYR C 156 -15.19 -6.87 15.76
C TYR C 156 -16.41 -6.39 16.51
N SER C 157 -16.17 -5.65 17.60
CA SER C 157 -17.23 -5.29 18.54
C SER C 157 -17.40 -3.79 18.70
N PHE C 158 -16.97 -3.00 17.71
CA PHE C 158 -17.14 -1.54 17.69
C PHE C 158 -16.42 -0.83 18.82
N ALA C 159 -15.71 -1.55 19.67
CA ALA C 159 -14.97 -0.96 20.79
C ALA C 159 -13.47 -1.08 20.63
N GLN C 160 -12.99 -2.16 20.02
CA GLN C 160 -11.58 -2.26 19.70
C GLN C 160 -11.15 -1.23 18.67
N LEU C 161 -12.08 -0.73 17.86
CA LEU C 161 -11.80 0.33 16.90
C LEU C 161 -12.02 1.72 17.48
N LYS C 162 -12.67 1.83 18.64
CA LYS C 162 -12.97 3.12 19.25
C LYS C 162 -12.06 3.45 20.42
N TYR C 163 -11.95 2.54 21.39
CA TYR C 163 -11.09 2.77 22.55
C TYR C 163 -9.75 2.09 22.33
N LYS C 164 -8.67 2.88 22.39
CA LYS C 164 -7.34 2.40 22.07
C LYS C 164 -6.56 1.95 23.30
N ASP C 165 -7.14 2.04 24.50
CA ASP C 165 -6.46 1.65 25.73
C ASP C 165 -7.06 0.38 26.34
N LEU C 166 -7.80 -0.40 25.56
CA LEU C 166 -8.40 -1.61 26.07
C LEU C 166 -7.34 -2.69 26.28
N THR C 167 -7.42 -3.38 27.42
CA THR C 167 -6.55 -4.51 27.67
C THR C 167 -7.06 -5.75 26.94
N HIS C 168 -6.22 -6.78 26.91
CA HIS C 168 -6.58 -8.00 26.18
C HIS C 168 -7.83 -8.66 26.76
N LYS C 169 -7.92 -8.70 28.09
CA LYS C 169 -9.11 -9.28 28.72
C LYS C 169 -10.36 -8.49 28.37
N GLU C 170 -10.29 -7.16 28.41
CA GLU C 170 -11.44 -6.34 28.06
C GLU C 170 -11.79 -6.47 26.58
N ARG C 171 -10.78 -6.53 25.72
CA ARG C 171 -11.04 -6.74 24.30
C ARG C 171 -11.74 -8.07 24.06
N GLU C 172 -11.28 -9.13 24.71
CA GLU C 172 -11.93 -10.43 24.55
C GLU C 172 -13.34 -10.41 25.12
N LEU C 173 -13.55 -9.73 26.25
CA LEU C 173 -14.88 -9.63 26.82
C LEU C 173 -15.84 -8.94 25.86
N PHE C 174 -15.42 -7.80 25.30
CA PHE C 174 -16.27 -7.11 24.33
C PHE C 174 -16.49 -7.95 23.08
N HIS C 175 -15.43 -8.64 22.61
CA HIS C 175 -15.54 -9.45 21.40
C HIS C 175 -16.53 -10.58 21.59
N LYS C 176 -16.52 -11.22 22.76
CA LYS C 176 -17.48 -12.28 23.04
C LYS C 176 -18.87 -11.74 23.35
N ALA C 177 -18.98 -10.52 23.88
CA ALA C 177 -20.29 -10.00 24.27
C ALA C 177 -21.08 -9.47 23.09
N TYR C 178 -20.42 -8.75 22.17
CA TYR C 178 -21.14 -8.12 21.07
C TYR C 178 -20.82 -8.69 19.70
N ALA C 179 -19.88 -9.62 19.60
CA ALA C 179 -19.60 -10.35 18.38
C ALA C 179 -19.53 -11.84 18.70
N LEU C 180 -19.73 -12.66 17.67
CA LEU C 180 -19.63 -14.12 17.77
C LEU C 180 -20.30 -14.63 19.05
N ARG C 181 -21.60 -14.39 19.13
CA ARG C 181 -22.36 -14.67 20.35
C ARG C 181 -22.31 -16.17 20.69
N HIS C 182 -22.80 -16.50 21.88
CA HIS C 182 -22.68 -17.85 22.41
C HIS C 182 -23.24 -18.90 21.46
N PHE C 183 -24.27 -18.53 20.69
CA PHE C 183 -24.80 -19.43 19.68
C PHE C 183 -23.97 -19.44 18.41
N GLU C 184 -23.01 -18.53 18.26
CA GLU C 184 -22.13 -18.50 17.10
C GLU C 184 -20.73 -19.01 17.41
N ARG C 185 -20.54 -19.61 18.58
CA ARG C 185 -19.26 -20.18 18.98
C ARG C 185 -19.44 -21.65 19.31
N ARG C 186 -18.44 -22.46 18.91
CA ARG C 186 -18.54 -23.91 19.04
C ARG C 186 -18.67 -24.36 20.50
N ASP C 187 -18.04 -23.65 21.43
CA ASP C 187 -18.13 -23.98 22.84
C ASP C 187 -18.89 -22.94 23.65
N GLY C 188 -19.63 -22.06 22.98
CA GLY C 188 -20.33 -20.99 23.69
C GLY C 188 -21.54 -21.52 24.43
N ARG C 189 -21.79 -20.98 25.62
CA ARG C 189 -22.96 -21.30 26.42
C ARG C 189 -23.62 -20.01 26.90
N PRO C 190 -24.94 -20.03 27.13
CA PRO C 190 -25.62 -18.82 27.61
C PRO C 190 -25.07 -18.39 28.97
N GLY C 191 -24.96 -17.07 29.14
CA GLY C 191 -24.46 -16.52 30.39
C GLY C 191 -22.96 -16.51 30.52
N ASP C 192 -22.21 -16.80 29.46
CA ASP C 192 -20.76 -16.85 29.56
C ASP C 192 -20.17 -15.48 29.88
N VAL C 193 -20.75 -14.42 29.31
CA VAL C 193 -20.26 -13.06 29.48
C VAL C 193 -20.97 -12.43 30.68
N ASP C 194 -20.20 -12.04 31.69
CA ASP C 194 -20.77 -11.38 32.85
C ASP C 194 -21.15 -9.94 32.52
N ALA C 195 -22.34 -9.54 32.95
CA ALA C 195 -22.80 -8.17 32.70
C ALA C 195 -22.14 -7.15 33.61
N ALA C 196 -21.84 -7.54 34.86
CA ALA C 196 -21.25 -6.59 35.81
C ALA C 196 -19.86 -6.15 35.35
N GLU C 197 -19.03 -7.09 34.88
CA GLU C 197 -17.70 -6.71 34.42
C GLU C 197 -17.78 -5.83 33.18
N LEU C 198 -18.69 -6.14 32.25
CA LEU C 198 -18.83 -5.32 31.06
C LEU C 198 -19.28 -3.90 31.41
N GLN C 199 -20.23 -3.79 32.34
CA GLN C 199 -20.69 -2.47 32.76
C GLN C 199 -19.59 -1.70 33.48
N ALA C 200 -18.79 -2.41 34.28
CA ALA C 200 -17.67 -1.77 34.95
C ALA C 200 -16.65 -1.23 33.94
N VAL C 201 -16.36 -2.01 32.90
CA VAL C 201 -15.43 -1.56 31.87
C VAL C 201 -16.02 -0.35 31.13
N LYS C 202 -17.31 -0.39 30.83
CA LYS C 202 -17.95 0.75 30.17
C LYS C 202 -17.87 2.01 31.04
N ASP C 203 -18.10 1.86 32.34
CA ASP C 203 -17.97 3.00 33.25
C ASP C 203 -16.54 3.51 33.31
N ARG C 204 -15.57 2.59 33.31
CA ARG C 204 -14.17 3.00 33.34
C ARG C 204 -13.79 3.76 32.07
N LEU C 205 -14.36 3.38 30.93
CA LEU C 205 -14.06 4.07 29.68
C LEU C 205 -14.70 5.45 29.58
N ASP C 206 -15.77 5.70 30.34
CA ASP C 206 -16.47 6.98 30.30
C ASP C 206 -17.02 7.28 31.67
N PRO C 207 -16.25 7.98 32.51
CA PRO C 207 -16.67 8.21 33.90
C PRO C 207 -17.77 9.26 34.04
N LEU C 208 -17.73 10.30 33.21
CA LEU C 208 -18.66 11.42 33.37
C LEU C 208 -20.10 11.01 33.09
N GLU C 209 -20.33 10.16 32.09
CA GLU C 209 -21.68 9.67 31.83
C GLU C 209 -22.21 8.86 33.01
N ALA C 210 -21.36 8.03 33.60
CA ALA C 210 -21.75 7.27 34.78
C ALA C 210 -22.08 8.21 35.94
N ASP C 211 -21.28 9.27 36.11
CA ASP C 211 -21.55 10.24 37.18
C ASP C 211 -22.88 10.94 36.95
N ARG C 212 -23.17 11.32 35.70
CA ARG C 212 -24.44 11.97 35.39
C ARG C 212 -25.61 11.05 35.67
N ARG C 213 -25.50 9.78 35.27
CA ARG C 213 -26.59 8.83 35.53
C ARG C 213 -26.75 8.57 37.02
N ALA C 214 -25.64 8.54 37.76
CA ALA C 214 -25.72 8.38 39.21
C ALA C 214 -26.43 9.56 39.85
N TYR C 215 -26.11 10.79 39.40
CA TYR C 215 -26.80 11.96 39.91
C TYR C 215 -28.30 11.91 39.59
N ALA C 216 -28.63 11.47 38.37
CA ALA C 216 -30.04 11.36 38.00
C ALA C 216 -30.76 10.34 38.89
N ALA C 217 -30.13 9.20 39.14
CA ALA C 217 -30.72 8.19 40.02
C ALA C 217 -30.88 8.72 41.44
N ALA C 218 -29.88 9.44 41.94
CA ALA C 218 -29.97 9.99 43.29
C ALA C 218 -31.08 11.03 43.38
N LYS C 219 -31.22 11.87 42.36
CA LYS C 219 -32.31 12.85 42.35
C LYS C 219 -33.67 12.14 42.32
N ALA C 220 -33.77 11.08 41.53
CA ALA C 220 -35.02 10.30 41.51
C ALA C 220 -35.31 9.70 42.88
N ALA C 221 -34.28 9.20 43.56
CA ALA C 221 -34.44 8.61 44.88
C ALA C 221 -34.38 9.63 46.01
N GLY C 222 -34.06 10.89 45.71
CA GLY C 222 -33.99 11.92 46.72
C GLY C 222 -32.87 11.74 47.74
N ARG C 223 -31.68 11.37 47.28
CA ARG C 223 -30.52 11.18 48.14
C ARG C 223 -29.32 11.94 47.59
N LEU C 224 -29.54 13.22 47.27
CA LEU C 224 -28.47 14.05 46.71
C LEU C 224 -27.35 14.28 47.71
N ASP C 225 -27.67 14.28 49.01
CA ASP C 225 -26.63 14.42 50.02
C ASP C 225 -25.64 13.26 49.96
N GLU C 226 -26.14 12.04 49.80
CA GLU C 226 -25.25 10.89 49.64
C GLU C 226 -24.46 10.98 48.34
N TYR C 227 -25.06 11.54 47.29
CA TYR C 227 -24.33 11.72 46.03
C TYR C 227 -23.15 12.66 46.22
N TRP C 228 -23.41 13.85 46.79
CA TRP C 228 -22.35 14.83 46.96
C TRP C 228 -21.35 14.44 48.05
N ALA C 229 -21.73 13.54 48.95
CA ALA C 229 -20.83 13.08 50.00
C ALA C 229 -19.94 11.93 49.55
N ALA C 230 -20.13 11.42 48.33
CA ALA C 230 -19.27 10.36 47.83
C ALA C 230 -17.86 10.90 47.56
N PRO C 231 -16.85 10.04 47.67
CA PRO C 231 -15.47 10.50 47.42
C PRO C 231 -15.30 10.99 45.98
N GLY C 232 -14.51 12.04 45.83
CA GLY C 232 -14.23 12.58 44.52
C GLY C 232 -15.37 13.37 43.89
N ARG C 233 -16.37 13.76 44.68
CA ARG C 233 -17.50 14.51 44.15
C ARG C 233 -17.31 16.02 44.28
N GLU C 234 -16.89 16.49 45.45
CA GLU C 234 -16.57 17.90 45.61
C GLU C 234 -15.33 18.28 44.82
N ALA C 235 -14.35 17.37 44.75
CA ALA C 235 -13.09 17.67 44.06
C ALA C 235 -13.32 17.90 42.57
N THR C 236 -14.15 17.08 41.94
CA THR C 236 -14.39 17.28 40.51
C THR C 236 -15.21 18.54 40.26
N TYR C 237 -16.12 18.90 41.16
CA TYR C 237 -16.83 20.16 41.04
C TYR C 237 -15.85 21.33 41.12
N GLN C 238 -14.91 21.28 42.06
CA GLN C 238 -13.90 22.33 42.17
C GLN C 238 -13.04 22.39 40.92
N ARG C 239 -12.67 21.24 40.37
CA ARG C 239 -11.80 21.21 39.20
C ARG C 239 -12.51 21.75 37.96
N ILE C 240 -13.78 21.39 37.77
CA ILE C 240 -14.49 21.77 36.55
C ILE C 240 -15.02 23.18 36.64
N VAL C 241 -15.83 23.47 37.66
CA VAL C 241 -16.44 24.79 37.79
C VAL C 241 -15.39 25.85 38.07
N GLY C 242 -14.46 25.55 38.97
CA GLY C 242 -13.42 26.49 39.36
C GLY C 242 -13.66 27.18 40.69
N ALA C 243 -14.85 27.01 41.28
CA ALA C 243 -15.17 27.61 42.55
C ALA C 243 -15.80 26.56 43.45
N PRO C 244 -15.60 26.64 44.77
CA PRO C 244 -16.20 25.66 45.68
C PRO C 244 -17.71 25.71 45.64
N ARG C 245 -18.33 24.54 45.78
CA ARG C 245 -19.78 24.45 45.78
C ARG C 245 -20.35 25.02 47.08
N ILE C 246 -21.49 25.70 46.97
CA ILE C 246 -22.15 26.27 48.13
C ILE C 246 -22.88 25.19 48.92
N GLU D 151 21.88 -15.76 38.10
CA GLU D 151 21.64 -16.10 36.70
C GLU D 151 20.34 -16.90 36.54
N GLU D 152 19.60 -17.01 37.64
CA GLU D 152 18.34 -17.76 37.66
C GLU D 152 17.24 -16.88 38.24
N LYS D 153 16.03 -17.43 38.25
CA LYS D 153 14.89 -16.69 38.80
C LYS D 153 15.03 -16.35 40.28
N PRO D 154 15.38 -17.28 41.18
CA PRO D 154 15.42 -16.93 42.61
C PRO D 154 16.46 -15.88 42.95
N GLY D 155 17.47 -15.68 42.12
CA GLY D 155 18.53 -14.73 42.41
C GLY D 155 18.08 -13.30 42.59
N GLU D 156 17.28 -12.79 41.66
CA GLU D 156 16.82 -11.41 41.68
C GLU D 156 15.29 -11.41 41.79
N ARG D 157 14.79 -11.43 43.03
CA ARG D 157 13.36 -11.41 43.26
C ARG D 157 12.77 -10.02 43.05
N SER D 158 13.48 -8.98 43.47
CA SER D 158 12.98 -7.61 43.40
C SER D 158 13.81 -6.79 42.43
N GLY D 159 13.18 -5.76 41.89
CA GLY D 159 13.83 -4.86 40.94
C GLY D 159 12.80 -4.03 40.21
N THR D 160 13.17 -3.60 39.01
CA THR D 160 12.30 -2.79 38.17
C THR D 160 12.33 -3.30 36.73
N ASN D 161 11.15 -3.34 36.12
CA ASN D 161 11.00 -3.77 34.72
C ASN D 161 11.61 -5.15 34.50
N ARG D 162 11.34 -6.07 35.43
CA ARG D 162 11.91 -7.41 35.41
C ARG D 162 10.83 -8.42 35.04
N CYS D 163 11.15 -9.29 34.07
CA CYS D 163 10.23 -10.34 33.68
C CYS D 163 10.19 -11.42 34.74
N VAL D 164 8.98 -11.83 35.13
CA VAL D 164 8.79 -12.86 36.15
C VAL D 164 8.48 -14.21 35.53
N GLU D 165 7.53 -14.27 34.61
CA GLU D 165 7.12 -15.52 33.98
C GLU D 165 6.99 -15.33 32.48
N ILE D 166 7.29 -16.38 31.74
CA ILE D 166 7.17 -16.40 30.29
C ILE D 166 6.14 -17.47 29.94
N VAL D 167 5.02 -17.06 29.36
CA VAL D 167 3.93 -17.94 29.01
C VAL D 167 3.87 -18.08 27.50
N ILE D 168 3.87 -19.32 27.02
CA ILE D 168 3.81 -19.63 25.59
C ILE D 168 2.46 -20.29 25.32
N GLU D 169 1.67 -19.67 24.44
CA GLU D 169 0.36 -20.17 24.08
C GLU D 169 0.21 -20.21 22.57
N GLY D 170 -0.53 -21.20 22.08
CA GLY D 170 -0.72 -21.35 20.65
C GLY D 170 0.40 -22.06 19.93
N TRP D 171 1.40 -22.54 20.64
CA TRP D 171 2.52 -23.24 20.00
C TRP D 171 2.05 -24.60 19.50
N PRO D 172 2.24 -24.92 18.22
CA PRO D 172 1.79 -26.22 17.70
C PRO D 172 2.50 -27.37 18.41
N ASP D 173 1.74 -28.45 18.64
CA ASP D 173 2.23 -29.65 19.31
C ASP D 173 2.55 -30.78 18.35
N VAL D 174 3.04 -30.46 17.15
CA VAL D 174 3.37 -31.49 16.18
C VAL D 174 4.50 -32.37 16.69
N GLY D 175 5.52 -31.77 17.29
CA GLY D 175 6.65 -32.48 17.81
C GLY D 175 7.89 -32.44 16.94
N ASN D 176 7.75 -32.18 15.64
CA ASN D 176 8.91 -31.98 14.78
C ASN D 176 9.65 -30.72 15.20
N LEU D 177 8.92 -29.65 15.49
CA LEU D 177 9.51 -28.43 16.01
C LEU D 177 9.90 -28.61 17.48
N PRO D 178 10.82 -27.78 17.99
CA PRO D 178 11.21 -27.89 19.40
C PRO D 178 10.02 -27.65 20.32
N THR D 179 10.04 -28.35 21.46
CA THR D 179 8.96 -28.26 22.43
C THR D 179 8.92 -26.87 23.07
N ALA D 180 7.94 -26.67 23.94
CA ALA D 180 7.73 -25.36 24.56
C ALA D 180 8.94 -24.92 25.37
N ASP D 181 9.49 -25.83 26.18
CA ASP D 181 10.66 -25.48 26.98
C ASP D 181 11.90 -25.28 26.11
N GLU D 182 12.03 -26.08 25.05
CA GLU D 182 13.17 -25.90 24.13
C GLU D 182 13.11 -24.54 23.44
N LEU D 183 11.91 -24.09 23.05
CA LEU D 183 11.76 -22.77 22.46
C LEU D 183 11.97 -21.66 23.50
N LYS D 184 11.53 -21.89 24.74
CA LYS D 184 11.77 -20.91 25.79
C LYS D 184 13.25 -20.73 26.06
N ASP D 185 14.02 -21.83 26.02
CA ASP D 185 15.46 -21.75 26.31
C ASP D 185 16.24 -21.00 25.25
N LEU D 186 15.62 -20.70 24.10
CA LEU D 186 16.31 -20.02 23.01
C LEU D 186 15.78 -18.61 22.77
N LEU D 187 15.25 -17.96 23.80
CA LEU D 187 14.73 -16.61 23.68
C LEU D 187 15.69 -15.60 24.32
N THR D 188 15.57 -14.35 23.89
CA THR D 188 16.38 -13.28 24.47
C THR D 188 15.88 -12.90 25.86
N VAL D 189 14.56 -12.81 26.01
CA VAL D 189 13.99 -12.49 27.32
C VAL D 189 14.11 -13.69 28.23
N GLN D 190 14.64 -13.45 29.43
CA GLN D 190 14.85 -14.51 30.41
C GLN D 190 14.12 -14.16 31.69
N GLU D 191 13.63 -15.19 32.38
CA GLU D 191 12.91 -15.00 33.63
C GLU D 191 13.83 -14.42 34.69
N GLY D 192 13.35 -13.40 35.39
CA GLY D 192 14.15 -12.76 36.42
C GLY D 192 15.25 -11.85 35.92
N HIS D 193 15.13 -11.35 34.69
CA HIS D 193 16.12 -10.45 34.13
C HIS D 193 15.43 -9.26 33.47
N ILE D 194 16.13 -8.12 33.47
CA ILE D 194 15.58 -6.90 32.92
C ILE D 194 15.41 -7.04 31.40
N PHE D 195 14.41 -6.33 30.86
CA PHE D 195 14.11 -6.37 29.43
C PHE D 195 13.59 -5.01 29.00
N GLU D 196 13.61 -4.78 27.68
CA GLU D 196 13.10 -3.55 27.10
C GLU D 196 12.31 -3.89 25.84
N LYS D 197 11.80 -2.86 25.17
CA LYS D 197 10.99 -3.06 23.97
C LYS D 197 11.84 -3.60 22.82
N GLN D 198 13.12 -3.22 22.79
CA GLN D 198 14.02 -3.70 21.74
C GLN D 198 14.15 -5.22 21.79
N ASP D 199 14.23 -5.79 23.00
CA ASP D 199 14.31 -7.24 23.13
C ASP D 199 13.06 -7.89 22.57
N LEU D 200 11.88 -7.33 22.86
CA LEU D 200 10.64 -7.88 22.33
C LEU D 200 10.60 -7.82 20.81
N LEU D 201 11.01 -6.68 20.23
CA LEU D 201 11.01 -6.56 18.78
C LEU D 201 11.97 -7.55 18.15
N ASP D 202 13.18 -7.68 18.70
CA ASP D 202 14.15 -8.62 18.15
C ASP D 202 13.65 -10.06 18.26
N ASP D 203 13.06 -10.41 19.41
CA ASP D 203 12.53 -11.76 19.56
C ASP D 203 11.41 -12.03 18.56
N ARG D 204 10.51 -11.07 18.37
CA ARG D 204 9.42 -11.25 17.42
C ARG D 204 9.96 -11.45 16.00
N ARG D 205 10.91 -10.59 15.60
CA ARG D 205 11.46 -10.71 14.26
C ARG D 205 12.19 -12.04 14.07
N LYS D 206 12.99 -12.45 15.06
CA LYS D 206 13.73 -13.70 14.96
C LYS D 206 12.79 -14.89 14.91
N LEU D 207 11.75 -14.90 15.74
CA LEU D 207 10.80 -16.01 15.72
C LEU D 207 10.02 -16.06 14.41
N GLU D 208 9.66 -14.90 13.86
CA GLU D 208 8.99 -14.89 12.56
C GLU D 208 9.90 -15.42 11.47
N ILE D 209 11.18 -15.02 11.48
CA ILE D 209 12.09 -15.43 10.41
C ILE D 209 12.43 -16.91 10.50
N GLN D 210 12.72 -17.42 11.70
CA GLN D 210 13.22 -18.78 11.82
C GLN D 210 12.14 -19.84 11.62
N TYR D 211 10.88 -19.49 11.84
CA TYR D 211 9.76 -20.42 11.69
C TYR D 211 8.70 -19.83 10.77
N GLU D 212 9.14 -19.41 9.58
CA GLU D 212 8.26 -18.69 8.66
C GLU D 212 7.12 -19.57 8.17
N ASP D 213 7.43 -20.81 7.77
CA ASP D 213 6.45 -21.63 7.08
C ASP D 213 5.25 -21.96 7.96
N TYR D 214 5.51 -22.48 9.16
CA TYR D 214 4.42 -22.98 9.99
C TYR D 214 3.59 -21.84 10.57
N ILE D 215 4.24 -20.82 11.13
CA ILE D 215 3.58 -19.79 11.91
C ILE D 215 3.26 -18.61 11.00
N ALA D 216 2.02 -18.14 11.08
CA ALA D 216 1.61 -16.95 10.34
C ALA D 216 1.88 -15.66 11.09
N GLU D 217 1.69 -15.64 12.40
CA GLU D 217 1.92 -14.41 13.17
C GLU D 217 2.18 -14.74 14.63
N VAL D 218 3.22 -14.14 15.20
CA VAL D 218 3.53 -14.26 16.61
C VAL D 218 3.40 -12.89 17.26
N GLU D 219 2.64 -12.83 18.35
CA GLU D 219 2.38 -11.59 19.07
C GLU D 219 2.94 -11.71 20.49
N ILE D 220 3.65 -10.68 20.92
CA ILE D 220 4.26 -10.63 22.24
C ILE D 220 3.58 -9.51 23.02
N ARG D 221 3.04 -9.84 24.19
CA ARG D 221 2.38 -8.84 25.02
C ARG D 221 2.90 -8.92 26.45
N THR D 222 2.75 -7.82 27.18
CA THR D 222 3.22 -7.72 28.55
C THR D 222 2.06 -7.27 29.44
N GLU D 223 1.88 -7.95 30.56
CA GLU D 223 0.84 -7.61 31.54
C GLU D 223 1.44 -7.50 32.92
N TYR D 224 1.07 -6.44 33.65
CA TYR D 224 1.58 -6.23 34.99
C TYR D 224 1.05 -7.29 35.95
N VAL D 225 1.98 -7.99 36.62
CA VAL D 225 1.58 -8.86 37.71
C VAL D 225 1.06 -8.04 38.88
N ASP D 226 1.79 -6.99 39.25
CA ASP D 226 1.33 -6.02 40.23
C ASP D 226 1.71 -4.62 39.73
N GLY D 227 0.84 -3.66 40.01
CA GLY D 227 1.05 -2.30 39.55
C GLY D 227 2.25 -1.62 40.19
N LYS D 228 2.40 -1.77 41.51
CA LYS D 228 3.48 -1.10 42.21
C LYS D 228 4.81 -1.81 42.06
N SER D 229 4.79 -3.15 41.92
CA SER D 229 6.05 -3.89 41.89
C SER D 229 6.83 -3.64 40.61
N ASN D 230 6.14 -3.25 39.54
CA ASN D 230 6.67 -3.00 38.20
C ASN D 230 7.11 -4.30 37.54
N HIS D 231 7.00 -5.43 38.22
CA HIS D 231 7.30 -6.72 37.59
C HIS D 231 6.19 -7.07 36.61
N GLN D 232 6.57 -7.67 35.47
CA GLN D 232 5.65 -7.92 34.38
C GLN D 232 5.74 -9.39 33.96
N ARG D 233 4.70 -9.83 33.26
CA ARG D 233 4.64 -11.16 32.66
C ARG D 233 4.56 -11.01 31.15
N VAL D 234 5.39 -11.76 30.44
CA VAL D 234 5.49 -11.70 28.99
C VAL D 234 4.80 -12.93 28.41
N VAL D 235 3.86 -12.71 27.50
CA VAL D 235 3.05 -13.76 26.90
C VAL D 235 3.31 -13.77 25.40
N TYR D 236 3.62 -14.95 24.86
CA TYR D 236 3.79 -15.17 23.44
C TYR D 236 2.59 -15.94 22.91
N LYS D 237 1.96 -15.42 21.85
CA LYS D 237 0.82 -16.07 21.22
C LYS D 237 1.17 -16.35 19.77
N PHE D 238 0.99 -17.60 19.35
CA PHE D 238 1.35 -18.02 18.00
C PHE D 238 0.09 -18.40 17.23
N THR D 239 -0.04 -17.86 16.02
CA THR D 239 -1.15 -18.17 15.12
C THR D 239 -0.56 -18.73 13.83
N PRO D 240 -0.69 -20.04 13.59
CA PRO D 240 -0.13 -20.62 12.37
C PRO D 240 -1.15 -20.67 11.25
N HIS D 241 -0.64 -20.93 10.04
CA HIS D 241 -1.53 -21.12 8.90
C HIS D 241 -2.35 -22.39 9.09
N GLN D 242 -3.61 -22.35 8.65
CA GLN D 242 -4.54 -23.45 8.86
C GLN D 242 -5.32 -23.73 7.59
N PHE D 243 -5.86 -24.94 7.50
CA PHE D 243 -6.78 -25.36 6.45
C PHE D 243 -8.19 -25.37 7.01
N ARG D 244 -9.16 -24.99 6.17
CA ARG D 244 -10.55 -24.95 6.64
C ARG D 244 -11.04 -26.33 7.06
N GLY D 245 -10.56 -27.39 6.41
CA GLY D 245 -10.91 -28.73 6.84
C GLY D 245 -10.05 -29.84 6.27
N ILE D 246 -9.56 -30.71 7.14
CA ILE D 246 -8.82 -31.91 6.74
C ILE D 246 -9.37 -33.08 7.55
N ASN D 247 -9.74 -34.15 6.85
CA ASN D 247 -10.40 -35.30 7.48
C ASN D 247 -9.53 -36.53 7.50
N ALA D 248 -8.92 -36.91 6.38
CA ALA D 248 -8.11 -38.12 6.29
C ALA D 248 -6.84 -37.82 5.53
N ILE D 249 -5.83 -38.68 5.75
CA ILE D 249 -4.53 -38.58 5.09
C ILE D 249 -4.28 -39.86 4.33
N ASP D 250 -3.66 -39.73 3.16
CA ASP D 250 -3.39 -40.87 2.28
C ASP D 250 -2.07 -40.66 1.57
N ILE D 251 -1.42 -41.76 1.20
CA ILE D 251 -0.19 -41.72 0.42
C ILE D 251 -0.40 -42.53 -0.85
N LYS D 252 -0.14 -41.91 -2.00
CA LYS D 252 -0.26 -42.56 -3.29
C LYS D 252 1.11 -42.68 -3.94
N GLY D 253 1.25 -43.69 -4.78
CA GLY D 253 2.57 -43.99 -5.33
C GLY D 253 3.39 -44.74 -4.30
N ALA D 254 4.70 -44.49 -4.30
CA ALA D 254 5.64 -45.13 -3.38
C ALA D 254 5.51 -46.65 -3.45
N ALA D 255 5.77 -47.18 -4.65
CA ALA D 255 5.63 -48.61 -4.88
C ALA D 255 6.61 -49.41 -4.05
N LEU D 256 7.83 -48.90 -3.87
CA LEU D 256 8.85 -49.65 -3.13
C LEU D 256 8.51 -49.76 -1.65
N MET D 257 7.82 -48.77 -1.10
CA MET D 257 7.52 -48.78 0.33
C MET D 257 6.50 -49.86 0.65
N PRO D 258 6.76 -50.74 1.60
CA PRO D 258 5.78 -51.76 1.98
C PRO D 258 4.55 -51.14 2.65
N ALA D 259 3.47 -51.92 2.65
CA ALA D 259 2.22 -51.43 3.21
C ALA D 259 2.32 -51.20 4.71
N SER D 260 3.24 -51.88 5.39
CA SER D 260 3.40 -51.69 6.83
C SER D 260 3.82 -50.27 7.16
N GLU D 261 4.82 -49.75 6.46
CA GLU D 261 5.23 -48.36 6.67
C GLU D 261 4.13 -47.40 6.24
N VAL D 262 3.37 -47.75 5.21
CA VAL D 262 2.27 -46.90 4.76
C VAL D 262 1.24 -46.76 5.87
N GLU D 263 0.89 -47.87 6.52
CA GLU D 263 -0.05 -47.82 7.63
C GLU D 263 0.56 -47.07 8.82
N ARG D 264 1.85 -47.28 9.08
CA ARG D 264 2.48 -46.65 10.24
C ARG D 264 2.51 -45.13 10.10
N ILE D 265 2.91 -44.64 8.92
CA ILE D 265 2.98 -43.19 8.72
C ILE D 265 1.59 -42.58 8.75
N CYS D 266 0.58 -43.30 8.25
CA CYS D 266 -0.79 -42.80 8.31
C CYS D 266 -1.28 -42.72 9.75
N ASN D 267 -0.96 -43.72 10.56
CA ASN D 267 -1.37 -43.70 11.97
C ASN D 267 -0.60 -42.65 12.75
N GLU D 268 0.63 -42.32 12.31
CA GLU D 268 1.45 -41.36 13.04
C GLU D 268 0.88 -39.95 12.95
N CYS D 269 0.34 -39.56 11.79
CA CYS D 269 -0.03 -38.18 11.53
C CYS D 269 -1.55 -37.97 11.48
N LEU D 270 -2.29 -38.65 12.35
CA LEU D 270 -3.73 -38.48 12.35
C LEU D 270 -4.12 -37.16 13.01
N PRO D 271 -4.84 -36.28 12.32
CA PRO D 271 -5.26 -35.01 12.94
C PRO D 271 -6.28 -35.26 14.04
N LYS D 272 -6.17 -34.48 15.12
CA LYS D 272 -7.10 -34.63 16.24
C LYS D 272 -8.48 -34.05 15.91
N GLN D 273 -8.50 -32.87 15.28
CA GLN D 273 -9.75 -32.17 15.00
C GLN D 273 -9.91 -31.98 13.50
N PRO D 274 -11.10 -32.20 12.95
CA PRO D 274 -11.32 -32.05 11.51
C PRO D 274 -11.53 -30.62 11.04
N TYR D 275 -11.47 -29.63 11.92
CA TYR D 275 -11.68 -28.23 11.55
C TYR D 275 -10.47 -27.40 11.93
N MET D 276 -10.14 -26.43 11.08
CA MET D 276 -9.04 -25.48 11.32
C MET D 276 -7.71 -26.22 11.55
N VAL D 277 -7.42 -27.19 10.69
CA VAL D 277 -6.19 -27.96 10.80
C VAL D 277 -5.02 -27.15 10.27
N ASP D 278 -3.93 -27.11 11.05
CA ASP D 278 -2.74 -26.38 10.63
C ASP D 278 -2.04 -27.10 9.48
N ILE D 279 -1.09 -26.39 8.87
CA ILE D 279 -0.42 -26.88 7.66
C ILE D 279 0.82 -27.69 8.02
N ALA D 280 1.00 -27.99 9.30
CA ALA D 280 2.16 -28.75 9.74
C ALA D 280 2.03 -30.25 9.46
N VAL D 281 0.80 -30.75 9.27
CA VAL D 281 0.61 -32.19 9.09
C VAL D 281 1.21 -32.66 7.78
N MET D 282 1.01 -31.89 6.71
CA MET D 282 1.57 -32.28 5.41
C MET D 282 3.10 -32.27 5.45
N ASP D 283 3.68 -31.26 6.12
CA ASP D 283 5.13 -31.23 6.28
C ASP D 283 5.63 -32.41 7.11
N LYS D 284 4.89 -32.79 8.16
CA LYS D 284 5.28 -33.95 8.96
C LYS D 284 5.26 -35.23 8.12
N VAL D 285 4.20 -35.41 7.33
CA VAL D 285 4.11 -36.59 6.47
C VAL D 285 5.25 -36.62 5.47
N ARG D 286 5.52 -35.47 4.84
CA ARG D 286 6.62 -35.40 3.89
C ARG D 286 7.95 -35.70 4.56
N ASN D 287 8.18 -35.16 5.76
CA ASN D 287 9.41 -35.42 6.48
C ASN D 287 9.55 -36.90 6.80
N ARG D 288 8.48 -37.55 7.24
CA ARG D 288 8.55 -38.97 7.57
C ARG D 288 8.88 -39.80 6.33
N ILE D 289 8.23 -39.50 5.21
CA ILE D 289 8.48 -40.26 3.97
C ILE D 289 9.92 -40.05 3.51
N GLU D 290 10.37 -38.80 3.51
CA GLU D 290 11.75 -38.52 3.08
C GLU D 290 12.76 -39.19 4.00
N GLN D 291 12.50 -39.17 5.31
CA GLN D 291 13.40 -39.83 6.25
C GLN D 291 13.47 -41.33 6.00
N TRP D 292 12.31 -41.96 5.75
CA TRP D 292 12.30 -43.39 5.47
C TRP D 292 13.10 -43.71 4.20
N TYR D 293 12.85 -42.95 3.13
CA TYR D 293 13.54 -43.23 1.87
C TYR D 293 15.04 -42.96 1.98
N GLN D 294 15.43 -41.89 2.69
CA GLN D 294 16.84 -41.59 2.85
C GLN D 294 17.54 -42.62 3.73
N SER D 295 16.85 -43.12 4.75
CA SER D 295 17.41 -44.21 5.55
C SER D 295 17.59 -45.46 4.69
N ARG D 296 16.63 -45.74 3.80
CA ARG D 296 16.78 -46.87 2.89
C ARG D 296 17.95 -46.70 1.93
N GLY D 297 18.42 -45.46 1.74
CA GLY D 297 19.59 -45.19 0.92
C GLY D 297 19.29 -44.53 -0.40
N LEU D 298 18.03 -44.38 -0.78
CA LEU D 298 17.67 -43.76 -2.04
C LEU D 298 17.46 -42.27 -1.82
N PRO D 299 18.30 -41.40 -2.38
CA PRO D 299 18.16 -39.96 -2.12
C PRO D 299 17.16 -39.28 -3.05
N PHE D 300 16.96 -39.84 -4.23
CA PHE D 300 16.12 -39.21 -5.25
C PHE D 300 14.66 -39.63 -5.18
N CYS D 301 14.30 -40.50 -4.24
CA CYS D 301 12.90 -40.83 -4.03
C CYS D 301 12.30 -39.81 -3.08
N TYR D 302 11.50 -38.89 -3.63
CA TYR D 302 11.00 -37.75 -2.87
C TYR D 302 9.50 -37.63 -3.05
N VAL D 303 8.86 -36.95 -2.11
CA VAL D 303 7.43 -36.68 -2.18
C VAL D 303 7.20 -35.61 -3.25
N GLY D 304 6.40 -35.96 -4.26
CA GLY D 304 6.10 -35.03 -5.33
C GLY D 304 5.35 -33.81 -4.86
N PHE D 305 4.10 -33.99 -4.48
CA PHE D 305 3.25 -32.91 -4.00
C PHE D 305 2.03 -33.51 -3.31
N PHE D 306 1.07 -32.65 -2.97
CA PHE D 306 -0.13 -33.05 -2.24
C PHE D 306 -1.37 -32.67 -3.04
N ASP D 307 -2.36 -33.56 -3.00
CA ASP D 307 -3.63 -33.38 -3.69
C ASP D 307 -4.76 -33.80 -2.75
N GLY D 308 -5.98 -33.82 -3.28
CA GLY D 308 -7.15 -34.19 -2.52
C GLY D 308 -7.66 -33.13 -1.57
N MET D 309 -7.18 -31.89 -1.69
CA MET D 309 -7.64 -30.82 -0.82
C MET D 309 -9.09 -30.44 -1.09
N ASP D 310 -9.58 -30.67 -2.31
CA ASP D 310 -10.97 -30.36 -2.62
C ASP D 310 -11.92 -31.22 -1.80
N ASP D 311 -11.61 -32.50 -1.65
CA ASP D 311 -12.42 -33.43 -0.88
C ASP D 311 -11.96 -33.54 0.57
N GLY D 312 -11.00 -32.73 0.99
CA GLY D 312 -10.47 -32.82 2.34
C GLY D 312 -9.72 -34.09 2.63
N ILE D 313 -9.00 -34.62 1.64
CA ILE D 313 -8.19 -35.82 1.78
C ILE D 313 -6.76 -35.44 1.44
N LEU D 314 -5.92 -35.27 2.47
CA LEU D 314 -4.54 -34.89 2.26
C LEU D 314 -3.77 -36.07 1.69
N ARG D 315 -3.61 -36.13 0.37
CA ARG D 315 -2.92 -37.24 -0.27
C ARG D 315 -1.56 -36.80 -0.78
N ALA D 316 -0.52 -37.52 -0.37
CA ALA D 316 0.85 -37.23 -0.79
C ALA D 316 1.22 -38.17 -1.92
N ASN D 317 1.47 -37.62 -3.11
CA ASN D 317 1.79 -38.42 -4.28
C ASN D 317 3.30 -38.51 -4.41
N VAL D 318 3.86 -39.65 -4.03
CA VAL D 318 5.30 -39.87 -4.08
C VAL D 318 5.70 -40.22 -5.50
N THR D 319 6.71 -39.54 -6.01
CA THR D 319 7.24 -39.78 -7.35
C THR D 319 8.64 -40.36 -7.24
N GLU D 320 8.85 -41.53 -7.83
CA GLU D 320 10.15 -42.18 -7.82
C GLU D 320 10.93 -41.83 -9.09
N ALA D 321 12.23 -42.16 -9.08
CA ALA D 321 13.12 -41.82 -10.16
C ALA D 321 13.98 -43.02 -10.53
N LYS D 322 14.44 -43.05 -11.77
CA LYS D 322 15.29 -44.12 -12.29
C LYS D 322 16.37 -43.53 -13.18
N ILE D 323 17.48 -44.25 -13.28
CA ILE D 323 18.60 -43.82 -14.12
C ILE D 323 18.21 -43.97 -15.57
N ASP D 324 18.41 -42.90 -16.35
CA ASP D 324 18.01 -42.88 -17.75
C ASP D 324 19.19 -42.77 -18.71
N ASN D 325 20.05 -41.76 -18.53
CA ASN D 325 21.14 -41.50 -19.46
C ASN D 325 22.46 -41.44 -18.72
N VAL D 326 23.50 -42.02 -19.31
CA VAL D 326 24.85 -42.00 -18.77
C VAL D 326 25.77 -41.45 -19.85
N SER D 327 26.59 -40.48 -19.49
CA SER D 327 27.50 -39.83 -20.42
C SER D 327 28.90 -39.76 -19.82
N VAL D 328 29.89 -39.51 -20.68
CA VAL D 328 31.29 -39.45 -20.28
C VAL D 328 31.93 -38.23 -20.92
N ARG D 329 32.81 -37.58 -20.17
CA ARG D 329 33.59 -36.45 -20.66
C ARG D 329 35.05 -36.64 -20.30
N PHE D 330 35.94 -36.25 -21.21
CA PHE D 330 37.38 -36.36 -21.02
C PHE D 330 37.96 -34.96 -20.88
N VAL D 331 38.68 -34.71 -19.80
CA VAL D 331 39.25 -33.40 -19.52
C VAL D 331 40.73 -33.55 -19.19
N ARG D 332 41.49 -32.48 -19.44
CA ARG D 332 42.91 -32.43 -19.15
C ARG D 332 43.20 -31.08 -18.49
N PRO D 333 43.75 -31.06 -17.28
CA PRO D 333 44.11 -29.78 -16.66
C PRO D 333 45.54 -29.37 -17.00
N LYS D 334 45.71 -28.06 -17.25
CA LYS D 334 47.01 -27.51 -17.58
C LYS D 334 47.75 -27.09 -16.31
N LEU D 335 48.99 -26.64 -16.48
CA LEU D 335 49.84 -26.21 -15.37
C LEU D 335 50.29 -24.78 -15.63
N THR D 336 50.01 -23.90 -14.66
CA THR D 336 50.41 -22.50 -14.75
C THR D 336 50.32 -21.88 -13.37
N GLY D 337 50.89 -20.69 -13.23
CA GLY D 337 50.89 -19.94 -11.99
C GLY D 337 49.74 -18.97 -11.82
N ASP D 338 48.73 -19.04 -12.69
CA ASP D 338 47.60 -18.12 -12.61
C ASP D 338 46.67 -18.40 -11.44
N SER D 339 46.86 -19.52 -10.73
CA SER D 339 46.05 -19.93 -9.59
C SER D 339 44.60 -20.23 -9.96
N GLU D 340 44.29 -20.33 -11.26
CA GLU D 340 42.95 -20.68 -11.74
C GLU D 340 43.15 -21.71 -12.85
N LEU D 341 42.89 -22.98 -12.53
CA LEU D 341 43.15 -24.05 -13.47
C LEU D 341 42.23 -23.95 -14.69
N GLU D 342 42.79 -24.24 -15.86
CA GLU D 342 42.05 -24.28 -17.11
C GLU D 342 42.06 -25.70 -17.64
N TYR D 343 40.96 -26.10 -18.29
CA TYR D 343 40.77 -27.46 -18.76
C TYR D 343 40.65 -27.48 -20.28
N SER D 344 41.15 -28.57 -20.87
CA SER D 344 40.98 -28.86 -22.28
C SER D 344 40.13 -30.11 -22.41
N VAL D 345 39.08 -30.03 -23.22
CA VAL D 345 38.10 -31.10 -23.37
C VAL D 345 38.46 -31.94 -24.59
N TYR D 346 38.52 -33.26 -24.39
CA TYR D 346 38.81 -34.18 -25.49
C TYR D 346 37.81 -35.33 -25.51
N VAL D 352 41.34 -44.98 -21.65
CA VAL D 352 40.48 -46.16 -21.65
C VAL D 352 39.27 -45.95 -22.56
N LYS D 353 38.72 -47.05 -23.07
CA LYS D 353 37.56 -46.98 -23.95
C LYS D 353 36.34 -46.50 -23.19
N ALA D 354 35.56 -45.63 -23.83
CA ALA D 354 34.33 -45.12 -23.21
C ALA D 354 33.36 -46.24 -22.92
N ASP D 355 33.20 -47.17 -23.87
CA ASP D 355 32.33 -48.32 -23.64
C ASP D 355 32.85 -49.18 -22.49
N LYS D 356 34.17 -49.32 -22.40
CA LYS D 356 34.75 -50.04 -21.27
C LYS D 356 34.44 -49.34 -19.94
N ILE D 357 34.51 -48.01 -19.93
CA ILE D 357 34.19 -47.24 -18.73
C ILE D 357 32.73 -47.47 -18.35
N ILE D 358 31.83 -47.42 -19.33
CA ILE D 358 30.41 -47.64 -19.05
C ILE D 358 30.19 -49.04 -18.49
N GLU D 359 30.83 -50.05 -19.09
CA GLU D 359 30.67 -51.42 -18.63
C GLU D 359 31.21 -51.59 -17.21
N ALA D 360 32.38 -51.01 -16.92
CA ALA D 360 32.94 -51.11 -15.58
C ALA D 360 32.06 -50.43 -14.54
N SER D 361 31.53 -49.25 -14.88
CA SER D 361 30.60 -48.57 -13.98
C SER D 361 29.33 -49.39 -13.79
N GLY D 362 28.83 -50.00 -14.87
CA GLY D 362 27.64 -50.81 -14.78
C GLY D 362 26.36 -50.04 -14.47
N PHE D 363 26.24 -48.82 -14.98
CA PHE D 363 25.02 -48.03 -14.79
C PHE D 363 24.04 -48.35 -15.92
N GLN D 364 23.08 -49.20 -15.62
CA GLN D 364 22.07 -49.60 -16.60
C GLN D 364 20.84 -48.70 -16.47
N ARG D 365 20.17 -48.49 -17.60
CA ARG D 365 19.00 -47.63 -17.64
C ARG D 365 17.82 -48.30 -16.93
N GLY D 366 16.90 -47.47 -16.45
CA GLY D 366 15.71 -47.97 -15.77
C GLY D 366 16.00 -48.68 -14.46
N HIS D 367 16.90 -48.12 -13.64
CA HIS D 367 17.22 -48.67 -12.34
C HIS D 367 17.29 -47.56 -11.30
N HIS D 368 16.96 -47.90 -10.06
CA HIS D 368 17.09 -46.95 -8.96
C HIS D 368 18.56 -46.61 -8.72
N TYR D 369 18.78 -45.43 -8.18
CA TYR D 369 20.13 -44.94 -7.88
C TYR D 369 20.37 -45.04 -6.37
N HIS D 370 21.52 -45.61 -6.00
CA HIS D 370 21.88 -45.78 -4.61
C HIS D 370 23.29 -45.26 -4.38
N VAL D 371 23.54 -44.80 -3.15
CA VAL D 371 24.86 -44.27 -2.81
C VAL D 371 25.92 -45.36 -2.90
N GLU D 372 25.60 -46.56 -2.43
CA GLU D 372 26.53 -47.67 -2.52
C GLU D 372 26.82 -48.02 -3.98
N ASP D 373 25.81 -47.91 -4.84
CA ASP D 373 26.04 -48.11 -6.27
C ASP D 373 27.03 -47.10 -6.81
N GLY D 374 26.90 -45.83 -6.41
CA GLY D 374 27.85 -44.82 -6.84
C GLY D 374 29.26 -45.10 -6.34
N TYR D 375 29.38 -45.51 -5.07
CA TYR D 375 30.68 -45.85 -4.51
C TYR D 375 31.32 -47.01 -5.26
N ASP D 376 30.53 -48.05 -5.54
CA ASP D 376 31.05 -49.21 -6.26
C ASP D 376 31.46 -48.85 -7.68
N ALA D 377 30.65 -48.03 -8.36
CA ALA D 377 31.00 -47.59 -9.71
C ALA D 377 32.29 -46.77 -9.70
N MET D 378 32.44 -45.87 -8.72
CA MET D 378 33.66 -45.09 -8.61
C MET D 378 34.86 -45.98 -8.38
N ASN D 379 34.72 -46.97 -7.50
CA ASN D 379 35.83 -47.90 -7.24
C ASN D 379 36.19 -48.68 -8.49
N SER D 380 35.19 -49.18 -9.23
CA SER D 380 35.46 -49.95 -10.43
C SER D 380 36.12 -49.10 -11.51
N ILE D 381 35.70 -47.83 -11.64
CA ILE D 381 36.32 -46.96 -12.64
C ILE D 381 37.74 -46.60 -12.23
N PHE D 382 37.98 -46.31 -10.95
CA PHE D 382 39.30 -45.93 -10.50
C PHE D 382 40.23 -47.12 -10.29
N ALA D 383 39.74 -48.34 -10.48
CA ALA D 383 40.62 -49.50 -10.44
C ALA D 383 41.73 -49.39 -11.47
N CYS D 384 41.50 -48.66 -12.57
CA CYS D 384 42.54 -48.41 -13.56
C CYS D 384 43.56 -47.43 -13.00
N GLY D 385 44.84 -47.81 -13.06
CA GLY D 385 45.88 -46.96 -12.50
C GLY D 385 46.23 -45.78 -13.38
N LEU D 386 45.93 -45.85 -14.68
CA LEU D 386 46.25 -44.77 -15.60
C LEU D 386 45.50 -43.49 -15.25
N LEU D 387 44.22 -43.63 -14.90
CA LEU D 387 43.40 -42.46 -14.62
C LEU D 387 43.87 -41.74 -13.36
N GLU D 388 43.81 -40.40 -13.39
CA GLU D 388 44.20 -39.56 -12.28
C GLU D 388 43.03 -39.19 -11.38
N ASP D 389 41.99 -38.57 -11.95
CA ASP D 389 40.85 -38.10 -11.18
C ASP D 389 39.55 -38.51 -11.85
N ILE D 390 38.55 -38.82 -11.03
CA ILE D 390 37.23 -39.23 -11.49
C ILE D 390 36.18 -38.44 -10.71
N ASN D 391 35.01 -38.27 -11.35
CA ASN D 391 33.91 -37.56 -10.73
C ASN D 391 32.61 -38.08 -11.31
N ILE D 392 31.64 -38.39 -10.44
CA ILE D 392 30.34 -38.93 -10.83
C ILE D 392 29.26 -38.03 -10.26
N GLU D 393 28.31 -37.62 -11.10
CA GLU D 393 27.20 -36.81 -10.58
C GLU D 393 25.88 -37.26 -11.17
N PRO D 394 24.94 -37.73 -10.34
CA PRO D 394 23.58 -38.11 -10.80
C PRO D 394 22.57 -36.96 -10.76
N GLU D 395 22.62 -36.10 -11.77
CA GLU D 395 21.76 -34.92 -11.77
C GLU D 395 20.38 -35.24 -12.31
N GLN D 396 19.36 -34.60 -11.74
CA GLN D 396 18.00 -34.80 -12.20
C GLN D 396 17.80 -34.21 -13.58
N ASP D 397 17.06 -34.93 -14.42
CA ASP D 397 16.76 -34.48 -15.77
C ASP D 397 15.51 -33.60 -15.75
N PRO D 398 15.57 -32.38 -16.32
CA PRO D 398 14.43 -31.46 -16.33
C PRO D 398 13.27 -31.97 -17.16
N VAL D 401 10.93 -36.02 -14.81
CA VAL D 401 11.28 -35.92 -13.40
C VAL D 401 11.90 -37.21 -12.89
N ASN D 402 11.37 -38.34 -13.38
CA ASN D 402 11.89 -39.64 -12.96
C ASN D 402 13.23 -39.97 -13.60
N LYS D 403 13.62 -39.25 -14.65
CA LYS D 403 14.89 -39.53 -15.31
C LYS D 403 16.05 -38.92 -14.53
N ILE D 404 17.08 -39.73 -14.29
CA ILE D 404 18.31 -39.28 -13.65
C ILE D 404 19.43 -39.45 -14.66
N ASN D 405 20.10 -38.35 -15.00
CA ASN D 405 21.23 -38.40 -15.92
C ASN D 405 22.52 -38.42 -15.12
N VAL D 406 23.34 -39.44 -15.33
CA VAL D 406 24.61 -39.62 -14.63
C VAL D 406 25.71 -39.09 -15.53
N LYS D 407 26.46 -38.10 -15.04
CA LYS D 407 27.58 -37.51 -15.76
C LYS D 407 28.87 -37.98 -15.13
N ILE D 408 29.79 -38.46 -15.97
CA ILE D 408 31.08 -38.98 -15.54
C ILE D 408 32.17 -38.13 -16.16
N ARG D 409 33.09 -37.64 -15.32
CA ARG D 409 34.20 -36.82 -15.74
C ARG D 409 35.50 -37.50 -15.30
N CYS D 410 36.43 -37.65 -16.23
CA CYS D 410 37.69 -38.33 -15.96
C CYS D 410 38.85 -37.52 -16.49
N GLU D 411 39.94 -37.51 -15.74
CA GLU D 411 41.17 -36.82 -16.13
C GLU D 411 42.36 -37.73 -15.88
N GLU D 412 43.28 -37.77 -16.84
CA GLU D 412 44.47 -38.60 -16.76
C GLU D 412 45.61 -37.84 -16.08
N VAL D 413 46.76 -38.52 -15.93
CA VAL D 413 47.91 -37.98 -15.21
C VAL D 413 49.08 -37.82 -16.18
N GLN D 414 49.78 -36.70 -16.06
CA GLN D 414 51.00 -36.47 -16.84
C GLN D 414 52.21 -36.98 -16.07
N PRO D 415 52.94 -37.98 -16.58
CA PRO D 415 54.01 -38.60 -15.78
C PRO D 415 55.33 -37.85 -15.82
N LYS D 416 55.57 -37.05 -16.86
CA LYS D 416 56.86 -36.40 -17.02
C LYS D 416 57.11 -35.38 -15.92
N SER D 417 58.34 -35.36 -15.42
CA SER D 417 58.74 -34.38 -14.41
C SER D 417 60.24 -34.13 -14.52
N MET D 418 60.63 -32.87 -14.38
CA MET D 418 62.03 -32.49 -14.49
C MET D 418 62.36 -31.40 -13.49
N GLU D 419 63.49 -31.56 -12.80
CA GLU D 419 63.97 -30.58 -11.84
C GLU D 419 65.41 -30.21 -12.20
N LEU D 420 65.67 -28.92 -12.35
CA LEU D 420 66.97 -28.40 -12.74
C LEU D 420 67.48 -27.41 -11.71
N ASP D 421 68.80 -27.37 -11.54
CA ASP D 421 69.46 -26.43 -10.64
C ASP D 421 70.72 -25.91 -11.31
N LEU D 422 71.12 -24.70 -10.92
CA LEU D 422 72.33 -24.07 -11.45
C LEU D 422 72.89 -23.14 -10.38
N ASP D 423 74.20 -23.21 -10.15
CA ASP D 423 74.88 -22.36 -9.18
C ASP D 423 76.04 -21.65 -9.85
N TRP D 424 76.22 -20.37 -9.53
CA TRP D 424 77.29 -19.55 -10.08
C TRP D 424 78.06 -18.87 -8.96
N SER D 425 79.36 -18.71 -9.18
CA SER D 425 80.23 -17.97 -8.27
C SER D 425 81.15 -17.08 -9.09
N PHE D 426 81.26 -15.80 -8.71
CA PHE D 426 82.03 -14.83 -9.45
C PHE D 426 83.01 -14.12 -8.51
N GLN D 427 84.27 -14.04 -8.92
CA GLN D 427 85.28 -13.28 -8.19
C GLN D 427 85.27 -11.86 -8.74
N LEU D 428 84.55 -10.97 -8.06
CA LEU D 428 84.35 -9.62 -8.58
C LEU D 428 85.66 -8.83 -8.56
N LYS D 429 86.45 -8.97 -7.51
CA LYS D 429 87.68 -8.19 -7.31
C LYS D 429 87.27 -6.72 -7.33
N ASN D 430 87.74 -5.91 -8.28
CA ASN D 430 87.33 -4.53 -8.41
C ASN D 430 86.68 -4.31 -9.77
N GLY D 431 85.55 -3.62 -9.78
CA GLY D 431 84.85 -3.36 -11.03
C GLY D 431 84.08 -4.56 -11.52
N ILE D 432 83.85 -4.59 -12.84
CA ILE D 432 83.09 -5.66 -13.49
C ILE D 432 83.86 -6.96 -13.38
N PRO D 433 83.19 -8.11 -13.26
CA PRO D 433 83.88 -9.38 -13.15
C PRO D 433 84.35 -9.88 -14.52
N SER D 434 85.08 -10.99 -14.49
CA SER D 434 85.60 -11.63 -15.70
C SER D 434 84.79 -12.89 -15.99
N ILE D 435 84.29 -13.00 -17.22
CA ILE D 435 83.49 -14.13 -17.65
C ILE D 435 84.21 -15.01 -18.64
N ASN D 436 85.43 -14.65 -19.06
CA ASN D 436 86.18 -15.46 -20.00
C ASN D 436 86.51 -16.83 -19.40
N ARG D 437 86.89 -16.86 -18.13
CA ARG D 437 87.25 -18.10 -17.46
C ARG D 437 86.03 -18.98 -17.15
N GLN D 438 84.82 -18.45 -17.30
CA GLN D 438 83.62 -19.21 -16.98
C GLN D 438 83.30 -20.23 -18.07
N SER D 439 84.13 -21.26 -18.20
CA SER D 439 83.86 -22.32 -19.18
C SER D 439 82.60 -23.08 -18.84
N LEU D 440 82.39 -23.40 -17.57
CA LEU D 440 81.21 -24.12 -17.14
C LEU D 440 80.86 -23.70 -15.71
N ILE D 441 79.66 -24.07 -15.29
CA ILE D 441 79.18 -23.76 -13.94
C ILE D 441 78.59 -25.02 -13.32
N PRO D 442 78.57 -25.09 -11.99
CA PRO D 442 77.97 -26.26 -11.34
C PRO D 442 76.49 -26.37 -11.69
N GLY D 443 76.03 -27.60 -11.87
CA GLY D 443 74.65 -27.83 -12.26
C GLY D 443 73.81 -28.46 -11.16
N GLY D 444 74.36 -28.52 -9.95
CA GLY D 444 73.63 -29.11 -8.84
C GLY D 444 73.18 -30.51 -9.15
N SER D 445 71.90 -30.79 -8.90
CA SER D 445 71.30 -32.08 -9.18
C SER D 445 70.25 -31.92 -10.27
N VAL D 446 70.30 -32.78 -11.28
CA VAL D 446 69.37 -32.78 -12.39
C VAL D 446 68.50 -34.01 -12.24
N GLU D 447 67.23 -33.81 -11.87
CA GLU D 447 66.31 -34.91 -11.58
C GLU D 447 65.35 -35.10 -12.74
N VAL D 448 65.22 -36.35 -13.19
CA VAL D 448 64.30 -36.71 -14.27
C VAL D 448 63.40 -37.84 -13.78
N SER D 449 62.09 -37.64 -13.82
CA SER D 449 61.13 -38.61 -13.35
C SER D 449 60.08 -38.88 -14.41
N HIS D 450 59.72 -40.15 -14.57
CA HIS D 450 58.68 -40.56 -15.51
C HIS D 450 57.84 -41.64 -14.85
N GLU D 451 56.61 -41.30 -14.49
CA GLU D 451 55.73 -42.27 -13.83
C GLU D 451 55.38 -43.44 -14.75
N ASN D 452 55.14 -43.15 -16.03
CA ASN D 452 54.78 -44.18 -16.99
C ASN D 452 56.01 -44.93 -17.49
N ASN D 456 51.87 -50.19 -18.25
CA ASN D 456 51.08 -49.79 -17.09
C ASN D 456 51.75 -48.64 -16.36
N SER D 457 52.16 -48.88 -15.12
CA SER D 457 52.86 -47.90 -14.31
C SER D 457 54.24 -48.43 -13.98
N GLU D 458 55.27 -47.60 -14.18
CA GLU D 458 56.65 -47.97 -13.92
C GLU D 458 57.40 -46.72 -13.47
N SER D 459 57.55 -46.55 -12.16
CA SER D 459 58.27 -45.39 -11.63
C SER D 459 59.72 -45.43 -12.06
N ALA D 460 60.24 -44.26 -12.46
CA ALA D 460 61.62 -44.14 -12.93
C ALA D 460 62.11 -42.75 -12.55
N THR D 461 62.97 -42.69 -11.53
CA THR D 461 63.52 -41.44 -11.03
C THR D 461 65.04 -41.52 -11.07
N LEU D 462 65.66 -40.68 -11.90
CA LEU D 462 67.11 -40.57 -11.98
C LEU D 462 67.55 -39.22 -11.42
N SER D 463 68.56 -39.25 -10.55
CA SER D 463 69.12 -38.03 -9.98
C SER D 463 70.63 -38.08 -10.09
N LEU D 464 71.19 -37.17 -10.90
CA LEU D 464 72.64 -37.05 -11.07
C LEU D 464 73.06 -35.68 -10.56
N SER D 465 74.02 -35.66 -9.65
CA SER D 465 74.48 -34.45 -9.00
C SER D 465 75.97 -34.24 -9.30
N ALA D 466 76.30 -33.04 -9.77
CA ALA D 466 77.68 -32.65 -10.04
C ALA D 466 78.05 -31.54 -9.07
N SER D 467 79.17 -31.73 -8.34
CA SER D 467 79.57 -30.76 -7.34
C SER D 467 80.04 -29.45 -7.98
N ASP D 468 80.62 -29.52 -9.17
CA ASP D 468 81.14 -28.32 -9.83
C ASP D 468 81.16 -28.55 -11.34
N TRP D 469 81.27 -27.45 -12.07
CA TRP D 469 81.33 -27.49 -13.52
C TRP D 469 82.77 -27.61 -14.00
N ARG D 470 82.92 -27.95 -15.28
CA ARG D 470 84.19 -28.13 -15.98
C ARG D 470 85.01 -29.29 -15.45
N ASN D 471 84.49 -30.06 -14.48
CA ASN D 471 85.18 -31.23 -13.95
C ASN D 471 84.18 -32.14 -13.25
N PRO D 472 83.30 -32.81 -13.99
CA PRO D 472 82.29 -33.66 -13.33
C PRO D 472 82.85 -34.99 -12.83
N SER D 473 84.09 -35.33 -13.17
CA SER D 473 84.65 -36.61 -12.75
C SER D 473 84.92 -36.69 -11.26
N ALA D 474 84.90 -35.55 -10.56
CA ALA D 474 85.19 -35.50 -9.13
C ALA D 474 83.94 -35.11 -8.35
N ASP D 475 83.72 -35.80 -7.22
CA ASP D 475 82.63 -35.50 -6.30
C ASP D 475 81.27 -35.57 -7.01
N LEU D 476 81.09 -36.62 -7.82
CA LEU D 476 79.83 -36.85 -8.50
C LEU D 476 78.95 -37.80 -7.70
N GLY D 477 77.63 -37.66 -7.88
CA GLY D 477 76.69 -38.52 -7.20
C GLY D 477 75.57 -39.01 -8.10
N PHE D 478 75.19 -40.27 -7.97
CA PHE D 478 74.12 -40.85 -8.78
C PHE D 478 73.15 -41.63 -7.90
N SER D 479 71.86 -41.47 -8.18
CA SER D 479 70.84 -42.24 -7.48
C SER D 479 69.74 -42.61 -8.46
N VAL D 480 69.30 -43.87 -8.40
CA VAL D 480 68.32 -44.40 -9.34
C VAL D 480 67.23 -45.12 -8.56
N ALA D 481 65.97 -44.81 -8.87
CA ALA D 481 64.82 -45.47 -8.24
C ALA D 481 63.89 -45.99 -9.32
N TYR D 482 63.50 -47.26 -9.20
CA TYR D 482 62.53 -47.89 -10.08
C TYR D 482 61.57 -48.71 -9.24
N SER D 483 60.27 -48.59 -9.52
CA SER D 483 59.25 -49.37 -8.83
C SER D 483 58.16 -49.77 -9.81
N GLU D 484 57.72 -51.03 -9.72
CA GLU D 484 56.63 -51.50 -10.57
C GLU D 484 55.45 -51.91 -9.69
N PRO D 485 54.42 -51.06 -9.56
CA PRO D 485 53.34 -51.38 -8.61
C PRO D 485 52.46 -52.55 -9.05
N PHE D 486 52.20 -52.69 -10.34
CA PHE D 486 51.28 -53.70 -10.86
C PHE D 486 51.99 -54.85 -11.56
N TYR D 487 53.27 -55.08 -11.24
CA TYR D 487 53.98 -56.21 -11.84
C TYR D 487 53.36 -57.54 -11.45
N LYS D 488 53.00 -57.69 -10.17
CA LYS D 488 52.47 -58.92 -9.63
C LYS D 488 51.17 -58.65 -8.88
N PRO D 489 50.30 -59.66 -8.73
CA PRO D 489 49.02 -59.42 -8.04
C PRO D 489 49.18 -58.92 -6.61
N HIS D 490 49.92 -59.64 -5.77
CA HIS D 490 50.12 -59.25 -4.38
C HIS D 490 51.58 -58.92 -4.08
N THR D 491 52.40 -58.70 -5.08
CA THR D 491 53.83 -58.43 -4.90
C THR D 491 54.22 -57.21 -5.71
N THR D 492 55.19 -56.46 -5.19
CA THR D 492 55.74 -55.30 -5.88
C THR D 492 57.25 -55.43 -5.96
N ARG D 493 57.81 -55.06 -7.11
CA ARG D 493 59.23 -55.19 -7.37
C ARG D 493 59.86 -53.82 -7.52
N ASN D 494 60.93 -53.57 -6.79
CA ASN D 494 61.62 -52.29 -6.81
C ASN D 494 63.12 -52.52 -6.95
N ALA D 495 63.80 -51.49 -7.46
CA ALA D 495 65.25 -51.51 -7.66
C ALA D 495 65.78 -50.12 -7.34
N GLN D 496 66.71 -50.05 -6.39
CA GLN D 496 67.25 -48.79 -5.92
C GLN D 496 68.77 -48.84 -5.94
N LEU D 497 69.38 -47.85 -6.60
CA LEU D 497 70.82 -47.64 -6.59
C LEU D 497 71.10 -46.37 -5.79
N PHE D 498 71.85 -46.51 -4.71
CA PHE D 498 72.03 -45.42 -3.75
C PHE D 498 73.17 -45.79 -2.79
N ASN D 499 73.50 -44.85 -1.91
CA ASN D 499 74.54 -45.03 -0.91
C ASN D 499 74.01 -44.71 0.48
N THR D 500 74.65 -45.29 1.49
CA THR D 500 74.26 -45.04 2.88
C THR D 500 75.44 -45.28 3.80
N ARG D 501 75.57 -44.43 4.82
CA ARG D 501 76.67 -44.50 5.78
C ARG D 501 76.10 -44.61 7.19
N LYS D 502 76.68 -45.49 8.00
CA LYS D 502 76.22 -45.71 9.36
C LYS D 502 77.38 -46.19 10.22
N THR D 503 77.37 -45.78 11.49
CA THR D 503 78.45 -46.17 12.38
C THR D 503 78.30 -47.62 12.82
N SER D 504 79.43 -48.22 13.21
CA SER D 504 79.47 -49.61 13.65
C SER D 504 79.83 -49.66 15.13
N THR D 505 79.02 -50.38 15.90
CA THR D 505 79.22 -50.52 17.34
C THR D 505 79.74 -51.89 17.75
N ILE D 506 79.32 -52.95 17.04
CA ILE D 506 79.77 -54.29 17.37
C ILE D 506 81.27 -54.42 17.14
N PHE D 507 81.77 -53.87 16.04
CA PHE D 507 83.19 -53.98 15.72
C PHE D 507 84.05 -53.26 16.74
N THR D 508 83.62 -52.09 17.20
CA THR D 508 84.38 -51.24 18.13
C THR D 508 83.52 -50.88 19.34
N PRO D 509 83.34 -51.82 20.26
CA PRO D 509 82.59 -51.52 21.49
C PRO D 509 83.47 -50.79 22.51
N GLY D 510 82.82 -50.00 23.35
CA GLY D 510 83.51 -49.23 24.36
C GLY D 510 83.93 -50.04 25.57
N GLY D 511 82.97 -50.64 26.26
CA GLY D 511 83.25 -51.47 27.41
C GLY D 511 83.53 -52.91 27.06
N SER D 513 86.65 -48.94 27.66
CA SER D 513 87.86 -48.49 26.97
C SER D 513 87.59 -47.20 26.19
N GLU D 514 88.54 -46.81 25.36
CA GLU D 514 88.45 -45.61 24.53
C GLU D 514 88.57 -45.95 23.06
N VAL D 515 87.87 -46.99 22.63
CA VAL D 515 88.00 -47.46 21.24
C VAL D 515 87.29 -46.48 20.31
N PRO D 516 87.97 -45.93 19.31
CA PRO D 516 87.32 -45.03 18.35
C PRO D 516 86.38 -45.80 17.44
N PRO D 517 85.16 -45.31 17.25
CA PRO D 517 84.22 -46.00 16.35
C PRO D 517 84.65 -45.90 14.90
N VAL D 518 84.05 -46.77 14.09
CA VAL D 518 84.31 -46.82 12.65
C VAL D 518 82.97 -46.72 11.92
N PHE D 519 82.98 -46.07 10.76
CA PHE D 519 81.78 -45.80 9.97
C PHE D 519 81.81 -46.68 8.73
N VAL D 520 80.80 -47.55 8.60
CA VAL D 520 80.67 -48.37 7.40
C VAL D 520 79.84 -47.64 6.36
N ASP D 521 80.29 -47.67 5.11
CA ASP D 521 79.61 -47.03 3.99
C ASP D 521 79.32 -48.09 2.94
N ARG D 522 78.04 -48.24 2.59
CA ARG D 522 77.59 -49.21 1.60
C ARG D 522 76.95 -48.44 0.45
N PHE D 523 77.53 -48.55 -0.74
CA PHE D 523 77.02 -47.88 -1.94
C PHE D 523 76.82 -48.90 -3.04
N GLY D 524 75.59 -49.02 -3.52
CA GLY D 524 75.32 -50.01 -4.54
C GLY D 524 73.85 -50.08 -4.90
N LEU D 525 73.48 -51.19 -5.53
CA LEU D 525 72.13 -51.42 -6.02
C LEU D 525 71.51 -52.59 -5.30
N LYS D 526 70.20 -52.50 -5.07
CA LYS D 526 69.42 -53.56 -4.46
C LYS D 526 68.11 -53.70 -5.23
N GLY D 527 67.81 -54.92 -5.68
CA GLY D 527 66.54 -55.21 -6.31
C GLY D 527 65.76 -56.22 -5.50
N TRP D 528 64.56 -55.86 -5.07
CA TRP D 528 63.80 -56.72 -4.17
C TRP D 528 62.33 -56.74 -4.56
N THR D 529 61.71 -57.88 -4.29
CA THR D 529 60.28 -58.07 -4.46
C THR D 529 59.67 -58.32 -3.08
N SER D 530 58.63 -57.56 -2.75
CA SER D 530 57.97 -57.64 -1.47
C SER D 530 56.49 -57.92 -1.67
N GLN D 531 55.97 -58.91 -0.93
CA GLN D 531 54.59 -59.34 -1.02
C GLN D 531 53.95 -59.33 0.36
N ILE D 532 52.73 -58.82 0.43
CA ILE D 532 51.96 -58.78 1.67
C ILE D 532 50.84 -59.81 1.51
N THR D 533 51.05 -61.01 2.03
CA THR D 533 50.05 -62.06 1.98
C THR D 533 49.18 -62.00 3.23
N GLY D 534 47.90 -62.32 3.05
CA GLY D 534 46.97 -62.19 4.16
C GLY D 534 46.84 -60.74 4.57
N GLN D 535 47.07 -60.47 5.86
CA GLN D 535 47.05 -59.10 6.35
C GLN D 535 48.34 -58.76 7.09
N ASP D 536 48.90 -59.73 7.81
CA ASP D 536 50.06 -59.50 8.66
C ASP D 536 51.28 -60.30 8.23
N ASN D 537 51.25 -60.95 7.07
CA ASN D 537 52.34 -61.80 6.62
C ASN D 537 53.08 -61.08 5.49
N LYS D 538 54.40 -60.98 5.62
CA LYS D 538 55.23 -60.26 4.65
C LYS D 538 56.38 -61.16 4.19
N VAL D 539 56.59 -61.23 2.88
CA VAL D 539 57.67 -62.01 2.29
C VAL D 539 58.48 -61.09 1.38
N GLU D 540 59.77 -60.98 1.65
CA GLU D 540 60.65 -60.11 0.89
C GLU D 540 61.85 -60.88 0.40
N HIS D 541 62.14 -60.78 -0.90
CA HIS D 541 63.32 -61.40 -1.50
C HIS D 541 64.15 -60.32 -2.17
N ALA D 542 65.44 -60.25 -1.82
CA ALA D 542 66.28 -59.15 -2.28
C ALA D 542 67.61 -59.70 -2.79
N LEU D 543 68.07 -59.14 -3.91
CA LEU D 543 69.42 -59.35 -4.41
C LEU D 543 70.14 -58.02 -4.42
N MET D 544 71.28 -57.93 -3.72
CA MET D 544 71.97 -56.66 -3.59
C MET D 544 73.45 -56.81 -3.93
N LEU D 545 73.95 -55.87 -4.73
CA LEU D 545 75.37 -55.78 -5.06
C LEU D 545 75.85 -54.39 -4.64
N GLN D 546 76.79 -54.35 -3.69
CA GLN D 546 77.20 -53.08 -3.11
C GLN D 546 78.70 -53.10 -2.81
N LEU D 547 79.31 -51.93 -2.93
CA LEU D 547 80.66 -51.68 -2.46
C LEU D 547 80.58 -51.28 -0.99
N VAL D 548 81.23 -52.06 -0.14
CA VAL D 548 81.30 -51.80 1.30
C VAL D 548 82.69 -51.31 1.64
N SER D 549 82.77 -50.18 2.34
CA SER D 549 84.02 -49.58 2.76
C SER D 549 83.92 -49.17 4.22
N THR D 550 85.08 -48.99 4.85
CA THR D 550 85.16 -48.57 6.24
C THR D 550 86.01 -47.31 6.35
N LEU D 551 85.48 -46.30 7.03
CA LEU D 551 86.21 -45.07 7.27
C LEU D 551 85.94 -44.57 8.69
N ASP D 552 87.00 -44.20 9.39
CA ASP D 552 86.91 -43.71 10.76
C ASP D 552 87.20 -42.21 10.77
N GLU D 553 86.34 -41.45 11.46
CA GLU D 553 86.44 -40.00 11.51
C GLU D 553 86.40 -39.42 10.11
N ASN D 554 87.54 -38.94 9.62
CA ASN D 554 87.62 -38.44 8.26
C ASN D 554 87.44 -39.58 7.26
N GLY D 555 87.15 -39.21 6.02
CA GLY D 555 86.91 -40.19 4.98
C GLY D 555 88.16 -40.87 4.47
N GLN D 556 88.80 -41.65 5.34
CA GLN D 556 90.00 -42.39 5.00
C GLN D 556 89.78 -43.88 5.27
N VAL D 557 90.16 -44.71 4.31
CA VAL D 557 89.99 -46.15 4.46
C VAL D 557 90.90 -46.68 5.56
N VAL D 558 90.34 -47.53 6.43
CA VAL D 558 91.07 -48.14 7.53
C VAL D 558 91.28 -49.62 7.22
N ALA D 559 92.52 -50.08 7.35
CA ALA D 559 92.83 -51.47 7.04
C ALA D 559 92.16 -52.43 8.00
N LYS D 560 92.27 -52.16 9.31
CA LYS D 560 91.68 -53.02 10.31
C LYS D 560 91.41 -52.21 11.57
N GLY D 561 90.59 -52.76 12.44
CA GLY D 561 90.28 -52.09 13.70
C GLY D 561 91.50 -52.04 14.61
N THR D 562 91.63 -50.91 15.31
CA THR D 562 92.73 -50.70 16.26
C THR D 562 92.18 -49.99 17.49
N LYS D 563 92.54 -50.49 18.67
CA LYS D 563 92.08 -49.90 19.92
C LYS D 563 92.71 -48.54 20.16
N GLY D 573 95.07 -56.43 16.24
CA GLY D 573 93.86 -55.77 15.80
C GLY D 573 93.00 -56.66 14.91
N PRO D 574 91.72 -56.81 15.28
CA PRO D 574 90.81 -57.61 14.47
C PRO D 574 90.64 -57.03 13.08
N PRO D 575 90.51 -57.86 12.05
CA PRO D 575 90.33 -57.35 10.69
C PRO D 575 89.00 -56.61 10.56
N THR D 576 89.01 -55.56 9.74
CA THR D 576 87.80 -54.78 9.52
C THR D 576 86.90 -55.42 8.46
N THR D 577 87.48 -55.82 7.34
CA THR D 577 86.72 -56.46 6.26
C THR D 577 87.41 -57.79 5.93
N ASN D 578 86.90 -58.48 4.92
CA ASN D 578 87.47 -59.74 4.48
C ASN D 578 88.63 -59.56 3.51
N SER D 579 88.57 -58.53 2.65
CA SER D 579 89.67 -58.27 1.72
C SER D 579 90.91 -57.77 2.45
N GLY D 580 90.73 -57.01 3.54
CA GLY D 580 91.83 -56.44 4.28
C GLY D 580 92.28 -55.07 3.81
N ASN D 581 91.75 -54.59 2.68
CA ASN D 581 92.08 -53.26 2.17
C ASN D 581 91.08 -52.20 2.62
N GLY D 582 90.04 -52.58 3.35
CA GLY D 582 89.05 -51.63 3.82
C GLY D 582 87.96 -51.29 2.82
N ARG D 583 87.97 -51.89 1.63
CA ARG D 583 86.94 -51.62 0.63
C ARG D 583 86.83 -52.84 -0.27
N ASP D 584 85.61 -53.35 -0.44
CA ASP D 584 85.38 -54.53 -1.27
C ASP D 584 83.99 -54.44 -1.88
N LEU D 585 83.70 -55.38 -2.78
CA LEU D 585 82.41 -55.47 -3.45
C LEU D 585 81.76 -56.81 -3.11
N SER D 586 80.50 -56.76 -2.70
CA SER D 586 79.79 -57.97 -2.29
C SER D 586 78.42 -58.03 -2.95
N LEU D 587 78.08 -59.19 -3.50
CA LEU D 587 76.76 -59.49 -4.04
C LEU D 587 76.15 -60.62 -3.22
N SER D 588 74.92 -60.42 -2.76
CA SER D 588 74.32 -61.36 -1.83
C SER D 588 72.80 -61.39 -2.01
N TYR D 589 72.19 -62.39 -1.38
CA TYR D 589 70.75 -62.60 -1.41
C TYR D 589 70.22 -62.58 0.02
N GLN D 590 69.05 -61.97 0.20
CA GLN D 590 68.45 -61.84 1.52
C GLN D 590 66.97 -62.16 1.45
N GLY D 591 66.52 -63.04 2.33
CA GLY D 591 65.11 -63.40 2.44
C GLY D 591 64.58 -63.04 3.81
N PHE D 592 63.41 -62.39 3.81
CA PHE D 592 62.75 -61.96 5.05
C PHE D 592 61.33 -62.50 5.07
N PHE D 593 60.98 -63.23 6.13
CA PHE D 593 59.65 -63.77 6.30
C PHE D 593 59.11 -63.33 7.66
N ALA D 594 57.96 -62.65 7.66
CA ALA D 594 57.35 -62.20 8.89
C ALA D 594 55.90 -62.69 8.93
N LEU D 595 55.53 -63.33 10.03
CA LEU D 595 54.16 -63.75 10.26
C LEU D 595 53.73 -63.24 11.63
N ASP D 596 52.53 -62.68 11.72
CA ASP D 596 52.07 -62.05 12.95
C ASP D 596 50.62 -62.41 13.21
N ASN D 597 50.36 -63.06 14.34
CA ASN D 597 49.00 -63.25 14.85
C ASN D 597 48.72 -62.32 16.02
N VAL D 598 49.64 -61.43 16.37
CA VAL D 598 49.45 -60.55 17.51
C VAL D 598 48.37 -59.52 17.20
N ARG D 599 47.49 -59.30 18.18
CA ARG D 599 46.41 -58.34 18.07
C ARG D 599 46.35 -57.52 19.35
N PHE D 600 46.10 -56.21 19.19
CA PHE D 600 45.96 -55.29 20.31
C PHE D 600 44.49 -55.17 20.67
N ILE D 601 44.10 -55.71 21.83
CA ILE D 601 42.76 -55.54 22.37
C ILE D 601 42.86 -54.71 23.64
N ASN D 602 42.04 -53.66 23.72
CA ASN D 602 42.01 -52.74 24.87
C ASN D 602 43.39 -52.18 25.19
N GLY D 603 44.24 -52.02 24.18
CA GLY D 603 45.56 -51.48 24.38
C GLY D 603 46.63 -52.47 24.80
N ASN D 604 46.30 -53.75 24.89
CA ASN D 604 47.27 -54.78 25.24
C ASN D 604 47.33 -55.83 24.14
N GLN D 605 48.54 -56.26 23.83
CA GLN D 605 48.79 -57.13 22.69
C GLN D 605 48.89 -58.58 23.13
N LEU D 606 48.20 -59.47 22.41
CA LEU D 606 48.30 -60.91 22.64
C LEU D 606 48.41 -61.65 21.33
N GLY D 607 49.09 -62.79 21.35
CA GLY D 607 49.24 -63.60 20.16
C GLY D 607 50.64 -64.15 19.95
N GLU D 608 51.01 -64.40 18.70
CA GLU D 608 52.32 -64.94 18.37
C GLU D 608 52.88 -64.20 17.17
N ARG D 609 54.21 -64.15 17.08
CA ARG D 609 54.88 -63.47 15.97
C ARG D 609 56.19 -64.18 15.69
N MET D 610 56.37 -64.58 14.42
CA MET D 610 57.57 -65.24 13.96
C MET D 610 58.27 -64.39 12.91
N LEU D 611 59.59 -64.29 13.02
CA LEU D 611 60.39 -63.49 12.08
C LEU D 611 61.63 -64.29 11.71
N PHE D 612 61.84 -64.51 10.41
CA PHE D 612 62.97 -65.27 9.91
C PHE D 612 63.74 -64.43 8.91
N GLN D 613 65.05 -64.33 9.10
CA GLN D 613 65.92 -63.59 8.20
C GLN D 613 67.06 -64.50 7.77
N VAL D 614 67.26 -64.61 6.46
CA VAL D 614 68.34 -65.40 5.90
C VAL D 614 69.17 -64.51 4.99
N ASP D 615 70.49 -64.54 5.17
CA ASP D 615 71.42 -63.77 4.35
C ASP D 615 72.47 -64.73 3.81
N GLN D 616 72.45 -64.96 2.50
CA GLN D 616 73.38 -65.86 1.84
C GLN D 616 74.28 -65.06 0.90
N GLY D 617 75.59 -65.12 1.14
CA GLY D 617 76.53 -64.47 0.24
C GLY D 617 76.96 -65.39 -0.87
N LEU D 618 76.36 -65.24 -2.05
CA LEU D 618 76.75 -66.00 -3.24
C LEU D 618 77.95 -65.30 -3.90
N ASN D 619 79.05 -65.26 -3.16
CA ASN D 619 80.24 -64.51 -3.54
C ASN D 619 81.39 -65.48 -3.73
N PRO D 620 81.71 -65.84 -4.99
CA PRO D 620 82.81 -66.76 -5.31
C PRO D 620 83.82 -66.14 -6.27
N LEU D 632 84.53 -58.93 -5.08
CA LEU D 632 84.31 -60.37 -4.97
C LEU D 632 85.03 -60.94 -3.76
N SER D 633 85.26 -60.08 -2.76
CA SER D 633 85.97 -60.47 -1.54
C SER D 633 85.04 -60.89 -0.42
N GLY D 634 83.72 -60.91 -0.64
CA GLY D 634 82.80 -61.27 0.42
C GLY D 634 82.96 -62.71 0.86
N GLY D 635 83.07 -63.63 -0.10
CA GLY D 635 83.22 -65.04 0.21
C GLY D 635 81.89 -65.69 0.56
N ILE D 636 81.98 -66.98 0.88
CA ILE D 636 80.80 -67.74 1.26
C ILE D 636 80.42 -67.43 2.70
N TYR D 637 79.17 -67.03 2.92
CA TYR D 637 78.68 -66.72 4.25
C TYR D 637 77.19 -67.02 4.31
N ASN D 638 76.74 -67.50 5.46
CA ASN D 638 75.34 -67.87 5.67
C ASN D 638 74.93 -67.41 7.06
N ARG D 639 74.05 -66.42 7.14
CA ARG D 639 73.56 -65.89 8.41
C ARG D 639 72.07 -66.19 8.51
N ALA D 640 71.67 -66.85 9.60
CA ALA D 640 70.28 -67.21 9.82
C ALA D 640 69.84 -66.71 11.18
N THR D 641 68.75 -65.93 11.21
CA THR D 641 68.21 -65.38 12.45
C THR D 641 66.73 -65.74 12.54
N ALA D 642 66.33 -66.31 13.68
CA ALA D 642 64.95 -66.68 13.92
C ALA D 642 64.50 -66.07 15.25
N SER D 643 63.39 -65.34 15.22
CA SER D 643 62.84 -64.69 16.41
C SER D 643 61.39 -65.13 16.58
N TYR D 644 61.06 -65.62 17.77
CA TYR D 644 59.70 -66.04 18.10
C TYR D 644 59.27 -65.30 19.36
N THR D 645 58.16 -64.58 19.28
CA THR D 645 57.63 -63.82 20.40
C THR D 645 56.19 -64.26 20.66
N LYS D 646 55.89 -64.59 21.90
CA LYS D 646 54.56 -65.04 22.29
C LYS D 646 54.04 -64.17 23.43
N PHE D 647 52.93 -63.48 23.20
CA PHE D 647 52.22 -62.73 24.24
C PHE D 647 51.03 -63.56 24.68
N LEU D 648 51.14 -64.17 25.87
CA LEU D 648 50.14 -65.11 26.35
C LEU D 648 49.44 -64.54 27.58
N GLU D 649 48.15 -64.86 27.71
CA GLU D 649 47.43 -64.50 28.92
C GLU D 649 48.07 -65.13 30.14
N ALA D 650 48.15 -64.37 31.23
CA ALA D 650 48.82 -64.86 32.43
C ALA D 650 48.02 -66.03 33.02
N PRO D 651 48.63 -67.21 33.15
CA PRO D 651 47.90 -68.35 33.74
C PRO D 651 47.42 -68.11 35.16
N PHE D 652 48.22 -67.40 35.97
CA PHE D 652 47.83 -67.15 37.35
C PHE D 652 46.70 -66.11 37.42
N LEU D 653 46.75 -65.09 36.58
CA LEU D 653 45.75 -64.04 36.63
C LEU D 653 44.40 -64.58 36.15
N PRO D 654 43.32 -64.32 36.88
CA PRO D 654 42.00 -64.75 36.41
C PRO D 654 41.57 -63.99 35.17
N LYS D 655 40.64 -64.59 34.43
CA LYS D 655 40.13 -63.98 33.21
C LYS D 655 39.52 -62.61 33.52
N LEU D 656 39.85 -61.62 32.70
CA LEU D 656 39.37 -60.27 32.90
C LEU D 656 37.95 -60.11 32.38
N THR D 657 37.33 -58.98 32.75
CA THR D 657 35.96 -58.72 32.29
C THR D 657 35.91 -58.35 30.82
N THR D 658 37.01 -57.86 30.24
CA THR D 658 37.01 -57.45 28.84
C THR D 658 36.74 -58.60 27.89
N GLU D 659 37.01 -59.84 28.31
CA GLU D 659 36.76 -60.99 27.44
C GLU D 659 35.32 -61.50 27.60
N GLN D 660 34.86 -61.63 28.84
CA GLN D 660 33.52 -62.17 29.08
C GLN D 660 32.45 -61.13 28.79
N LEU D 661 32.48 -60.01 29.52
CA LEU D 661 31.45 -58.99 29.37
C LEU D 661 31.56 -58.26 28.03
N TRP D 662 32.73 -58.28 27.40
CA TRP D 662 32.95 -57.73 26.06
C TRP D 662 32.94 -56.20 26.08
N LYS D 663 32.57 -55.61 27.22
CA LYS D 663 32.49 -54.16 27.36
C LYS D 663 32.33 -53.77 28.82
N ARG D 665 36.43 -53.54 27.81
CA ARG D 665 36.83 -52.31 28.48
C ARG D 665 38.01 -52.55 29.41
N LYS D 666 38.57 -53.76 29.35
CA LYS D 666 39.67 -54.15 30.23
C LYS D 666 40.76 -54.80 29.40
N ALA D 667 42.01 -54.39 29.63
CA ALA D 667 43.15 -55.00 28.97
C ALA D 667 43.63 -56.21 29.77
N PRO D 668 43.74 -57.38 29.15
CA PRO D 668 44.20 -58.56 29.88
C PRO D 668 45.67 -58.45 30.26
N ASN D 669 46.01 -59.04 31.40
CA ASN D 669 47.41 -59.15 31.80
C ASN D 669 48.16 -60.07 30.84
N THR D 670 49.42 -59.75 30.57
CA THR D 670 50.18 -60.46 29.55
C THR D 670 51.53 -60.90 30.07
N VAL D 671 51.99 -62.05 29.57
CA VAL D 671 53.33 -62.55 29.79
C VAL D 671 53.95 -62.73 28.41
N VAL D 672 55.09 -62.10 28.18
CA VAL D 672 55.76 -62.12 26.88
C VAL D 672 57.00 -62.99 26.98
N LEU D 673 57.07 -64.00 26.12
CA LEU D 673 58.23 -64.88 26.03
C LEU D 673 58.86 -64.69 24.65
N HIS D 674 60.12 -64.29 24.62
CA HIS D 674 60.82 -63.99 23.37
C HIS D 674 62.08 -64.83 23.28
N ALA D 675 62.27 -65.49 22.15
CA ALA D 675 63.45 -66.31 21.90
C ALA D 675 64.05 -65.89 20.56
N LYS D 676 65.34 -65.55 20.56
CA LYS D 676 66.05 -65.15 19.36
C LYS D 676 67.29 -66.03 19.21
N ALA D 677 67.43 -66.64 18.04
CA ALA D 677 68.55 -67.54 17.75
C ALA D 677 69.21 -67.09 16.45
N GLY D 678 70.52 -66.85 16.52
CA GLY D 678 71.27 -66.44 15.35
C GLY D 678 72.52 -67.26 15.14
N ASN D 679 72.66 -67.84 13.95
CA ASN D 679 73.78 -68.70 13.62
C ASN D 679 74.42 -68.25 12.31
N ALA D 680 75.75 -68.21 12.29
CA ALA D 680 76.51 -67.84 11.12
C ALA D 680 77.48 -68.95 10.76
N LEU D 681 77.59 -69.25 9.47
CA LEU D 681 78.49 -70.26 8.95
C LEU D 681 79.27 -69.68 7.77
N GLY D 682 80.44 -70.26 7.53
CA GLY D 682 81.32 -69.76 6.51
C GLY D 682 82.15 -68.57 6.99
N ASP D 683 82.78 -67.92 6.03
CA ASP D 683 83.62 -66.75 6.30
C ASP D 683 82.80 -65.48 6.08
N VAL D 684 82.60 -64.72 7.16
CA VAL D 684 81.84 -63.48 7.12
C VAL D 684 82.73 -62.35 7.63
N ALA D 685 82.67 -61.22 6.94
CA ALA D 685 83.48 -60.06 7.31
C ALA D 685 82.98 -59.45 8.62
N ALA D 686 83.85 -58.66 9.26
CA ALA D 686 83.51 -58.03 10.52
C ALA D 686 82.40 -57.00 10.39
N TYR D 687 82.16 -56.50 9.18
CA TYR D 687 81.08 -55.52 9.00
C TYR D 687 79.72 -56.13 9.27
N ASP D 688 79.51 -57.38 8.84
CA ASP D 688 78.23 -58.05 8.98
C ASP D 688 78.23 -59.09 10.10
N TYR D 689 79.26 -59.08 10.96
CA TYR D 689 79.38 -60.09 12.01
C TYR D 689 78.23 -60.00 13.01
N PHE D 690 77.72 -61.16 13.40
CA PHE D 690 76.73 -61.22 14.47
C PHE D 690 77.36 -60.81 15.80
N SER D 691 76.53 -60.22 16.67
CA SER D 691 77.00 -59.75 17.96
C SER D 691 75.91 -60.02 19.00
N LEU D 692 76.12 -59.49 20.20
CA LEU D 692 75.16 -59.63 21.29
C LEU D 692 75.24 -58.37 22.16
N GLY D 693 74.08 -57.77 22.43
CA GLY D 693 73.99 -56.55 23.19
C GLY D 693 73.17 -55.52 22.45
N GLY D 694 73.19 -54.30 22.97
CA GLY D 694 72.38 -53.23 22.42
C GLY D 694 71.08 -53.07 23.19
N PRO D 695 70.51 -51.86 23.15
CA PRO D 695 69.27 -51.62 23.91
C PRO D 695 68.13 -52.57 23.53
N TYR D 696 67.97 -52.88 22.25
CA TYR D 696 66.87 -53.73 21.84
C TYR D 696 67.09 -55.19 22.25
N SER D 697 68.30 -55.71 22.02
CA SER D 697 68.55 -57.12 22.28
C SER D 697 68.56 -57.43 23.77
N VAL D 698 69.30 -56.65 24.56
CA VAL D 698 69.42 -56.88 25.99
C VAL D 698 69.51 -55.52 26.69
N ARG D 699 68.54 -55.22 27.54
CA ARG D 699 68.51 -53.96 28.25
C ARG D 699 69.68 -53.86 29.22
N GLY D 700 70.12 -52.63 29.47
CA GLY D 700 71.20 -52.38 30.42
C GLY D 700 72.59 -52.45 29.84
N TYR D 701 72.74 -52.75 28.56
CA TYR D 701 74.05 -52.88 27.93
C TYR D 701 74.16 -51.92 26.75
N SER D 702 75.33 -51.31 26.61
CA SER D 702 75.65 -50.60 25.38
C SER D 702 75.87 -51.62 24.27
N HIS D 703 75.71 -51.16 23.03
CA HIS D 703 75.82 -52.04 21.88
C HIS D 703 77.22 -52.66 21.81
N GLY D 704 77.26 -53.99 21.74
CA GLY D 704 78.52 -54.71 21.68
C GLY D 704 79.18 -55.00 23.01
N GLU D 705 78.56 -54.62 24.12
CA GLU D 705 79.17 -54.85 25.43
C GLU D 705 79.25 -56.33 25.76
N ILE D 706 78.19 -57.08 25.48
CA ILE D 706 78.07 -58.47 25.90
C ILE D 706 79.10 -59.32 25.18
N GLY D 707 79.00 -59.40 23.86
CA GLY D 707 79.91 -60.22 23.06
C GLY D 707 79.65 -59.95 21.58
N ALA D 708 80.55 -60.44 20.75
CA ALA D 708 80.42 -60.39 19.29
C ALA D 708 80.79 -61.77 18.76
N ALA D 709 79.78 -62.63 18.64
CA ALA D 709 79.99 -64.03 18.26
C ALA D 709 79.06 -64.39 17.10
N ARG D 710 79.50 -65.37 16.30
CA ARG D 710 78.71 -65.78 15.14
C ARG D 710 77.39 -66.40 15.55
N ARG D 711 77.38 -67.18 16.62
CA ARG D 711 76.17 -67.82 17.13
C ARG D 711 75.80 -67.23 18.48
N PHE D 712 74.50 -67.04 18.70
CA PHE D 712 74.03 -66.42 19.94
C PHE D 712 72.61 -66.89 20.22
N LEU D 713 72.20 -66.72 21.47
CA LEU D 713 70.85 -67.10 21.91
C LEU D 713 70.40 -66.11 22.96
N GLU D 714 69.29 -65.42 22.69
CA GLU D 714 68.72 -64.44 23.61
C GLU D 714 67.35 -64.91 24.06
N LEU D 715 67.14 -64.96 25.38
CA LEU D 715 65.87 -65.37 25.95
C LEU D 715 65.36 -64.28 26.87
N ALA D 716 64.14 -63.81 26.63
CA ALA D 716 63.56 -62.72 27.41
C ALA D 716 62.19 -63.13 27.92
N THR D 717 61.95 -62.88 29.21
CA THR D 717 60.65 -63.13 29.83
C THR D 717 60.19 -61.83 30.50
N GLU D 718 58.99 -61.38 30.13
CA GLU D 718 58.46 -60.11 30.62
C GLU D 718 57.05 -60.31 31.12
N VAL D 719 56.69 -59.55 32.15
CA VAL D 719 55.33 -59.52 32.68
C VAL D 719 54.82 -58.10 32.51
N ARG D 720 53.69 -57.94 31.81
CA ARG D 720 53.10 -56.65 31.50
C ARG D 720 51.69 -56.60 32.04
N VAL D 721 51.40 -55.58 32.87
CA VAL D 721 50.11 -55.44 33.51
C VAL D 721 49.59 -54.02 33.27
N PRO D 722 48.41 -53.86 32.69
CA PRO D 722 47.84 -52.52 32.54
C PRO D 722 47.44 -51.94 33.89
N LEU D 723 47.39 -50.61 33.94
CA LEU D 723 47.02 -49.88 35.15
C LEU D 723 45.59 -49.35 35.10
N LYS D 724 44.77 -49.89 34.19
CA LYS D 724 43.40 -49.41 34.05
C LYS D 724 42.56 -49.71 35.29
N ASN D 725 42.93 -50.75 36.05
CA ASN D 725 42.18 -51.07 37.27
C ASN D 725 42.28 -49.95 38.29
N TYR D 726 43.45 -49.31 38.40
CA TYR D 726 43.63 -48.18 39.30
C TYR D 726 43.29 -46.85 38.64
N GLY D 727 42.88 -46.85 37.38
CA GLY D 727 42.54 -45.62 36.69
C GLY D 727 43.72 -44.79 36.25
N LEU D 728 44.93 -45.36 36.24
CA LEU D 728 46.13 -44.60 35.89
C LEU D 728 46.56 -44.93 34.47
N PRO D 729 46.92 -43.94 33.66
CA PRO D 729 47.37 -44.22 32.30
C PRO D 729 48.70 -44.98 32.29
N GLY D 730 48.90 -45.75 31.22
CA GLY D 730 50.12 -46.53 31.08
C GLY D 730 50.01 -47.91 31.69
N THR D 731 51.11 -48.65 31.59
CA THR D 731 51.18 -50.01 32.11
C THR D 731 52.50 -50.21 32.82
N ALA D 732 52.56 -51.23 33.68
CA ALA D 732 53.75 -51.55 34.45
C ALA D 732 54.27 -52.91 34.00
N TYR D 733 55.57 -53.01 33.76
CA TYR D 733 56.15 -54.25 33.26
C TYR D 733 57.46 -54.53 33.99
N GLY D 734 57.83 -55.81 33.98
CA GLY D 734 59.08 -56.25 34.52
C GLY D 734 59.70 -57.33 33.65
N PHE D 735 60.96 -57.16 33.27
CA PHE D 735 61.59 -58.04 32.29
C PHE D 735 62.89 -58.63 32.84
N VAL D 736 63.18 -59.85 32.40
CA VAL D 736 64.45 -60.52 32.67
C VAL D 736 64.95 -61.10 31.36
N GLU D 737 66.18 -60.74 30.97
CA GLU D 737 66.75 -61.16 29.70
C GLU D 737 68.11 -61.78 29.93
N TYR D 738 68.40 -62.85 29.19
CA TYR D 738 69.68 -63.54 29.26
C TYR D 738 70.19 -63.75 27.84
N ALA D 739 71.44 -63.34 27.61
CA ALA D 739 72.08 -63.50 26.31
C ALA D 739 73.31 -64.37 26.46
N THR D 740 73.43 -65.40 25.62
CA THR D 740 74.57 -66.31 25.66
C THR D 740 75.16 -66.44 24.26
N ASP D 741 76.47 -66.24 24.15
CA ASP D 741 77.16 -66.33 22.87
C ASP D 741 77.63 -67.75 22.56
N LEU D 742 77.36 -68.70 23.45
CA LEU D 742 77.76 -70.10 23.25
C LEU D 742 79.26 -70.26 23.08
N GLY D 743 80.03 -69.32 23.62
CA GLY D 743 81.49 -69.38 23.53
C GLY D 743 82.02 -69.37 22.11
N SER D 744 81.38 -68.61 21.21
CA SER D 744 81.81 -68.51 19.84
C SER D 744 82.71 -67.31 19.58
N GLY D 745 83.08 -66.56 20.62
CA GLY D 745 83.97 -65.43 20.43
C GLY D 745 85.35 -65.86 19.96
N ARG D 746 85.85 -66.99 20.48
CA ARG D 746 87.14 -67.50 20.04
C ARG D 746 87.09 -67.91 18.57
N GLU D 747 85.97 -68.51 18.13
CA GLU D 747 85.84 -68.92 16.75
C GLU D 747 85.83 -67.72 15.80
N LEU D 748 85.36 -66.57 16.28
CA LEU D 748 85.34 -65.36 15.46
C LEU D 748 86.74 -64.96 15.03
N ASN D 749 86.88 -64.54 13.78
CA ASN D 749 88.17 -64.18 13.24
C ASN D 749 88.75 -62.98 13.97
N GLY D 750 90.00 -63.09 14.41
CA GLY D 750 90.66 -62.03 15.16
C GLY D 750 90.35 -61.99 16.63
N ASN D 751 89.34 -62.73 17.08
CA ASN D 751 88.90 -62.74 18.48
C ASN D 751 88.72 -61.34 19.04
N PRO D 752 87.78 -60.56 18.50
CA PRO D 752 87.60 -59.19 19.00
C PRO D 752 87.25 -59.11 20.47
N THR D 753 86.46 -60.07 20.97
CA THR D 753 86.05 -60.05 22.38
C THR D 753 87.25 -60.12 23.30
N GLU D 754 88.27 -60.89 22.91
CA GLU D 754 89.51 -60.94 23.70
C GLU D 754 90.20 -59.59 23.70
N TYR D 755 90.16 -58.89 22.56
CA TYR D 755 90.82 -57.59 22.45
C TYR D 755 90.23 -56.54 23.39
N TYR D 756 88.91 -56.50 23.51
CA TYR D 756 88.25 -55.54 24.39
C TYR D 756 87.91 -56.12 25.76
N ARG D 757 88.18 -57.42 25.97
CA ARG D 757 88.11 -58.05 27.29
C ARG D 757 86.72 -57.93 27.92
N LYS D 758 85.67 -58.05 27.10
CA LYS D 758 84.30 -58.16 27.60
C LYS D 758 83.55 -59.26 26.86
N PRO D 759 83.91 -60.53 27.08
CA PRO D 759 83.18 -61.65 26.47
C PRO D 759 82.09 -62.25 27.35
N GLY D 760 81.88 -61.73 28.55
CA GLY D 760 81.01 -62.40 29.52
C GLY D 760 79.56 -62.39 29.06
N ARG D 761 78.89 -63.53 29.25
CA ARG D 761 77.45 -63.61 29.02
C ARG D 761 76.72 -62.76 30.05
N GLY D 762 75.56 -62.23 29.66
CA GLY D 762 74.85 -61.28 30.49
C GLY D 762 73.44 -61.75 30.83
N MET D 763 73.03 -61.37 32.03
CA MET D 763 71.65 -61.53 32.51
C MET D 763 71.25 -60.22 33.17
N SER D 764 70.30 -59.52 32.57
CA SER D 764 69.86 -58.23 33.07
C SER D 764 68.36 -58.27 33.40
N TYR D 765 68.00 -57.69 34.54
CA TYR D 765 66.59 -57.68 34.95
C TYR D 765 66.22 -56.26 35.35
N GLY D 766 64.98 -55.87 35.04
CA GLY D 766 64.58 -54.51 35.30
C GLY D 766 63.08 -54.36 35.40
N LEU D 767 62.68 -53.21 35.93
CA LEU D 767 61.28 -52.85 36.09
C LEU D 767 61.03 -51.50 35.43
N GLY D 768 59.92 -51.40 34.69
CA GLY D 768 59.65 -50.19 33.93
C GLY D 768 58.16 -49.89 33.86
N LEU D 769 57.87 -48.67 33.44
CA LEU D 769 56.52 -48.21 33.17
C LEU D 769 56.45 -47.69 31.73
N LYS D 770 55.46 -48.17 30.99
CA LYS D 770 55.20 -47.68 29.64
C LYS D 770 54.10 -46.64 29.70
N ALA D 771 54.42 -45.42 29.32
CA ALA D 771 53.49 -44.30 29.36
C ALA D 771 52.58 -44.36 28.12
N LEU D 772 51.84 -43.28 27.88
CA LEU D 772 50.97 -43.22 26.71
C LEU D 772 51.80 -43.37 25.43
N GLY D 773 51.29 -44.20 24.53
CA GLY D 773 52.02 -44.46 23.29
C GLY D 773 52.98 -45.61 23.47
N ALA D 774 54.21 -45.43 22.99
CA ALA D 774 55.24 -46.46 23.06
C ALA D 774 56.41 -46.07 23.95
N CYS D 775 56.38 -44.89 24.57
CA CYS D 775 57.48 -44.48 25.43
C CYS D 775 57.54 -45.35 26.68
N ARG D 776 58.76 -45.72 27.06
CA ARG D 776 58.99 -46.58 28.21
C ARG D 776 60.11 -45.99 29.07
N PHE D 777 59.90 -45.96 30.38
CA PHE D 777 60.91 -45.54 31.33
C PHE D 777 61.16 -46.70 32.28
N GLU D 778 62.37 -47.26 32.24
CA GLU D 778 62.66 -48.48 32.99
C GLU D 778 64.00 -48.36 33.70
N TYR D 779 64.04 -48.86 34.93
CA TYR D 779 65.29 -49.01 35.68
C TYR D 779 65.71 -50.47 35.60
N ALA D 780 66.91 -50.71 35.08
CA ALA D 780 67.40 -52.05 34.85
C ALA D 780 68.76 -52.24 35.52
N ARG D 781 68.95 -53.41 36.14
CA ARG D 781 70.20 -53.78 36.78
C ARG D 781 70.77 -55.00 36.08
N ASP D 782 72.06 -54.96 35.78
CA ASP D 782 72.78 -56.06 35.17
C ASP D 782 73.62 -56.75 36.23
N CYS D 783 73.41 -58.07 36.40
CA CYS D 783 74.11 -58.82 37.43
C CYS D 783 75.57 -59.06 37.11
N ASN D 784 76.00 -58.81 35.87
CA ASN D 784 77.40 -59.02 35.51
C ASN D 784 78.32 -58.09 36.30
N ALA D 785 77.92 -56.83 36.47
CA ALA D 785 78.71 -55.86 37.20
C ALA D 785 77.96 -55.23 38.37
N GLY D 786 76.69 -55.57 38.57
CA GLY D 786 75.93 -55.03 39.68
C GLY D 786 75.69 -53.54 39.60
N THR D 787 75.46 -53.01 38.40
CA THR D 787 75.19 -51.59 38.20
C THR D 787 73.79 -51.42 37.65
N GLY D 788 72.98 -50.61 38.34
CA GLY D 788 71.62 -50.33 37.93
C GLY D 788 71.52 -48.94 37.34
N THR D 789 70.72 -48.79 36.28
CA THR D 789 70.63 -47.53 35.56
C THR D 789 69.19 -47.32 35.08
N PHE D 790 68.75 -46.06 35.12
CA PHE D 790 67.49 -45.68 34.49
C PHE D 790 67.70 -45.48 32.99
N LEU D 791 66.62 -45.66 32.23
CA LEU D 791 66.67 -45.44 30.79
C LEU D 791 65.27 -45.10 30.30
N VAL D 792 65.23 -44.29 29.24
CA VAL D 792 63.99 -43.96 28.55
C VAL D 792 64.15 -44.31 27.08
N ASN D 793 63.12 -44.95 26.51
CA ASN D 793 63.19 -45.43 25.14
C ASN D 793 61.86 -45.18 24.45
N PHE D 794 61.92 -45.05 23.13
CA PHE D 794 60.75 -44.89 22.29
C PHE D 794 60.58 -46.12 21.41
N GLY D 795 59.40 -46.70 21.42
CA GLY D 795 59.15 -47.90 20.66
C GLY D 795 58.83 -49.08 21.57
N GLU D 796 58.11 -50.05 21.02
CA GLU D 796 57.73 -51.23 21.78
C GLU D 796 58.95 -52.08 22.12
N ARG D 797 58.89 -52.73 23.27
CA ARG D 797 60.01 -53.57 23.71
C ARG D 797 60.28 -54.70 22.73
N PHE D 798 59.22 -55.39 22.31
CA PHE D 798 59.36 -56.49 21.36
C PHE D 798 58.57 -56.22 20.09
N LEU E 530 81.19 -20.78 26.31
CA LEU E 530 80.26 -19.74 25.89
C LEU E 530 80.43 -19.43 24.41
N PRO E 531 79.33 -19.45 23.67
CA PRO E 531 79.39 -19.16 22.23
C PRO E 531 79.83 -17.72 21.99
N PRO E 532 80.38 -17.43 20.81
CA PRO E 532 80.84 -16.06 20.54
C PRO E 532 79.68 -15.08 20.45
N MET E 533 80.02 -13.81 20.62
CA MET E 533 79.01 -12.75 20.60
C MET E 533 78.29 -12.67 19.26
N THR E 534 78.94 -13.14 18.18
CA THR E 534 78.28 -13.14 16.87
C THR E 534 77.06 -14.05 16.88
N PHE E 535 77.15 -15.20 17.55
CA PHE E 535 76.00 -16.09 17.66
C PHE E 535 74.83 -15.41 18.38
N PHE E 536 75.12 -14.71 19.48
CA PHE E 536 74.07 -14.03 20.20
C PHE E 536 73.47 -12.89 19.38
N VAL E 537 74.31 -12.15 18.65
CA VAL E 537 73.82 -11.06 17.82
C VAL E 537 72.96 -11.59 16.68
N GLU E 538 73.31 -12.76 16.14
CA GLU E 538 72.48 -13.38 15.10
C GLU E 538 71.16 -13.87 15.68
N GLN E 539 71.19 -14.43 16.89
CA GLN E 539 69.95 -14.87 17.53
C GLN E 539 69.03 -13.69 17.81
N MET E 540 69.59 -12.57 18.27
CA MET E 540 68.76 -11.42 18.64
C MET E 540 68.16 -10.73 17.43
N SER E 541 68.91 -10.62 16.34
CA SER E 541 68.44 -9.93 15.14
C SER E 541 67.65 -10.87 14.23
N GLU E 542 66.62 -11.51 14.78
CA GLU E 542 65.79 -12.41 13.99
C GLU E 542 64.93 -11.63 13.00
N GLY E 543 64.29 -10.57 13.45
CA GLY E 543 63.43 -9.78 12.61
C GLY E 543 62.22 -9.29 13.40
N VAL E 544 61.20 -8.86 12.66
CA VAL E 544 59.96 -8.40 13.26
C VAL E 544 59.23 -9.58 13.88
N LEU E 545 58.86 -9.45 15.16
CA LEU E 545 58.26 -10.54 15.91
C LEU E 545 56.83 -10.18 16.30
N LYS E 546 56.09 -11.20 16.71
CA LYS E 546 54.72 -11.04 17.20
C LYS E 546 54.38 -12.15 18.19
N PRO E 547 54.11 -11.81 19.44
CA PRO E 547 53.78 -12.85 20.43
C PRO E 547 52.40 -13.44 20.18
N GLU E 548 52.21 -14.65 20.70
CA GLU E 548 50.97 -15.39 20.52
C GLU E 548 49.88 -14.80 21.43
N GLY E 549 48.66 -14.73 20.90
CA GLY E 549 47.52 -14.21 21.62
C GLY E 549 46.72 -15.29 22.30
N TRP E 550 45.47 -14.95 22.62
CA TRP E 550 44.55 -15.86 23.30
C TRP E 550 43.91 -16.82 22.31
N ALA E 551 43.38 -17.92 22.86
CA ALA E 551 42.58 -18.87 22.11
C ALA E 551 41.14 -18.83 22.59
N THR E 552 40.21 -18.99 21.66
CA THR E 552 38.80 -18.80 21.93
C THR E 552 38.00 -20.04 21.52
N MET E 553 36.99 -20.37 22.31
CA MET E 553 36.08 -21.44 21.96
C MET E 553 35.12 -20.98 20.86
N GLU E 554 34.68 -21.94 20.04
CA GLU E 554 33.76 -21.63 18.95
C GLU E 554 32.30 -21.66 19.36
N THR E 555 31.94 -22.52 20.33
CA THR E 555 30.54 -22.60 20.74
C THR E 555 30.13 -21.40 21.57
N VAL E 556 30.97 -21.01 22.53
CA VAL E 556 30.61 -19.92 23.43
C VAL E 556 30.62 -18.57 22.71
N ALA E 557 31.59 -18.35 21.83
CA ALA E 557 31.73 -17.05 21.18
C ALA E 557 30.51 -16.70 20.35
N GLY E 558 30.00 -17.67 19.59
CA GLY E 558 28.85 -17.44 18.74
C GLY E 558 27.51 -17.70 19.36
N LEU E 559 27.47 -18.08 20.64
CA LEU E 559 26.22 -18.41 21.34
C LEU E 559 25.43 -19.47 20.57
N GLY E 560 26.13 -20.48 20.08
CA GLY E 560 25.51 -21.54 19.33
C GLY E 560 25.33 -21.27 17.85
N GLU E 561 25.97 -20.24 17.31
CA GLU E 561 25.85 -19.89 15.90
C GLU E 561 27.21 -19.98 15.21
N GLU E 562 27.17 -20.11 13.89
CA GLU E 562 28.40 -20.20 13.11
C GLU E 562 29.15 -18.88 13.12
N VAL E 563 30.48 -18.96 13.23
CA VAL E 563 31.34 -17.80 13.32
C VAL E 563 32.48 -17.95 12.32
N THR E 564 33.17 -16.84 12.06
CA THR E 564 34.37 -16.80 11.23
C THR E 564 35.55 -16.37 12.09
N GLU E 565 36.71 -16.22 11.46
CA GLU E 565 37.95 -15.91 12.15
C GLU E 565 38.34 -14.46 11.89
N ASP E 566 38.65 -13.73 12.96
CA ASP E 566 39.16 -12.36 12.86
C ASP E 566 39.74 -11.93 14.19
N GLU E 567 41.00 -11.51 14.20
CA GLU E 567 41.61 -11.05 15.44
C GLU E 567 41.11 -9.65 15.79
N GLY E 568 41.13 -9.36 17.08
CA GLY E 568 40.58 -8.13 17.61
C GLY E 568 39.15 -8.28 18.10
N ALA E 569 38.38 -9.16 17.44
CA ALA E 569 37.04 -9.47 17.89
C ALA E 569 36.99 -10.63 18.89
N GLU E 570 38.12 -11.27 19.16
CA GLU E 570 38.19 -12.37 20.11
C GLU E 570 38.74 -11.93 21.46
N SER E 571 39.88 -11.23 21.46
CA SER E 571 40.35 -10.61 22.68
C SER E 571 39.35 -9.60 23.22
N PHE E 572 38.61 -8.92 22.33
CA PHE E 572 37.51 -8.08 22.78
C PHE E 572 36.48 -8.90 23.52
N ASN E 573 36.12 -10.07 22.99
CA ASN E 573 35.16 -10.92 23.68
C ASN E 573 35.69 -11.34 25.05
N HIS E 574 36.96 -11.72 25.12
CA HIS E 574 37.59 -12.08 26.39
C HIS E 574 37.44 -10.96 27.42
N VAL E 575 38.01 -9.79 27.10
CA VAL E 575 38.04 -8.70 28.06
C VAL E 575 36.63 -8.20 28.35
N TYR E 576 35.76 -8.21 27.34
CA TYR E 576 34.39 -7.77 27.52
C TYR E 576 33.64 -8.66 28.49
N TYR E 577 33.79 -9.98 28.35
CA TYR E 577 33.10 -10.88 29.27
C TYR E 577 33.68 -10.79 30.67
N ARG E 578 34.99 -10.58 30.79
CA ARG E 578 35.56 -10.38 32.13
C ARG E 578 34.99 -9.11 32.78
N GLN E 579 34.93 -8.02 32.02
CA GLN E 579 34.40 -6.76 32.54
C GLN E 579 32.92 -6.90 32.88
N MET E 580 32.16 -7.62 32.06
CA MET E 580 30.74 -7.81 32.33
C MET E 580 30.52 -8.67 33.56
N TYR E 581 31.39 -9.66 33.78
CA TYR E 581 31.34 -10.43 35.02
C TYR E 581 31.59 -9.52 36.22
N GLU E 582 32.59 -8.64 36.10
CA GLU E 582 32.87 -7.70 37.20
C GLU E 582 31.68 -6.79 37.46
N LEU E 583 31.06 -6.27 36.40
CA LEU E 583 29.92 -5.37 36.57
C LEU E 583 28.72 -6.10 37.14
N ALA E 584 28.49 -7.35 36.72
CA ALA E 584 27.40 -8.14 37.26
C ALA E 584 27.61 -8.40 38.75
N VAL E 585 28.85 -8.69 39.14
CA VAL E 585 29.15 -8.79 40.57
C VAL E 585 28.88 -7.47 41.26
N ALA E 586 29.17 -6.35 40.58
CA ALA E 586 28.90 -5.04 41.15
C ALA E 586 27.39 -4.84 41.36
N GLY E 587 26.58 -5.25 40.38
CA GLY E 587 25.14 -5.18 40.55
C GLY E 587 24.35 -4.68 39.37
N ASP E 588 25.01 -4.47 38.23
CA ASP E 588 24.30 -3.97 37.04
C ASP E 588 23.45 -5.08 36.44
N PRO E 589 22.13 -4.90 36.31
CA PRO E 589 21.28 -5.98 35.79
C PRO E 589 21.62 -6.42 34.38
N TRP E 590 22.01 -5.50 33.49
CA TRP E 590 22.31 -5.89 32.12
C TRP E 590 23.53 -6.81 32.05
N ALA E 591 24.55 -6.52 32.87
CA ALA E 591 25.72 -7.39 32.94
C ALA E 591 25.33 -8.77 33.43
N GLN E 592 24.43 -8.83 34.42
CA GLN E 592 23.93 -10.10 34.91
C GLN E 592 23.23 -10.88 33.80
N ARG E 593 22.40 -10.20 33.01
CA ARG E 593 21.71 -10.87 31.92
C ARG E 593 22.69 -11.40 30.88
N GLU E 594 23.68 -10.59 30.51
CA GLU E 594 24.68 -11.03 29.55
C GLU E 594 25.46 -12.23 30.07
N TYR E 595 25.88 -12.20 31.33
CA TYR E 595 26.63 -13.31 31.89
C TYR E 595 25.77 -14.56 31.99
N ALA E 596 24.48 -14.41 32.31
CA ALA E 596 23.59 -15.57 32.35
C ALA E 596 23.43 -16.20 30.98
N ALA E 597 23.28 -15.37 29.94
CA ALA E 597 23.20 -15.91 28.58
C ALA E 597 24.48 -16.63 28.20
N MET E 598 25.64 -16.06 28.54
CA MET E 598 26.91 -16.70 28.25
C MET E 598 27.03 -18.04 28.98
N LEU E 599 26.60 -18.08 30.25
CA LEU E 599 26.66 -19.33 31.01
C LEU E 599 25.76 -20.39 30.39
N ARG E 600 24.55 -20.00 29.96
CA ARG E 600 23.66 -20.96 29.32
C ARG E 600 24.27 -21.52 28.05
N ALA E 601 24.84 -20.64 27.22
CA ALA E 601 25.48 -21.11 25.98
C ALA E 601 26.64 -22.05 26.28
N TYR E 602 27.47 -21.70 27.28
CA TYR E 602 28.61 -22.52 27.63
C TYR E 602 28.17 -23.90 28.13
N ASP E 603 27.13 -23.94 28.97
CA ASP E 603 26.64 -25.22 29.48
C ASP E 603 26.10 -26.08 28.35
N LYS E 604 25.34 -25.48 27.43
CA LYS E 604 24.83 -26.23 26.29
C LYS E 604 25.96 -26.78 25.44
N GLY E 605 26.99 -25.97 25.17
CA GLY E 605 28.12 -26.46 24.39
C GLY E 605 28.86 -27.60 25.07
N CYS E 606 29.07 -27.49 26.39
CA CYS E 606 29.76 -28.54 27.12
C CYS E 606 28.97 -29.84 27.08
N GLU E 607 27.65 -29.77 27.29
CA GLU E 607 26.85 -30.99 27.22
C GLU E 607 26.84 -31.59 25.82
N SER E 608 26.79 -30.75 24.79
CA SER E 608 26.84 -31.25 23.42
C SER E 608 28.17 -31.97 23.16
N TYR E 609 29.28 -31.40 23.63
CA TYR E 609 30.57 -32.04 23.43
C TYR E 609 30.67 -33.36 24.18
N ARG E 610 30.12 -33.41 25.40
CA ARG E 610 30.10 -34.68 26.14
C ARG E 610 29.31 -35.74 25.39
N ALA E 611 28.14 -35.37 24.87
CA ALA E 611 27.33 -36.33 24.12
C ALA E 611 28.07 -36.80 22.86
N SER E 612 28.74 -35.87 22.18
CA SER E 612 29.51 -36.24 20.99
C SER E 612 30.65 -37.20 21.33
N TYR E 613 31.33 -36.97 22.44
CA TYR E 613 32.40 -37.87 22.86
C TYR E 613 31.84 -39.27 23.15
N GLU E 614 30.71 -39.34 23.85
CA GLU E 614 30.12 -40.64 24.16
C GLU E 614 29.71 -41.37 22.87
N GLU E 615 29.10 -40.64 21.94
CA GLU E 615 28.69 -41.26 20.68
C GLU E 615 29.90 -41.74 19.89
N ALA E 616 30.97 -40.96 19.87
CA ALA E 616 32.19 -41.37 19.16
C ALA E 616 32.79 -42.62 19.78
N ASP E 617 32.81 -42.69 21.12
CA ASP E 617 33.32 -43.89 21.77
C ASP E 617 32.46 -45.11 21.44
N VAL E 618 31.14 -44.94 21.45
CA VAL E 618 30.26 -46.06 21.10
C VAL E 618 30.50 -46.51 19.67
N ASP E 619 30.65 -45.56 18.74
CA ASP E 619 30.91 -45.92 17.35
C ASP E 619 32.25 -46.63 17.19
N ALA E 620 33.27 -46.17 17.91
CA ALA E 620 34.57 -46.83 17.85
C ALA E 620 34.49 -48.25 18.38
N ASN E 621 33.73 -48.46 19.46
CA ASN E 621 33.50 -49.81 19.95
C ASN E 621 32.76 -50.66 18.93
N VAL E 622 31.78 -50.07 18.23
CA VAL E 622 30.99 -50.82 17.26
C VAL E 622 31.87 -51.28 16.09
N GLU E 623 32.69 -50.36 15.57
CA GLU E 623 33.54 -50.70 14.42
C GLU E 623 34.51 -51.83 14.77
N TYR E 624 35.39 -51.59 15.73
CA TYR E 624 36.30 -52.61 16.23
C TYR E 624 35.84 -53.01 17.62
N GLY E 625 35.43 -54.27 17.77
CA GLY E 625 34.79 -54.69 19.01
C GLY E 625 35.69 -54.54 20.21
N VAL E 626 36.92 -55.02 20.13
CA VAL E 626 37.86 -54.95 21.23
C VAL E 626 39.21 -54.45 20.75
N GLU E 627 39.42 -54.45 19.44
CA GLU E 627 40.73 -54.14 18.87
C GLU E 627 40.96 -52.64 18.90
N SER E 628 41.97 -52.21 19.64
CA SER E 628 42.36 -50.81 19.66
C SER E 628 43.03 -50.42 18.35
N TYR E 629 42.84 -49.18 17.94
CA TYR E 629 43.40 -48.70 16.69
C TYR E 629 44.93 -48.66 16.76
N VAL E 630 45.56 -49.07 15.67
CA VAL E 630 47.02 -49.12 15.58
C VAL E 630 47.51 -47.94 14.74
N VAL E 631 48.77 -47.60 14.91
CA VAL E 631 49.36 -46.43 14.26
C VAL E 631 50.36 -46.89 13.21
N ASP E 632 50.51 -46.06 12.17
CA ASP E 632 51.48 -46.33 11.11
C ASP E 632 52.89 -46.08 11.63
N PRO E 633 53.83 -47.00 11.40
CA PRO E 633 55.21 -46.77 11.85
C PRO E 633 55.90 -45.69 11.04
N ILE E 634 56.93 -45.10 11.63
CA ILE E 634 57.69 -44.06 10.98
C ILE E 634 58.55 -44.67 9.88
N ASP E 635 58.52 -44.06 8.69
CA ASP E 635 59.30 -44.53 7.56
C ASP E 635 60.66 -43.84 7.57
N PHE E 636 61.73 -44.63 7.70
CA PHE E 636 63.07 -44.06 7.78
C PHE E 636 63.64 -43.80 6.39
N GLY E 637 63.54 -44.77 5.49
CA GLY E 637 64.04 -44.60 4.14
C GLY E 637 64.67 -45.87 3.59
N PRO E 638 65.28 -45.76 2.42
CA PRO E 638 65.90 -46.93 1.80
C PRO E 638 67.23 -47.30 2.43
N SER E 639 67.49 -48.61 2.46
CA SER E 639 68.74 -49.15 2.98
C SER E 639 68.85 -50.58 2.50
N PHE E 640 70.06 -51.15 2.65
CA PHE E 640 70.28 -52.54 2.25
C PHE E 640 69.68 -53.54 3.22
N ASP E 641 69.40 -53.12 4.46
CA ASP E 641 68.65 -53.96 5.37
C ASP E 641 67.19 -54.07 4.91
N PRO E 642 66.49 -55.13 5.31
CA PRO E 642 65.07 -55.26 4.94
C PRO E 642 64.25 -54.04 5.35
N GLU E 643 63.59 -53.42 4.37
CA GLU E 643 62.83 -52.20 4.63
C GLU E 643 61.64 -52.45 5.54
N ASP E 644 61.09 -53.66 5.51
CA ASP E 644 59.94 -54.01 6.34
C ASP E 644 60.34 -54.45 7.74
N MET E 645 61.63 -54.58 8.02
CA MET E 645 62.08 -54.99 9.34
C MET E 645 61.97 -53.82 10.32
N TYR E 646 61.77 -54.17 11.59
CA TYR E 646 61.61 -53.24 12.71
C TYR E 646 60.35 -52.39 12.59
N SER E 647 59.47 -52.70 11.64
CA SER E 647 58.20 -51.98 11.54
C SER E 647 57.26 -52.35 12.68
N HIS E 648 57.35 -53.59 13.17
CA HIS E 648 56.49 -54.03 14.26
C HIS E 648 56.80 -53.28 15.56
N ARG E 649 58.05 -52.84 15.74
CA ARG E 649 58.43 -52.16 16.97
C ARG E 649 57.77 -50.79 17.09
N HIS E 650 57.59 -50.10 15.97
CA HIS E 650 57.02 -48.75 15.97
C HIS E 650 55.51 -48.73 15.79
N ALA E 651 54.89 -49.89 15.61
CA ALA E 651 53.43 -49.98 15.47
C ALA E 651 52.83 -50.21 16.85
N TYR E 652 52.27 -49.14 17.42
CA TYR E 652 51.68 -49.18 18.74
C TYR E 652 50.22 -48.77 18.68
N ALA E 653 49.48 -49.13 19.72
CA ALA E 653 48.08 -48.75 19.83
C ALA E 653 47.95 -47.24 20.00
N GLU E 654 46.92 -46.67 19.40
CA GLU E 654 46.70 -45.23 19.49
C GLU E 654 46.48 -44.81 20.93
N ALA E 655 47.16 -43.76 21.35
CA ALA E 655 47.08 -43.27 22.72
C ALA E 655 45.79 -42.50 22.93
N ALA E 656 45.44 -42.29 24.21
CA ALA E 656 44.25 -41.55 24.56
C ALA E 656 44.45 -40.06 24.28
N ASP E 657 43.39 -39.29 24.51
CA ASP E 657 43.40 -37.85 24.26
C ASP E 657 44.17 -37.15 25.39
N ALA E 658 45.47 -37.41 25.42
CA ALA E 658 46.34 -36.80 26.41
C ALA E 658 46.78 -35.40 25.97
N GLY E 659 47.04 -34.54 26.95
CA GLY E 659 47.44 -33.18 26.65
C GLY E 659 48.80 -33.09 26.00
N VAL E 660 49.74 -33.94 26.43
CA VAL E 660 51.10 -33.86 25.93
C VAL E 660 51.19 -34.44 24.52
N THR E 661 52.22 -34.02 23.79
CA THR E 661 52.51 -34.52 22.46
C THR E 661 53.93 -35.09 22.46
N VAL E 662 54.07 -36.31 21.92
CA VAL E 662 55.32 -37.05 21.97
C VAL E 662 55.86 -37.16 20.54
N ILE E 663 57.14 -36.82 20.37
CA ILE E 663 57.79 -36.94 19.07
C ILE E 663 59.12 -37.68 19.25
N PRO E 664 59.49 -38.59 18.36
CA PRO E 664 60.80 -39.23 18.43
C PRO E 664 61.88 -38.40 17.76
N SER E 665 63.10 -38.53 18.29
CA SER E 665 64.26 -37.82 17.79
C SER E 665 65.20 -38.81 17.12
N GLN E 666 65.69 -38.46 15.93
CA GLN E 666 66.58 -39.31 15.16
C GLN E 666 68.00 -38.75 15.22
N ASP E 667 68.94 -39.60 15.60
CA ASP E 667 70.34 -39.20 15.62
C ASP E 667 70.96 -39.36 14.24
N TYR E 668 72.13 -38.74 14.06
CA TYR E 668 72.84 -38.80 12.79
C TYR E 668 73.25 -40.24 12.45
N TYR E 669 74.09 -40.83 13.29
CA TYR E 669 74.56 -42.19 13.11
C TYR E 669 74.05 -43.06 14.26
N GLY E 670 73.39 -44.16 13.91
CA GLY E 670 72.86 -45.07 14.89
C GLY E 670 73.48 -46.45 14.80
N PRO E 671 73.06 -47.36 15.68
CA PRO E 671 73.58 -48.73 15.62
C PRO E 671 73.22 -49.41 14.31
N GLU E 672 74.15 -50.25 13.84
CA GLU E 672 73.98 -50.89 12.54
C GLU E 672 72.80 -51.86 12.53
N HIS E 673 72.64 -52.64 13.60
CA HIS E 673 71.64 -53.70 13.66
C HIS E 673 70.47 -53.35 14.58
N ASP E 674 70.27 -52.08 14.90
CA ASP E 674 69.18 -51.64 15.74
C ASP E 674 68.59 -50.35 15.17
N ASP E 675 67.39 -50.00 15.66
CA ASP E 675 66.71 -48.82 15.17
C ASP E 675 67.51 -47.56 15.49
N PRO E 676 67.52 -46.58 14.59
CA PRO E 676 68.29 -45.34 14.80
C PRO E 676 67.58 -44.26 15.60
N LEU E 677 66.46 -44.57 16.25
CA LEU E 677 65.69 -43.59 17.01
C LEU E 677 66.16 -43.59 18.46
N ASN E 678 66.76 -42.48 18.89
CA ASN E 678 67.24 -42.32 20.26
C ASN E 678 66.66 -41.04 20.84
N GLY E 679 66.14 -41.13 22.07
CA GLY E 679 65.58 -39.97 22.73
C GLY E 679 64.13 -39.72 22.40
N ILE E 680 63.59 -38.67 23.00
CA ILE E 680 62.18 -38.30 22.82
C ILE E 680 62.05 -36.82 23.12
N VAL E 681 60.96 -36.21 22.64
CA VAL E 681 60.67 -34.81 22.94
C VAL E 681 59.19 -34.66 23.22
N PHE E 682 58.86 -33.97 24.30
CA PHE E 682 57.49 -33.70 24.71
C PHE E 682 57.17 -32.23 24.48
N GLN E 683 55.98 -31.98 23.93
CA GLN E 683 55.50 -30.63 23.65
C GLN E 683 54.12 -30.46 24.28
N TYR E 684 53.94 -29.35 24.99
CA TYR E 684 52.69 -29.09 25.71
C TYR E 684 52.31 -27.62 25.56
N GLU E 685 51.01 -27.37 25.44
CA GLU E 685 50.48 -26.01 25.37
C GLU E 685 49.24 -25.91 26.24
N ALA E 686 49.03 -24.74 26.84
CA ALA E 686 47.88 -24.53 27.70
C ALA E 686 47.58 -23.04 27.80
N GLN E 687 46.37 -22.75 28.30
CA GLN E 687 45.96 -21.39 28.62
C GLN E 687 45.29 -21.39 29.98
N PRO E 688 46.08 -21.58 31.05
CA PRO E 688 45.49 -21.66 32.40
C PRO E 688 45.01 -20.31 32.92
N PHE E 689 44.44 -20.33 34.12
CA PHE E 689 43.89 -19.13 34.77
C PHE E 689 42.80 -18.48 33.92
N SER E 690 42.02 -19.29 33.21
CA SER E 690 40.91 -18.82 32.41
C SER E 690 39.58 -19.27 33.01
N ARG E 691 38.60 -18.38 32.98
CA ARG E 691 37.27 -18.65 33.52
C ARG E 691 36.29 -18.75 32.37
N HIS E 692 35.64 -19.91 32.25
CA HIS E 692 34.64 -20.16 31.21
C HIS E 692 35.18 -19.93 29.80
N GLY E 693 36.46 -20.24 29.60
CA GLY E 693 37.07 -20.08 28.31
C GLY E 693 37.40 -18.66 27.92
N TRP E 694 37.41 -17.74 28.86
CA TRP E 694 37.72 -16.34 28.60
C TRP E 694 38.90 -15.94 29.48
N GLY E 695 39.89 -15.28 28.88
CA GLY E 695 41.08 -14.90 29.60
C GLY E 695 42.09 -16.03 29.65
N GLY E 696 43.03 -15.89 30.58
CA GLY E 696 44.06 -16.89 30.79
C GLY E 696 45.44 -16.37 30.40
N VAL E 697 46.42 -17.25 30.61
CA VAL E 697 47.82 -16.94 30.34
C VAL E 697 48.36 -18.01 29.39
N PRO E 698 48.57 -17.67 28.12
CA PRO E 698 49.16 -18.65 27.19
C PRO E 698 50.52 -19.14 27.66
N PHE E 699 50.72 -20.45 27.60
CA PHE E 699 51.90 -21.07 28.17
C PHE E 699 52.29 -22.27 27.31
N ASP E 700 53.54 -22.30 26.86
CA ASP E 700 54.07 -23.38 26.04
C ASP E 700 55.30 -23.98 26.70
N LEU E 701 55.46 -25.29 26.55
CA LEU E 701 56.59 -26.01 27.14
C LEU E 701 57.08 -27.07 26.16
N THR E 702 58.40 -27.24 26.11
CA THR E 702 59.01 -28.24 25.25
C THR E 702 60.24 -28.80 25.94
N VAL E 703 60.29 -30.13 26.09
CA VAL E 703 61.39 -30.78 26.78
C VAL E 703 61.90 -31.93 25.92
N CYS E 704 63.17 -31.86 25.52
CA CYS E 704 63.82 -32.94 24.78
C CYS E 704 64.72 -33.70 25.75
N CYS E 705 64.48 -35.01 25.88
CA CYS E 705 65.20 -35.85 26.81
C CYS E 705 65.80 -37.02 26.05
N GLU E 706 67.11 -37.22 26.21
CA GLU E 706 67.84 -38.35 25.64
C GLU E 706 68.68 -38.94 26.77
N LYS E 707 68.22 -40.06 27.33
CA LYS E 707 68.88 -40.69 28.48
C LYS E 707 69.29 -42.09 28.10
N ASP E 708 70.56 -42.40 28.33
CA ASP E 708 71.07 -43.75 28.11
C ASP E 708 71.89 -44.20 29.32
N LYS E 709 72.57 -45.35 29.21
CA LYS E 709 73.41 -45.82 30.30
C LYS E 709 74.69 -45.01 30.44
N THR E 710 75.04 -44.20 29.44
CA THR E 710 76.28 -43.44 29.45
C THR E 710 76.07 -41.93 29.43
N SER E 711 75.17 -41.44 28.58
CA SER E 711 75.03 -40.00 28.33
C SER E 711 73.69 -39.50 28.85
N LEU E 712 73.51 -38.19 28.78
CA LEU E 712 72.27 -37.54 29.20
C LEU E 712 72.20 -36.18 28.53
N CYS E 713 71.15 -35.95 27.74
CA CYS E 713 70.91 -34.67 27.06
C CYS E 713 69.52 -34.19 27.44
N LEU E 714 69.43 -33.01 28.04
CA LEU E 714 68.16 -32.48 28.51
C LEU E 714 68.04 -31.02 28.10
N GLN E 715 67.11 -30.73 27.20
CA GLN E 715 66.93 -29.37 26.68
C GLN E 715 65.50 -28.93 26.92
N GLY E 716 65.31 -27.91 27.74
CA GLY E 716 63.99 -27.43 28.10
C GLY E 716 63.78 -26.00 27.64
N GLU E 717 62.53 -25.68 27.28
CA GLU E 717 62.16 -24.35 26.84
C GLU E 717 60.73 -24.07 27.25
N THR E 718 60.48 -22.86 27.73
CA THR E 718 59.15 -22.45 28.16
C THR E 718 58.86 -21.04 27.69
N HIS E 719 57.60 -20.80 27.32
CA HIS E 719 57.14 -19.49 26.86
C HIS E 719 55.86 -19.12 27.62
N VAL E 720 55.77 -17.86 28.05
CA VAL E 720 54.63 -17.34 28.77
C VAL E 720 54.22 -16.01 28.14
N SER E 721 52.93 -15.83 27.91
CA SER E 721 52.41 -14.61 27.29
C SER E 721 51.55 -13.84 28.28
N LEU E 722 51.62 -12.51 28.22
CA LEU E 722 50.82 -11.63 29.07
C LEU E 722 50.26 -10.50 28.21
N VAL E 723 48.98 -10.20 28.38
CA VAL E 723 48.30 -9.15 27.62
C VAL E 723 47.86 -8.08 28.60
N HIS E 724 48.15 -6.82 28.27
CA HIS E 724 47.81 -5.70 29.15
C HIS E 724 46.56 -4.94 28.71
N SER E 725 46.35 -4.79 27.40
CA SER E 725 45.22 -4.02 26.90
C SER E 725 44.86 -4.50 25.51
N VAL E 726 43.68 -4.08 25.06
CA VAL E 726 43.14 -4.48 23.76
C VAL E 726 42.76 -3.22 23.01
N PRO E 727 42.64 -3.28 21.69
CA PRO E 727 42.32 -2.08 20.90
C PRO E 727 41.06 -1.37 21.38
N PRO E 728 39.97 -2.09 21.70
CA PRO E 728 38.79 -1.37 22.22
C PRO E 728 39.03 -0.69 23.56
N PHE E 729 39.85 -1.28 24.43
CA PHE E 729 40.08 -0.74 25.76
C PHE E 729 41.44 -0.05 25.89
N GLY E 730 42.11 0.23 24.77
CA GLY E 730 43.40 0.87 24.81
C GLY E 730 44.27 0.46 23.63
N PRO E 731 45.59 0.46 23.83
CA PRO E 731 46.48 -0.03 22.79
C PRO E 731 46.71 -1.53 22.89
N ARG E 732 47.45 -2.09 21.93
CA ARG E 732 47.84 -3.50 21.98
C ARG E 732 49.18 -3.59 22.69
N HIS E 733 49.17 -4.05 23.94
CA HIS E 733 50.36 -4.15 24.77
C HIS E 733 50.54 -5.61 25.17
N ILE E 734 51.63 -6.23 24.71
CA ILE E 734 51.87 -7.63 25.02
C ILE E 734 53.30 -7.79 25.53
N THR E 735 53.47 -8.72 26.47
CA THR E 735 54.79 -9.05 27.02
C THR E 735 54.99 -10.56 26.99
N GLN E 736 56.08 -11.00 26.37
CA GLN E 736 56.39 -12.43 26.26
C GLN E 736 57.68 -12.72 27.01
N VAL E 737 57.65 -13.75 27.85
CA VAL E 737 58.80 -14.17 28.63
C VAL E 737 59.16 -15.59 28.22
N THR E 738 60.41 -15.80 27.82
CA THR E 738 60.88 -17.11 27.38
C THR E 738 62.10 -17.51 28.19
N GLY E 739 62.15 -18.79 28.54
CA GLY E 739 63.27 -19.33 29.29
C GLY E 739 63.71 -20.68 28.77
N SER E 740 64.98 -20.81 28.41
CA SER E 740 65.50 -22.03 27.83
C SER E 740 66.77 -22.46 28.55
N TRP E 741 66.85 -23.73 28.90
CA TRP E 741 68.03 -24.27 29.57
C TRP E 741 68.49 -25.54 28.87
N GLU E 742 69.80 -25.73 28.83
CA GLU E 742 70.41 -26.87 28.14
C GLU E 742 71.39 -27.55 29.07
N VAL E 743 71.31 -28.88 29.14
CA VAL E 743 72.17 -29.70 29.97
C VAL E 743 72.72 -30.84 29.12
N LEU E 744 74.05 -30.96 29.09
CA LEU E 744 74.74 -32.08 28.44
C LEU E 744 75.70 -32.65 29.48
N ARG E 745 75.30 -33.75 30.12
CA ARG E 745 75.99 -34.20 31.33
C ARG E 745 77.39 -34.72 31.05
N PRO E 746 77.59 -35.77 30.24
CA PRO E 746 78.94 -36.38 30.20
C PRO E 746 79.96 -35.57 29.42
N ASN E 747 79.55 -34.90 28.34
CA ASN E 747 80.51 -34.23 27.48
C ASN E 747 80.88 -32.86 28.02
N ILE E 748 79.90 -31.99 28.24
CA ILE E 748 80.17 -30.62 28.66
C ILE E 748 80.31 -30.50 30.17
N LYS E 749 79.48 -31.23 30.92
CA LYS E 749 79.43 -31.18 32.38
C LYS E 749 79.07 -29.80 32.89
N ASP E 750 78.46 -28.97 32.05
CA ASP E 750 78.02 -27.64 32.41
C ASP E 750 76.64 -27.38 31.83
N VAL E 751 75.87 -26.54 32.51
CA VAL E 751 74.51 -26.23 32.09
C VAL E 751 74.47 -24.77 31.62
N MET E 752 73.50 -24.46 30.77
CA MET E 752 73.34 -23.12 30.23
C MET E 752 71.91 -22.66 30.42
N TYR E 753 71.73 -21.42 30.85
CA TYR E 753 70.42 -20.82 31.06
C TYR E 753 70.29 -19.56 30.21
N GLN E 754 69.08 -19.32 29.71
CA GLN E 754 68.78 -18.12 28.94
C GLN E 754 67.37 -17.65 29.29
N LEU E 755 67.24 -16.35 29.55
CA LEU E 755 65.95 -15.75 29.90
C LEU E 755 65.79 -14.45 29.12
N GLU E 756 64.69 -14.34 28.37
CA GLU E 756 64.44 -13.17 27.54
C GLU E 756 63.03 -12.65 27.79
N VAL E 757 62.92 -11.32 27.88
CA VAL E 757 61.64 -10.64 28.08
C VAL E 757 61.48 -9.63 26.94
N ASP E 758 60.35 -9.71 26.24
CA ASP E 758 60.11 -8.86 25.08
C ASP E 758 58.77 -8.17 25.24
N THR E 759 58.73 -6.88 24.87
CA THR E 759 57.54 -6.06 24.99
C THR E 759 57.17 -5.53 23.60
N PHE E 760 55.91 -5.70 23.22
CA PHE E 760 55.42 -5.31 21.91
C PHE E 760 54.23 -4.38 22.07
N LYS E 761 54.25 -3.28 21.31
CA LYS E 761 53.16 -2.33 21.28
C LYS E 761 53.04 -1.77 19.87
N ASP E 762 51.80 -1.63 19.39
CA ASP E 762 51.53 -1.16 18.04
C ASP E 762 51.16 0.32 18.05
N GLY E 763 51.52 1.00 16.96
CA GLY E 763 51.18 2.41 16.80
C GLY E 763 51.88 3.32 17.79
N LEU E 764 53.17 3.08 18.06
CA LEU E 764 53.89 3.93 18.99
C LEU E 764 54.16 5.31 18.40
N LEU E 765 54.61 5.36 17.14
CA LEU E 765 54.90 6.63 16.48
C LEU E 765 54.00 6.89 15.28
N GLY E 766 52.91 6.14 15.13
CA GLY E 766 52.02 6.31 14.01
C GLY E 766 50.76 5.50 14.21
N LYS E 767 50.04 5.30 13.11
CA LYS E 767 48.86 4.43 13.15
C LYS E 767 49.24 3.00 13.48
N SER E 768 50.30 2.49 12.85
CA SER E 768 50.80 1.15 13.12
C SER E 768 52.30 1.10 12.81
N ASP E 769 53.09 0.72 13.81
CA ASP E 769 54.54 0.64 13.64
C ASP E 769 55.09 -0.67 14.19
N HIS E 770 54.27 -1.38 14.97
CA HIS E 770 54.63 -2.68 15.55
C HIS E 770 55.96 -2.60 16.30
N ALA E 771 56.08 -1.59 17.15
CA ALA E 771 57.31 -1.39 17.91
C ALA E 771 57.52 -2.52 18.91
N GLY E 772 58.77 -2.94 19.06
CA GLY E 772 59.11 -3.98 20.00
C GLY E 772 60.49 -3.79 20.58
N CYS E 773 60.63 -4.10 21.86
CA CYS E 773 61.91 -4.00 22.55
C CYS E 773 62.12 -5.22 23.42
N GLY E 774 63.31 -5.81 23.36
CA GLY E 774 63.57 -7.06 24.06
C GLY E 774 64.90 -7.03 24.78
N LEU E 775 64.95 -7.76 25.90
CA LEU E 775 66.16 -7.87 26.71
C LEU E 775 66.40 -9.33 27.04
N MET E 776 67.63 -9.79 26.84
CA MET E 776 67.99 -11.19 27.07
C MET E 776 69.20 -11.27 27.99
N LEU E 777 69.20 -12.31 28.83
CA LEU E 777 70.30 -12.62 29.72
C LEU E 777 70.68 -14.08 29.55
N ALA E 778 71.96 -14.34 29.34
CA ALA E 778 72.48 -15.69 29.17
C ALA E 778 73.53 -15.96 30.23
N ARG E 779 73.45 -17.14 30.85
CA ARG E 779 74.35 -17.54 31.92
C ARG E 779 74.87 -18.94 31.66
N LEU E 780 76.13 -19.18 32.01
CA LEU E 780 76.79 -20.46 31.83
C LEU E 780 77.30 -21.02 33.16
N GLY E 781 76.61 -20.70 34.25
CA GLY E 781 77.03 -21.18 35.54
C GLY E 781 76.80 -22.67 35.72
N GLU E 782 77.49 -23.24 36.71
CA GLU E 782 77.38 -24.67 36.98
C GLU E 782 75.97 -25.04 37.42
N GLY E 783 75.37 -24.22 38.30
CA GLY E 783 74.03 -24.51 38.78
C GLY E 783 73.34 -23.32 39.42
N GLY E 784 72.09 -23.09 39.05
CA GLY E 784 71.35 -21.98 39.63
C GLY E 784 71.94 -20.65 39.20
N ASP E 785 72.38 -19.87 40.19
CA ASP E 785 73.01 -18.60 39.92
C ASP E 785 74.33 -18.80 39.20
N PRO E 786 74.81 -17.79 38.45
CA PRO E 786 76.08 -17.96 37.74
C PRO E 786 77.25 -18.34 38.63
N ARG E 787 77.31 -17.79 39.84
CA ARG E 787 78.39 -18.07 40.79
C ARG E 787 79.75 -17.83 40.15
N LYS E 788 79.91 -16.65 39.55
CA LYS E 788 81.07 -16.25 38.77
C LYS E 788 81.06 -16.79 37.35
N GLY E 789 79.98 -17.45 36.92
CA GLY E 789 79.88 -17.96 35.58
C GLY E 789 79.80 -16.85 34.55
N PRO E 790 80.26 -17.13 33.33
CA PRO E 790 80.23 -16.11 32.27
C PRO E 790 78.82 -15.69 31.92
N THR E 791 78.52 -14.41 32.09
CA THR E 791 77.22 -13.85 31.80
C THR E 791 77.26 -13.03 30.51
N ALA E 792 76.08 -12.83 29.93
CA ALA E 792 75.94 -12.03 28.72
C ALA E 792 74.59 -11.34 28.72
N VAL E 793 74.59 -10.06 28.35
CA VAL E 793 73.38 -9.24 28.34
C VAL E 793 73.20 -8.65 26.95
N GLY E 794 72.01 -8.81 26.39
CA GLY E 794 71.73 -8.27 25.07
C GLY E 794 70.41 -7.54 25.04
N VAL E 795 70.32 -6.57 24.13
CA VAL E 795 69.10 -5.77 23.98
C VAL E 795 68.83 -5.56 22.50
N ARG E 796 67.56 -5.67 22.12
CA ARG E 796 67.14 -5.60 20.72
C ARG E 796 65.97 -4.66 20.57
N LEU E 797 65.90 -4.04 19.39
CA LEU E 797 64.83 -3.12 19.02
C LEU E 797 64.33 -3.51 17.64
N GLN E 798 63.02 -3.41 17.44
CA GLN E 798 62.38 -3.85 16.20
C GLN E 798 61.27 -2.88 15.83
N ASP E 799 61.23 -2.47 14.56
CA ASP E 799 60.21 -1.55 14.11
C ASP E 799 60.07 -1.63 12.60
N THR E 800 58.85 -1.40 12.12
CA THR E 800 58.58 -1.30 10.69
C THR E 800 57.91 0.03 10.38
N LEU E 801 58.29 0.63 9.26
CA LEU E 801 57.82 1.96 8.90
C LEU E 801 57.59 2.04 7.40
N ARG E 802 56.58 2.81 7.02
CA ARG E 802 56.25 3.04 5.62
C ARG E 802 56.60 4.48 5.27
N VAL E 803 57.61 4.65 4.42
CA VAL E 803 58.05 5.97 3.97
C VAL E 803 57.99 5.97 2.45
N GLY E 804 57.14 6.83 1.89
CA GLY E 804 56.95 6.90 0.47
C GLY E 804 56.55 5.57 -0.12
N PRO E 805 57.25 5.14 -1.17
CA PRO E 805 56.99 3.82 -1.76
C PRO E 805 57.73 2.66 -1.11
N PHE E 806 58.31 2.85 0.08
CA PHE E 806 59.15 1.85 0.71
C PHE E 806 58.57 1.44 2.04
N LYS E 807 58.32 0.13 2.20
CA LYS E 807 57.88 -0.45 3.46
C LYS E 807 59.07 -1.18 4.06
N LEU E 808 59.74 -0.54 5.02
CA LEU E 808 61.02 -1.02 5.55
C LEU E 808 60.80 -1.63 6.93
N GLU E 809 61.32 -2.84 7.13
CA GLU E 809 61.30 -3.49 8.42
C GLU E 809 62.72 -3.63 8.94
N ALA E 810 62.97 -3.18 10.18
CA ALA E 810 64.31 -3.14 10.73
C ALA E 810 64.34 -3.76 12.11
N CYS E 811 65.43 -4.49 12.38
CA CYS E 811 65.67 -5.09 13.69
C CYS E 811 67.16 -4.96 14.00
N ALA E 812 67.48 -4.24 15.07
CA ALA E 812 68.86 -3.99 15.45
C ALA E 812 69.08 -4.37 16.91
N SER E 813 70.19 -5.06 17.17
CA SER E 813 70.48 -5.56 18.51
C SER E 813 71.93 -5.33 18.86
N LYS E 814 72.19 -5.25 20.16
CA LYS E 814 73.54 -5.10 20.69
C LYS E 814 73.71 -6.07 21.86
N VAL E 815 74.79 -6.85 21.84
CA VAL E 815 75.05 -7.84 22.88
C VAL E 815 76.42 -7.57 23.49
N ALA E 816 76.52 -7.78 24.80
CA ALA E 816 77.76 -7.60 25.53
C ALA E 816 77.98 -8.82 26.43
N VAL E 817 79.09 -9.51 26.23
CA VAL E 817 79.44 -10.67 27.02
C VAL E 817 80.45 -10.28 28.09
N GLN E 818 80.60 -11.14 29.09
CA GLN E 818 81.53 -10.90 30.18
C GLN E 818 82.81 -11.71 30.00
N LYS E 824 84.73 -8.81 27.73
CA LYS E 824 83.94 -7.59 27.79
C LYS E 824 83.65 -7.05 26.39
N GLU E 825 83.76 -7.92 25.39
CA GLU E 825 83.52 -7.52 24.01
C GLU E 825 82.03 -7.28 23.77
N GLU E 826 81.74 -6.41 22.80
CA GLU E 826 80.38 -6.06 22.44
C GLU E 826 80.19 -6.19 20.94
N GLY E 827 79.14 -6.90 20.53
CA GLY E 827 78.82 -7.09 19.13
C GLY E 827 77.52 -6.41 18.77
N TRP E 828 77.42 -5.95 17.53
CA TRP E 828 76.25 -5.26 17.02
C TRP E 828 75.72 -5.97 15.78
N GLY E 829 74.40 -6.06 15.67
CA GLY E 829 73.79 -6.68 14.51
C GLY E 829 72.57 -5.91 14.02
N ALA E 830 72.32 -5.93 12.72
CA ALA E 830 71.17 -5.23 12.15
C ALA E 830 70.70 -5.94 10.90
N ARG E 831 69.39 -6.14 10.80
CA ARG E 831 68.75 -6.71 9.63
C ARG E 831 67.65 -5.79 9.15
N ALA E 832 67.52 -5.68 7.82
CA ALA E 832 66.50 -4.83 7.22
C ALA E 832 65.91 -5.53 6.01
N PHE E 833 64.59 -5.43 5.87
CA PHE E 833 63.88 -5.91 4.69
C PHE E 833 63.23 -4.71 4.01
N VAL E 834 63.52 -4.55 2.72
CA VAL E 834 63.09 -3.38 1.97
C VAL E 834 62.29 -3.85 0.75
N GLY E 835 61.13 -3.23 0.55
CA GLY E 835 60.29 -3.56 -0.59
C GLY E 835 59.91 -2.32 -1.37
N TYR E 836 59.75 -2.51 -2.68
CA TYR E 836 59.39 -1.44 -3.60
C TYR E 836 58.08 -1.83 -4.27
N ASP E 837 57.05 -1.00 -4.11
CA ASP E 837 55.71 -1.36 -4.58
C ASP E 837 55.61 -1.36 -6.11
N TRP E 838 56.49 -0.63 -6.80
CA TRP E 838 56.46 -0.64 -8.26
C TRP E 838 57.04 -1.93 -8.82
N LEU E 839 57.87 -2.62 -8.05
CA LEU E 839 58.46 -3.90 -8.44
C LEU E 839 58.20 -4.90 -7.33
N PRO E 840 56.97 -5.42 -7.22
CA PRO E 840 56.67 -6.36 -6.13
C PRO E 840 57.37 -7.70 -6.26
N GLY E 841 57.88 -8.05 -7.45
CA GLY E 841 58.50 -9.34 -7.65
C GLY E 841 59.91 -9.45 -7.09
N LEU E 842 60.54 -8.32 -6.77
CA LEU E 842 61.91 -8.31 -6.25
C LEU E 842 61.90 -8.22 -4.73
N GLY E 843 62.67 -9.09 -4.09
CA GLY E 843 62.81 -9.04 -2.65
C GLY E 843 64.22 -8.68 -2.22
N MET E 844 64.36 -7.66 -1.38
CA MET E 844 65.66 -7.11 -1.00
C MET E 844 65.84 -7.18 0.50
N ALA E 845 66.93 -7.83 0.94
CA ALA E 845 67.28 -7.94 2.35
C ALA E 845 68.72 -7.48 2.55
N PHE E 846 68.95 -6.70 3.60
CA PHE E 846 70.27 -6.18 3.94
C PHE E 846 70.63 -6.60 5.35
N ASP E 847 71.91 -6.95 5.55
CA ASP E 847 72.41 -7.36 6.85
C ASP E 847 73.73 -6.66 7.13
N PHE E 848 73.90 -6.22 8.38
CA PHE E 848 75.12 -5.56 8.81
C PHE E 848 75.51 -6.09 10.18
N ILE E 849 76.72 -6.63 10.29
CA ILE E 849 77.22 -7.19 11.54
C ILE E 849 78.55 -6.56 11.88
N GLN E 850 78.69 -6.04 13.09
CA GLN E 850 79.93 -5.41 13.54
C GLN E 850 80.46 -6.13 14.77
N GLU E 851 81.72 -6.54 14.70
CA GLU E 851 82.42 -7.13 15.83
C GLU E 851 82.90 -6.05 16.79
N ARG E 852 83.47 -6.48 17.91
CA ARG E 852 83.99 -5.56 18.91
C ARG E 852 85.10 -4.69 18.31
N THR E 853 85.10 -3.42 18.69
CA THR E 853 86.10 -2.47 18.19
C THR E 853 87.47 -2.79 18.75
N ARG E 860 86.56 -4.43 14.89
CA ARG E 860 85.56 -3.53 14.32
C ARG E 860 85.28 -3.89 12.86
N LEU E 861 85.55 -5.15 12.51
CA LEU E 861 85.31 -5.63 11.16
C LEU E 861 83.81 -5.64 10.87
N ARG E 862 83.38 -4.85 9.89
CA ARG E 862 81.98 -4.71 9.55
C ARG E 862 81.68 -5.55 8.31
N GLY E 863 80.74 -6.49 8.46
CA GLY E 863 80.30 -7.32 7.36
C GLY E 863 78.94 -6.89 6.86
N TYR E 864 78.87 -6.57 5.57
CA TYR E 864 77.65 -6.13 4.92
C TYR E 864 77.23 -7.16 3.88
N GLY E 865 75.97 -7.54 3.90
CA GLY E 865 75.46 -8.50 2.94
C GLY E 865 74.14 -8.06 2.35
N ALA E 866 74.01 -8.25 1.04
CA ALA E 866 72.80 -7.87 0.32
C ALA E 866 72.27 -9.07 -0.45
N ASN E 867 70.98 -9.37 -0.28
CA ASN E 867 70.36 -10.50 -0.97
C ASN E 867 69.15 -10.01 -1.74
N PHE E 868 69.11 -10.38 -3.03
CA PHE E 868 68.00 -10.07 -3.91
C PHE E 868 67.40 -11.35 -4.45
N THR E 869 66.06 -11.41 -4.50
CA THR E 869 65.36 -12.58 -5.00
C THR E 869 64.34 -12.17 -6.06
N TYR E 870 64.19 -13.02 -7.07
CA TYR E 870 63.28 -12.75 -8.18
C TYR E 870 62.75 -14.07 -8.70
N ASP E 871 61.61 -14.01 -9.38
CA ASP E 871 60.96 -15.19 -9.93
C ASP E 871 60.32 -14.84 -11.27
N TRP E 872 60.24 -15.84 -12.15
CA TRP E 872 59.58 -15.67 -13.43
C TRP E 872 59.15 -17.03 -13.96
N GLU E 873 58.29 -17.01 -14.98
CA GLU E 873 57.74 -18.22 -15.59
C GLU E 873 58.29 -18.35 -17.00
N ALA E 874 59.05 -19.41 -17.24
CA ALA E 874 59.61 -19.67 -18.57
C ALA E 874 58.61 -20.47 -19.40
N LEU E 875 59.08 -20.96 -20.55
CA LEU E 875 58.24 -21.77 -21.42
C LEU E 875 57.96 -23.14 -20.78
N GLY E 876 56.77 -23.30 -20.22
CA GLY E 876 56.43 -24.54 -19.54
C GLY E 876 57.28 -24.82 -18.32
N ALA E 877 57.80 -23.77 -17.67
CA ALA E 877 58.66 -23.94 -16.51
C ALA E 877 58.65 -22.66 -15.70
N ALA E 878 59.09 -22.77 -14.44
CA ALA E 878 59.24 -21.64 -13.55
C ALA E 878 60.68 -21.58 -13.07
N PHE E 879 61.29 -20.39 -13.19
CA PHE E 879 62.67 -20.16 -12.79
C PHE E 879 62.70 -19.13 -11.67
N GLY E 880 63.39 -19.48 -10.58
CA GLY E 880 63.58 -18.56 -9.48
C GLY E 880 65.05 -18.27 -9.22
N MET E 881 65.44 -17.00 -9.18
CA MET E 881 66.84 -16.62 -9.05
C MET E 881 67.07 -15.88 -7.74
N GLU E 882 68.27 -16.07 -7.19
CA GLU E 882 68.71 -15.42 -5.96
C GLU E 882 70.15 -14.98 -6.14
N VAL E 883 70.43 -13.72 -5.79
CA VAL E 883 71.76 -13.15 -5.86
C VAL E 883 72.16 -12.68 -4.47
N ASP E 884 73.32 -13.14 -4.00
CA ASP E 884 73.85 -12.78 -2.69
C ASP E 884 75.22 -12.13 -2.88
N TYR E 885 75.36 -10.91 -2.36
CA TYR E 885 76.59 -10.14 -2.50
C TYR E 885 77.14 -9.80 -1.13
N VAL E 886 78.41 -10.12 -0.91
CA VAL E 886 79.11 -9.82 0.33
C VAL E 886 80.33 -8.97 0.00
N ALA E 887 80.46 -7.83 0.70
CA ALA E 887 81.56 -6.91 0.46
C ALA E 887 82.80 -7.23 1.28
N ALA E 888 82.64 -7.94 2.40
CA ALA E 888 83.79 -8.30 3.22
C ALA E 888 84.76 -9.18 2.44
N SER E 889 84.23 -10.22 1.79
CA SER E 889 85.04 -11.09 0.96
C SER E 889 84.97 -10.74 -0.53
N GLU E 890 84.19 -9.74 -0.90
CA GLU E 890 84.02 -9.32 -2.29
C GLU E 890 83.58 -10.50 -3.16
N SER E 891 82.43 -11.08 -2.81
CA SER E 891 81.95 -12.29 -3.46
C SER E 891 80.48 -12.12 -3.85
N VAL E 892 80.12 -12.72 -4.98
CA VAL E 892 78.76 -12.73 -5.50
C VAL E 892 78.38 -14.16 -5.85
N PHE E 893 77.25 -14.63 -5.33
CA PHE E 893 76.75 -15.96 -5.60
C PHE E 893 75.37 -15.86 -6.24
N VAL E 894 75.19 -16.53 -7.37
CA VAL E 894 73.94 -16.51 -8.11
C VAL E 894 73.41 -17.94 -8.20
N SER E 895 72.16 -18.15 -7.80
CA SER E 895 71.52 -19.46 -7.85
C SER E 895 70.21 -19.34 -8.62
N VAL E 896 69.98 -20.28 -9.54
CA VAL E 896 68.78 -20.30 -10.35
C VAL E 896 68.17 -21.69 -10.27
N ASN E 897 67.01 -21.80 -9.64
CA ASN E 897 66.27 -23.06 -9.59
C ASN E 897 65.23 -23.08 -10.71
N ALA E 898 65.02 -24.27 -11.26
CA ALA E 898 64.15 -24.43 -12.42
C ALA E 898 63.22 -25.62 -12.19
N PHE E 899 61.94 -25.45 -12.50
CA PHE E 899 60.99 -26.56 -12.42
C PHE E 899 60.13 -26.61 -13.67
N SER E 900 60.09 -27.77 -14.31
CA SER E 900 59.28 -27.98 -15.51
C SER E 900 58.46 -29.24 -15.33
N GLY E 901 57.17 -29.16 -15.63
CA GLY E 901 56.28 -30.29 -15.44
C GLY E 901 55.55 -30.74 -16.69
N ASN E 902 55.75 -30.04 -17.81
CA ASN E 902 55.07 -30.37 -19.05
C ASN E 902 55.88 -31.31 -19.93
N ASP E 903 57.16 -31.01 -20.15
CA ASP E 903 58.00 -31.84 -21.00
C ASP E 903 59.45 -31.66 -20.55
N TYR E 904 60.38 -32.24 -21.31
CA TYR E 904 61.81 -32.19 -21.01
C TYR E 904 62.55 -31.23 -21.91
N ARG E 905 61.94 -30.08 -22.24
CA ARG E 905 62.60 -29.10 -23.09
C ARG E 905 63.86 -28.54 -22.42
N LEU E 906 63.78 -28.28 -21.11
CA LEU E 906 64.93 -27.77 -20.38
C LEU E 906 66.07 -28.78 -20.37
N GLY E 907 65.75 -30.08 -20.37
CA GLY E 907 66.79 -31.10 -20.40
C GLY E 907 67.59 -31.05 -21.70
N TRP E 908 66.89 -30.92 -22.83
CA TRP E 908 67.58 -30.75 -24.10
C TRP E 908 68.24 -29.38 -24.22
N LEU E 909 67.78 -28.39 -23.45
CA LEU E 909 68.42 -27.08 -23.48
C LEU E 909 69.84 -27.14 -22.93
N LEU E 910 70.07 -27.92 -21.88
CA LEU E 910 71.37 -28.02 -21.23
C LEU E 910 71.98 -29.39 -21.54
N LEU E 911 73.06 -29.38 -22.31
CA LEU E 911 73.77 -30.62 -22.62
C LEU E 911 75.29 -30.44 -22.59
N LEU E 912 75.78 -29.29 -22.12
CA LEU E 912 77.22 -29.04 -22.10
C LEU E 912 78.01 -30.03 -21.25
N PRO E 913 77.61 -30.36 -20.02
CA PRO E 913 78.45 -31.25 -19.20
C PRO E 913 78.72 -32.61 -19.82
N ALA E 914 77.82 -33.12 -20.66
CA ALA E 914 78.05 -34.40 -21.30
C ALA E 914 79.29 -34.36 -22.19
N VAL E 915 79.42 -33.31 -23.00
CA VAL E 915 80.62 -33.11 -23.79
C VAL E 915 81.80 -32.76 -22.90
N ASN E 916 81.56 -31.96 -21.86
CA ASN E 916 82.63 -31.56 -20.95
C ASN E 916 83.22 -32.76 -20.20
N TYR E 917 82.42 -33.80 -19.99
CA TYR E 917 82.90 -34.99 -19.30
C TYR E 917 83.83 -35.78 -20.22
N PHE E 918 85.05 -36.02 -19.76
CA PHE E 918 86.04 -36.76 -20.51
C PHE E 918 86.62 -37.87 -19.64
N LYS E 919 86.99 -38.98 -20.28
CA LYS E 919 87.60 -40.09 -19.57
C LYS E 919 88.94 -39.69 -18.95
N GLU E 920 89.75 -38.94 -19.72
CA GLU E 920 91.07 -38.48 -19.26
C GLU E 920 91.95 -39.64 -18.82
N THR E 921 91.89 -40.74 -19.55
CA THR E 921 92.67 -41.93 -19.24
C THR E 921 91.87 -42.91 -18.40
N SER F 8 -51.30 -9.51 13.80
CA SER F 8 -51.33 -9.69 12.35
C SER F 8 -50.51 -10.90 11.93
N LEU F 9 -50.53 -11.22 10.64
CA LEU F 9 -49.79 -12.36 10.13
C LEU F 9 -48.29 -12.17 10.32
N VAL F 10 -47.78 -11.01 9.92
CA VAL F 10 -46.34 -10.77 9.95
C VAL F 10 -45.82 -10.80 11.39
N THR F 11 -46.61 -10.26 12.33
CA THR F 11 -46.19 -10.30 13.73
C THR F 11 -46.09 -11.73 14.24
N SER F 12 -47.07 -12.58 13.88
CA SER F 12 -47.03 -13.97 14.28
C SER F 12 -45.85 -14.70 13.66
N VAL F 13 -45.55 -14.40 12.39
CA VAL F 13 -44.39 -15.02 11.73
C VAL F 13 -43.10 -14.60 12.44
N LYS F 14 -42.99 -13.32 12.79
CA LYS F 14 -41.81 -12.86 13.50
C LYS F 14 -41.69 -13.53 14.86
N ASP F 15 -42.81 -13.68 15.57
CA ASP F 15 -42.78 -14.37 16.86
C ASP F 15 -42.34 -15.82 16.69
N TYR F 16 -42.84 -16.50 15.66
CA TYR F 16 -42.43 -17.87 15.39
C TYR F 16 -40.94 -17.95 15.08
N VAL F 17 -40.42 -17.00 14.30
CA VAL F 17 -39.00 -16.99 13.97
C VAL F 17 -38.17 -16.77 15.23
N GLU F 18 -38.62 -15.86 16.10
CA GLU F 18 -37.92 -15.65 17.37
C GLU F 18 -37.92 -16.90 18.23
N ILE F 19 -39.06 -17.59 18.29
CA ILE F 19 -39.14 -18.82 19.07
C ILE F 19 -38.20 -19.88 18.50
N THR F 20 -38.16 -20.01 17.17
CA THR F 20 -37.25 -20.97 16.55
C THR F 20 -35.79 -20.61 16.84
N HIS F 21 -35.46 -19.33 16.81
CA HIS F 21 -34.10 -18.91 17.13
C HIS F 21 -33.75 -19.22 18.59
N LYS F 22 -34.74 -19.09 19.49
CA LYS F 22 -34.49 -19.35 20.90
C LYS F 22 -34.15 -20.82 21.14
N LEU F 23 -34.69 -21.72 20.31
CA LEU F 23 -34.55 -23.15 20.54
C LEU F 23 -33.25 -23.73 20.03
N ILE F 24 -32.34 -22.91 19.49
CA ILE F 24 -31.03 -23.42 19.08
C ILE F 24 -30.29 -23.98 20.27
N GLU F 25 -30.36 -23.30 21.42
CA GLU F 25 -29.61 -23.71 22.59
C GLU F 25 -30.09 -25.05 23.13
N ILE F 26 -31.40 -25.26 23.17
CA ILE F 26 -31.96 -26.43 23.84
C ILE F 26 -32.16 -27.59 22.86
N GLU F 27 -32.99 -27.39 21.84
CA GLU F 27 -33.31 -28.46 20.88
C GLU F 27 -33.36 -27.86 19.48
N PRO F 28 -32.28 -27.96 18.73
CA PRO F 28 -32.26 -27.35 17.38
C PRO F 28 -33.27 -28.01 16.46
N LEU F 29 -33.77 -27.23 15.51
CA LEU F 29 -34.67 -27.71 14.48
C LEU F 29 -33.92 -27.84 13.16
N LYS F 30 -34.39 -28.75 12.30
CA LYS F 30 -33.75 -28.97 11.01
C LYS F 30 -33.76 -27.70 10.17
N ASN F 31 -34.92 -27.03 10.11
CA ASN F 31 -35.07 -25.81 9.35
C ASN F 31 -36.32 -25.09 9.83
N TYR F 32 -36.64 -23.97 9.18
CA TYR F 32 -37.78 -23.16 9.60
C TYR F 32 -39.12 -23.85 9.34
N THR F 33 -39.21 -24.61 8.25
CA THR F 33 -40.49 -25.10 7.75
C THR F 33 -40.71 -26.59 8.07
N GLU F 34 -40.28 -27.03 9.25
CA GLU F 34 -40.66 -28.34 9.72
C GLU F 34 -42.18 -28.41 9.88
N PHE F 35 -42.77 -29.53 9.45
CA PHE F 35 -44.22 -29.65 9.49
C PHE F 35 -44.73 -29.63 10.92
N GLY F 36 -44.05 -30.32 11.83
CA GLY F 36 -44.53 -30.40 13.20
C GLY F 36 -44.54 -29.06 13.90
N ALA F 37 -43.45 -28.31 13.78
CA ALA F 37 -43.35 -27.01 14.46
C ALA F 37 -44.37 -26.02 13.89
N VAL F 38 -44.48 -25.97 12.56
CA VAL F 38 -45.46 -25.08 11.94
C VAL F 38 -46.87 -25.46 12.36
N PHE F 39 -47.17 -26.76 12.38
CA PHE F 39 -48.50 -27.22 12.74
C PHE F 39 -48.85 -26.85 14.18
N THR F 40 -47.92 -27.12 15.11
CA THR F 40 -48.21 -26.83 16.51
C THR F 40 -48.29 -25.33 16.76
N TYR F 41 -47.46 -24.53 16.10
CA TYR F 41 -47.54 -23.09 16.27
C TYR F 41 -48.83 -22.53 15.69
N PHE F 42 -49.29 -23.08 14.56
CA PHE F 42 -50.57 -22.68 13.99
C PHE F 42 -51.71 -23.02 14.93
N ILE F 43 -51.68 -24.22 15.52
CA ILE F 43 -52.73 -24.60 16.46
C ILE F 43 -52.71 -23.66 17.67
N PHE F 44 -51.52 -23.36 18.19
CA PHE F 44 -51.41 -22.45 19.33
C PHE F 44 -51.96 -21.07 18.99
N SER F 45 -51.61 -20.55 17.81
CA SER F 45 -52.06 -19.22 17.41
C SER F 45 -53.57 -19.19 17.27
N ILE F 46 -54.15 -20.19 16.62
CA ILE F 46 -55.61 -20.22 16.43
C ILE F 46 -56.31 -20.31 17.78
N GLY F 47 -55.82 -21.21 18.65
CA GLY F 47 -56.44 -21.36 19.96
C GLY F 47 -56.36 -20.10 20.78
N GLU F 48 -55.20 -19.44 20.81
CA GLU F 48 -55.05 -18.23 21.59
C GLU F 48 -55.90 -17.10 21.03
N PHE F 49 -55.95 -16.97 19.70
CA PHE F 49 -56.78 -15.95 19.09
C PHE F 49 -58.25 -16.14 19.44
N PHE F 50 -58.74 -17.38 19.35
CA PHE F 50 -60.15 -17.62 19.66
C PHE F 50 -60.42 -17.44 21.15
N LYS F 51 -59.47 -17.83 22.00
CA LYS F 51 -59.64 -17.63 23.44
C LYS F 51 -59.72 -16.14 23.77
N ASN F 52 -58.86 -15.33 23.15
CA ASN F 52 -58.92 -13.88 23.38
C ASN F 52 -60.21 -13.29 22.84
N PHE F 53 -60.68 -13.78 21.68
CA PHE F 53 -61.92 -13.28 21.12
C PHE F 53 -63.12 -13.63 21.99
N PHE F 54 -63.14 -14.82 22.58
CA PHE F 54 -64.30 -15.30 23.33
C PHE F 54 -64.30 -14.85 24.79
N SER F 55 -63.13 -14.70 25.41
CA SER F 55 -63.05 -14.44 26.84
C SER F 55 -63.23 -12.97 27.18
N PHE F 56 -63.44 -12.10 26.19
CA PHE F 56 -63.56 -10.66 26.41
C PHE F 56 -62.32 -10.09 27.09
N SER F 57 -61.16 -10.69 26.83
CA SER F 57 -59.90 -10.18 27.36
C SER F 57 -59.34 -9.03 26.54
N PHE F 58 -59.95 -8.71 25.39
CA PHE F 58 -59.52 -7.59 24.58
C PHE F 58 -59.95 -6.24 25.14
N LEU F 59 -60.81 -6.23 26.17
CA LEU F 59 -61.15 -4.99 26.85
C LEU F 59 -60.01 -4.47 27.73
N ASN F 60 -58.96 -5.27 27.94
CA ASN F 60 -57.81 -4.88 28.73
C ASN F 60 -56.69 -4.30 27.86
N ASN F 61 -56.96 -4.08 26.57
CA ASN F 61 -55.97 -3.48 25.70
C ASN F 61 -55.68 -2.05 26.11
N ILE F 62 -54.49 -1.57 25.76
CA ILE F 62 -54.02 -0.24 26.13
C ILE F 62 -53.97 0.62 24.87
N TRP F 63 -54.59 1.79 24.95
CA TRP F 63 -54.59 2.73 23.84
C TRP F 63 -54.03 4.11 24.19
N SER F 64 -53.91 4.45 25.47
CA SER F 64 -53.51 5.78 25.90
C SER F 64 -52.26 5.71 26.76
N ILE F 65 -51.42 6.74 26.64
CA ILE F 65 -50.21 6.87 27.44
C ILE F 65 -50.12 8.28 28.01
N PRO F 66 -49.52 8.47 29.18
CA PRO F 66 -49.30 9.82 29.68
C PRO F 66 -48.06 10.46 29.07
N ILE F 67 -48.12 11.77 28.91
CA ILE F 67 -47.02 12.55 28.35
C ILE F 67 -46.42 13.37 29.48
N ILE F 68 -45.12 13.22 29.70
CA ILE F 68 -44.40 13.90 30.76
C ILE F 68 -43.30 14.74 30.14
N ILE F 69 -43.24 16.01 30.52
CA ILE F 69 -42.23 16.93 29.98
C ILE F 69 -40.92 16.71 30.72
N PRO F 70 -39.84 16.38 30.01
CA PRO F 70 -38.53 16.25 30.68
C PRO F 70 -38.01 17.61 31.11
N ASP F 71 -37.28 17.62 32.22
CA ASP F 71 -36.66 18.84 32.70
C ASP F 71 -35.44 19.18 31.84
N ILE F 72 -34.88 20.37 32.09
CA ILE F 72 -33.74 20.83 31.31
C ILE F 72 -32.51 19.95 31.53
N ALA F 73 -32.42 19.28 32.68
CA ALA F 73 -31.29 18.40 32.94
C ALA F 73 -31.29 17.22 31.97
N SER F 74 -32.46 16.66 31.68
CA SER F 74 -32.58 15.50 30.79
C SER F 74 -32.89 15.89 29.35
N ALA F 75 -33.01 17.18 29.05
CA ALA F 75 -33.35 17.62 27.70
C ALA F 75 -32.08 17.78 26.87
N MET F 76 -32.22 18.30 25.65
CA MET F 76 -31.09 18.56 24.78
C MET F 76 -30.39 19.81 25.27
N ILE F 77 -29.44 19.62 26.21
CA ILE F 77 -28.74 20.74 26.81
C ILE F 77 -27.89 21.47 25.78
N SER F 78 -27.46 20.77 24.72
CA SER F 78 -26.66 21.41 23.69
C SER F 78 -27.47 22.43 22.92
N GLU F 79 -28.80 22.28 22.89
CA GLU F 79 -29.64 23.25 22.19
C GLU F 79 -29.92 24.46 23.06
N VAL F 80 -29.91 24.29 24.39
CA VAL F 80 -30.21 25.40 25.28
C VAL F 80 -29.04 26.39 25.29
N SER F 81 -29.36 27.66 25.08
CA SER F 81 -28.36 28.71 25.04
C SER F 81 -28.90 29.93 25.76
N VAL F 82 -28.02 30.63 26.48
CA VAL F 82 -28.40 31.82 27.23
C VAL F 82 -28.07 33.04 26.40
N LEU F 83 -29.06 33.89 26.16
CA LEU F 83 -28.92 35.08 25.35
C LEU F 83 -28.88 36.31 26.26
N ASP F 84 -27.82 37.10 26.14
CA ASP F 84 -27.56 38.33 26.91
C ASP F 84 -27.42 38.05 28.40
N GLY F 85 -27.36 36.79 28.83
CA GLY F 85 -27.30 36.49 30.24
C GLY F 85 -28.61 36.65 30.99
N TYR F 86 -29.72 36.78 30.28
CA TYR F 86 -31.01 37.02 30.89
C TYR F 86 -32.13 36.11 30.40
N PHE F 87 -32.00 35.51 29.23
CA PHE F 87 -33.02 34.63 28.67
C PHE F 87 -32.39 33.32 28.23
N HIS F 88 -33.25 32.38 27.83
CA HIS F 88 -32.82 31.11 27.28
C HIS F 88 -33.89 30.60 26.32
N ASN F 89 -33.56 29.50 25.62
CA ASN F 89 -34.40 28.98 24.55
C ASN F 89 -35.38 27.91 25.02
N ALA F 90 -35.41 27.58 26.32
CA ALA F 90 -36.36 26.59 26.82
C ALA F 90 -37.73 27.25 26.91
N PHE F 91 -38.52 27.10 25.84
CA PHE F 91 -39.82 27.75 25.74
C PHE F 91 -40.89 26.90 26.43
N THR F 92 -41.66 27.53 27.31
CA THR F 92 -42.78 26.85 27.98
C THR F 92 -43.78 27.92 28.38
N PHE F 93 -44.85 28.05 27.60
CA PHE F 93 -45.94 28.96 27.91
C PHE F 93 -47.18 28.19 28.33
N LEU F 94 -47.98 28.81 29.20
CA LEU F 94 -49.05 28.13 29.92
C LEU F 94 -50.26 27.89 29.01
N GLU F 95 -50.02 27.10 27.96
CA GLU F 95 -51.06 26.69 27.00
C GLU F 95 -51.76 27.96 26.49
N THR F 96 -53.09 28.05 26.61
CA THR F 96 -53.84 29.21 26.16
C THR F 96 -54.37 29.98 27.35
N SER F 97 -54.03 31.26 27.43
CA SER F 97 -54.56 32.15 28.45
C SER F 97 -55.16 33.37 27.75
N VAL F 98 -56.45 33.60 27.98
CA VAL F 98 -57.19 34.68 27.32
C VAL F 98 -58.04 35.38 28.36
N ASN F 99 -58.12 36.71 28.28
CA ASN F 99 -58.96 37.48 29.18
C ASN F 99 -60.43 37.18 28.89
N THR F 100 -61.19 36.92 29.94
CA THR F 100 -62.60 36.58 29.79
C THR F 100 -63.41 37.79 29.34
N THR F 101 -64.51 37.53 28.67
CA THR F 101 -65.39 38.59 28.22
C THR F 101 -66.10 39.25 29.40
N THR F 102 -66.82 40.33 29.11
CA THR F 102 -67.54 41.05 30.16
C THR F 102 -68.62 40.17 30.78
N ASN F 103 -69.36 39.43 29.96
CA ASN F 103 -70.41 38.55 30.45
C ASN F 103 -70.33 37.21 29.72
N PRO F 104 -70.28 36.09 30.44
CA PRO F 104 -70.22 34.78 29.76
C PRO F 104 -71.44 34.51 28.88
N SER F 105 -72.60 35.05 29.24
CA SER F 105 -73.79 34.83 28.43
C SER F 105 -73.60 35.38 27.01
N LEU F 106 -72.88 36.50 26.89
CA LEU F 106 -72.65 37.09 25.57
C LEU F 106 -71.83 36.15 24.69
N VAL F 107 -70.77 35.56 25.24
CA VAL F 107 -69.95 34.65 24.43
C VAL F 107 -70.70 33.35 24.17
N ILE F 108 -71.56 32.90 25.10
CA ILE F 108 -72.38 31.73 24.83
C ILE F 108 -73.32 31.99 23.67
N PHE F 109 -73.96 33.15 23.66
CA PHE F 109 -74.85 33.51 22.56
C PHE F 109 -74.08 33.64 21.25
N GLU F 110 -72.88 34.20 21.30
CA GLU F 110 -72.05 34.30 20.11
C GLU F 110 -71.71 32.92 19.56
N LYS F 111 -71.35 31.98 20.43
CA LYS F 111 -71.07 30.62 19.99
C LYS F 111 -72.30 29.94 19.43
N PHE F 112 -73.47 30.21 20.03
CA PHE F 112 -74.72 29.66 19.49
C PHE F 112 -74.98 30.17 18.08
N VAL F 113 -74.81 31.47 17.86
CA VAL F 113 -75.01 32.04 16.54
C VAL F 113 -74.00 31.48 15.54
N ILE F 114 -72.74 31.33 15.98
CA ILE F 114 -71.70 30.80 15.11
C ILE F 114 -72.01 29.37 14.72
N GLY F 115 -72.50 28.56 15.66
CA GLY F 115 -72.91 27.21 15.33
C GLY F 115 -74.08 27.18 14.35
N ILE F 116 -75.05 28.07 14.56
CA ILE F 116 -76.18 28.16 13.63
C ILE F 116 -75.68 28.48 12.22
N ILE F 117 -74.75 29.43 12.11
CA ILE F 117 -74.22 29.80 10.80
C ILE F 117 -73.43 28.64 10.20
N ASN F 118 -72.62 27.97 11.01
CA ASN F 118 -71.76 26.89 10.51
C ASN F 118 -72.58 25.67 10.08
N SER F 119 -73.79 25.51 10.62
CA SER F 119 -74.62 24.38 10.22
C SER F 119 -75.02 24.39 8.75
N LEU F 120 -74.79 25.51 8.06
CA LEU F 120 -75.14 25.60 6.64
C LEU F 120 -74.31 24.65 5.79
N PHE F 121 -73.01 24.53 6.08
CA PHE F 121 -72.12 23.77 5.22
C PHE F 121 -72.37 22.26 5.29
N LEU F 122 -73.02 21.78 6.36
CA LEU F 122 -73.26 20.35 6.49
C LEU F 122 -74.32 19.85 5.51
N ILE F 123 -75.24 20.72 5.10
CA ILE F 123 -76.38 20.30 4.28
C ILE F 123 -76.19 20.66 2.81
N LEU F 124 -74.99 21.06 2.41
CA LEU F 124 -74.75 21.36 1.00
C LEU F 124 -74.84 20.09 0.17
N PRO F 125 -75.60 20.08 -0.93
CA PRO F 125 -75.76 18.86 -1.75
C PRO F 125 -74.54 18.57 -2.62
N THR F 126 -73.50 18.03 -1.99
CA THR F 126 -72.24 17.75 -2.68
C THR F 126 -71.68 16.35 -2.40
N SER F 127 -72.40 15.51 -1.67
CA SER F 127 -71.89 14.20 -1.28
C SER F 127 -72.86 13.10 -1.74
N THR F 128 -72.54 11.86 -1.39
CA THR F 128 -73.37 10.73 -1.80
C THR F 128 -74.69 10.70 -1.03
N SER F 129 -74.65 11.02 0.26
CA SER F 129 -75.88 11.01 1.07
C SER F 129 -76.90 12.01 0.55
N HIS F 130 -76.43 13.20 0.15
CA HIS F 130 -77.33 14.19 -0.42
C HIS F 130 -77.92 13.70 -1.74
N LEU F 131 -77.12 13.01 -2.56
CA LEU F 131 -77.63 12.45 -3.79
C LEU F 131 -78.70 11.40 -3.53
N ILE F 132 -78.48 10.53 -2.55
CA ILE F 132 -79.48 9.53 -2.20
C ILE F 132 -80.76 10.19 -1.69
N THR F 133 -80.62 11.21 -0.85
CA THR F 133 -81.79 11.93 -0.35
C THR F 133 -82.55 12.60 -1.49
N LEU F 134 -81.83 13.20 -2.43
CA LEU F 134 -82.49 13.83 -3.57
C LEU F 134 -83.23 12.82 -4.42
N ARG F 135 -82.61 11.66 -4.68
CA ARG F 135 -83.29 10.63 -5.46
C ARG F 135 -84.54 10.12 -4.74
N ARG F 136 -84.45 9.93 -3.42
CA ARG F 136 -85.62 9.49 -2.67
C ARG F 136 -86.73 10.54 -2.71
N PHE F 137 -86.37 11.81 -2.58
CA PHE F 137 -87.35 12.88 -2.69
C PHE F 137 -88.03 12.87 -4.05
N VAL F 138 -87.25 12.69 -5.11
CA VAL F 138 -87.81 12.73 -6.45
C VAL F 138 -88.70 11.53 -6.72
N MET F 139 -88.27 10.33 -6.33
CA MET F 139 -88.94 9.10 -6.74
C MET F 139 -89.98 8.60 -5.75
N GLN F 140 -89.65 8.53 -4.46
CA GLN F 140 -90.50 7.84 -3.49
C GLN F 140 -91.34 8.79 -2.64
N GLY F 141 -91.39 10.07 -3.00
CA GLY F 141 -92.23 11.01 -2.29
C GLY F 141 -91.48 11.87 -1.30
N LEU F 142 -92.22 12.34 -0.29
CA LEU F 142 -91.67 13.23 0.72
C LEU F 142 -91.19 12.49 1.97
N GLU F 143 -91.91 11.43 2.37
CA GLU F 143 -91.56 10.74 3.61
C GLU F 143 -90.19 10.09 3.52
N ALA F 144 -89.89 9.44 2.38
CA ALA F 144 -88.60 8.79 2.22
C ALA F 144 -87.46 9.80 2.26
N GLY F 145 -87.62 10.92 1.55
CA GLY F 145 -86.59 11.94 1.57
C GLY F 145 -86.40 12.55 2.95
N TYR F 146 -87.51 12.78 3.66
CA TYR F 146 -87.41 13.31 5.03
C TYR F 146 -86.68 12.33 5.94
N MET F 147 -86.98 11.04 5.82
CA MET F 147 -86.28 10.04 6.64
C MET F 147 -84.80 9.97 6.31
N ALA F 148 -84.46 10.05 5.02
CA ALA F 148 -83.05 10.02 4.62
C ALA F 148 -82.31 11.24 5.16
N GLY F 149 -82.94 12.43 5.06
CA GLY F 149 -82.33 13.62 5.61
C GLY F 149 -82.15 13.54 7.12
N LEU F 150 -83.16 13.02 7.82
CA LEU F 150 -83.05 12.86 9.25
C LEU F 150 -81.92 11.88 9.61
N GLY F 151 -81.79 10.80 8.85
CA GLY F 151 -80.72 9.85 9.12
C GLY F 151 -79.34 10.44 8.91
N THR F 152 -79.13 11.14 7.80
CA THR F 152 -77.82 11.73 7.57
C THR F 152 -77.53 12.83 8.58
N LEU F 153 -78.57 13.57 8.99
CA LEU F 153 -78.41 14.58 10.04
C LEU F 153 -77.99 13.94 11.35
N ALA F 154 -78.65 12.83 11.72
CA ALA F 154 -78.29 12.16 12.97
C ALA F 154 -76.87 11.62 12.93
N GLY F 155 -76.47 11.03 11.79
CA GLY F 155 -75.11 10.54 11.68
C GLY F 155 -74.08 11.64 11.78
N ASN F 156 -74.30 12.73 11.06
CA ASN F 156 -73.37 13.86 11.12
C ASN F 156 -73.30 14.45 12.52
N PHE F 157 -74.45 14.60 13.18
CA PHE F 157 -74.45 15.14 14.53
C PHE F 157 -73.70 14.23 15.49
N LEU F 158 -73.90 12.92 15.38
CA LEU F 158 -73.18 11.99 16.25
C LEU F 158 -71.68 12.09 16.04
N TRP F 159 -71.24 12.08 14.77
CA TRP F 159 -69.81 12.15 14.49
C TRP F 159 -69.22 13.46 14.98
N LEU F 160 -69.91 14.58 14.73
CA LEU F 160 -69.41 15.89 15.12
C LEU F 160 -69.36 16.03 16.63
N ALA F 161 -70.38 15.52 17.34
CA ALA F 161 -70.38 15.60 18.80
C ALA F 161 -69.28 14.73 19.39
N SER F 162 -69.04 13.55 18.80
CA SER F 162 -67.95 12.70 19.28
C SER F 162 -66.61 13.38 19.08
N ILE F 163 -66.42 14.04 17.94
CA ILE F 163 -65.13 14.70 17.67
C ILE F 163 -64.94 15.91 18.57
N ILE F 164 -65.97 16.75 18.71
CA ILE F 164 -65.82 18.02 19.43
C ILE F 164 -65.67 17.78 20.93
N LEU F 165 -66.44 16.86 21.49
CA LEU F 165 -66.42 16.63 22.93
C LEU F 165 -65.26 15.75 23.38
N GLY F 166 -64.41 15.31 22.47
CA GLY F 166 -63.25 14.50 22.84
C GLY F 166 -63.58 13.11 23.31
N TRP F 167 -64.51 12.42 22.65
CA TRP F 167 -64.82 11.02 22.98
C TRP F 167 -63.92 10.11 22.15
N ARG F 168 -62.66 10.05 22.57
CA ARG F 168 -61.64 9.30 21.82
C ARG F 168 -61.87 7.80 21.87
N PHE F 169 -62.53 7.29 22.92
CA PHE F 169 -62.70 5.85 23.07
C PHE F 169 -63.45 5.25 21.89
N PHE F 170 -64.28 6.05 21.22
CA PHE F 170 -64.96 5.60 20.02
C PHE F 170 -64.27 6.07 18.75
N VAL F 171 -63.70 7.28 18.76
CA VAL F 171 -63.13 7.84 17.54
C VAL F 171 -61.87 7.09 17.13
N ILE F 172 -60.94 6.89 18.07
CA ILE F 172 -59.63 6.33 17.75
C ILE F 172 -59.74 4.88 17.29
N PRO F 173 -60.40 3.97 18.03
CA PRO F 173 -60.51 2.59 17.54
C PRO F 173 -61.25 2.49 16.21
N TRP F 174 -62.27 3.31 16.00
CA TRP F 174 -63.00 3.28 14.74
C TRP F 174 -62.13 3.75 13.58
N LEU F 175 -61.34 4.80 13.79
CA LEU F 175 -60.42 5.26 12.76
C LEU F 175 -59.28 4.27 12.54
N SER F 176 -58.98 3.42 13.52
CA SER F 176 -57.92 2.44 13.36
C SER F 176 -58.27 1.40 12.31
N LEU F 177 -59.54 1.03 12.20
CA LEU F 177 -60.00 0.02 11.22
C LEU F 177 -60.02 0.67 9.83
N ASP F 178 -58.87 0.63 9.17
CA ASP F 178 -58.69 1.40 7.93
C ASP F 178 -59.50 0.81 6.78
N ILE F 179 -59.42 -0.49 6.56
CA ILE F 179 -60.03 -1.10 5.38
C ILE F 179 -61.45 -1.59 5.63
N PHE F 180 -61.80 -1.89 6.88
CA PHE F 180 -63.16 -2.32 7.20
C PHE F 180 -64.16 -1.23 6.87
N ARG F 181 -63.81 0.03 7.13
CA ARG F 181 -64.70 1.14 6.85
C ARG F 181 -64.91 1.34 5.35
N TYR F 182 -63.89 1.04 4.54
CA TYR F 182 -64.06 1.11 3.09
C TYR F 182 -64.94 -0.03 2.59
N LEU F 183 -64.69 -1.25 3.09
CA LEU F 183 -65.48 -2.39 2.66
C LEU F 183 -66.93 -2.27 3.05
N LEU F 184 -67.22 -1.75 4.25
CA LEU F 184 -68.60 -1.54 4.66
C LEU F 184 -69.31 -0.57 3.73
N GLY F 185 -68.65 0.53 3.38
CA GLY F 185 -69.24 1.47 2.44
C GLY F 185 -69.48 0.85 1.08
N PHE F 186 -68.52 0.06 0.60
CA PHE F 186 -68.70 -0.61 -0.68
C PHE F 186 -69.89 -1.56 -0.66
N VAL F 187 -70.03 -2.33 0.42
CA VAL F 187 -71.16 -3.26 0.53
C VAL F 187 -72.48 -2.51 0.57
N LEU F 188 -72.55 -1.43 1.36
CA LEU F 188 -73.78 -0.65 1.45
C LEU F 188 -74.16 -0.06 0.11
N LEU F 189 -73.18 0.51 -0.61
CA LEU F 189 -73.47 1.10 -1.90
C LEU F 189 -73.88 0.04 -2.92
N VAL F 190 -73.27 -1.13 -2.88
CA VAL F 190 -73.66 -2.21 -3.80
C VAL F 190 -75.09 -2.63 -3.54
N LYS F 191 -75.45 -2.83 -2.27
CA LYS F 191 -76.82 -3.23 -1.94
C LYS F 191 -77.82 -2.17 -2.37
N TYR F 192 -77.52 -0.90 -2.11
CA TYR F 192 -78.41 0.17 -2.51
C TYR F 192 -78.55 0.24 -4.03
N ILE F 193 -77.44 0.06 -4.75
CA ILE F 193 -77.49 0.10 -6.21
C ILE F 193 -78.37 -1.01 -6.75
N TRP F 194 -78.23 -2.22 -6.21
CA TRP F 194 -79.07 -3.33 -6.68
C TRP F 194 -80.54 -3.07 -6.37
N ASP F 195 -80.83 -2.58 -5.16
CA ASP F 195 -82.21 -2.33 -4.79
C ASP F 195 -82.83 -1.25 -5.67
N SER F 196 -82.07 -0.19 -5.97
CA SER F 196 -82.59 0.85 -6.85
C SER F 196 -82.75 0.35 -8.28
N SER F 197 -81.83 -0.50 -8.74
CA SER F 197 -81.90 -1.01 -10.10
C SER F 197 -83.14 -1.90 -10.29
N LYS F 198 -83.45 -2.73 -9.30
CA LYS F 198 -84.64 -3.58 -9.41
C LYS F 198 -85.94 -2.79 -9.33
N GLU F 199 -85.89 -1.53 -8.91
CA GLU F 199 -87.04 -0.63 -8.95
C GLU F 199 -88.24 -1.18 -8.18
N ARG F 200 -88.02 -1.44 -6.90
CA ARG F 200 -89.11 -1.87 -6.03
C ARG F 200 -89.96 -0.68 -5.60
N ARG F 201 -91.26 -0.76 -5.86
CA ARG F 201 -92.18 0.33 -5.55
C ARG F 201 -93.38 -0.23 -4.79
N MET F 202 -93.71 0.39 -3.66
CA MET F 202 -94.83 -0.01 -2.83
C MET F 202 -95.07 1.09 -1.81
N ALA F 203 -96.22 0.99 -1.13
CA ALA F 203 -96.53 1.93 -0.07
C ALA F 203 -95.56 1.75 1.09
N LEU F 204 -95.05 2.87 1.61
CA LEU F 204 -94.01 2.80 2.63
C LEU F 204 -94.60 2.41 3.97
N GLU F 205 -93.97 1.43 4.62
CA GLU F 205 -94.30 1.05 5.98
C GLU F 205 -93.24 1.57 6.94
N ASP F 206 -93.44 1.30 8.23
CA ASP F 206 -92.48 1.75 9.24
C ASP F 206 -91.11 1.09 9.03
N LEU F 207 -91.10 -0.20 8.68
CA LEU F 207 -89.83 -0.91 8.50
C LEU F 207 -89.05 -0.34 7.32
N SER F 208 -89.73 -0.01 6.23
CA SER F 208 -89.05 0.60 5.09
C SER F 208 -88.47 1.96 5.45
N LYS F 209 -89.23 2.77 6.20
CA LYS F 209 -88.73 4.07 6.63
C LYS F 209 -87.52 3.92 7.53
N TRP F 210 -87.54 2.94 8.43
CA TRP F 210 -86.38 2.73 9.30
C TRP F 210 -85.18 2.20 8.52
N LYS F 211 -85.40 1.39 7.49
CA LYS F 211 -84.30 0.99 6.62
C LYS F 211 -83.70 2.20 5.90
N ILE F 212 -84.56 3.09 5.42
CA ILE F 212 -84.09 4.32 4.76
C ILE F 212 -83.27 5.15 5.74
N PHE F 213 -83.76 5.30 6.97
CA PHE F 213 -83.02 6.04 8.00
C PHE F 213 -81.67 5.39 8.27
N LEU F 214 -81.66 4.07 8.45
CA LEU F 214 -80.44 3.37 8.84
C LEU F 214 -79.39 3.38 7.74
N LEU F 215 -79.82 3.34 6.48
CA LEU F 215 -78.85 3.39 5.38
C LEU F 215 -78.03 4.66 5.43
N ASN F 216 -78.69 5.82 5.54
CA ASN F 216 -77.98 7.09 5.61
C ASN F 216 -77.22 7.22 6.93
N PHE F 217 -77.78 6.70 8.02
CA PHE F 217 -77.08 6.77 9.31
C PHE F 217 -75.75 6.03 9.27
N LEU F 218 -75.75 4.84 8.65
CA LEU F 218 -74.50 4.09 8.52
C LEU F 218 -73.58 4.71 7.48
N LEU F 219 -74.14 5.27 6.40
CA LEU F 219 -73.31 5.90 5.37
C LEU F 219 -72.63 7.17 5.87
N ALA F 220 -73.20 7.83 6.89
CA ALA F 220 -72.59 9.03 7.43
C ALA F 220 -71.33 8.75 8.25
N LEU F 221 -71.04 7.49 8.56
CA LEU F 221 -69.89 7.13 9.36
C LEU F 221 -68.72 6.62 8.53
N THR F 222 -68.81 6.67 7.21
CA THR F 222 -67.75 6.22 6.34
C THR F 222 -67.18 7.40 5.56
N GLU F 223 -66.12 7.13 4.80
CA GLU F 223 -65.51 8.14 3.93
C GLU F 223 -66.15 8.05 2.55
N GLN F 224 -66.84 9.09 2.15
CA GLN F 224 -67.58 9.10 0.89
C GLN F 224 -67.02 10.17 -0.04
N SER F 225 -67.15 9.91 -1.35
CA SER F 225 -66.67 10.86 -2.34
C SER F 225 -67.41 12.18 -2.21
N CYS F 226 -66.67 13.28 -2.33
CA CYS F 226 -67.22 14.61 -2.15
C CYS F 226 -66.84 15.46 -3.35
N ILE F 227 -67.83 16.16 -3.90
CA ILE F 227 -67.59 17.14 -4.95
C ILE F 227 -67.59 18.52 -4.31
N TYR F 228 -66.98 19.47 -5.00
CA TYR F 228 -66.85 20.84 -4.50
C TYR F 228 -66.21 20.92 -3.11
N PRO F 229 -64.93 20.52 -2.97
CA PRO F 229 -64.25 20.76 -1.69
C PRO F 229 -63.87 22.22 -1.52
N PHE F 230 -63.34 22.58 -0.35
CA PHE F 230 -62.86 23.92 -0.04
C PHE F 230 -64.04 24.87 0.14
N ILE F 231 -65.25 24.37 -0.11
CA ILE F 231 -66.47 25.11 0.16
C ILE F 231 -67.34 24.42 1.21
N SER F 232 -67.41 23.09 1.20
CA SER F 232 -68.06 22.36 2.29
C SER F 232 -67.21 22.30 3.55
N ASN F 233 -65.95 22.73 3.46
CA ASN F 233 -65.06 22.78 4.62
C ASN F 233 -64.91 24.19 5.18
N LEU F 234 -65.58 25.19 4.61
CA LEU F 234 -65.49 26.54 5.13
C LEU F 234 -66.18 26.65 6.47
N SER F 235 -65.83 27.71 7.21
CA SER F 235 -66.42 27.99 8.51
C SER F 235 -66.33 29.48 8.77
N PHE F 236 -67.37 30.05 9.36
CA PHE F 236 -67.41 31.48 9.69
C PHE F 236 -66.73 31.72 11.04
N GLY F 237 -65.43 31.45 11.08
CA GLY F 237 -64.64 31.65 12.26
C GLY F 237 -63.17 31.52 11.97
N PRO F 238 -62.32 31.92 12.92
CA PRO F 238 -60.86 31.85 12.73
C PRO F 238 -60.32 30.45 12.92
N ASP F 239 -60.85 29.50 12.15
CA ASP F 239 -60.46 28.10 12.22
C ASP F 239 -60.30 27.55 10.81
N ALA F 240 -59.89 26.29 10.72
CA ALA F 240 -59.74 25.61 9.44
C ALA F 240 -60.95 24.77 9.06
N SER F 241 -61.77 24.40 10.04
CA SER F 241 -62.99 23.63 9.78
C SER F 241 -63.98 23.94 10.89
N ILE F 242 -65.07 23.15 10.94
CA ILE F 242 -66.11 23.33 11.95
C ILE F 242 -65.91 22.42 13.15
N LEU F 243 -64.92 21.54 13.13
CA LEU F 243 -64.70 20.56 14.18
C LEU F 243 -63.76 21.05 15.28
N GLU F 244 -63.14 22.22 15.11
CA GLU F 244 -62.19 22.72 16.10
C GLU F 244 -62.92 23.48 17.20
N GLY F 245 -62.44 23.30 18.43
CA GLY F 245 -63.06 23.90 19.59
C GLY F 245 -62.57 25.30 19.89
N PHE F 246 -63.04 25.83 21.02
CA PHE F 246 -62.70 27.18 21.43
C PHE F 246 -62.00 27.16 22.79
N PRO F 247 -61.10 28.11 23.04
CA PRO F 247 -60.43 28.16 24.34
C PRO F 247 -61.37 28.59 25.45
N VAL F 248 -61.19 27.99 26.63
CA VAL F 248 -61.99 28.28 27.80
C VAL F 248 -61.06 28.38 29.01
N ASP F 249 -61.64 28.68 30.17
CA ASP F 249 -60.89 28.84 31.41
C ASP F 249 -61.16 27.77 32.44
N ASN F 250 -62.31 27.12 32.41
CA ASN F 250 -62.65 26.11 33.40
C ASN F 250 -63.62 25.11 32.81
N TYR F 251 -63.85 24.03 33.56
CA TYR F 251 -64.70 22.93 33.09
C TYR F 251 -66.14 23.37 32.82
N PRO F 252 -66.83 24.06 33.73
CA PRO F 252 -68.22 24.47 33.40
C PRO F 252 -68.30 25.35 32.17
N GLN F 253 -67.36 26.27 31.97
CA GLN F 253 -67.38 27.11 30.79
C GLN F 253 -67.14 26.28 29.53
N PHE F 254 -66.22 25.31 29.60
CA PHE F 254 -66.01 24.40 28.48
C PHE F 254 -67.31 23.70 28.10
N LEU F 255 -67.98 23.11 29.09
CA LEU F 255 -69.22 22.38 28.83
C LEU F 255 -70.28 23.30 28.24
N LEU F 256 -70.44 24.50 28.83
CA LEU F 256 -71.48 25.42 28.36
C LEU F 256 -71.22 25.86 26.94
N ILE F 257 -69.99 26.27 26.64
CA ILE F 257 -69.67 26.79 25.31
C ILE F 257 -69.86 25.70 24.25
N HIS F 258 -69.33 24.50 24.52
CA HIS F 258 -69.42 23.46 23.50
C HIS F 258 -70.84 22.93 23.35
N GLY F 259 -71.60 22.84 24.45
CA GLY F 259 -73.01 22.47 24.34
C GLY F 259 -73.81 23.49 23.56
N ALA F 260 -73.53 24.78 23.78
CA ALA F 260 -74.21 25.82 23.01
C ALA F 260 -73.88 25.71 21.53
N TYR F 261 -72.61 25.46 21.20
CA TYR F 261 -72.22 25.32 19.80
C TYR F 261 -72.94 24.13 19.14
N LEU F 262 -72.95 22.98 19.83
CA LEU F 262 -73.63 21.81 19.30
C LEU F 262 -75.13 22.06 19.14
N LEU F 263 -75.74 22.72 20.14
CA LEU F 263 -77.16 23.00 20.08
C LEU F 263 -77.48 23.92 18.91
N GLY F 264 -76.65 24.93 18.67
CA GLY F 264 -76.86 25.81 17.53
C GLY F 264 -76.76 25.09 16.21
N ILE F 265 -75.75 24.22 16.08
CA ILE F 265 -75.60 23.44 14.85
C ILE F 265 -76.82 22.57 14.62
N LEU F 266 -77.27 21.88 15.68
CA LEU F 266 -78.43 21.00 15.55
C LEU F 266 -79.68 21.79 15.19
N PHE F 267 -79.89 22.94 15.82
CA PHE F 267 -81.06 23.76 15.53
C PHE F 267 -81.05 24.24 14.09
N GLY F 268 -79.90 24.72 13.61
CA GLY F 268 -79.82 25.17 12.24
C GLY F 268 -80.09 24.05 11.25
N SER F 269 -79.49 22.88 11.49
CA SER F 269 -79.70 21.75 10.59
C SER F 269 -81.15 21.31 10.58
N PHE F 270 -81.79 21.24 11.75
CA PHE F 270 -83.18 20.83 11.81
C PHE F 270 -84.09 21.83 11.11
N SER F 271 -83.83 23.14 11.30
CA SER F 271 -84.63 24.15 10.63
C SER F 271 -84.47 24.04 9.11
N LEU F 272 -83.25 23.82 8.64
CA LEU F 272 -83.05 23.67 7.19
C LEU F 272 -83.75 22.43 6.66
N LEU F 273 -83.71 21.33 7.42
CA LEU F 273 -84.41 20.12 7.01
C LEU F 273 -85.91 20.35 6.90
N GLN F 274 -86.49 21.03 7.90
CA GLN F 274 -87.92 21.34 7.85
C GLN F 274 -88.25 22.24 6.68
N PHE F 275 -87.40 23.24 6.41
CA PHE F 275 -87.62 24.12 5.28
C PHE F 275 -87.59 23.35 3.96
N THR F 276 -86.63 22.42 3.81
CA THR F 276 -86.57 21.62 2.60
C THR F 276 -87.80 20.72 2.46
N CYS F 277 -88.25 20.14 3.58
CA CYS F 277 -89.43 19.28 3.54
C CYS F 277 -90.66 20.06 3.10
N TRP F 278 -90.81 21.29 3.59
CA TRP F 278 -91.94 22.11 3.16
C TRP F 278 -91.77 22.58 1.71
N PHE F 279 -90.53 22.89 1.30
CA PHE F 279 -90.29 23.43 -0.03
C PHE F 279 -90.55 22.38 -1.11
N TRP F 280 -90.17 21.13 -0.86
CA TRP F 280 -90.42 20.10 -1.87
C TRP F 280 -91.90 19.84 -2.05
N GLU F 281 -92.73 20.29 -1.11
CA GLU F 281 -94.18 20.13 -1.25
C GLU F 281 -94.85 21.40 -1.79
N ASN F 282 -94.26 22.57 -1.53
CA ASN F 282 -94.93 23.84 -1.84
C ASN F 282 -95.23 24.01 -3.32
N PRO F 283 -94.21 24.22 -4.18
CA PRO F 283 -94.46 24.36 -5.62
C PRO F 283 -95.10 23.12 -6.24
N ALA F 284 -94.44 21.98 -6.10
CA ALA F 284 -94.92 20.72 -6.67
C ALA F 284 -94.09 19.58 -6.09
N PHE F 285 -94.70 18.39 -6.01
CA PHE F 285 -93.97 17.22 -5.54
C PHE F 285 -92.79 16.92 -6.45
N SER F 286 -92.99 17.00 -7.77
CA SER F 286 -91.90 16.89 -8.74
C SER F 286 -92.02 18.10 -9.67
N ILE F 287 -91.42 19.22 -9.25
CA ILE F 287 -91.45 20.44 -10.04
C ILE F 287 -90.43 20.45 -11.15
N TYR F 288 -89.49 19.50 -11.15
CA TYR F 288 -88.47 19.44 -12.19
C TYR F 288 -89.10 19.23 -13.56
N LEU F 289 -90.18 18.46 -13.62
CA LEU F 289 -90.88 18.27 -14.90
C LEU F 289 -91.44 19.59 -15.42
N TRP F 290 -92.04 20.39 -14.54
CA TRP F 290 -92.55 21.69 -14.96
C TRP F 290 -91.42 22.62 -15.38
N ILE F 291 -90.30 22.59 -14.65
CA ILE F 291 -89.17 23.43 -15.00
C ILE F 291 -88.63 23.05 -16.37
N THR F 292 -88.50 21.75 -16.65
CA THR F 292 -88.02 21.31 -17.95
C THR F 292 -89.01 21.68 -19.05
N THR F 293 -90.31 21.55 -18.79
CA THR F 293 -91.31 21.94 -19.77
C THR F 293 -91.22 23.43 -20.09
N LYS F 294 -91.02 24.25 -19.07
CA LYS F 294 -90.83 25.68 -19.31
C LYS F 294 -89.54 25.94 -20.09
N SER F 295 -88.48 25.19 -19.79
CA SER F 295 -87.19 25.41 -20.45
C SER F 295 -87.24 25.01 -21.91
N SER F 296 -87.76 23.82 -22.19
CA SER F 296 -87.80 23.31 -23.56
C SER F 296 -88.93 22.28 -23.66
N LEU F 297 -89.01 21.60 -24.80
CA LEU F 297 -90.05 20.62 -25.01
C LEU F 297 -89.82 19.38 -24.14
N LYS F 298 -90.91 18.77 -23.68
CA LYS F 298 -90.86 17.57 -22.88
C LYS F 298 -91.32 16.37 -23.70
N ILE F 299 -90.65 15.23 -23.52
CA ILE F 299 -90.98 14.04 -24.27
C ILE F 299 -92.23 13.37 -23.72
N SER F 300 -92.16 12.93 -22.47
CA SER F 300 -93.27 12.26 -21.79
C SER F 300 -92.93 12.17 -20.31
N THR F 301 -93.72 11.41 -19.56
CA THR F 301 -93.46 11.19 -18.14
C THR F 301 -92.67 9.92 -17.89
N SER F 302 -93.03 8.83 -18.58
CA SER F 302 -92.32 7.56 -18.39
C SER F 302 -90.87 7.66 -18.86
N SER F 303 -90.65 8.25 -20.03
CA SER F 303 -89.29 8.43 -20.51
C SER F 303 -88.50 9.35 -19.60
N TYR F 304 -89.14 10.39 -19.09
CA TYR F 304 -88.48 11.30 -18.15
C TYR F 304 -88.06 10.56 -16.89
N TYR F 305 -88.94 9.70 -16.35
CA TYR F 305 -88.59 8.92 -15.17
C TYR F 305 -87.46 7.95 -15.48
N LYS F 306 -87.48 7.32 -16.66
CA LYS F 306 -86.40 6.42 -17.04
C LYS F 306 -85.07 7.14 -17.10
N ILE F 307 -85.05 8.31 -17.73
CA ILE F 307 -83.81 9.10 -17.84
C ILE F 307 -83.32 9.50 -16.45
N LEU F 308 -84.24 9.96 -15.59
CA LEU F 308 -83.84 10.37 -14.26
C LEU F 308 -83.28 9.20 -13.45
N ASN F 309 -83.92 8.04 -13.55
CA ASN F 309 -83.44 6.86 -12.83
C ASN F 309 -82.07 6.44 -13.34
N PHE F 310 -81.86 6.46 -14.65
CA PHE F 310 -80.55 6.11 -15.21
C PHE F 310 -79.49 7.10 -14.73
N THR F 311 -79.83 8.39 -14.69
CA THR F 311 -78.88 9.40 -14.22
C THR F 311 -78.51 9.16 -12.76
N PHE F 312 -79.51 8.87 -11.91
CA PHE F 312 -79.23 8.61 -10.50
C PHE F 312 -78.36 7.36 -10.33
N LEU F 313 -78.67 6.30 -11.10
CA LEU F 313 -77.87 5.08 -11.01
C LEU F 313 -76.44 5.33 -11.45
N TYR F 314 -76.25 6.09 -12.53
CA TYR F 314 -74.90 6.41 -12.98
C TYR F 314 -74.15 7.22 -11.94
N ALA F 315 -74.83 8.20 -11.32
CA ALA F 315 -74.17 9.02 -10.31
C ALA F 315 -73.77 8.20 -9.08
N THR F 316 -74.65 7.31 -8.62
CA THR F 316 -74.31 6.51 -7.46
C THR F 316 -73.24 5.48 -7.78
N MET F 317 -73.22 4.95 -9.01
CA MET F 317 -72.13 4.07 -9.42
C MET F 317 -70.80 4.81 -9.41
N LEU F 318 -70.79 6.04 -9.92
CA LEU F 318 -69.57 6.85 -9.89
C LEU F 318 -69.12 7.10 -8.46
N CYS F 319 -70.05 7.45 -7.57
CA CYS F 319 -69.70 7.66 -6.17
C CYS F 319 -69.18 6.38 -5.54
N ALA F 320 -69.65 5.22 -6.00
CA ALA F 320 -69.20 3.95 -5.44
C ALA F 320 -67.79 3.59 -5.91
N ILE F 321 -67.48 3.79 -7.18
CA ILE F 321 -66.22 3.29 -7.74
C ILE F 321 -65.20 4.39 -7.95
N ALA F 322 -65.44 5.60 -7.43
CA ALA F 322 -64.47 6.67 -7.59
C ALA F 322 -63.17 6.43 -6.82
N SER F 323 -63.18 5.56 -5.80
CA SER F 323 -62.06 5.43 -4.89
C SER F 323 -61.08 4.31 -5.26
N ILE F 324 -61.30 3.61 -6.36
CA ILE F 324 -60.44 2.47 -6.70
C ILE F 324 -59.10 2.93 -7.26
N PRO F 325 -59.05 3.84 -8.26
CA PRO F 325 -57.74 4.28 -8.77
C PRO F 325 -56.92 5.07 -7.76
N TYR F 326 -57.53 5.57 -6.68
CA TYR F 326 -56.82 6.44 -5.76
C TYR F 326 -55.71 5.70 -5.02
N TYR F 327 -56.00 4.49 -4.54
CA TYR F 327 -55.06 3.74 -3.72
C TYR F 327 -54.55 2.52 -4.49
N GLY F 328 -53.25 2.23 -4.32
CA GLY F 328 -52.69 1.03 -4.88
C GLY F 328 -52.94 -0.19 -4.02
N LEU F 329 -52.54 -1.35 -4.53
CA LEU F 329 -52.74 -2.61 -3.82
C LEU F 329 -51.83 -2.75 -2.62
N ASP F 330 -50.71 -2.04 -2.58
CA ASP F 330 -49.81 -2.13 -1.43
C ASP F 330 -50.45 -1.57 -0.17
N TYR F 331 -51.27 -0.52 -0.32
CA TYR F 331 -51.93 0.08 0.83
C TYR F 331 -53.24 -0.62 1.18
N THR F 332 -53.87 -1.29 0.22
CA THR F 332 -55.16 -1.92 0.47
C THR F 332 -55.06 -3.40 0.80
N ILE F 333 -54.00 -4.08 0.36
CA ILE F 333 -53.85 -5.51 0.55
C ILE F 333 -52.74 -5.84 1.54
N THR F 334 -51.53 -5.33 1.30
CA THR F 334 -50.40 -5.65 2.15
C THR F 334 -50.45 -4.95 3.50
N ASN F 335 -51.05 -3.75 3.56
CA ASN F 335 -51.14 -3.03 4.82
C ASN F 335 -51.92 -3.78 5.89
N PRO F 336 -53.14 -4.28 5.64
CA PRO F 336 -53.84 -5.04 6.69
C PRO F 336 -53.14 -6.33 7.07
N ILE F 337 -52.30 -6.90 6.19
CA ILE F 337 -51.59 -8.12 6.53
C ILE F 337 -50.55 -7.86 7.61
N GLY F 338 -49.89 -6.71 7.56
CA GLY F 338 -48.92 -6.35 8.57
C GLY F 338 -47.61 -5.83 8.03
N LEU F 339 -47.54 -5.60 6.72
CA LEU F 339 -46.31 -5.16 6.09
C LEU F 339 -46.23 -3.64 6.10
N VAL F 340 -44.99 -3.14 6.13
CA VAL F 340 -44.71 -1.71 6.05
C VAL F 340 -44.31 -1.40 4.61
N PRO F 341 -44.41 -0.15 4.15
CA PRO F 341 -44.00 0.16 2.78
C PRO F 341 -42.51 -0.12 2.57
N GLN F 342 -42.19 -0.61 1.38
CA GLN F 342 -40.83 -1.03 1.03
C GLN F 342 -40.28 -2.01 2.07
N ASP F 343 -41.08 -3.03 2.37
CA ASP F 343 -40.71 -4.01 3.38
C ASP F 343 -39.58 -4.90 2.88
N ARG F 344 -38.86 -5.51 3.82
CA ARG F 344 -37.76 -6.40 3.49
C ARG F 344 -38.26 -7.71 2.90
N ILE F 345 -39.49 -8.10 3.21
CA ILE F 345 -40.04 -9.36 2.72
C ILE F 345 -40.16 -9.33 1.20
N LEU F 346 -40.48 -8.17 0.63
CA LEU F 346 -40.70 -8.07 -0.81
C LEU F 346 -39.43 -8.39 -1.59
N ASN F 347 -38.28 -7.91 -1.12
CA ASN F 347 -37.03 -8.04 -1.85
C ASN F 347 -36.19 -9.24 -1.41
N GLN F 348 -36.69 -10.06 -0.49
CA GLN F 348 -35.93 -11.22 -0.05
C GLN F 348 -35.83 -12.24 -1.18
N LYS F 349 -34.62 -12.74 -1.41
CA LYS F 349 -34.37 -13.69 -2.47
C LYS F 349 -34.70 -15.11 -2.01
N LYS F 350 -34.95 -15.98 -2.99
CA LYS F 350 -35.30 -17.37 -2.69
C LYS F 350 -34.16 -18.09 -2.00
N SER F 351 -32.93 -17.86 -2.46
CA SER F 351 -31.75 -18.46 -1.85
C SER F 351 -30.53 -17.64 -2.25
N GLN F 352 -29.40 -17.95 -1.62
CA GLN F 352 -28.16 -17.24 -1.94
C GLN F 352 -27.70 -17.48 -3.36
N SER F 353 -28.18 -18.54 -4.01
CA SER F 353 -27.82 -18.83 -5.40
C SER F 353 -28.94 -18.53 -6.38
N ASP F 354 -30.19 -18.45 -5.93
CA ASP F 354 -31.32 -18.17 -6.81
C ASP F 354 -31.72 -16.71 -6.65
N PRO F 355 -31.60 -15.88 -7.69
CA PRO F 355 -31.95 -14.46 -7.54
C PRO F 355 -33.45 -14.19 -7.54
N ASP F 356 -34.27 -15.20 -7.77
CA ASP F 356 -35.72 -14.99 -7.80
C ASP F 356 -36.25 -14.64 -6.41
N LYS F 357 -37.29 -13.81 -6.38
CA LYS F 357 -37.89 -13.42 -5.11
C LYS F 357 -38.64 -14.58 -4.47
N LEU F 358 -38.63 -14.61 -3.14
CA LEU F 358 -39.28 -15.69 -2.40
C LEU F 358 -40.79 -15.64 -2.57
N ILE F 359 -41.40 -14.47 -2.35
CA ILE F 359 -42.85 -14.34 -2.43
C ILE F 359 -43.22 -13.94 -3.85
N THR F 360 -43.83 -14.86 -4.60
CA THR F 360 -44.19 -14.58 -5.99
C THR F 360 -45.43 -13.70 -6.08
N GLU F 361 -46.37 -13.85 -5.13
CA GLU F 361 -47.62 -13.10 -5.18
C GLU F 361 -47.44 -11.60 -5.02
N THR F 362 -46.29 -11.14 -4.54
CA THR F 362 -46.02 -9.71 -4.37
C THR F 362 -44.75 -9.30 -5.09
N ALA F 363 -44.47 -9.92 -6.24
CA ALA F 363 -43.29 -9.59 -7.01
C ALA F 363 -43.49 -8.42 -7.96
N PHE F 364 -44.69 -7.85 -8.02
CA PHE F 364 -44.99 -6.72 -8.89
C PHE F 364 -44.82 -5.37 -8.20
N LEU F 365 -44.42 -5.35 -6.94
CA LEU F 365 -44.33 -4.13 -6.17
C LEU F 365 -42.90 -3.60 -6.15
N ASN F 366 -42.77 -2.29 -6.35
CA ASN F 366 -41.50 -1.58 -6.24
C ASN F 366 -40.45 -2.16 -7.21
N LEU F 367 -40.77 -2.10 -8.49
CA LEU F 367 -39.90 -2.59 -9.54
C LEU F 367 -39.26 -1.41 -10.28
N ASN F 368 -37.93 -1.38 -10.30
CA ASN F 368 -37.23 -0.35 -11.03
C ASN F 368 -37.31 -0.61 -12.54
N PRO F 369 -37.18 0.42 -13.37
CA PRO F 369 -37.20 0.21 -14.82
C PRO F 369 -36.01 -0.57 -15.34
N THR F 370 -34.98 -0.79 -14.53
CA THR F 370 -33.79 -1.52 -14.93
C THR F 370 -33.80 -2.98 -14.49
N ASP F 371 -34.90 -3.45 -13.91
CA ASP F 371 -34.96 -4.84 -13.48
C ASP F 371 -35.09 -5.77 -14.68
N LYS F 372 -34.64 -7.01 -14.48
CA LYS F 372 -34.63 -7.98 -15.57
C LYS F 372 -36.05 -8.39 -15.95
N ASN F 373 -36.23 -8.71 -17.23
CA ASN F 373 -37.51 -9.17 -17.74
C ASN F 373 -37.60 -10.68 -17.60
N SER F 374 -38.72 -11.17 -17.06
CA SER F 374 -38.91 -12.59 -16.81
C SER F 374 -39.61 -13.31 -17.96
N ARG F 375 -39.95 -12.60 -19.03
CA ARG F 375 -40.60 -13.20 -20.19
C ARG F 375 -39.61 -13.58 -21.29
N ILE F 376 -38.31 -13.37 -21.06
CA ILE F 376 -37.29 -13.69 -22.04
C ILE F 376 -36.56 -14.98 -21.70
N ARG F 377 -37.09 -15.76 -20.75
CA ARG F 377 -36.49 -17.06 -20.45
C ARG F 377 -36.66 -18.00 -21.63
N ASP F 378 -35.76 -18.97 -21.73
CA ASP F 378 -35.73 -19.88 -22.87
C ASP F 378 -37.00 -20.71 -22.93
N GLY F 379 -37.60 -20.80 -24.11
CA GLY F 379 -38.74 -21.66 -24.33
C GLY F 379 -40.01 -21.23 -23.63
N VAL F 380 -40.30 -19.94 -23.57
CA VAL F 380 -41.52 -19.44 -22.94
C VAL F 380 -42.54 -19.00 -23.98
N HIS F 381 -42.07 -18.37 -25.06
CA HIS F 381 -42.92 -17.84 -26.14
C HIS F 381 -44.13 -17.08 -25.58
N ALA F 382 -43.86 -16.01 -24.84
CA ALA F 382 -44.89 -15.19 -24.24
C ALA F 382 -45.29 -14.07 -25.20
N ARG F 383 -46.05 -13.10 -24.71
CA ARG F 383 -46.59 -12.02 -25.52
C ARG F 383 -45.49 -11.30 -26.30
N ARG F 384 -45.90 -10.62 -27.36
CA ARG F 384 -44.96 -10.07 -28.33
C ARG F 384 -44.06 -9.00 -27.72
N GLU F 385 -44.65 -8.05 -27.00
CA GLU F 385 -43.91 -6.95 -26.37
C GLU F 385 -43.08 -6.18 -27.40
N ARG F 386 -43.77 -5.66 -28.42
CA ARG F 386 -43.10 -4.90 -29.47
C ARG F 386 -42.70 -3.50 -29.02
N TRP F 387 -43.25 -2.99 -27.93
CA TRP F 387 -42.95 -1.62 -27.51
C TRP F 387 -41.58 -1.51 -26.86
N LYS F 388 -41.03 -2.62 -26.38
CA LYS F 388 -39.69 -2.64 -25.80
C LYS F 388 -38.81 -3.67 -26.50
N GLN F 389 -38.94 -3.73 -27.83
CA GLN F 389 -38.14 -4.69 -28.60
C GLN F 389 -36.64 -4.38 -28.49
N ARG F 390 -36.29 -3.09 -28.47
CA ARG F 390 -34.88 -2.72 -28.37
C ARG F 390 -34.35 -2.92 -26.96
N LEU F 391 -35.22 -2.84 -25.96
CA LEU F 391 -34.85 -2.98 -24.56
C LEU F 391 -35.60 -4.15 -23.92
N ILE F 392 -35.61 -5.30 -24.60
CA ILE F 392 -36.37 -6.45 -24.14
C ILE F 392 -35.76 -7.08 -22.89
N LYS F 393 -34.52 -6.74 -22.55
CA LYS F 393 -33.88 -7.30 -21.37
C LYS F 393 -34.39 -6.68 -20.08
N TYR F 394 -35.02 -5.51 -20.14
CA TYR F 394 -35.46 -4.79 -18.95
C TYR F 394 -36.96 -4.51 -19.05
N GLN F 395 -37.52 -4.02 -17.94
CA GLN F 395 -38.90 -3.53 -17.90
C GLN F 395 -38.86 -2.03 -18.19
N ALA F 396 -38.83 -1.70 -19.48
CA ALA F 396 -38.58 -0.33 -19.93
C ALA F 396 -39.86 0.51 -19.87
N PHE F 397 -40.36 0.69 -18.65
CA PHE F 397 -41.45 1.62 -18.40
C PHE F 397 -41.38 2.07 -16.96
N ASP F 398 -41.86 3.29 -16.71
CA ASP F 398 -41.82 3.90 -15.39
C ASP F 398 -43.24 3.94 -14.82
N ALA F 399 -43.41 3.35 -13.65
CA ALA F 399 -44.70 3.32 -12.95
C ALA F 399 -44.50 3.61 -11.47
N SER F 400 -43.54 4.47 -11.15
CA SER F 400 -43.25 4.80 -9.77
C SER F 400 -44.32 5.75 -9.21
N THR F 401 -44.50 5.69 -7.89
CA THR F 401 -45.49 6.51 -7.20
C THR F 401 -44.85 7.20 -6.02
N TYR F 402 -45.40 8.36 -5.67
CA TYR F 402 -44.96 9.16 -4.51
C TYR F 402 -43.50 9.58 -4.72
N ASP F 403 -42.76 9.71 -3.63
CA ASP F 403 -41.37 10.20 -3.72
C ASP F 403 -40.45 9.15 -4.32
N GLN F 404 -40.77 7.87 -4.14
CA GLN F 404 -39.89 6.80 -4.60
C GLN F 404 -39.73 6.83 -6.12
N GLY F 405 -38.47 6.80 -6.55
CA GLY F 405 -38.13 6.72 -7.96
C GLY F 405 -36.63 6.79 -8.18
N VAL F 406 -36.10 5.92 -9.03
CA VAL F 406 -34.67 5.85 -9.29
C VAL F 406 -34.43 5.83 -10.80
N TYR F 407 -33.30 6.43 -11.20
CA TYR F 407 -32.95 6.49 -12.62
C TYR F 407 -31.44 6.39 -12.78
N ASP F 408 -30.99 5.50 -13.66
CA ASP F 408 -29.59 5.39 -14.03
C ASP F 408 -29.51 4.66 -15.36
N PHE F 409 -28.89 5.29 -16.36
CA PHE F 409 -28.72 4.81 -17.73
C PHE F 409 -30.06 4.51 -18.40
N LEU F 410 -31.16 4.77 -17.68
CA LEU F 410 -32.51 4.80 -18.23
C LEU F 410 -33.13 6.10 -17.71
N THR F 411 -32.89 7.19 -18.44
CA THR F 411 -33.20 8.52 -17.94
C THR F 411 -34.71 8.77 -17.92
N ILE F 412 -35.10 9.85 -17.24
CA ILE F 412 -36.50 10.22 -17.15
C ILE F 412 -37.05 10.59 -18.53
N GLU F 413 -36.25 11.32 -19.32
CA GLU F 413 -36.71 11.76 -20.63
C GLU F 413 -36.97 10.57 -21.55
N ASP F 414 -36.10 9.56 -21.52
CA ASP F 414 -36.30 8.38 -22.34
C ASP F 414 -37.57 7.63 -21.95
N LEU F 415 -37.85 7.56 -20.65
CA LEU F 415 -39.00 6.78 -20.19
C LEU F 415 -40.30 7.55 -20.32
N ASN F 416 -40.31 8.84 -19.95
CA ASN F 416 -41.56 9.57 -19.77
C ASN F 416 -41.77 10.73 -20.72
N TYR F 417 -40.72 11.28 -21.33
CA TYR F 417 -40.84 12.57 -22.00
C TYR F 417 -40.76 12.46 -23.52
N GLY F 418 -41.71 13.13 -24.18
CA GLY F 418 -41.64 13.50 -25.58
C GLY F 418 -41.24 12.44 -26.59
N PHE F 419 -40.46 12.87 -27.59
CA PHE F 419 -40.14 12.01 -28.72
C PHE F 419 -39.16 10.91 -28.35
N ASP F 420 -38.40 11.07 -27.26
CA ASP F 420 -37.49 10.01 -26.83
C ASP F 420 -38.27 8.75 -26.48
N ARG F 421 -39.31 8.90 -25.64
CA ARG F 421 -40.19 7.78 -25.34
C ARG F 421 -40.90 7.28 -26.59
N PHE F 422 -41.35 8.21 -27.45
CA PHE F 422 -42.08 7.81 -28.64
C PHE F 422 -41.16 7.09 -29.64
N TRP F 423 -39.93 7.60 -29.80
CA TRP F 423 -39.01 6.97 -30.74
C TRP F 423 -38.48 5.65 -30.20
N LEU F 424 -38.39 5.51 -28.88
CA LEU F 424 -37.87 4.28 -28.29
C LEU F 424 -38.82 3.10 -28.47
N ARG F 425 -40.05 3.34 -28.91
CA ARG F 425 -41.05 2.31 -29.13
C ARG F 425 -41.50 2.28 -30.59
N ARG F 426 -40.56 2.43 -31.53
CA ARG F 426 -40.91 2.54 -32.93
C ARG F 426 -41.29 1.20 -33.57
N LYS F 427 -41.09 0.08 -32.88
CA LYS F 427 -41.41 -1.21 -33.47
C LYS F 427 -42.90 -1.52 -33.46
N MET F 428 -43.68 -0.77 -32.68
CA MET F 428 -45.13 -0.99 -32.64
C MET F 428 -45.81 -0.60 -33.94
N ARG F 429 -45.15 0.21 -34.77
CA ARG F 429 -45.73 0.73 -36.01
C ARG F 429 -44.96 0.25 -37.23
N ASN F 430 -44.59 -1.03 -37.25
CA ASN F 430 -43.90 -1.64 -38.37
C ASN F 430 -44.84 -2.64 -39.04
N HIS F 431 -45.06 -2.47 -40.33
CA HIS F 431 -45.97 -3.33 -41.08
C HIS F 431 -45.35 -4.72 -41.24
N GLN F 432 -46.18 -5.75 -41.10
CA GLN F 432 -45.75 -7.13 -41.21
C GLN F 432 -46.59 -7.87 -42.24
N ILE F 433 -46.01 -8.92 -42.81
CA ILE F 433 -46.68 -9.73 -43.83
C ILE F 433 -47.24 -10.98 -43.17
N ARG F 434 -48.54 -11.21 -43.36
CA ARG F 434 -49.21 -12.35 -42.74
C ARG F 434 -50.29 -12.85 -43.67
N PHE F 435 -50.45 -14.18 -43.72
CA PHE F 435 -51.50 -14.84 -44.49
C PHE F 435 -52.29 -15.75 -43.55
N ARG F 436 -53.57 -15.44 -43.38
CA ARG F 436 -54.36 -16.13 -42.37
C ARG F 436 -54.73 -17.55 -42.80
N LEU F 437 -55.05 -17.74 -44.07
CA LEU F 437 -55.52 -19.03 -44.57
C LEU F 437 -54.52 -19.73 -45.47
N PHE F 438 -54.06 -19.06 -46.53
CA PHE F 438 -53.17 -19.70 -47.48
C PHE F 438 -51.80 -19.97 -46.84
N PRO F 439 -51.12 -21.02 -47.29
CA PRO F 439 -49.80 -21.33 -46.72
C PRO F 439 -48.79 -20.22 -46.99
N GLY F 440 -47.86 -20.07 -46.05
CA GLY F 440 -46.88 -19.02 -46.10
C GLY F 440 -45.92 -19.06 -47.29
N PRO F 441 -45.21 -20.18 -47.47
CA PRO F 441 -44.19 -20.22 -48.54
C PRO F 441 -44.76 -19.97 -49.94
N TRP F 442 -45.94 -20.50 -50.25
CA TRP F 442 -46.49 -20.30 -51.59
C TRP F 442 -46.83 -18.84 -51.85
N MET F 443 -47.48 -18.19 -50.88
CA MET F 443 -47.81 -16.77 -51.03
C MET F 443 -46.55 -15.92 -51.08
N ARG F 444 -45.55 -16.26 -50.28
CA ARG F 444 -44.28 -15.53 -50.31
C ARG F 444 -43.62 -15.65 -51.67
N SER F 445 -43.60 -16.87 -52.24
CA SER F 445 -43.02 -17.05 -53.56
C SER F 445 -43.78 -16.28 -54.62
N LEU F 446 -45.12 -16.30 -54.54
CA LEU F 446 -45.91 -15.56 -55.51
C LEU F 446 -45.66 -14.06 -55.41
N LYS F 447 -45.57 -13.54 -54.18
CA LYS F 447 -45.30 -12.12 -53.99
C LYS F 447 -43.92 -11.74 -54.49
N LYS F 448 -42.91 -12.58 -54.21
CA LYS F 448 -41.57 -12.30 -54.71
C LYS F 448 -41.49 -12.39 -56.22
N GLN F 449 -42.38 -13.20 -56.83
CA GLN F 449 -42.43 -13.29 -58.29
C GLN F 449 -42.90 -11.98 -58.92
N LEU F 450 -43.64 -11.15 -58.17
CA LEU F 450 -44.14 -9.87 -58.66
C LEU F 450 -44.96 -10.02 -59.93
N ALA F 465 -33.57 5.67 -59.00
CA ALA F 465 -34.98 5.38 -59.31
C ALA F 465 -35.52 4.32 -58.37
N SER F 466 -34.63 3.72 -57.58
CA SER F 466 -35.03 2.70 -56.63
C SER F 466 -35.70 3.33 -55.40
N GLY F 467 -36.07 2.47 -54.46
CA GLY F 467 -36.72 2.90 -53.24
C GLY F 467 -35.89 3.85 -52.41
N PRO F 468 -34.80 3.35 -51.84
CA PRO F 468 -33.99 4.19 -50.93
C PRO F 468 -33.43 5.44 -51.58
N ARG F 469 -33.17 5.41 -52.89
CA ARG F 469 -32.54 6.55 -53.54
C ARG F 469 -33.46 7.77 -53.56
N VAL F 470 -34.69 7.59 -54.01
CA VAL F 470 -35.61 8.71 -54.27
C VAL F 470 -36.85 8.64 -53.40
N GLU F 471 -37.44 7.45 -53.24
CA GLU F 471 -38.71 7.34 -52.55
C GLU F 471 -38.61 7.73 -51.08
N PHE F 472 -37.45 7.51 -50.46
CA PHE F 472 -37.28 7.87 -49.06
C PHE F 472 -37.44 9.36 -48.84
N PHE F 473 -36.86 10.18 -49.72
CA PHE F 473 -36.99 11.62 -49.62
C PHE F 473 -38.26 12.15 -50.27
N ARG F 474 -38.94 11.33 -51.08
CA ARG F 474 -40.20 11.77 -51.66
C ARG F 474 -41.37 11.58 -50.70
N ILE F 475 -41.46 10.41 -50.08
CA ILE F 475 -42.59 10.12 -49.19
C ILE F 475 -42.53 11.01 -47.95
N LEU F 476 -41.31 11.25 -47.42
CA LEU F 476 -41.19 12.12 -46.26
C LEU F 476 -41.66 13.53 -46.57
N PHE F 477 -41.28 14.06 -47.73
CA PHE F 477 -41.76 15.38 -48.12
C PHE F 477 -43.28 15.39 -48.31
N GLU F 478 -43.82 14.35 -48.94
CA GLU F 478 -45.26 14.34 -49.21
C GLU F 478 -46.08 14.23 -47.93
N GLN F 479 -45.64 13.43 -46.97
CA GLN F 479 -46.45 13.15 -45.79
C GLN F 479 -46.06 14.00 -44.59
N PHE F 480 -44.80 13.95 -44.17
CA PHE F 480 -44.33 14.62 -42.97
C PHE F 480 -43.59 15.89 -43.38
N TYR F 481 -44.31 17.01 -43.40
CA TYR F 481 -43.79 18.28 -43.86
C TYR F 481 -43.36 19.13 -42.69
N HIS F 482 -42.26 19.86 -42.87
CA HIS F 482 -41.76 20.78 -41.85
C HIS F 482 -40.95 21.86 -42.57
N PRO F 483 -41.21 23.13 -42.27
CA PRO F 483 -40.47 24.21 -42.96
C PRO F 483 -38.97 24.17 -42.74
N ASN F 484 -38.49 23.67 -41.60
CA ASN F 484 -37.06 23.63 -41.37
C ASN F 484 -36.36 22.70 -42.35
N PHE F 485 -37.06 21.72 -42.89
CA PHE F 485 -36.48 20.77 -43.84
C PHE F 485 -36.93 20.98 -45.28
N HIS F 486 -38.18 21.36 -45.51
CA HIS F 486 -38.77 21.35 -46.84
C HIS F 486 -39.10 22.75 -47.37
N ASP F 487 -38.65 23.81 -46.71
CA ASP F 487 -38.89 25.16 -47.18
C ASP F 487 -37.59 25.77 -47.69
N ARG F 488 -37.68 26.46 -48.83
CA ARG F 488 -36.51 27.05 -49.48
C ARG F 488 -35.87 28.15 -48.65
N ALA F 489 -36.56 28.69 -47.64
CA ALA F 489 -36.04 29.74 -46.78
C ALA F 489 -35.53 30.94 -47.58
N ILE F 533 0.86 59.76 -13.96
CA ILE F 533 0.39 58.47 -14.45
C ILE F 533 -0.18 57.65 -13.30
N GLU F 534 0.70 57.21 -12.40
CA GLU F 534 0.33 56.38 -11.26
C GLU F 534 -0.43 55.14 -11.71
N GLY F 535 0.16 54.44 -12.69
CA GLY F 535 -0.43 53.20 -13.18
C GLY F 535 -0.36 52.05 -12.19
N LEU F 536 0.55 52.13 -11.23
CA LEU F 536 0.68 51.11 -10.20
C LEU F 536 -0.20 51.47 -9.01
N VAL F 537 -1.20 50.65 -8.75
CA VAL F 537 -2.11 50.85 -7.61
C VAL F 537 -1.60 49.97 -6.49
N LEU F 538 -0.89 50.57 -5.53
CA LEU F 538 -0.31 49.85 -4.40
C LEU F 538 -1.10 50.16 -3.14
N THR F 539 -1.40 49.13 -2.37
CA THR F 539 -1.98 49.34 -1.05
C THR F 539 -0.95 50.02 -0.15
N ASN F 540 -1.45 50.69 0.90
CA ASN F 540 -0.57 51.45 1.77
C ASN F 540 0.47 50.55 2.43
N THR F 541 0.12 49.29 2.71
CA THR F 541 1.11 48.35 3.23
C THR F 541 2.21 48.09 2.21
N GLN F 542 1.85 47.96 0.94
CA GLN F 542 2.87 47.81 -0.10
C GLN F 542 3.68 49.08 -0.26
N ALA F 543 3.03 50.25 -0.19
CA ALA F 543 3.73 51.50 -0.40
C ALA F 543 4.74 51.77 0.72
N THR F 544 4.39 51.46 1.96
CA THR F 544 5.28 51.75 3.07
C THR F 544 6.48 50.81 3.13
N LEU F 545 6.47 49.73 2.34
CA LEU F 545 7.60 48.80 2.30
C LEU F 545 8.66 49.19 1.28
N LEU F 546 8.32 50.06 0.32
CA LEU F 546 9.32 50.52 -0.63
C LEU F 546 10.35 51.40 0.09
N PRO F 547 11.64 51.22 -0.19
CA PRO F 547 12.66 51.97 0.54
C PRO F 547 12.55 53.49 0.39
N THR F 548 12.15 53.97 -0.79
CA THR F 548 12.09 55.39 -1.05
C THR F 548 10.81 55.70 -1.81
N ASP F 549 10.69 56.94 -2.29
CA ASP F 549 9.58 57.39 -3.11
C ASP F 549 10.01 57.33 -4.57
N LEU F 550 9.47 56.38 -5.31
CA LEU F 550 9.88 56.12 -6.68
C LEU F 550 8.84 56.64 -7.66
N GLN F 551 9.31 56.97 -8.86
CA GLN F 551 8.47 57.53 -9.91
C GLN F 551 8.12 56.44 -10.93
N THR F 552 6.85 56.40 -11.32
CA THR F 552 6.37 55.45 -12.32
C THR F 552 6.23 56.16 -13.65
N LYS F 553 6.79 55.55 -14.71
CA LYS F 553 6.77 56.15 -16.04
C LYS F 553 5.96 55.34 -17.05
N ARG F 554 5.31 54.26 -16.63
CA ARG F 554 4.58 53.40 -17.54
C ARG F 554 3.21 53.08 -16.97
N THR F 555 2.25 52.86 -17.86
CA THR F 555 0.90 52.47 -17.48
C THR F 555 0.78 50.96 -17.63
N ILE F 556 0.61 50.29 -16.50
CA ILE F 556 0.55 48.83 -16.45
C ILE F 556 -0.91 48.39 -16.46
N LYS F 557 -1.16 47.23 -17.07
CA LYS F 557 -2.51 46.69 -17.11
C LYS F 557 -3.03 46.48 -15.69
N PRO F 558 -4.32 46.77 -15.44
CA PRO F 558 -4.86 46.56 -14.10
C PRO F 558 -4.85 45.09 -13.71
N GLY F 559 -4.65 44.84 -12.43
CA GLY F 559 -4.60 43.49 -11.89
C GLY F 559 -3.52 43.37 -10.83
N LEU F 560 -3.71 42.38 -9.95
CA LEU F 560 -2.78 42.14 -8.86
C LEU F 560 -1.51 41.44 -9.33
N ILE F 561 -1.63 40.56 -10.32
CA ILE F 561 -0.49 39.75 -10.74
C ILE F 561 0.62 40.62 -11.32
N TYR F 562 0.25 41.63 -12.11
CA TYR F 562 1.27 42.51 -12.69
C TYR F 562 2.00 43.30 -11.62
N THR F 563 1.26 43.81 -10.63
CA THR F 563 1.88 44.56 -9.54
C THR F 563 2.83 43.68 -8.75
N ASN F 564 2.40 42.44 -8.43
CA ASN F 564 3.27 41.55 -7.68
C ASN F 564 4.51 41.17 -8.49
N SER F 565 4.35 40.97 -9.80
CA SER F 565 5.50 40.67 -10.66
C SER F 565 6.47 41.84 -10.69
N ALA F 566 5.95 43.07 -10.78
CA ALA F 566 6.81 44.24 -10.76
C ALA F 566 7.58 44.35 -9.46
N LEU F 567 6.90 44.11 -8.34
CA LEU F 567 7.58 44.16 -7.05
C LEU F 567 8.67 43.09 -6.95
N ARG F 568 8.36 41.87 -7.40
CA ARG F 568 9.35 40.79 -7.35
C ARG F 568 10.55 41.11 -8.22
N LYS F 569 10.32 41.63 -9.43
CA LYS F 569 11.43 41.99 -10.32
C LYS F 569 12.26 43.10 -9.72
N PHE F 570 11.62 44.10 -9.10
CA PHE F 570 12.37 45.15 -8.44
C PHE F 570 13.25 44.60 -7.32
N VAL F 571 12.70 43.69 -6.52
CA VAL F 571 13.47 43.09 -5.43
C VAL F 571 14.67 42.32 -5.99
N ARG F 572 14.44 41.53 -7.04
CA ARG F 572 15.53 40.76 -7.63
C ARG F 572 16.61 41.68 -8.19
N ASN F 573 16.20 42.75 -8.87
CA ASN F 573 17.18 43.68 -9.42
C ASN F 573 18.00 44.36 -8.32
N VAL F 574 17.33 44.76 -7.24
CA VAL F 574 18.04 45.41 -6.14
C VAL F 574 19.04 44.44 -5.50
N ASN F 575 18.62 43.19 -5.27
CA ASN F 575 19.52 42.21 -4.69
C ASN F 575 20.71 41.93 -5.60
N THR F 576 20.47 41.79 -6.91
CA THR F 576 21.54 41.56 -7.85
C THR F 576 22.52 42.72 -7.86
N ARG F 577 22.01 43.96 -7.85
CA ARG F 577 22.88 45.12 -7.82
C ARG F 577 23.71 45.17 -6.54
N LEU F 578 23.09 44.88 -5.40
CA LEU F 578 23.82 44.89 -4.14
C LEU F 578 24.94 43.85 -4.15
N ASN F 579 24.63 42.63 -4.59
CA ASN F 579 25.64 41.58 -4.60
C ASN F 579 26.77 41.91 -5.56
N LEU F 580 26.43 42.42 -6.75
CA LEU F 580 27.47 42.76 -7.73
C LEU F 580 28.35 43.89 -7.21
N LYS F 581 27.74 44.90 -6.57
CA LYS F 581 28.52 45.99 -6.01
C LYS F 581 29.44 45.49 -4.90
N LEU F 582 28.94 44.61 -4.04
CA LEU F 582 29.76 44.09 -2.95
C LEU F 582 30.91 43.24 -3.48
N LEU F 583 30.67 42.45 -4.53
CA LEU F 583 31.70 41.57 -5.05
C LEU F 583 32.75 42.31 -5.88
N ASN F 584 32.47 43.54 -6.29
CA ASN F 584 33.41 44.33 -7.10
C ASN F 584 34.44 45.03 -6.20
N SER F 585 35.15 44.20 -5.42
CA SER F 585 36.22 44.67 -4.52
C SER F 585 35.71 45.68 -3.51
N LYS F 586 34.40 45.67 -3.25
CA LYS F 586 33.85 46.53 -2.20
C LYS F 586 34.08 45.95 -0.82
N GLU F 587 34.38 44.66 -0.72
CA GLU F 587 34.73 44.04 0.55
C GLU F 587 36.10 44.49 1.05
N THR F 588 36.92 45.10 0.18
CA THR F 588 38.18 45.66 0.64
C THR F 588 37.96 46.78 1.65
N ASN F 589 36.97 47.64 1.39
CA ASN F 589 36.66 48.71 2.33
C ASN F 589 36.11 48.17 3.63
N LEU F 590 35.24 47.15 3.55
CA LEU F 590 34.61 46.56 4.72
C LEU F 590 34.69 45.04 4.63
N THR F 591 35.52 44.44 5.48
CA THR F 591 35.67 42.99 5.55
C THR F 591 35.61 42.58 7.01
N THR F 592 34.53 41.93 7.41
CA THR F 592 34.32 41.48 8.78
C THR F 592 34.16 39.96 8.76
N LYS F 593 35.28 39.25 8.93
CA LYS F 593 35.28 37.78 8.92
C LYS F 593 35.05 37.31 10.35
N TYR F 594 33.80 37.02 10.69
CA TYR F 594 33.43 36.50 12.00
C TYR F 594 33.01 35.04 11.84
N LYS F 595 33.70 34.16 12.55
CA LYS F 595 33.43 32.72 12.49
C LYS F 595 33.98 32.08 13.75
N SER F 596 34.08 30.75 13.74
CA SER F 596 34.64 29.93 14.81
C SER F 596 33.85 30.03 16.11
N GLN F 597 32.62 30.55 16.06
CA GLN F 597 31.79 30.58 17.25
C GLN F 597 31.30 29.18 17.59
N PHE F 598 31.45 28.79 18.85
CA PHE F 598 31.05 27.47 19.32
C PHE F 598 29.86 27.63 20.25
N ILE F 599 28.77 26.94 19.95
CA ILE F 599 27.54 27.02 20.71
C ILE F 599 27.44 25.79 21.61
N TYR F 600 27.20 26.02 22.90
CA TYR F 600 27.12 24.96 23.89
C TYR F 600 25.73 24.94 24.51
N SER F 601 25.14 23.75 24.60
CA SER F 601 23.79 23.63 25.14
C SER F 601 23.78 23.99 26.62
N LYS F 602 22.78 24.78 27.03
CA LYS F 602 22.66 25.16 28.43
C LYS F 602 22.29 23.96 29.30
N ARG F 603 21.30 23.17 28.85
CA ARG F 603 20.81 22.05 29.65
C ARG F 603 21.90 21.01 29.85
N TRP F 604 22.57 20.62 28.77
CA TRP F 604 23.63 19.62 28.88
C TRP F 604 24.78 20.11 29.74
N LYS F 605 25.16 21.38 29.57
CA LYS F 605 26.25 21.95 30.36
C LYS F 605 25.89 21.94 31.85
N SER F 606 24.68 22.36 32.19
CA SER F 606 24.26 22.34 33.59
C SER F 606 24.23 20.92 34.14
N ILE F 607 23.71 19.98 33.35
CA ILE F 607 23.60 18.60 33.82
C ILE F 607 24.98 18.02 34.09
N PHE F 608 25.92 18.22 33.18
CA PHE F 608 27.27 17.68 33.38
C PHE F 608 28.07 18.49 34.39
N SER F 609 27.66 19.72 34.68
CA SER F 609 28.30 20.47 35.76
C SER F 609 27.83 20.00 37.13
N LYS F 610 26.56 19.61 37.24
CA LYS F 610 26.05 19.10 38.51
C LYS F 610 26.59 17.73 38.86
N ILE F 611 27.23 17.04 37.93
CA ILE F 611 27.78 15.71 38.19
C ILE F 611 29.14 15.84 38.85
N GLN F 612 29.32 15.16 39.98
CA GLN F 612 30.60 15.15 40.69
C GLN F 612 31.25 13.79 40.49
N PRO F 613 32.29 13.67 39.65
CA PRO F 613 32.89 12.36 39.40
C PRO F 613 34.12 12.05 40.23
N LEU F 614 34.65 13.03 40.96
CA LEU F 614 35.96 12.89 41.59
C LEU F 614 35.93 12.86 43.10
N GLN F 615 34.77 13.07 43.74
CA GLN F 615 34.71 13.08 45.19
C GLN F 615 34.63 11.67 45.78
N ASN F 616 34.37 10.65 44.96
CA ASN F 616 34.24 9.29 45.44
C ASN F 616 35.06 8.35 44.56
N GLY F 617 35.58 7.28 45.18
CA GLY F 617 36.43 6.37 44.44
C GLY F 617 35.70 5.60 43.36
N THR F 618 34.51 5.09 43.67
CA THR F 618 33.75 4.30 42.69
C THR F 618 33.34 5.15 41.50
N THR F 619 32.86 6.37 41.76
CA THR F 619 32.51 7.27 40.67
C THR F 619 33.73 7.60 39.82
N ARG F 620 34.87 7.81 40.47
CA ARG F 620 36.11 8.10 39.73
C ARG F 620 36.51 6.93 38.85
N LYS F 621 36.40 5.70 39.37
CA LYS F 621 36.75 4.52 38.59
C LYS F 621 35.82 4.36 37.38
N SER F 622 34.52 4.52 37.60
CA SER F 622 33.56 4.41 36.50
C SER F 622 33.81 5.49 35.45
N TYR F 623 34.08 6.72 35.90
CA TYR F 623 34.38 7.81 34.97
C TYR F 623 35.66 7.52 34.20
N GLN F 624 36.67 6.95 34.85
CA GLN F 624 37.90 6.62 34.15
C GLN F 624 37.66 5.56 33.08
N LEU F 625 36.88 4.53 33.41
CA LEU F 625 36.58 3.50 32.41
C LEU F 625 35.83 4.09 31.22
N PHE F 626 34.79 4.88 31.49
CA PHE F 626 34.01 5.47 30.41
C PHE F 626 34.87 6.43 29.58
N ARG F 627 35.74 7.20 30.24
CA ARG F 627 36.61 8.12 29.51
C ARG F 627 37.58 7.37 28.61
N ASN F 628 38.16 6.28 29.11
CA ASN F 628 39.04 5.46 28.29
C ASN F 628 38.30 4.95 27.05
N VAL F 629 37.12 4.36 27.26
CA VAL F 629 36.39 3.78 26.14
C VAL F 629 35.98 4.86 25.13
N ALA F 630 35.48 5.99 25.64
CA ALA F 630 35.02 7.06 24.75
C ALA F 630 36.17 7.67 23.96
N LYS F 631 37.30 7.94 24.63
CA LYS F 631 38.46 8.47 23.91
C LYS F 631 38.98 7.46 22.90
N GLN F 632 38.83 6.17 23.17
CA GLN F 632 39.28 5.17 22.21
C GLN F 632 38.35 5.11 20.99
N ILE F 633 37.04 5.27 21.21
CA ILE F 633 36.05 5.05 20.17
C ILE F 633 35.41 6.36 19.73
N LEU F 634 34.82 7.10 20.66
CA LEU F 634 33.93 8.21 20.29
C LEU F 634 34.69 9.44 19.83
N VAL F 635 35.78 9.81 20.50
CA VAL F 635 36.42 11.10 20.29
C VAL F 635 37.19 11.06 18.98
N THR F 636 36.88 11.99 18.07
CA THR F 636 37.64 12.18 16.85
C THR F 636 38.87 13.05 17.13
N PRO F 637 39.93 12.90 16.33
CA PRO F 637 41.12 13.74 16.54
C PRO F 637 40.87 15.23 16.37
N ASP F 638 39.85 15.60 15.58
CA ASP F 638 39.53 17.01 15.38
C ASP F 638 38.87 17.64 16.59
N ALA F 639 38.47 16.86 17.59
CA ALA F 639 37.82 17.39 18.78
C ALA F 639 38.86 17.91 19.77
N LYS F 640 38.55 19.03 20.41
CA LYS F 640 39.47 19.61 21.38
C LYS F 640 39.56 18.76 22.64
N SER F 641 38.41 18.36 23.18
CA SER F 641 38.39 17.59 24.41
C SER F 641 37.10 16.79 24.48
N LEU F 642 37.14 15.72 25.27
CA LEU F 642 35.93 14.91 25.49
C LEU F 642 34.88 15.69 26.27
N LYS F 643 35.29 16.40 27.31
CA LYS F 643 34.33 17.18 28.09
C LYS F 643 33.74 18.32 27.26
N LEU F 644 34.57 18.96 26.44
CA LEU F 644 34.06 20.03 25.58
C LEU F 644 33.10 19.51 24.53
N ILE F 645 33.44 18.40 23.87
CA ILE F 645 32.57 17.86 22.84
C ILE F 645 31.31 17.24 23.45
N THR F 646 31.35 16.88 24.73
CA THR F 646 30.17 16.31 25.37
C THR F 646 29.04 17.34 25.47
N ILE F 647 29.38 18.57 25.89
CA ILE F 647 28.37 19.62 26.07
C ILE F 647 28.20 20.47 24.83
N ASN F 648 28.98 20.23 23.77
CA ASN F 648 28.86 21.03 22.55
C ASN F 648 27.53 20.76 21.87
N GLN F 649 26.88 21.83 21.43
CA GLN F 649 25.66 21.73 20.63
C GLN F 649 26.07 21.64 19.17
N LYS F 650 26.00 20.44 18.61
CA LYS F 650 26.47 20.19 17.24
C LYS F 650 25.53 20.88 16.26
N LEU F 651 25.96 22.02 15.73
CA LEU F 651 25.17 22.80 14.79
C LEU F 651 25.99 23.10 13.55
N SER F 652 25.33 23.07 12.39
CA SER F 652 25.98 23.45 11.15
C SER F 652 26.15 24.97 11.09
N LEU F 653 27.00 25.41 10.16
CA LEU F 653 27.28 26.84 10.02
C LEU F 653 26.01 27.62 9.68
N LYS F 654 25.20 27.10 8.75
CA LYS F 654 24.01 27.82 8.33
C LYS F 654 23.00 27.93 9.48
N GLU F 655 22.83 26.85 10.24
CA GLU F 655 21.94 26.91 11.41
C GLU F 655 22.46 27.91 12.44
N ARG F 656 23.77 27.94 12.65
CA ARG F 656 24.35 28.88 13.60
C ARG F 656 24.10 30.32 13.16
N LYS F 657 24.30 30.61 11.88
CA LYS F 657 24.08 31.96 11.38
C LYS F 657 22.61 32.35 11.43
N LEU F 658 21.72 31.41 11.13
CA LEU F 658 20.29 31.69 11.25
C LEU F 658 19.90 31.97 12.69
N LEU F 659 20.46 31.21 13.64
CA LEU F 659 20.21 31.47 15.05
C LEU F 659 20.72 32.85 15.46
N GLU F 660 21.90 33.23 14.96
CA GLU F 660 22.42 34.56 15.27
C GLU F 660 21.49 35.65 14.74
N LEU F 661 21.02 35.49 13.50
CA LEU F 661 20.10 36.47 12.93
C LEU F 661 18.79 36.53 13.70
N ARG F 662 18.27 35.37 14.10
CA ARG F 662 17.02 35.33 14.86
C ARG F 662 17.17 36.00 16.22
N THR F 663 18.28 35.74 16.90
CA THR F 663 18.53 36.39 18.18
C THR F 663 18.70 37.90 18.01
N GLN F 664 19.37 38.32 16.94
CA GLN F 664 19.50 39.75 16.67
C GLN F 664 18.13 40.40 16.44
N TYR F 665 17.28 39.73 15.67
CA TYR F 665 15.93 40.25 15.43
C TYR F 665 15.13 40.33 16.73
N ASN F 666 15.23 39.30 17.56
CA ASN F 666 14.48 39.29 18.82
C ASN F 666 14.97 40.39 19.76
N ASN F 667 16.28 40.58 19.87
CA ASN F 667 16.81 41.60 20.77
C ASN F 667 16.50 43.00 20.26
N ASN F 668 16.68 43.23 18.96
CA ASN F 668 16.44 44.54 18.37
C ASN F 668 14.94 44.80 18.18
N THR F 678 17.56 44.70 5.40
CA THR F 678 18.23 45.46 4.35
C THR F 678 17.26 46.41 3.65
N LEU F 679 17.52 46.67 2.37
CA LEU F 679 16.69 47.61 1.63
C LEU F 679 15.32 47.03 1.30
N VAL F 680 15.29 45.78 0.82
CA VAL F 680 14.07 45.19 0.29
C VAL F 680 13.74 43.85 0.93
N ARG F 681 14.33 43.54 2.08
CA ARG F 681 14.04 42.26 2.73
C ARG F 681 12.58 42.12 3.15
N PRO F 682 11.96 43.09 3.84
CA PRO F 682 10.54 42.92 4.20
C PRO F 682 9.62 42.75 3.02
N LEU F 683 9.88 43.46 1.92
CA LEU F 683 9.06 43.28 0.72
C LEU F 683 9.19 41.87 0.16
N ASN F 684 10.41 41.33 0.16
CA ASN F 684 10.61 39.96 -0.29
C ASN F 684 9.85 38.98 0.59
N VAL F 685 9.90 39.18 1.90
CA VAL F 685 9.17 38.30 2.81
C VAL F 685 7.67 38.40 2.56
N TYR F 686 7.17 39.61 2.33
CA TYR F 686 5.75 39.82 2.06
C TYR F 686 5.32 39.10 0.78
N LEU F 687 6.13 39.22 -0.27
CA LEU F 687 5.79 38.56 -1.54
C LEU F 687 5.83 37.05 -1.40
N GLN F 688 6.82 36.51 -0.66
CA GLN F 688 6.86 35.06 -0.47
C GLN F 688 5.68 34.57 0.36
N LYS F 689 5.25 35.36 1.36
CA LYS F 689 4.03 35.01 2.10
C LYS F 689 2.81 35.03 1.19
N GLU F 690 2.74 35.99 0.26
CA GLU F 690 1.65 36.00 -0.70
C GLU F 690 1.65 34.73 -1.56
N GLU F 691 2.84 34.31 -2.01
CA GLU F 691 2.93 33.08 -2.79
C GLU F 691 2.50 31.87 -1.98
N ALA F 692 2.91 31.81 -0.71
CA ALA F 692 2.48 30.71 0.15
C ALA F 692 0.97 30.71 0.36
N PHE F 693 0.38 31.90 0.53
CA PHE F 693 -1.07 31.99 0.69
C PHE F 693 -1.78 31.53 -0.57
N LYS F 694 -1.25 31.86 -1.74
CA LYS F 694 -1.86 31.37 -2.98
C LYS F 694 -1.78 29.85 -3.09
N ARG F 695 -0.62 29.28 -2.71
CA ARG F 695 -0.52 27.83 -2.69
C ARG F 695 -1.53 27.22 -1.72
N LYS F 696 -1.77 27.87 -0.59
CA LYS F 696 -2.82 27.41 0.32
C LYS F 696 -4.19 27.50 -0.33
N LEU F 697 -4.48 28.60 -1.01
CA LEU F 697 -5.76 28.78 -1.68
C LEU F 697 -5.99 27.75 -2.78
N ARG F 698 -4.92 27.15 -3.31
CA ARG F 698 -5.06 26.12 -4.33
C ARG F 698 -6.01 24.99 -3.91
N TYR F 699 -6.26 24.83 -2.61
CA TYR F 699 -7.02 23.68 -2.10
C TYR F 699 -8.50 23.71 -2.47
N TYR F 700 -9.06 24.84 -2.89
CA TYR F 700 -10.50 24.98 -3.04
C TYR F 700 -10.99 24.66 -4.45
N GLY F 701 -10.12 24.20 -5.34
CA GLY F 701 -10.50 23.85 -6.69
C GLY F 701 -9.97 22.49 -7.08
N THR F 702 -9.78 22.30 -8.39
CA THR F 702 -9.22 21.08 -8.89
C THR F 702 -7.74 20.99 -8.52
N MET F 703 -7.33 19.85 -8.00
CA MET F 703 -5.95 19.64 -7.58
C MET F 703 -5.58 18.17 -7.75
N PRO F 704 -4.34 17.87 -8.13
CA PRO F 704 -3.91 16.47 -8.21
C PRO F 704 -3.50 15.94 -6.84
N MET F 705 -3.79 14.66 -6.62
CA MET F 705 -3.45 13.96 -5.37
C MET F 705 -2.66 12.71 -5.77
N ARG F 706 -1.35 12.86 -5.91
CA ARG F 706 -0.50 11.82 -6.47
C ARG F 706 0.38 11.15 -5.44
N LYS F 707 0.11 11.36 -4.15
CA LYS F 707 0.90 10.76 -3.08
C LYS F 707 -0.02 10.08 -2.08
N LEU F 708 0.04 8.75 -2.03
CA LEU F 708 -0.76 7.97 -1.10
C LEU F 708 0.01 7.79 0.20
N THR F 709 -0.52 8.35 1.28
CA THR F 709 0.11 8.30 2.59
C THR F 709 -0.89 7.81 3.63
N VAL F 710 -0.35 7.29 4.73
CA VAL F 710 -1.19 6.78 5.82
C VAL F 710 -1.92 7.94 6.49
N GLY F 711 -3.23 7.80 6.66
CA GLY F 711 -4.03 8.80 7.33
C GLY F 711 -4.61 9.87 6.44
N ASN F 712 -4.27 9.90 5.16
CA ASN F 712 -4.77 10.90 4.22
C ASN F 712 -5.97 10.33 3.49
N GLN F 713 -7.13 10.97 3.66
CA GLN F 713 -8.38 10.52 3.04
C GLN F 713 -8.74 11.32 1.79
N ALA F 714 -7.92 12.28 1.39
CA ALA F 714 -8.20 13.06 0.19
C ALA F 714 -8.30 12.21 -1.07
N PRO F 715 -7.37 11.29 -1.35
CA PRO F 715 -7.53 10.46 -2.57
C PRO F 715 -8.79 9.62 -2.56
N TYR F 716 -9.22 9.13 -1.39
CA TYR F 716 -10.47 8.38 -1.33
C TYR F 716 -11.66 9.27 -1.69
N PHE F 717 -11.67 10.50 -1.17
CA PHE F 717 -12.74 11.43 -1.52
C PHE F 717 -12.73 11.73 -3.01
N LYS F 718 -11.55 11.95 -3.58
CA LYS F 718 -11.45 12.22 -5.02
C LYS F 718 -11.96 11.04 -5.83
N ALA F 719 -11.58 9.82 -5.44
CA ALA F 719 -12.03 8.62 -6.15
C ALA F 719 -13.54 8.47 -6.06
N LEU F 720 -14.12 8.70 -4.87
CA LEU F 720 -15.56 8.59 -4.71
C LEU F 720 -16.31 9.68 -5.50
N MET F 721 -15.73 10.86 -5.62
CA MET F 721 -16.35 11.90 -6.43
C MET F 721 -16.25 11.61 -7.92
N LYS F 722 -15.12 11.06 -8.37
CA LYS F 722 -14.97 10.70 -9.78
C LYS F 722 -15.92 9.57 -10.16
N ARG F 723 -15.94 8.49 -9.38
CA ARG F 723 -16.83 7.37 -9.60
C ARG F 723 -17.43 6.94 -8.27
N GLY F 724 -18.72 6.60 -8.31
CA GLY F 724 -19.48 6.33 -7.11
C GLY F 724 -20.88 6.87 -7.26
N PHE F 725 -21.00 7.93 -8.06
CA PHE F 725 -22.27 8.41 -8.57
C PHE F 725 -22.32 8.13 -10.07
N TYR F 726 -23.52 7.94 -10.59
CA TYR F 726 -23.68 7.71 -12.02
C TYR F 726 -23.92 9.03 -12.74
N TYR F 727 -23.12 9.28 -13.77
CA TYR F 727 -23.27 10.45 -14.63
C TYR F 727 -23.64 9.97 -16.02
N TYR F 728 -24.82 10.38 -16.50
CA TYR F 728 -25.31 9.91 -17.78
C TYR F 728 -24.47 10.48 -18.92
N LYS F 729 -24.05 9.60 -19.82
CA LYS F 729 -23.32 9.99 -21.03
C LYS F 729 -23.40 8.87 -22.06
N PRO F 730 -23.78 9.16 -23.29
CA PRO F 730 -23.93 8.10 -24.33
C PRO F 730 -22.59 7.61 -24.86
N THR F 731 -21.83 6.93 -24.01
CA THR F 731 -20.56 6.37 -24.41
C THR F 731 -20.75 4.98 -25.00
N LEU F 732 -19.64 4.35 -25.41
CA LEU F 732 -19.71 3.00 -25.95
C LEU F 732 -20.18 2.00 -24.89
N ARG F 733 -19.74 2.20 -23.65
CA ARG F 733 -20.16 1.30 -22.57
C ARG F 733 -21.67 1.33 -22.37
N TRP F 734 -22.29 2.48 -22.62
CA TRP F 734 -23.74 2.61 -22.49
C TRP F 734 -24.47 1.94 -23.65
N ARG F 735 -24.00 2.15 -24.87
CA ARG F 735 -24.67 1.57 -26.03
C ARG F 735 -24.50 0.05 -26.06
N LYS F 736 -23.34 -0.46 -25.64
CA LYS F 736 -23.18 -1.90 -25.50
C LYS F 736 -24.11 -2.46 -24.44
N THR F 737 -24.35 -1.70 -23.36
CA THR F 737 -25.28 -2.12 -22.33
C THR F 737 -26.70 -2.18 -22.87
N LEU F 738 -27.08 -1.19 -23.70
CA LEU F 738 -28.45 -1.12 -24.20
C LEU F 738 -28.83 -2.34 -25.03
N TYR F 739 -28.16 -2.54 -26.16
CA TYR F 739 -28.48 -3.65 -27.06
C TYR F 739 -27.40 -3.73 -28.11
N VAL F 740 -26.89 -4.94 -28.36
CA VAL F 740 -25.85 -5.13 -29.37
C VAL F 740 -26.46 -5.64 -30.67
N ALA F 741 -27.03 -6.84 -30.62
CA ALA F 741 -27.58 -7.48 -31.81
C ALA F 741 -28.24 -8.79 -31.41
N SER F 742 -28.92 -9.43 -32.36
CA SER F 742 -29.51 -10.78 -32.09
C SER F 742 -28.97 -11.75 -33.14
N LEU F 743 -27.95 -12.55 -32.78
CA LEU F 743 -27.32 -13.46 -33.77
C LEU F 743 -28.19 -14.71 -33.98
N ARG F 744 -29.43 -14.51 -34.45
CA ARG F 744 -30.32 -15.67 -34.75
C ARG F 744 -29.74 -16.43 -35.94
N ARG F 745 -29.30 -15.71 -36.97
CA ARG F 745 -28.72 -16.34 -38.18
C ARG F 745 -27.21 -16.10 -38.20
N GLY F 746 -26.62 -15.77 -37.04
CA GLY F 746 -25.17 -15.55 -36.96
C GLY F 746 -24.80 -14.09 -37.17
N PHE F 747 -23.52 -13.81 -37.43
CA PHE F 747 -23.04 -12.41 -37.61
C PHE F 747 -23.84 -11.76 -38.74
N ARG F 748 -24.25 -10.50 -38.54
CA ARG F 748 -25.05 -9.79 -39.57
C ARG F 748 -24.10 -8.92 -40.42
N LYS F 749 -22.86 -8.71 -39.95
CA LYS F 749 -21.87 -7.95 -40.74
C LYS F 749 -20.89 -8.93 -41.39
N LYS F 750 -20.57 -8.73 -42.66
CA LYS F 750 -19.71 -9.70 -43.40
C LYS F 750 -18.42 -9.01 -43.85
N SER F 751 -17.57 -9.72 -44.57
CA SER F 751 -16.28 -9.15 -45.06
C SER F 751 -16.56 -7.99 -46.02
N ARG F 752 -15.61 -7.06 -46.15
CA ARG F 752 -15.81 -5.87 -47.01
C ARG F 752 -15.38 -6.20 -48.44
N LYS F 753 -16.04 -5.62 -49.44
CA LYS F 753 -15.67 -5.84 -50.86
C LYS F 753 -15.20 -4.53 -51.49
N GLN F 754 -13.92 -4.45 -51.85
CA GLN F 754 -13.38 -3.22 -52.50
C GLN F 754 -14.19 -2.91 -53.76
N ARG F 755 -14.25 -1.63 -54.15
CA ARG F 755 -14.96 -1.24 -55.39
C ARG F 755 -13.90 -0.51 -56.21
N ILE F 756 -14.02 -0.52 -57.54
CA ILE F 756 -13.05 0.17 -58.43
C ILE F 756 -13.84 1.02 -59.43
N LEU F 757 -13.38 2.22 -59.75
CA LEU F 757 -14.08 3.09 -60.74
C LEU F 757 -14.02 2.44 -62.13
N VAL F 758 -15.11 2.49 -62.89
CA VAL F 758 -15.14 1.85 -64.23
C VAL F 758 -14.99 2.90 -65.34
N MET F 759 -15.62 4.06 -65.16
CA MET F 759 -15.55 5.15 -66.18
C MET F 759 -14.91 6.38 -65.54
N PRO F 760 -13.78 6.89 -66.05
CA PRO F 760 -13.17 8.12 -65.51
C PRO F 760 -14.15 9.30 -65.62
N ASP F 797 -4.35 12.06 -57.66
CA ASP F 797 -4.83 11.43 -56.43
C ASP F 797 -3.96 11.83 -55.24
N GLY F 798 -3.06 12.79 -55.46
CA GLY F 798 -2.17 13.24 -54.42
C GLY F 798 -1.18 12.20 -53.95
N GLU F 799 -0.83 11.25 -54.81
CA GLU F 799 0.06 10.14 -54.47
C GLU F 799 -0.47 9.40 -53.24
N ASN F 800 0.34 9.31 -52.20
CA ASN F 800 0.00 8.57 -50.98
C ASN F 800 -0.44 7.15 -51.31
N SER F 801 0.28 6.53 -52.24
CA SER F 801 -0.01 5.16 -52.66
C SER F 801 0.51 4.11 -51.68
N LEU F 802 0.98 4.54 -50.50
CA LEU F 802 1.47 3.60 -49.50
C LEU F 802 0.36 2.69 -49.01
N ILE F 803 -0.83 3.23 -48.82
CA ILE F 803 -1.97 2.49 -48.28
C ILE F 803 -3.13 2.62 -49.27
N THR F 804 -3.77 1.50 -49.58
CA THR F 804 -4.96 1.50 -50.43
C THR F 804 -6.18 1.65 -49.55
N LYS F 805 -6.90 2.75 -49.70
CA LYS F 805 -8.03 3.05 -48.83
C LYS F 805 -9.25 2.21 -49.20
N PRO F 806 -10.07 1.83 -48.22
CA PRO F 806 -11.26 1.03 -48.50
C PRO F 806 -12.31 1.84 -49.23
N THR F 807 -12.91 1.23 -50.25
CA THR F 807 -13.97 1.87 -51.05
C THR F 807 -15.26 1.07 -51.04
N HIS F 808 -15.47 0.24 -50.02
CA HIS F 808 -16.65 -0.63 -50.00
C HIS F 808 -17.93 0.16 -49.72
N SER F 809 -17.81 1.37 -49.18
CA SER F 809 -18.98 2.13 -48.76
C SER F 809 -19.47 3.11 -49.82
N TYR F 810 -18.91 3.11 -51.02
CA TYR F 810 -19.29 4.09 -52.02
C TYR F 810 -20.68 3.81 -52.59
N THR F 811 -21.20 2.61 -52.37
CA THR F 811 -22.54 2.27 -52.83
C THR F 811 -23.61 2.90 -51.94
N VAL F 812 -24.78 3.11 -52.52
CA VAL F 812 -25.90 3.69 -51.77
C VAL F 812 -26.59 2.62 -50.93
N LEU F 813 -26.50 1.36 -51.34
CA LEU F 813 -27.17 0.27 -50.64
C LEU F 813 -26.38 -0.24 -49.44
N GLY F 814 -25.33 0.45 -49.03
CA GLY F 814 -24.47 0.00 -47.96
C GLY F 814 -25.00 0.32 -46.57
N LYS F 815 -24.18 -0.01 -45.57
CA LYS F 815 -24.57 0.17 -44.18
C LYS F 815 -24.53 1.64 -43.77
N ARG F 816 -23.49 2.36 -44.19
CA ARG F 816 -23.33 3.75 -43.77
C ARG F 816 -24.47 4.62 -44.31
N ALA F 817 -24.86 4.41 -45.56
CA ALA F 817 -25.99 5.13 -46.11
C ALA F 817 -27.28 4.79 -45.35
N SER F 818 -27.43 3.54 -44.93
CA SER F 818 -28.60 3.16 -44.15
C SER F 818 -28.62 3.89 -42.81
N ARG F 819 -27.47 3.99 -42.14
CA ARG F 819 -27.40 4.75 -40.89
C ARG F 819 -27.70 6.23 -41.11
N TYR F 820 -27.18 6.81 -42.19
CA TYR F 820 -27.44 8.22 -42.48
C TYR F 820 -28.93 8.45 -42.75
N ARG F 821 -29.56 7.57 -43.52
CA ARG F 821 -30.99 7.69 -43.76
C ARG F 821 -31.78 7.51 -42.48
N HIS F 822 -31.33 6.61 -41.59
CA HIS F 822 -31.99 6.45 -40.31
C HIS F 822 -31.91 7.73 -39.48
N GLN F 823 -30.74 8.37 -39.45
CA GLN F 823 -30.61 9.62 -38.70
C GLN F 823 -31.48 10.72 -39.31
N ILE F 824 -31.50 10.81 -40.65
CA ILE F 824 -32.31 11.83 -41.31
C ILE F 824 -33.80 11.61 -41.01
N TYR F 825 -34.24 10.35 -41.07
CA TYR F 825 -35.64 10.04 -40.77
C TYR F 825 -35.98 10.40 -39.33
N LYS F 826 -35.08 10.08 -38.39
CA LYS F 826 -35.32 10.43 -37.00
C LYS F 826 -35.44 11.93 -36.82
N ASP F 827 -34.55 12.70 -37.47
CA ASP F 827 -34.60 14.16 -37.36
C ASP F 827 -35.91 14.70 -37.93
N VAL F 828 -36.29 14.23 -39.12
CA VAL F 828 -37.49 14.74 -39.78
C VAL F 828 -38.72 14.44 -38.95
N LEU F 829 -38.83 13.21 -38.44
CA LEU F 829 -40.00 12.85 -37.66
C LEU F 829 -40.03 13.50 -36.28
N GLN F 830 -38.87 13.74 -35.67
CA GLN F 830 -38.85 14.48 -34.41
C GLN F 830 -39.31 15.92 -34.63
N HIS F 831 -38.87 16.54 -35.72
CA HIS F 831 -39.34 17.89 -36.02
C HIS F 831 -40.83 17.91 -36.32
N TRP F 832 -41.33 16.92 -37.06
CA TRP F 832 -42.76 16.85 -37.35
C TRP F 832 -43.58 16.51 -36.12
N TYR F 833 -42.96 15.91 -35.10
CA TYR F 833 -43.70 15.51 -33.90
C TYR F 833 -44.21 16.72 -33.12
N TYR F 834 -43.48 17.83 -33.15
CA TYR F 834 -43.83 19.02 -32.37
C TYR F 834 -44.44 20.11 -33.23
N THR F 835 -44.98 19.77 -34.39
CA THR F 835 -45.57 20.79 -35.26
C THR F 835 -46.79 21.40 -34.58
N PRO F 836 -47.07 22.69 -34.84
CA PRO F 836 -48.14 23.37 -34.09
C PRO F 836 -49.51 22.73 -34.22
N PHE F 837 -49.87 22.19 -35.37
CA PHE F 837 -51.21 21.65 -35.54
C PHE F 837 -51.38 20.27 -34.91
N ASN F 838 -50.31 19.66 -34.42
CA ASN F 838 -50.40 18.41 -33.67
C ASN F 838 -50.38 18.63 -32.16
N ARG F 839 -50.38 19.87 -31.69
CA ARG F 839 -50.30 20.17 -30.26
C ARG F 839 -51.38 21.17 -29.82
N LEU F 840 -52.57 21.09 -30.41
CA LEU F 840 -53.63 22.06 -30.10
C LEU F 840 -54.16 21.88 -28.69
N LEU F 841 -54.45 20.63 -28.30
CA LEU F 841 -55.00 20.39 -26.96
C LEU F 841 -54.00 20.79 -25.88
N MET F 842 -52.71 20.52 -26.12
CA MET F 842 -51.69 20.95 -25.17
C MET F 842 -51.66 22.47 -25.07
N LYS F 843 -51.79 23.17 -26.21
CA LYS F 843 -51.80 24.62 -26.19
C LYS F 843 -52.99 25.15 -25.40
N PHE F 844 -54.17 24.60 -25.63
CA PHE F 844 -55.36 25.04 -24.90
C PHE F 844 -55.20 24.81 -23.41
N ASP F 845 -54.75 23.61 -23.02
CA ASP F 845 -54.62 23.29 -21.60
C ASP F 845 -53.56 24.16 -20.93
N VAL F 846 -52.43 24.40 -21.63
CA VAL F 846 -51.39 25.24 -21.04
C VAL F 846 -51.86 26.68 -20.91
N ASP F 847 -52.60 27.19 -21.89
CA ASP F 847 -53.17 28.53 -21.78
C ASP F 847 -54.10 28.61 -20.56
N ALA F 848 -54.99 27.65 -20.42
CA ALA F 848 -55.92 27.65 -19.30
C ALA F 848 -55.19 27.56 -17.96
N PHE F 849 -54.14 26.75 -17.90
CA PHE F 849 -53.39 26.58 -16.66
C PHE F 849 -52.57 27.83 -16.33
N ILE F 850 -51.96 28.46 -17.33
CA ILE F 850 -51.06 29.57 -17.08
C ILE F 850 -51.80 30.89 -16.92
N ASN F 851 -53.07 30.97 -17.34
CA ASN F 851 -53.84 32.18 -17.09
C ASN F 851 -54.30 32.31 -15.64
N ARG F 852 -54.04 31.30 -14.81
CA ARG F 852 -54.45 31.34 -13.41
C ARG F 852 -53.56 32.25 -12.56
N GLN F 853 -52.31 32.45 -12.95
CA GLN F 853 -51.40 33.24 -12.15
C GLN F 853 -51.66 34.74 -12.36
N PRO F 854 -51.29 35.58 -11.38
CA PRO F 854 -51.51 37.03 -11.55
C PRO F 854 -50.76 37.58 -12.75
N LYS F 855 -51.37 38.59 -13.36
CA LYS F 855 -50.85 39.13 -14.61
C LYS F 855 -49.51 39.82 -14.45
N SER F 856 -49.13 40.19 -13.24
CA SER F 856 -47.88 40.90 -13.00
C SER F 856 -46.67 39.98 -12.85
N HIS F 857 -46.88 38.67 -12.91
CA HIS F 857 -45.77 37.72 -12.79
C HIS F 857 -45.12 37.40 -14.13
N PHE F 858 -45.66 37.91 -15.24
CA PHE F 858 -45.04 37.72 -16.53
C PHE F 858 -43.89 38.71 -16.71
N LEU F 859 -42.78 38.23 -17.27
CA LEU F 859 -41.58 39.04 -17.40
C LEU F 859 -41.01 38.93 -18.81
N THR F 860 -40.38 40.01 -19.26
CA THR F 860 -39.62 40.00 -20.49
C THR F 860 -38.24 39.38 -20.25
N LYS F 861 -37.59 38.99 -21.35
CA LYS F 861 -36.26 38.38 -21.25
C LYS F 861 -35.25 39.37 -20.69
N ASN F 862 -35.30 40.63 -21.14
CA ASN F 862 -34.40 41.64 -20.62
C ASN F 862 -34.62 41.86 -19.14
N GLU F 863 -35.88 41.87 -18.69
CA GLU F 863 -36.16 42.04 -17.28
C GLU F 863 -35.62 40.87 -16.46
N GLU F 864 -35.75 39.65 -16.98
CA GLU F 864 -35.22 38.48 -16.29
C GLU F 864 -33.70 38.54 -16.18
N ARG F 865 -33.02 38.93 -17.26
CA ARG F 865 -31.58 39.08 -17.20
C ARG F 865 -31.17 40.18 -16.22
N ALA F 866 -31.90 41.29 -16.21
CA ALA F 866 -31.63 42.36 -15.26
C ALA F 866 -31.80 41.88 -13.82
N LEU F 867 -32.84 41.09 -13.56
CA LEU F 867 -33.03 40.54 -12.23
C LEU F 867 -31.90 39.61 -11.83
N HIS F 868 -31.43 38.77 -12.76
CA HIS F 868 -30.29 37.90 -12.49
C HIS F 868 -29.04 38.71 -12.14
N ILE F 869 -28.78 39.75 -12.94
CA ILE F 869 -27.63 40.61 -12.70
C ILE F 869 -27.76 41.31 -11.35
N ARG F 870 -28.95 41.80 -11.03
CA ARG F 870 -29.18 42.44 -9.74
C ARG F 870 -28.92 41.47 -8.59
N ARG F 871 -29.40 40.23 -8.72
CA ARG F 871 -29.19 39.25 -7.66
C ARG F 871 -27.71 39.01 -7.41
N PHE F 872 -26.93 38.79 -8.47
CA PHE F 872 -25.53 38.48 -8.23
C PHE F 872 -24.73 39.71 -7.78
N LEU F 873 -25.08 40.89 -8.29
CA LEU F 873 -24.42 42.11 -7.80
C LEU F 873 -24.74 42.37 -6.34
N LEU F 874 -25.99 42.13 -5.93
CA LEU F 874 -26.36 42.29 -4.53
C LEU F 874 -25.64 41.27 -3.66
N SER F 875 -25.45 40.05 -4.19
CA SER F 875 -24.66 39.06 -3.45
C SER F 875 -23.23 39.56 -3.24
N GLU F 876 -22.62 40.13 -4.29
CA GLU F 876 -21.27 40.68 -4.12
C GLU F 876 -21.25 41.83 -3.12
N HIS F 877 -22.26 42.70 -3.17
CA HIS F 877 -22.33 43.82 -2.24
C HIS F 877 -22.43 43.33 -0.81
N TYR F 878 -23.25 42.31 -0.55
CA TYR F 878 -23.34 41.76 0.80
C TYR F 878 -22.06 41.02 1.17
N ASP F 879 -21.34 40.47 0.20
CA ASP F 879 -20.04 39.89 0.49
C ASP F 879 -19.05 40.95 0.95
N THR F 880 -19.17 42.16 0.41
CA THR F 880 -18.24 43.24 0.76
C THR F 880 -18.32 43.66 2.23
N LEU F 881 -19.25 43.09 2.99
CA LEU F 881 -19.43 43.45 4.40
C LEU F 881 -18.86 42.41 5.36
N ARG F 882 -18.19 41.38 4.85
CA ARG F 882 -17.69 40.33 5.72
C ARG F 882 -16.36 40.72 6.36
N TRP F 883 -15.94 39.92 7.35
CA TRP F 883 -14.68 40.14 8.03
C TRP F 883 -13.46 39.82 7.16
N TYR F 884 -13.65 39.07 6.07
CA TYR F 884 -12.53 38.73 5.19
C TYR F 884 -11.83 39.98 4.68
N THR F 885 -12.55 41.09 4.57
CA THR F 885 -11.95 42.32 4.04
C THR F 885 -10.81 42.81 4.91
N TYR F 886 -10.78 42.40 6.18
CA TYR F 886 -9.71 42.84 7.08
C TYR F 886 -8.47 41.95 7.00
N MET F 887 -8.50 40.91 6.17
CA MET F 887 -7.35 40.02 6.00
C MET F 887 -6.15 40.75 5.40
N GLN F 888 -4.94 40.29 5.75
CA GLN F 888 -3.73 40.85 5.16
C GLN F 888 -3.65 40.57 3.66
N HIS F 889 -4.01 39.35 3.25
CA HIS F 889 -3.97 38.92 1.86
C HIS F 889 -5.37 38.86 1.25
N TYR F 890 -6.24 39.80 1.59
CA TYR F 890 -7.62 39.74 1.11
C TYR F 890 -7.70 39.93 -0.41
N LYS F 891 -6.81 40.76 -0.97
CA LYS F 891 -6.84 40.99 -2.41
C LYS F 891 -6.58 39.71 -3.19
N THR F 892 -5.60 38.92 -2.75
CA THR F 892 -5.31 37.65 -3.41
C THR F 892 -6.49 36.70 -3.33
N MET F 893 -7.11 36.60 -2.15
CA MET F 893 -8.27 35.73 -1.99
C MET F 893 -9.42 36.17 -2.88
N LYS F 894 -9.69 37.48 -2.94
CA LYS F 894 -10.78 37.98 -3.77
C LYS F 894 -10.50 37.74 -5.25
N THR F 895 -9.25 37.92 -5.68
CA THR F 895 -8.92 37.72 -7.08
C THR F 895 -8.99 36.25 -7.46
N ASN F 896 -8.59 35.36 -6.55
CA ASN F 896 -8.53 33.92 -6.85
C ASN F 896 -9.85 33.22 -6.54
N ILE F 897 -10.30 33.28 -5.29
CA ILE F 897 -11.51 32.54 -4.89
C ILE F 897 -12.76 33.31 -5.29
N GLY F 898 -12.92 34.53 -4.78
CA GLY F 898 -14.08 35.33 -5.13
C GLY F 898 -14.76 36.02 -3.96
N GLY F 899 -14.23 35.82 -2.74
CA GLY F 899 -14.71 36.52 -1.57
C GLY F 899 -15.42 35.66 -0.55
N THR F 900 -15.81 34.43 -0.89
CA THR F 900 -16.47 33.54 0.05
C THR F 900 -15.86 32.15 -0.08
N LYS F 901 -15.83 31.42 1.04
CA LYS F 901 -15.24 30.09 1.07
C LYS F 901 -16.25 28.99 0.78
N SER F 902 -17.49 29.35 0.46
CA SER F 902 -18.51 28.37 0.14
C SER F 902 -19.28 28.82 -1.10
N PHE F 903 -19.52 27.89 -2.01
CA PHE F 903 -20.27 28.22 -3.22
C PHE F 903 -21.75 28.48 -2.91
N ALA F 904 -22.26 27.90 -1.83
CA ALA F 904 -23.67 28.02 -1.49
C ALA F 904 -24.08 29.42 -1.06
N ASN F 905 -23.12 30.29 -0.73
CA ASN F 905 -23.42 31.66 -0.33
C ASN F 905 -23.34 32.64 -1.48
N ARG F 906 -23.52 32.16 -2.71
CA ARG F 906 -23.47 33.01 -3.89
C ARG F 906 -24.77 32.85 -4.68
N ALA F 907 -24.81 33.47 -5.86
CA ALA F 907 -26.02 33.50 -6.67
C ALA F 907 -25.98 32.35 -7.68
N TYR F 908 -27.02 31.51 -7.66
CA TYR F 908 -27.11 30.39 -8.57
C TYR F 908 -28.57 30.10 -8.86
N ASN F 909 -28.81 29.44 -10.00
CA ASN F 909 -30.17 29.09 -10.39
C ASN F 909 -30.61 27.81 -9.69
N GLN F 910 -31.93 27.65 -9.60
CA GLN F 910 -32.54 26.49 -8.97
C GLN F 910 -32.92 25.50 -10.07
N GLN F 911 -31.95 24.72 -10.53
CA GLN F 911 -32.15 23.73 -11.59
C GLN F 911 -31.46 22.42 -11.15
N PHE F 912 -32.21 21.57 -10.46
CA PHE F 912 -31.68 20.34 -9.90
C PHE F 912 -32.61 19.15 -10.13
N GLN F 913 -33.20 19.07 -11.33
CA GLN F 913 -34.01 17.93 -11.71
C GLN F 913 -33.99 17.81 -13.23
N GLY F 914 -33.99 16.57 -13.71
CA GLY F 914 -33.87 16.31 -15.13
C GLY F 914 -32.43 16.09 -15.54
N THR F 915 -32.26 15.46 -16.70
CA THR F 915 -30.95 15.08 -17.22
C THR F 915 -30.41 16.16 -18.13
N PHE F 916 -29.15 16.54 -17.91
CA PHE F 916 -28.53 17.60 -18.69
C PHE F 916 -28.29 17.18 -20.13
N LYS F 917 -27.76 15.98 -20.34
CA LYS F 917 -27.42 15.52 -21.68
C LYS F 917 -28.65 15.26 -22.55
N LYS F 918 -29.84 15.17 -21.96
CA LYS F 918 -31.04 14.90 -22.73
C LYS F 918 -31.72 16.16 -23.23
N ILE F 919 -31.53 17.29 -22.54
CA ILE F 919 -32.14 18.55 -22.92
C ILE F 919 -31.13 19.51 -23.53
N ARG F 920 -29.97 19.01 -23.97
CA ARG F 920 -28.94 19.89 -24.53
C ARG F 920 -29.42 20.55 -25.81
N HIS F 921 -30.10 19.81 -26.68
CA HIS F 921 -30.55 20.31 -27.96
C HIS F 921 -31.98 20.83 -27.95
N LEU F 922 -32.62 20.86 -26.79
CA LEU F 922 -34.02 21.29 -26.69
C LEU F 922 -34.18 22.67 -26.07
N PHE F 923 -33.58 22.94 -24.92
CA PHE F 923 -33.74 24.20 -24.22
C PHE F 923 -32.38 24.85 -24.00
N ALA F 924 -32.40 26.05 -23.44
CA ALA F 924 -31.21 26.80 -23.11
C ALA F 924 -31.09 26.91 -21.60
N ILE F 925 -29.89 26.71 -21.08
CA ILE F 925 -29.66 26.65 -19.63
C ILE F 925 -28.79 27.77 -19.12
N THR F 926 -28.17 28.55 -20.01
CA THR F 926 -27.31 29.66 -19.61
C THR F 926 -27.65 30.87 -20.47
N PRO F 927 -27.52 32.09 -19.92
CA PRO F 927 -27.89 33.27 -20.71
C PRO F 927 -27.06 33.46 -21.97
N LYS F 928 -25.81 32.99 -21.98
CA LYS F 928 -24.94 33.23 -23.12
C LYS F 928 -25.32 32.39 -24.33
N GLN F 929 -26.18 31.38 -24.17
CA GLN F 929 -26.56 30.55 -25.30
C GLN F 929 -27.33 31.35 -26.35
N GLY F 930 -28.07 32.37 -25.92
CA GLY F 930 -28.78 33.20 -26.86
C GLY F 930 -29.90 33.96 -26.16
N ASP F 931 -30.74 34.58 -26.99
CA ASP F 931 -31.87 35.36 -26.50
C ASP F 931 -33.09 34.46 -26.31
N PHE F 932 -33.01 33.63 -25.26
CA PHE F 932 -34.06 32.68 -24.94
C PHE F 932 -34.37 32.74 -23.45
N TYR F 933 -35.54 32.22 -23.08
CA TYR F 933 -35.89 32.05 -21.69
C TYR F 933 -35.13 30.83 -21.15
N THR F 934 -34.34 31.05 -20.10
CA THR F 934 -33.57 29.95 -19.52
C THR F 934 -34.50 29.01 -18.75
N LEU F 935 -34.10 27.75 -18.68
CA LEU F 935 -34.87 26.73 -17.99
C LEU F 935 -34.43 26.68 -16.53
N LYS F 936 -35.31 27.07 -15.61
CA LYS F 936 -35.01 27.05 -14.19
C LYS F 936 -36.32 26.94 -13.42
N PHE F 937 -36.20 26.54 -12.16
CA PHE F 937 -37.36 26.28 -11.31
C PHE F 937 -37.60 27.38 -10.28
N ASP F 938 -36.84 28.48 -10.35
CA ASP F 938 -37.04 29.62 -9.47
C ASP F 938 -37.50 30.81 -10.30
N GLN F 939 -37.96 31.85 -9.62
CA GLN F 939 -38.56 32.97 -10.33
C GLN F 939 -38.39 34.28 -9.58
N PRO F 940 -37.44 35.12 -9.97
CA PRO F 940 -37.37 36.48 -9.42
C PRO F 940 -38.49 37.35 -9.96
N LEU F 941 -38.95 38.27 -9.11
CA LEU F 941 -40.09 39.11 -9.45
C LEU F 941 -39.85 40.54 -8.99
N TYR F 942 -40.59 41.46 -9.60
CA TYR F 942 -40.66 42.84 -9.14
C TYR F 942 -41.78 42.99 -8.13
N ASN F 943 -41.60 43.91 -7.19
CA ASN F 943 -42.64 44.22 -6.23
C ASN F 943 -43.80 44.93 -6.94
N ASP F 944 -45.03 44.51 -6.62
CA ASP F 944 -46.23 45.06 -7.23
C ASP F 944 -46.91 46.09 -6.35
N ASN F 945 -46.32 46.45 -5.22
CA ASN F 945 -46.90 47.42 -4.31
C ASN F 945 -45.79 48.02 -3.46
N LYS F 946 -46.11 49.13 -2.80
CA LYS F 946 -45.17 49.75 -1.87
C LYS F 946 -44.92 48.80 -0.70
N LEU F 947 -43.68 48.32 -0.59
CA LEU F 947 -43.38 47.25 0.35
C LEU F 947 -43.44 47.75 1.79
N LYS F 948 -44.09 46.96 2.64
CA LYS F 948 -44.05 47.20 4.08
C LYS F 948 -42.82 46.52 4.66
N ASP F 949 -42.04 47.27 5.44
CA ASP F 949 -40.78 46.74 5.96
C ASP F 949 -41.01 45.51 6.83
N ASN F 950 -42.02 45.55 7.70
CA ASN F 950 -42.34 44.42 8.57
C ASN F 950 -43.31 43.47 7.88
N LEU F 951 -42.84 42.88 6.78
CA LEU F 951 -43.69 41.98 6.01
C LEU F 951 -43.93 40.67 6.76
N TYR F 952 -42.89 40.07 7.30
CA TYR F 952 -42.99 38.81 8.02
C TYR F 952 -43.19 38.98 9.52
N PHE F 953 -43.20 40.22 10.00
CA PHE F 953 -43.33 40.49 11.43
C PHE F 953 -44.81 40.48 11.85
N HIS F 954 -45.10 39.80 12.94
CA HIS F 954 -46.43 39.87 13.52
C HIS F 954 -46.68 41.27 14.06
N GLU F 955 -47.90 41.78 13.86
CA GLU F 955 -48.21 43.15 14.24
C GLU F 955 -48.12 43.33 15.76
N GLU F 956 -48.29 42.24 16.52
CA GLU F 956 -48.20 42.34 17.97
C GLU F 956 -46.76 42.55 18.42
N LEU F 957 -45.80 42.05 17.65
CA LEU F 957 -44.40 42.21 18.02
C LEU F 957 -43.90 43.62 17.77
N LEU F 958 -44.50 44.34 16.81
CA LEU F 958 -43.99 45.64 16.41
C LEU F 958 -44.07 46.68 17.53
N THR F 959 -44.94 46.49 18.50
CA THR F 959 -45.06 47.43 19.60
C THR F 959 -43.97 47.18 20.65
N LYS F 1043 19.47 13.71 41.38
CA LYS F 1043 20.81 13.17 41.59
C LYS F 1043 21.32 12.47 40.34
N LEU F 1044 22.56 12.75 39.97
CA LEU F 1044 23.17 12.24 38.73
C LEU F 1044 24.51 11.59 39.02
N ASN F 1045 24.61 10.85 40.12
CA ASN F 1045 25.87 10.21 40.48
C ASN F 1045 26.14 8.97 39.62
N PHE F 1046 25.09 8.29 39.16
CA PHE F 1046 25.23 7.02 38.46
C PHE F 1046 25.42 7.16 36.96
N VAL F 1047 25.26 8.37 36.41
CA VAL F 1047 25.03 8.52 34.97
C VAL F 1047 26.16 7.89 34.18
N TYR F 1048 27.41 8.22 34.51
CA TYR F 1048 28.54 7.68 33.76
C TYR F 1048 28.50 6.16 33.70
N SER F 1049 28.23 5.52 34.84
CA SER F 1049 28.14 4.06 34.85
C SER F 1049 27.10 3.57 33.85
N GLU F 1050 25.90 4.17 33.88
CA GLU F 1050 24.85 3.75 32.96
C GLU F 1050 25.26 3.97 31.52
N LEU F 1051 26.15 4.92 31.27
CA LEU F 1051 26.67 5.08 29.91
C LEU F 1051 27.63 3.95 29.56
N PHE F 1052 28.57 3.63 30.47
CA PHE F 1052 29.62 2.68 30.13
C PHE F 1052 29.04 1.31 29.82
N VAL F 1053 28.21 0.78 30.73
CA VAL F 1053 27.57 -0.51 30.52
C VAL F 1053 26.78 -0.52 29.22
N LYS F 1054 26.36 0.67 28.76
CA LYS F 1054 25.71 0.76 27.45
C LYS F 1054 26.76 0.65 26.33
N LEU F 1055 27.74 1.55 26.34
CA LEU F 1055 28.58 1.76 25.17
C LEU F 1055 29.23 0.47 24.70
N ILE F 1056 30.03 -0.16 25.56
CA ILE F 1056 30.71 -1.39 25.19
C ILE F 1056 29.69 -2.44 24.73
N LYS F 1057 28.57 -2.54 25.44
CA LYS F 1057 27.53 -3.48 25.05
C LYS F 1057 27.09 -3.22 23.62
N GLU F 1058 26.79 -1.95 23.30
CA GLU F 1058 26.42 -1.60 21.94
C GLU F 1058 27.53 -1.98 20.96
N CYS F 1059 28.78 -1.74 21.35
CA CYS F 1059 29.90 -2.14 20.51
C CYS F 1059 29.85 -3.64 20.21
N LYS F 1060 29.58 -4.44 21.26
CA LYS F 1060 29.50 -5.88 21.07
C LYS F 1060 28.45 -6.25 20.03
N LYS F 1061 27.39 -5.46 19.92
CA LYS F 1061 26.35 -5.75 18.95
C LYS F 1061 26.71 -5.29 17.54
N ARG F 1062 27.58 -4.30 17.40
CA ARG F 1062 27.73 -3.62 16.11
C ARG F 1062 29.06 -3.85 15.42
N ILE F 1063 30.12 -4.14 16.16
CA ILE F 1063 31.44 -4.23 15.54
C ILE F 1063 32.02 -5.63 15.73
N HIS F 1064 32.27 -6.01 16.97
CA HIS F 1064 32.97 -7.26 17.27
C HIS F 1064 31.97 -8.39 17.52
N ASP F 1065 31.15 -8.66 16.51
CA ASP F 1065 30.20 -9.76 16.53
C ASP F 1065 30.58 -10.72 15.40
N GLN F 1066 30.99 -11.94 15.76
CA GLN F 1066 31.54 -12.85 14.76
C GLN F 1066 30.45 -13.44 13.88
N THR F 1067 29.26 -13.69 14.43
CA THR F 1067 28.17 -14.21 13.61
C THR F 1067 27.73 -13.17 12.57
N PHE F 1068 27.65 -11.91 12.96
CA PHE F 1068 27.30 -10.85 12.02
C PHE F 1068 28.35 -10.72 10.92
N LEU F 1069 29.63 -10.82 11.29
CA LEU F 1069 30.69 -10.79 10.29
C LEU F 1069 30.59 -11.99 9.35
N LYS F 1070 30.29 -13.16 9.89
CA LYS F 1070 30.14 -14.36 9.05
C LYS F 1070 28.99 -14.20 8.06
N ASN F 1071 27.86 -13.68 8.53
CA ASN F 1071 26.72 -13.46 7.64
C ASN F 1071 27.06 -12.42 6.57
N TYR F 1072 27.72 -11.34 6.97
CA TYR F 1072 28.10 -10.31 5.99
C TYR F 1072 29.08 -10.86 4.95
N ILE F 1073 30.02 -11.70 5.38
CA ILE F 1073 30.97 -12.28 4.44
C ILE F 1073 30.28 -13.24 3.49
N THR F 1074 29.38 -14.07 4.01
CA THR F 1074 28.64 -15.00 3.16
C THR F 1074 27.80 -14.24 2.13
N HIS F 1075 27.17 -13.14 2.55
CA HIS F 1075 26.41 -12.33 1.60
C HIS F 1075 27.33 -11.64 0.59
N ARG F 1076 28.53 -11.26 1.04
CA ARG F 1076 29.38 -10.39 0.23
C ARG F 1076 30.05 -11.13 -0.91
N ILE F 1077 30.50 -12.36 -0.68
CA ILE F 1077 31.43 -13.05 -1.59
C ILE F 1077 30.72 -14.16 -2.39
N GLU F 1078 30.17 -15.15 -1.70
CA GLU F 1078 29.65 -16.34 -2.37
C GLU F 1078 28.48 -16.00 -3.27
N LYS F 1079 27.50 -15.26 -2.74
CA LYS F 1079 26.31 -14.92 -3.52
C LYS F 1079 26.69 -14.06 -4.73
N ARG F 1080 27.64 -13.15 -4.56
CA ARG F 1080 28.11 -12.35 -5.68
C ARG F 1080 28.74 -13.22 -6.76
N GLU F 1081 29.53 -14.23 -6.35
CA GLU F 1081 30.12 -15.13 -7.33
C GLU F 1081 29.05 -15.92 -8.06
N GLN F 1082 28.03 -16.41 -7.35
CA GLN F 1082 26.96 -17.15 -8.00
C GLN F 1082 26.22 -16.27 -9.00
N LEU F 1083 25.90 -15.04 -8.61
CA LEU F 1083 25.22 -14.12 -9.52
C LEU F 1083 26.08 -13.80 -10.73
N ASN F 1084 27.39 -13.65 -10.53
CA ASN F 1084 28.29 -13.40 -11.64
C ASN F 1084 28.32 -14.57 -12.61
N GLN F 1085 28.33 -15.80 -12.08
CA GLN F 1085 28.32 -16.97 -12.96
C GLN F 1085 27.02 -17.06 -13.76
N GLU F 1086 25.88 -16.81 -13.10
CA GLU F 1086 24.62 -16.84 -13.83
C GLU F 1086 24.55 -15.75 -14.89
N GLN F 1087 25.03 -14.56 -14.57
CA GLN F 1087 25.10 -13.48 -15.55
C GLN F 1087 26.02 -13.85 -16.71
N THR F 1088 27.12 -14.54 -16.43
CA THR F 1088 28.01 -14.98 -17.51
C THR F 1088 27.31 -15.97 -18.43
N LYS F 1089 26.54 -16.91 -17.85
CA LYS F 1089 25.81 -17.87 -18.68
C LYS F 1089 24.78 -17.16 -19.56
N GLU F 1090 24.02 -16.22 -18.99
CA GLU F 1090 23.04 -15.49 -19.78
C GLU F 1090 23.73 -14.64 -20.85
N LEU F 1091 24.88 -14.07 -20.52
CA LEU F 1091 25.64 -13.29 -21.50
C LEU F 1091 26.09 -14.17 -22.66
N ASN F 1092 26.53 -15.40 -22.35
CA ASN F 1092 26.93 -16.32 -23.41
C ASN F 1092 25.75 -16.66 -24.32
N LYS F 1093 24.57 -16.89 -23.74
CA LYS F 1093 23.40 -17.17 -24.55
C LYS F 1093 23.04 -15.98 -25.44
N ARG F 1094 23.09 -14.76 -24.88
CA ARG F 1094 22.81 -13.57 -25.68
C ARG F 1094 23.84 -13.40 -26.80
N LEU F 1095 25.11 -13.69 -26.51
CA LEU F 1095 26.14 -13.57 -27.53
C LEU F 1095 25.92 -14.57 -28.66
N GLU F 1096 25.50 -15.79 -28.32
CA GLU F 1096 25.17 -16.75 -29.39
C GLU F 1096 24.00 -16.26 -30.22
N LYS F 1097 22.97 -15.70 -29.56
CA LYS F 1097 21.84 -15.16 -30.31
C LYS F 1097 22.29 -14.05 -31.27
N LEU F 1098 23.20 -13.19 -30.82
CA LEU F 1098 23.75 -12.16 -31.70
C LEU F 1098 24.56 -12.77 -32.84
N LYS F 1099 25.36 -13.80 -32.53
CA LYS F 1099 26.16 -14.46 -33.55
C LYS F 1099 25.28 -15.04 -34.64
N VAL F 1100 24.06 -15.45 -34.29
CA VAL F 1100 23.15 -16.00 -35.29
C VAL F 1100 22.95 -15.02 -36.44
N TRP F 1101 22.71 -13.75 -36.13
CA TRP F 1101 22.57 -12.74 -37.17
C TRP F 1101 23.93 -12.31 -37.74
N LEU F 1102 24.96 -12.26 -36.88
CA LEU F 1102 26.26 -11.80 -37.33
C LEU F 1102 26.84 -12.71 -38.41
N ASN F 1103 26.52 -14.00 -38.35
CA ASN F 1103 27.02 -14.93 -39.36
C ASN F 1103 26.48 -14.59 -40.75
N SER F 1104 25.20 -14.24 -40.84
CA SER F 1104 24.55 -13.98 -42.12
C SER F 1104 24.43 -12.50 -42.44
N ASP F 1105 25.08 -11.63 -41.65
CA ASP F 1105 25.01 -10.19 -41.94
C ASP F 1105 25.56 -9.88 -43.32
N LYS F 1106 26.79 -10.33 -43.61
CA LYS F 1106 27.45 -10.12 -44.91
C LYS F 1106 27.35 -8.66 -45.37
N GLY F 1107 27.77 -7.77 -44.48
CA GLY F 1107 27.72 -6.34 -44.76
C GLY F 1107 28.62 -5.92 -45.91
N SER F 1123 25.15 5.87 -32.91
CA SER F 1123 24.14 5.60 -33.93
C SER F 1123 23.84 6.85 -34.75
N SER F 1124 23.10 6.66 -35.85
CA SER F 1124 22.71 7.80 -36.67
C SER F 1124 21.73 8.69 -35.91
N PRO F 1125 21.81 10.01 -36.09
CA PRO F 1125 20.86 10.91 -35.42
C PRO F 1125 19.44 10.86 -35.98
N ASP F 1126 19.17 9.99 -36.95
CA ASP F 1126 17.87 9.90 -37.58
C ASP F 1126 16.97 8.83 -36.96
N LYS F 1127 17.48 8.07 -35.99
CA LYS F 1127 16.66 7.05 -35.35
C LYS F 1127 15.56 7.70 -34.51
N VAL F 1128 14.35 7.17 -34.63
CA VAL F 1128 13.23 7.70 -33.87
C VAL F 1128 13.33 7.24 -32.41
N LEU F 1129 12.72 8.02 -31.53
CA LEU F 1129 12.73 7.72 -30.10
C LEU F 1129 11.71 6.62 -29.78
N THR F 1130 11.63 6.28 -28.50
CA THR F 1130 10.61 5.35 -28.03
C THR F 1130 9.23 5.97 -28.24
N THR F 1131 8.23 5.10 -28.45
CA THR F 1131 6.88 5.57 -28.77
C THR F 1131 6.31 6.45 -27.67
N ALA F 1132 6.65 6.19 -26.41
CA ALA F 1132 6.19 7.04 -25.32
C ALA F 1132 6.71 8.47 -25.49
N MET F 1133 8.02 8.61 -25.68
CA MET F 1133 8.60 9.93 -25.90
C MET F 1133 8.24 10.50 -27.26
N GLN F 1134 7.85 9.64 -28.20
CA GLN F 1134 7.39 10.09 -29.51
C GLN F 1134 5.97 10.64 -29.48
N LYS F 1135 5.17 10.21 -28.50
CA LYS F 1135 3.79 10.68 -28.36
C LYS F 1135 3.61 11.79 -27.34
N ALA F 1136 4.45 11.83 -26.31
CA ALA F 1136 4.34 12.90 -25.32
C ALA F 1136 4.60 14.26 -25.95
N VAL F 1137 5.59 14.33 -26.85
CA VAL F 1137 5.87 15.57 -27.56
C VAL F 1137 4.69 15.99 -28.41
N ASN F 1138 4.05 15.02 -29.09
CA ASN F 1138 2.88 15.34 -29.90
C ASN F 1138 1.73 15.87 -29.05
N GLU F 1139 1.49 15.25 -27.88
CA GLU F 1139 0.42 15.73 -27.01
C GLU F 1139 0.71 17.13 -26.49
N SER F 1140 1.94 17.38 -26.05
CA SER F 1140 2.29 18.71 -25.55
C SER F 1140 2.19 19.77 -26.65
N ILE F 1141 2.63 19.43 -27.86
CA ILE F 1141 2.51 20.36 -28.98
C ILE F 1141 1.04 20.63 -29.29
N SER F 1142 0.21 19.58 -29.24
CA SER F 1142 -1.21 19.74 -29.55
C SER F 1142 -1.89 20.68 -28.56
N LEU F 1143 -1.63 20.50 -27.26
CA LEU F 1143 -2.34 21.31 -26.28
C LEU F 1143 -1.74 22.71 -26.16
N SER F 1144 -0.41 22.82 -26.23
CA SER F 1144 0.24 24.10 -25.94
C SER F 1144 0.05 25.11 -27.07
N GLY F 1145 0.13 24.66 -28.32
CA GLY F 1145 0.07 25.59 -29.43
C GLY F 1145 -1.28 26.28 -29.52
N ILE F 1146 -1.25 27.50 -30.06
CA ILE F 1146 -2.50 28.23 -30.28
C ILE F 1146 -3.35 27.53 -31.35
N MET F 1147 -2.70 26.92 -32.35
CA MET F 1147 -3.37 26.16 -33.37
C MET F 1147 -2.77 24.76 -33.43
N PRO F 1148 -3.58 23.71 -33.57
CA PRO F 1148 -3.03 22.36 -33.63
C PRO F 1148 -2.10 22.19 -34.82
N SER F 1149 -1.04 21.41 -34.62
CA SER F 1149 -0.01 21.19 -35.61
C SER F 1149 -0.04 19.74 -36.09
N ASP F 1150 0.69 19.49 -37.18
CA ASP F 1150 0.76 18.16 -37.75
C ASP F 1150 1.64 17.25 -36.90
N LYS F 1151 1.43 15.95 -37.06
CA LYS F 1151 2.19 14.96 -36.29
C LYS F 1151 3.65 14.93 -36.75
N ILE F 1152 4.54 14.68 -35.80
CA ILE F 1152 5.97 14.57 -36.06
C ILE F 1152 6.50 13.32 -35.38
N LYS F 1153 7.60 12.79 -35.90
CA LYS F 1153 8.27 11.62 -35.34
C LYS F 1153 9.66 12.06 -34.89
N THR F 1154 9.79 12.34 -33.58
CA THR F 1154 11.00 12.92 -33.05
C THR F 1154 12.16 11.92 -33.11
N THR F 1155 13.34 12.43 -33.43
CA THR F 1155 14.58 11.66 -33.46
C THR F 1155 15.51 12.14 -32.35
N TYR F 1156 16.70 11.54 -32.30
CA TYR F 1156 17.69 11.94 -31.30
C TYR F 1156 18.37 13.27 -31.63
N GLY F 1157 18.38 13.66 -32.90
CA GLY F 1157 18.99 14.92 -33.26
C GLY F 1157 18.30 16.11 -32.63
N ASN F 1158 16.96 16.07 -32.55
CA ASN F 1158 16.23 17.14 -31.90
C ASN F 1158 16.57 17.23 -30.42
N LEU F 1159 16.69 16.09 -29.76
CA LEU F 1159 17.09 16.08 -28.35
C LEU F 1159 18.48 16.67 -28.16
N THR F 1160 19.41 16.29 -29.05
CA THR F 1160 20.76 16.84 -28.98
C THR F 1160 20.75 18.35 -29.17
N ASN F 1161 19.96 18.83 -30.14
CA ASN F 1161 19.87 20.26 -30.38
C ASN F 1161 19.31 21.00 -29.16
N ALA F 1162 18.26 20.44 -28.55
CA ALA F 1162 17.66 21.09 -27.38
C ALA F 1162 18.64 21.15 -26.22
N TYR F 1163 19.34 20.04 -25.96
CA TYR F 1163 20.32 20.02 -24.88
C TYR F 1163 21.45 21.03 -25.14
N THR F 1164 21.93 21.09 -26.38
CA THR F 1164 22.98 22.03 -26.74
C THR F 1164 22.51 23.47 -26.54
N ILE F 1165 21.28 23.77 -26.95
CA ILE F 1165 20.76 25.13 -26.82
C ILE F 1165 20.66 25.53 -25.34
N LYS F 1166 20.14 24.62 -24.50
CA LYS F 1166 20.01 24.93 -23.09
C LYS F 1166 21.37 25.16 -22.44
N THR F 1167 22.33 24.27 -22.72
CA THR F 1167 23.67 24.44 -22.15
C THR F 1167 24.32 25.73 -22.63
N GLU F 1168 24.15 26.05 -23.91
CA GLU F 1168 24.73 27.27 -24.46
C GLU F 1168 24.14 28.51 -23.80
N ASN F 1169 22.82 28.51 -23.57
CA ASN F 1169 22.20 29.64 -22.90
C ASN F 1169 22.71 29.80 -21.48
N ALA F 1170 22.85 28.69 -20.74
CA ALA F 1170 23.38 28.77 -19.38
C ALA F 1170 24.81 29.31 -19.38
N ILE F 1171 25.64 28.82 -20.30
CA ILE F 1171 27.03 29.28 -20.39
C ILE F 1171 27.07 30.77 -20.73
N LEU F 1172 26.20 31.21 -21.64
CA LEU F 1172 26.18 32.62 -22.01
C LEU F 1172 25.79 33.50 -20.83
N THR F 1173 24.80 33.07 -20.04
CA THR F 1173 24.43 33.83 -18.85
C THR F 1173 25.60 33.91 -17.87
N LYS F 1174 26.28 32.79 -17.65
CA LYS F 1174 27.43 32.80 -16.75
C LYS F 1174 28.52 33.73 -17.25
N LEU F 1175 28.78 33.72 -18.56
CA LEU F 1175 29.81 34.58 -19.13
C LEU F 1175 29.44 36.05 -19.02
N ASN F 1176 28.15 36.37 -19.19
CA ASN F 1176 27.72 37.76 -19.01
C ASN F 1176 27.93 38.21 -17.56
N VAL F 1177 27.61 37.35 -16.60
CA VAL F 1177 27.86 37.69 -15.21
C VAL F 1177 29.36 37.88 -14.96
N ILE F 1178 30.19 37.02 -15.57
CA ILE F 1178 31.64 37.13 -15.41
C ILE F 1178 32.14 38.45 -15.98
N ASN F 1179 31.63 38.85 -17.15
CA ASN F 1179 32.01 40.13 -17.74
C ASN F 1179 31.60 41.29 -16.84
N GLN F 1180 30.39 41.23 -16.27
CA GLN F 1180 29.94 42.29 -15.37
C GLN F 1180 30.86 42.39 -14.16
N LEU F 1181 31.26 41.26 -13.60
CA LEU F 1181 32.19 41.29 -12.48
C LEU F 1181 33.56 41.84 -12.89
N THR F 1182 34.06 41.41 -14.05
CA THR F 1182 35.41 41.79 -14.47
C THR F 1182 35.48 43.27 -14.81
N ASN F 1183 34.37 43.87 -15.22
CA ASN F 1183 34.36 45.31 -15.53
C ASN F 1183 34.96 46.12 -14.39
N ASN F 1184 34.50 45.87 -13.16
CA ASN F 1184 35.04 46.59 -12.01
C ASN F 1184 36.43 46.07 -11.62
N GLU F 1185 36.64 44.76 -11.69
CA GLU F 1185 37.91 44.16 -11.31
C GLU F 1185 38.98 44.42 -12.36
N LEU F 1224 59.91 8.95 -6.04
CA LEU F 1224 59.40 8.94 -4.67
C LEU F 1224 57.89 9.16 -4.68
N ARG F 1225 57.18 8.33 -5.44
CA ARG F 1225 55.73 8.41 -5.55
C ARG F 1225 55.10 7.07 -5.17
N VAL F 1226 53.98 7.13 -4.47
CA VAL F 1226 53.28 5.93 -4.06
C VAL F 1226 52.38 5.44 -5.18
N LYS F 1227 52.25 4.12 -5.31
CA LYS F 1227 51.41 3.52 -6.33
C LYS F 1227 49.96 3.67 -5.91
N THR F 1228 49.28 4.68 -6.46
CA THR F 1228 47.90 4.96 -6.07
C THR F 1228 46.97 3.81 -6.46
N ASP F 1229 47.16 3.25 -7.66
CA ASP F 1229 46.33 2.16 -8.15
C ASP F 1229 46.94 0.84 -7.73
N LYS F 1230 46.26 0.11 -6.85
CA LYS F 1230 46.70 -1.18 -6.37
C LYS F 1230 45.75 -2.26 -6.87
N ASP F 1231 46.30 -3.43 -7.18
CA ASP F 1231 45.52 -4.53 -7.73
C ASP F 1231 45.85 -5.82 -6.98
N LEU F 1232 44.92 -6.78 -7.07
CA LEU F 1232 45.12 -8.06 -6.41
C LEU F 1232 46.30 -8.82 -7.01
N GLN F 1233 46.52 -8.66 -8.32
CA GLN F 1233 47.67 -9.32 -8.94
C GLN F 1233 48.99 -8.77 -8.41
N TRP F 1234 49.02 -7.49 -8.06
CA TRP F 1234 50.20 -6.92 -7.41
C TRP F 1234 50.46 -7.60 -6.07
N TRP F 1235 49.39 -7.83 -5.30
CA TRP F 1235 49.54 -8.53 -4.03
C TRP F 1235 50.01 -9.97 -4.24
N ARG F 1236 49.49 -10.63 -5.28
CA ARG F 1236 49.95 -11.99 -5.59
C ARG F 1236 51.43 -11.99 -5.94
N THR F 1237 51.88 -11.01 -6.72
CA THR F 1237 53.30 -10.93 -7.06
C THR F 1237 54.15 -10.68 -5.82
N LYS F 1238 53.69 -9.79 -4.93
CA LYS F 1238 54.42 -9.52 -3.70
C LYS F 1238 54.41 -10.71 -2.75
N GLN F 1239 53.41 -11.59 -2.86
CA GLN F 1239 53.31 -12.72 -1.94
C GLN F 1239 54.44 -13.71 -2.12
N ARG F 1240 54.96 -13.87 -3.35
CA ARG F 1240 56.12 -14.72 -3.55
C ARG F 1240 57.32 -14.20 -2.79
N VAL F 1241 57.55 -12.88 -2.83
CA VAL F 1241 58.61 -12.27 -2.04
C VAL F 1241 58.36 -12.47 -0.55
N ILE F 1242 57.11 -12.30 -0.13
CA ILE F 1242 56.78 -12.48 1.28
C ILE F 1242 57.13 -13.90 1.74
N THR F 1243 56.78 -14.90 0.92
CA THR F 1243 57.06 -16.28 1.29
C THR F 1243 58.54 -16.58 1.26
N LYS F 1244 59.27 -16.05 0.29
CA LYS F 1244 60.69 -16.34 0.16
C LYS F 1244 61.57 -15.51 1.07
N ARG F 1245 61.01 -14.50 1.75
CA ARG F 1245 61.80 -13.74 2.72
C ARG F 1245 62.24 -14.60 3.90
N LYS F 1246 61.53 -15.69 4.17
CA LYS F 1246 61.94 -16.60 5.24
C LYS F 1246 63.27 -17.26 4.91
N SER F 1247 63.42 -17.76 3.69
CA SER F 1247 64.67 -18.38 3.26
C SER F 1247 65.70 -17.36 2.78
N ALA F 1248 65.29 -16.12 2.55
CA ALA F 1248 66.24 -15.09 2.11
C ALA F 1248 67.23 -14.72 3.20
N ARG F 1249 66.94 -15.01 4.46
CA ARG F 1249 67.85 -14.70 5.55
C ARG F 1249 69.01 -15.68 5.55
N LYS F 1250 70.20 -15.18 5.26
CA LYS F 1250 71.41 -15.99 5.20
C LYS F 1250 72.45 -15.42 6.15
N ARG F 1251 73.05 -16.28 6.97
CA ARG F 1251 74.08 -15.87 7.92
C ARG F 1251 75.10 -16.99 8.00
N ASP F 1252 75.96 -16.92 9.03
CA ASP F 1252 76.95 -17.97 9.23
C ASP F 1252 76.30 -19.31 9.52
N ARG F 1253 75.16 -19.31 10.21
CA ARG F 1253 74.42 -20.53 10.51
C ARG F 1253 73.16 -20.66 9.64
N PHE F 1254 73.00 -19.79 8.64
CA PHE F 1254 71.84 -19.79 7.74
C PHE F 1254 70.59 -19.56 8.61
N LYS F 1255 69.64 -20.50 8.66
CA LYS F 1255 68.49 -20.32 9.53
C LYS F 1255 68.93 -20.23 10.98
N LYS F 1256 68.39 -19.23 11.69
CA LYS F 1256 68.76 -18.97 13.08
C LYS F 1256 67.90 -19.77 14.04
N GLN F 1257 68.01 -19.45 15.33
CA GLN F 1257 67.21 -20.07 16.40
C GLN F 1257 67.60 -21.52 16.62
N ILE F 1258 68.91 -21.78 16.70
CA ILE F 1258 69.39 -23.10 17.09
C ILE F 1258 69.45 -23.20 18.62
N ALA F 1259 69.70 -24.41 19.10
CA ALA F 1259 69.79 -24.66 20.53
C ALA F 1259 71.14 -24.18 21.07
N VAL F 1260 71.41 -24.45 22.34
CA VAL F 1260 72.63 -23.95 22.97
C VAL F 1260 73.85 -24.73 22.48
N VAL F 1261 73.83 -26.05 22.69
CA VAL F 1261 74.96 -26.91 22.33
C VAL F 1261 74.57 -28.02 21.37
N ASN F 1262 73.34 -28.03 20.86
CA ASN F 1262 72.87 -29.06 19.94
C ASN F 1262 72.23 -28.40 18.72
N LYS F 1263 72.23 -29.14 17.61
CA LYS F 1263 71.73 -28.61 16.34
C LYS F 1263 70.21 -28.55 16.27
N LYS F 1264 69.50 -29.15 17.22
CA LYS F 1264 68.04 -29.12 17.18
C LYS F 1264 67.53 -27.69 17.35
N LEU F 1265 66.95 -27.15 16.29
CA LEU F 1265 66.53 -25.75 16.29
C LEU F 1265 65.37 -25.53 17.25
N ALA F 1266 65.42 -24.41 17.97
CA ALA F 1266 64.36 -24.04 18.88
C ALA F 1266 63.11 -23.60 18.13
N ALA F 1267 61.96 -23.81 18.74
CA ALA F 1267 60.67 -23.47 18.14
C ALA F 1267 60.32 -22.00 18.24
N LEU F 1268 61.21 -21.17 18.79
CA LEU F 1268 60.94 -19.74 18.96
C LEU F 1268 61.21 -18.92 17.71
N SER F 1269 60.61 -19.29 16.58
CA SER F 1269 60.70 -18.51 15.35
C SER F 1269 59.42 -17.68 15.19
N LYS F 1270 59.31 -16.66 16.04
CA LYS F 1270 58.10 -15.84 16.10
C LYS F 1270 58.10 -14.79 15.00
N LYS F 1271 58.27 -15.21 13.75
CA LYS F 1271 58.19 -14.27 12.65
C LYS F 1271 56.78 -13.72 12.51
N VAL F 1272 56.68 -12.42 12.23
CA VAL F 1272 55.37 -11.78 12.16
C VAL F 1272 54.55 -12.37 11.00
N GLU F 1273 55.20 -12.63 9.87
CA GLU F 1273 54.50 -13.19 8.72
C GLU F 1273 53.93 -14.56 9.02
N THR F 1274 54.71 -15.41 9.70
CA THR F 1274 54.24 -16.75 10.02
C THR F 1274 53.18 -16.71 11.11
N GLU F 1275 53.40 -15.91 12.16
CA GLU F 1275 52.48 -15.88 13.29
C GLU F 1275 51.19 -15.13 12.98
N LYS F 1276 51.16 -14.31 11.94
CA LYS F 1276 49.95 -13.58 11.60
C LYS F 1276 48.82 -14.51 11.20
N SER F 1277 49.12 -15.49 10.36
CA SER F 1277 48.13 -16.47 9.90
C SER F 1277 48.15 -17.71 10.80
N ASN F 1278 47.93 -17.49 12.09
CA ASN F 1278 47.93 -18.55 13.09
C ASN F 1278 46.68 -18.40 13.95
N LEU F 1279 45.85 -19.43 13.96
CA LEU F 1279 44.62 -19.45 14.76
C LEU F 1279 44.61 -20.69 15.64
N TYR F 1280 44.29 -20.50 16.92
CA TYR F 1280 44.21 -21.58 17.89
C TYR F 1280 42.85 -21.59 18.56
N GLN F 1281 42.50 -22.73 19.16
CA GLN F 1281 41.22 -22.90 19.81
C GLN F 1281 41.41 -23.56 21.17
N THR F 1282 40.47 -23.30 22.08
CA THR F 1282 40.49 -23.92 23.40
C THR F 1282 39.41 -25.01 23.42
N LEU F 1283 39.79 -26.19 22.93
CA LEU F 1283 38.87 -27.31 22.86
C LEU F 1283 38.66 -27.92 24.24
N TYR F 1284 37.42 -28.32 24.50
CA TYR F 1284 37.05 -28.91 25.79
C TYR F 1284 37.38 -30.39 25.76
N GLY F 1285 38.63 -30.73 26.09
CA GLY F 1285 39.03 -32.12 26.13
C GLY F 1285 39.07 -32.65 27.55
N ASN F 1286 38.06 -33.43 27.92
CA ASN F 1286 37.94 -33.97 29.27
C ASN F 1286 37.82 -35.48 29.33
N TYR F 1287 37.30 -36.12 28.28
CA TYR F 1287 37.16 -37.57 28.25
C TYR F 1287 37.11 -38.09 26.82
N PHE F 1343 49.02 -23.92 40.53
CA PHE F 1343 48.51 -24.25 39.21
C PHE F 1343 47.26 -25.12 39.31
N PHE F 1344 46.17 -24.66 38.68
CA PHE F 1344 44.90 -25.37 38.77
C PHE F 1344 44.88 -26.56 37.81
N ALA F 1345 43.74 -27.25 37.80
CA ALA F 1345 43.59 -28.45 36.97
C ALA F 1345 43.74 -28.13 35.49
N LYS F 1346 43.12 -27.04 35.04
CA LYS F 1346 43.21 -26.61 33.65
C LYS F 1346 42.78 -27.74 32.71
N LYS F 1347 41.53 -28.18 32.85
CA LYS F 1347 41.03 -29.33 32.10
C LYS F 1347 40.96 -29.04 30.60
N LEU F 1348 40.56 -27.84 30.22
CA LEU F 1348 40.47 -27.50 28.80
C LEU F 1348 41.85 -27.54 28.14
N ARG F 1349 41.87 -27.97 26.87
CA ARG F 1349 43.11 -28.18 26.14
C ARG F 1349 43.17 -27.26 24.94
N LYS F 1350 44.31 -26.60 24.76
CA LYS F 1350 44.51 -25.68 23.65
C LYS F 1350 45.09 -26.44 22.46
N LYS F 1351 44.41 -26.34 21.32
CA LYS F 1351 44.86 -27.01 20.10
C LYS F 1351 44.24 -26.32 18.90
N ILE F 1352 44.80 -26.63 17.72
CA ILE F 1352 44.26 -26.13 16.47
C ILE F 1352 43.09 -27.01 16.03
N SER F 1353 42.08 -26.39 15.42
CA SER F 1353 40.90 -27.11 14.97
C SER F 1353 40.27 -26.34 13.82
N SER F 1354 39.30 -26.98 13.17
CA SER F 1354 38.62 -26.43 12.00
C SER F 1354 39.64 -26.05 10.92
N LYS F 1355 39.37 -24.96 10.20
CA LYS F 1355 40.31 -24.47 9.21
C LYS F 1355 41.52 -23.86 9.90
N GLY F 1356 42.70 -24.45 9.68
CA GLY F 1356 43.88 -24.02 10.40
C GLY F 1356 44.32 -22.61 10.06
N ARG F 1357 44.29 -22.27 8.77
CA ARG F 1357 44.77 -20.97 8.33
C ARG F 1357 43.80 -19.86 8.73
N ARG F 1358 44.36 -18.71 9.10
CA ARG F 1358 43.55 -17.54 9.40
C ARG F 1358 42.91 -16.96 8.14
N TYR F 1359 43.54 -17.15 6.99
CA TYR F 1359 43.01 -16.66 5.71
C TYR F 1359 42.29 -17.82 5.03
N ARG F 1360 40.98 -17.68 4.86
CA ARG F 1360 40.13 -18.74 4.32
C ARG F 1360 39.92 -18.52 2.83
N SER F 1361 40.05 -19.61 2.07
CA SER F 1361 39.88 -19.56 0.62
C SER F 1361 39.01 -20.72 0.18
N LEU F 1362 38.35 -20.54 -0.96
CA LEU F 1362 37.49 -21.58 -1.50
C LEU F 1362 38.32 -22.76 -2.00
N SER F 1363 37.94 -23.96 -1.59
CA SER F 1363 38.67 -25.16 -1.98
C SER F 1363 38.42 -25.48 -3.46
N LEU F 1364 39.47 -25.97 -4.12
CA LEU F 1364 39.34 -26.37 -5.51
C LEU F 1364 38.45 -27.60 -5.62
N ALA F 1365 37.57 -27.60 -6.63
CA ALA F 1365 36.62 -28.69 -6.83
C ALA F 1365 37.34 -29.86 -7.49
N ARG F 1366 38.07 -30.61 -6.66
CA ARG F 1366 38.82 -31.76 -7.16
C ARG F 1366 39.14 -32.67 -5.98
N TYR F 1367 39.45 -33.93 -6.31
CA TYR F 1367 39.76 -34.97 -5.32
C TYR F 1367 38.62 -35.20 -4.35
N LEU F 1368 37.38 -34.98 -4.80
CA LEU F 1368 36.22 -35.23 -3.94
C LEU F 1368 35.96 -36.71 -3.77
N THR F 1369 36.07 -37.48 -4.86
CA THR F 1369 35.82 -38.91 -4.80
C THR F 1369 36.93 -39.63 -4.05
N ALA F 1370 36.55 -40.65 -3.28
CA ALA F 1370 37.50 -41.44 -2.51
C ALA F 1370 37.19 -42.92 -2.71
N THR F 1371 38.23 -43.72 -2.85
CA THR F 1371 38.07 -45.16 -3.04
C THR F 1371 37.95 -45.85 -1.69
N ARG F 1372 36.86 -46.60 -1.50
CA ARG F 1372 36.60 -47.30 -0.25
C ARG F 1372 36.22 -48.75 -0.53
N LYS F 1373 36.65 -49.64 0.35
CA LYS F 1373 36.38 -51.06 0.22
C LYS F 1373 35.35 -51.50 1.25
N PRO F 1374 34.34 -52.26 0.86
CA PRO F 1374 33.38 -52.77 1.84
C PRO F 1374 34.04 -53.73 2.82
N ARG F 1375 33.52 -53.75 4.04
CA ARG F 1375 34.08 -54.56 5.10
C ARG F 1375 32.99 -54.91 6.10
N LEU F 1376 33.27 -55.91 6.93
CA LEU F 1376 32.35 -56.35 7.97
C LEU F 1376 32.78 -55.78 9.32
N VAL F 1377 31.81 -55.30 10.09
CA VAL F 1377 32.10 -54.81 11.43
C VAL F 1377 32.49 -55.98 12.33
N GLY F 1378 33.26 -55.68 13.37
CA GLY F 1378 33.65 -56.71 14.32
C GLY F 1378 32.48 -57.22 15.14
N LEU F 1379 31.43 -56.40 15.28
CA LEU F 1379 30.27 -56.80 16.08
C LEU F 1379 29.51 -57.94 15.43
N ASP F 1380 29.17 -57.80 14.14
CA ASP F 1380 28.27 -58.75 13.50
C ASP F 1380 28.37 -58.71 11.98
N ASN F 1381 27.42 -59.37 11.30
CA ASN F 1381 27.39 -59.43 9.84
C ASN F 1381 27.06 -58.08 9.22
N LEU F 1382 26.92 -57.05 10.04
CA LEU F 1382 26.63 -55.71 9.54
C LEU F 1382 27.75 -55.23 8.64
N THR F 1383 27.44 -55.01 7.37
CA THR F 1383 28.41 -54.46 6.43
C THR F 1383 28.67 -52.99 6.76
N LYS F 1384 29.86 -52.52 6.38
CA LYS F 1384 30.25 -51.14 6.69
C LYS F 1384 31.09 -50.59 5.55
N ILE F 1385 30.44 -49.91 4.61
CA ILE F 1385 31.10 -49.08 3.61
C ILE F 1385 30.54 -47.67 3.78
N ASP F 1386 31.40 -46.72 4.14
CA ASP F 1386 30.96 -45.39 4.56
C ASP F 1386 29.98 -45.53 5.71
N ASN F 1387 28.70 -45.23 5.47
CA ASN F 1387 27.68 -45.45 6.47
C ASN F 1387 27.43 -46.94 6.67
N ILE F 1388 27.23 -47.35 7.92
CA ILE F 1388 27.00 -48.76 8.22
C ILE F 1388 25.60 -49.17 7.79
N THR F 1389 25.50 -50.30 7.11
CA THR F 1389 24.24 -50.83 6.61
C THR F 1389 23.96 -52.19 7.23
N THR F 1390 22.72 -52.39 7.67
CA THR F 1390 22.31 -53.64 8.28
C THR F 1390 21.96 -54.65 7.19
N LEU F 1391 21.31 -55.76 7.57
CA LEU F 1391 20.93 -56.77 6.59
C LEU F 1391 19.96 -56.20 5.56
N GLN F 1392 19.02 -55.36 6.00
CA GLN F 1392 18.11 -54.69 5.09
C GLN F 1392 18.81 -53.51 4.42
N GLY F 1393 18.08 -52.84 3.52
CA GLY F 1393 18.65 -51.72 2.79
C GLY F 1393 18.85 -50.48 3.64
N ALA F 1394 18.17 -50.38 4.78
CA ALA F 1394 18.26 -49.21 5.62
C ALA F 1394 19.58 -49.17 6.38
N PHE F 1395 20.04 -47.96 6.67
CA PHE F 1395 21.22 -47.79 7.50
C PHE F 1395 20.90 -48.11 8.96
N ILE F 1396 21.94 -48.51 9.70
CA ILE F 1396 21.76 -48.85 11.11
C ILE F 1396 21.43 -47.59 11.91
N THR F 1397 20.58 -47.76 12.92
CA THR F 1397 20.14 -46.65 13.76
C THR F 1397 20.96 -46.59 15.04
N LYS F 1398 20.75 -45.51 15.80
CA LYS F 1398 21.46 -45.34 17.06
C LYS F 1398 21.09 -46.44 18.05
N GLU F 1399 19.81 -46.77 18.15
CA GLU F 1399 19.39 -47.83 19.06
C GLU F 1399 19.81 -49.20 18.55
N GLU F 1400 19.86 -49.38 17.22
CA GLU F 1400 20.20 -50.67 16.66
C GLU F 1400 21.65 -51.03 16.96
N LYS F 1401 22.55 -50.05 16.97
CA LYS F 1401 23.94 -50.32 17.31
C LYS F 1401 24.06 -50.82 18.75
N GLN F 1402 23.35 -50.17 19.68
CA GLN F 1402 23.36 -50.63 21.07
C GLN F 1402 22.74 -52.02 21.19
N ASP F 1403 21.67 -52.28 20.44
CA ASP F 1403 21.04 -53.59 20.47
C ASP F 1403 22.00 -54.67 19.97
N SER F 1404 22.72 -54.38 18.89
CA SER F 1404 23.71 -55.34 18.38
C SER F 1404 24.84 -55.55 19.38
N LEU F 1405 25.29 -54.48 20.03
CA LEU F 1405 26.33 -54.62 21.04
C LEU F 1405 25.86 -55.49 22.19
N ASN F 1406 24.63 -55.29 22.66
CA ASN F 1406 24.09 -56.11 23.73
C ASN F 1406 23.93 -57.56 23.30
N LEU F 1407 23.48 -57.78 22.06
CA LEU F 1407 23.32 -59.14 21.55
C LEU F 1407 24.66 -59.85 21.49
N THR F 1408 25.70 -59.17 21.03
CA THR F 1408 27.04 -59.77 20.97
C THR F 1408 27.65 -59.94 22.35
N ILE F 1409 27.30 -59.11 23.32
CA ILE F 1409 27.73 -59.34 24.70
C ILE F 1409 27.07 -60.59 25.25
N GLN F 1410 25.77 -60.75 24.99
CA GLN F 1410 25.03 -61.90 25.50
C GLN F 1410 25.49 -63.19 24.83
N ARG F 1411 25.87 -63.12 23.56
CA ARG F 1411 26.26 -64.29 22.78
C ARG F 1411 27.70 -64.18 22.31
N LYS F 1412 28.60 -63.81 23.22
CA LYS F 1412 30.01 -63.69 22.88
C LYS F 1412 30.62 -65.05 22.55
N GLN F 1413 31.49 -65.06 21.55
CA GLN F 1413 32.17 -66.28 21.10
C GLN F 1413 33.36 -65.84 20.26
N GLU F 1414 34.19 -66.82 19.88
CA GLU F 1414 35.38 -66.60 19.05
C GLU F 1414 36.34 -65.61 19.73
N LEU F 1415 36.88 -66.01 20.88
CA LEU F 1415 37.75 -65.13 21.65
C LEU F 1415 38.98 -64.72 20.85
N THR F 1416 39.68 -65.69 20.26
CA THR F 1416 40.91 -65.43 19.56
C THR F 1416 40.92 -65.91 18.11
N ASN F 1417 40.33 -67.06 17.81
CA ASN F 1417 40.36 -67.63 16.46
C ASN F 1417 39.41 -66.84 15.58
N SER F 1418 39.91 -65.75 15.01
CA SER F 1418 39.12 -64.90 14.13
C SER F 1418 40.07 -64.05 13.29
N LEU F 1419 39.51 -63.44 12.24
CA LEU F 1419 40.29 -62.54 11.42
C LEU F 1419 40.72 -61.33 12.22
N LYS F 1420 41.89 -60.78 11.85
CA LYS F 1420 42.50 -59.69 12.59
C LYS F 1420 42.00 -58.36 12.05
N LYS F 1421 41.24 -57.64 12.86
CA LYS F 1421 40.82 -56.29 12.52
C LYS F 1421 41.95 -55.30 12.83
N SER F 1422 41.86 -54.12 12.23
CA SER F 1422 42.88 -53.08 12.36
C SER F 1422 44.26 -53.63 11.99
N GLN F 1423 44.39 -54.03 10.73
CA GLN F 1423 45.62 -54.63 10.24
C GLN F 1423 46.83 -53.74 10.50
N ILE F 1424 47.93 -54.37 10.92
CA ILE F 1424 49.14 -53.63 11.28
C ILE F 1424 49.76 -53.09 9.99
N LYS F 1425 49.65 -51.78 9.78
CA LYS F 1425 50.17 -51.18 8.56
C LYS F 1425 51.68 -51.32 8.51
N LYS F 1426 52.19 -51.69 7.35
CA LYS F 1426 53.62 -51.82 7.11
C LYS F 1426 54.08 -50.77 6.11
N ARG F 1427 55.39 -50.62 6.01
CA ARG F 1427 55.96 -49.68 5.06
C ARG F 1427 55.74 -50.16 3.63
N SER F 1428 55.67 -49.21 2.71
CA SER F 1428 55.37 -49.40 1.28
C SER F 1428 53.94 -49.83 1.03
N ARG F 1429 53.11 -49.94 2.07
CA ARG F 1429 51.69 -50.21 1.87
C ARG F 1429 51.04 -49.09 1.08
N HIS F 1430 50.20 -49.46 0.11
CA HIS F 1430 49.59 -48.52 -0.82
C HIS F 1430 50.65 -47.67 -1.51
N SER F 1431 51.65 -48.35 -2.09
CA SER F 1431 52.73 -47.67 -2.79
C SER F 1431 52.20 -46.77 -3.91
N TRP F 1432 51.13 -47.20 -4.56
CA TRP F 1432 50.47 -46.36 -5.55
C TRP F 1432 49.98 -45.04 -4.93
N LYS F 1433 49.32 -45.14 -3.77
CA LYS F 1433 48.86 -43.95 -3.08
C LYS F 1433 50.03 -43.09 -2.59
N LYS F 1434 51.07 -43.75 -2.06
CA LYS F 1434 52.24 -43.02 -1.57
C LYS F 1434 53.04 -42.39 -2.70
N ARG F 1435 52.87 -42.85 -3.94
CA ARG F 1435 53.69 -42.40 -5.05
C ARG F 1435 53.01 -41.40 -5.95
N SER F 1436 51.72 -41.57 -6.27
CA SER F 1436 51.07 -40.74 -7.27
C SER F 1436 49.85 -39.97 -6.78
N ARG F 1437 49.32 -40.27 -5.60
CA ARG F 1437 48.13 -39.59 -5.12
C ARG F 1437 48.44 -38.13 -4.81
N HIS F 1438 47.59 -37.23 -5.32
CA HIS F 1438 47.73 -35.78 -5.11
C HIS F 1438 49.08 -35.25 -5.60
N GLN F 1439 49.61 -35.83 -6.67
CA GLN F 1439 50.85 -35.34 -7.25
C GLN F 1439 50.62 -34.04 -8.02
N PHE F 1440 49.49 -33.94 -8.72
CA PHE F 1440 49.17 -32.72 -9.46
C PHE F 1440 49.05 -31.52 -8.53
N SER F 1441 48.52 -31.72 -7.32
CA SER F 1441 48.47 -30.62 -6.36
C SER F 1441 49.86 -30.15 -5.97
N ARG F 1442 50.79 -31.09 -5.77
CA ARG F 1442 52.16 -30.71 -5.45
C ARG F 1442 52.82 -29.98 -6.61
N ASN F 1443 52.56 -30.43 -7.84
CA ASN F 1443 53.10 -29.72 -9.00
C ASN F 1443 52.54 -28.31 -9.10
N HIS F 1444 51.23 -28.16 -8.85
CA HIS F 1444 50.62 -26.84 -8.89
C HIS F 1444 51.21 -25.93 -7.81
N TYR F 1445 51.43 -26.48 -6.62
CA TYR F 1445 52.07 -25.70 -5.55
C TYR F 1445 53.47 -25.28 -5.95
N LYS F 1446 54.24 -26.18 -6.55
CA LYS F 1446 55.57 -25.81 -7.03
C LYS F 1446 55.51 -24.74 -8.09
N TYR F 1447 54.47 -24.75 -8.92
CA TYR F 1447 54.30 -23.70 -9.92
C TYR F 1447 53.93 -22.36 -9.27
N ARG F 1448 53.11 -22.40 -8.21
CA ARG F 1448 52.62 -21.17 -7.59
C ARG F 1448 53.62 -20.61 -6.56
N LYS F 1449 53.95 -21.40 -5.54
CA LYS F 1449 54.86 -20.98 -4.47
C LYS F 1449 54.36 -19.71 -3.79
N ARG F 1450 53.04 -19.63 -3.58
CA ARG F 1450 52.43 -18.43 -3.01
C ARG F 1450 51.99 -18.61 -1.56
N HIS F 1451 51.61 -19.83 -1.17
CA HIS F 1451 51.35 -20.19 0.23
C HIS F 1451 50.06 -19.57 0.74
N THR F 1452 49.46 -18.67 -0.04
CA THR F 1452 48.16 -18.08 0.28
C THR F 1452 47.40 -17.89 -1.03
N HIS F 1453 46.23 -18.52 -1.13
CA HIS F 1453 45.50 -18.58 -2.39
C HIS F 1453 44.94 -17.23 -2.84
N GLY F 1454 44.91 -16.23 -1.96
CA GLY F 1454 44.49 -14.91 -2.37
C GLY F 1454 43.11 -14.49 -1.91
N ASN F 1455 42.16 -15.43 -1.90
CA ASN F 1455 40.80 -15.12 -1.46
C ASN F 1455 40.76 -14.72 0.01
N GLY F 1456 41.63 -15.32 0.82
CA GLY F 1456 41.68 -14.97 2.23
C GLY F 1456 42.02 -13.51 2.47
N LYS F 1457 42.91 -12.96 1.63
CA LYS F 1457 43.25 -11.54 1.74
C LYS F 1457 42.04 -10.66 1.51
N LEU F 1458 41.26 -10.95 0.46
CA LEU F 1458 40.04 -10.19 0.21
C LEU F 1458 39.05 -10.36 1.34
N ARG F 1459 38.93 -11.57 1.88
CA ARG F 1459 38.01 -11.82 2.98
C ARG F 1459 38.37 -10.97 4.20
N VAL F 1460 39.65 -10.97 4.58
CA VAL F 1460 40.10 -10.21 5.74
C VAL F 1460 39.95 -8.71 5.48
N MET F 1461 40.27 -8.26 4.27
CA MET F 1461 40.13 -6.84 3.96
C MET F 1461 38.68 -6.40 4.05
N ASN F 1462 37.76 -7.20 3.52
CA ASN F 1462 36.34 -6.87 3.61
C ASN F 1462 35.86 -6.86 5.06
N LYS F 1463 36.32 -7.82 5.86
CA LYS F 1463 35.94 -7.84 7.28
C LYS F 1463 36.42 -6.59 8.00
N LYS F 1464 37.68 -6.18 7.76
CA LYS F 1464 38.19 -5.00 8.44
C LYS F 1464 37.51 -3.72 7.96
N LEU F 1465 37.22 -3.62 6.66
CA LEU F 1465 36.48 -2.46 6.16
C LEU F 1465 35.08 -2.39 6.77
N LYS F 1466 34.41 -3.54 6.90
CA LYS F 1466 33.10 -3.55 7.52
C LYS F 1466 33.18 -3.14 8.98
N LYS F 1467 34.23 -3.59 9.68
CA LYS F 1467 34.41 -3.16 11.07
C LYS F 1467 34.62 -1.65 11.16
N PHE F 1468 35.41 -1.08 10.24
CA PHE F 1468 35.64 0.36 10.24
C PHE F 1468 34.35 1.13 9.98
N LYS F 1469 33.57 0.67 9.01
CA LYS F 1469 32.29 1.32 8.72
C LYS F 1469 31.34 1.22 9.91
N ALA F 1470 31.32 0.06 10.58
CA ALA F 1470 30.47 -0.10 11.75
C ALA F 1470 30.89 0.84 12.86
N THR F 1471 32.21 1.01 13.05
CA THR F 1471 32.69 1.94 14.07
C THR F 1471 32.26 3.37 13.77
N ASN F 1472 32.38 3.79 12.50
CA ASN F 1472 31.95 5.14 12.13
C ASN F 1472 30.45 5.32 12.37
N GLU F 1473 29.65 4.33 11.96
CA GLU F 1473 28.20 4.43 12.15
C GLU F 1473 27.84 4.48 13.63
N LEU F 1474 28.54 3.68 14.45
CA LEU F 1474 28.29 3.71 15.89
C LEU F 1474 28.61 5.08 16.48
N ARG F 1475 29.72 5.69 16.07
CA ARG F 1475 30.06 7.00 16.57
C ARG F 1475 28.99 8.02 16.18
N GLN F 1476 28.56 7.99 14.91
CA GLN F 1476 27.54 8.94 14.44
C GLN F 1476 26.24 8.76 15.21
N TRP F 1477 25.80 7.51 15.39
CA TRP F 1477 24.56 7.24 16.11
C TRP F 1477 24.65 7.68 17.56
N TRP F 1478 25.79 7.42 18.22
CA TRP F 1478 25.93 7.81 19.61
C TRP F 1478 25.89 9.31 19.77
N TRP F 1479 26.59 10.05 18.90
CA TRP F 1479 26.65 11.50 19.08
C TRP F 1479 25.38 12.20 18.61
N ASN F 1480 24.64 11.64 17.65
CA ASN F 1480 23.50 12.35 17.09
C ASN F 1480 22.15 11.91 17.65
N SER F 1481 22.02 10.67 18.11
CA SER F 1481 20.71 10.13 18.46
C SER F 1481 20.56 9.77 19.93
N PHE F 1482 21.48 8.98 20.47
CA PHE F 1482 21.26 8.38 21.79
C PHE F 1482 21.39 9.41 22.91
N LEU F 1483 22.53 10.06 23.01
CA LEU F 1483 22.83 10.91 24.17
C LEU F 1483 21.84 12.05 24.38
N PRO F 1484 21.41 12.81 23.36
CA PRO F 1484 20.40 13.86 23.63
C PRO F 1484 19.11 13.32 24.22
N ARG F 1485 18.58 12.22 23.66
CA ARG F 1485 17.37 11.63 24.21
C ARG F 1485 17.59 11.12 25.63
N TYR F 1486 18.75 10.50 25.89
CA TYR F 1486 19.05 10.00 27.22
C TYR F 1486 19.09 11.13 28.23
N LEU F 1487 19.75 12.25 27.88
CA LEU F 1487 19.81 13.39 28.79
C LEU F 1487 18.43 14.01 28.99
N SER F 1488 17.63 14.10 27.93
CA SER F 1488 16.30 14.68 28.05
C SER F 1488 15.42 13.85 28.98
N ASN F 1489 15.48 12.52 28.84
CA ASN F 1489 14.75 11.66 29.76
C ASN F 1489 15.33 11.69 31.17
N LEU F 1490 16.65 11.90 31.29
CA LEU F 1490 17.29 11.95 32.59
C LEU F 1490 16.84 13.17 33.39
N GLN F 1491 16.75 14.32 32.73
CA GLN F 1491 16.42 15.56 33.45
C GLN F 1491 15.01 15.52 34.00
N VAL F 1492 14.01 15.33 33.13
CA VAL F 1492 12.62 15.29 33.56
C VAL F 1492 12.26 13.91 34.09
N ASN F 1499 2.12 27.95 28.11
CA ASN F 1499 3.21 28.57 27.37
C ASN F 1499 2.73 29.08 26.02
N LYS F 1500 3.07 28.35 24.95
CA LYS F 1500 2.61 28.73 23.62
C LYS F 1500 1.11 28.54 23.47
N ASN F 1501 0.54 27.54 24.15
CA ASN F 1501 -0.91 27.36 24.11
C ASN F 1501 -1.63 28.58 24.68
N VAL F 1502 -1.01 29.26 25.64
CA VAL F 1502 -1.57 30.53 26.13
C VAL F 1502 -1.50 31.59 25.05
N SER F 1503 -0.42 31.60 24.25
CA SER F 1503 -0.31 32.55 23.15
C SER F 1503 -1.31 32.26 22.04
N PHE F 1504 -1.76 31.01 21.93
CA PHE F 1504 -2.78 30.66 20.94
C PHE F 1504 -4.18 31.06 21.40
N LYS F 1505 -4.35 31.54 22.63
CA LYS F 1505 -5.63 31.98 23.13
C LYS F 1505 -5.61 33.50 23.27
N PRO F 1506 -6.30 34.24 22.40
CA PRO F 1506 -6.22 35.70 22.44
C PRO F 1506 -6.72 36.31 23.74
N LEU F 1507 -7.72 35.72 24.37
CA LEU F 1507 -8.35 36.28 25.56
C LEU F 1507 -7.80 35.71 26.86
N SER F 1508 -6.77 34.87 26.78
CA SER F 1508 -6.23 34.23 27.98
C SER F 1508 -5.63 35.26 28.95
N ASN F 1509 -4.87 36.22 28.43
CA ASN F 1509 -4.21 37.18 29.29
C ASN F 1509 -5.22 38.07 30.01
N THR F 1510 -6.27 38.51 29.32
CA THR F 1510 -7.28 39.37 29.91
C THR F 1510 -8.65 38.69 29.93
N MET F 1543 -30.13 42.19 19.06
CA MET F 1543 -30.31 42.60 20.44
C MET F 1543 -29.78 41.54 21.40
N ASN F 1544 -30.00 40.26 21.05
CA ASN F 1544 -29.54 39.14 21.86
C ASN F 1544 -28.40 38.43 21.13
N GLN F 1545 -27.29 38.22 21.86
CA GLN F 1545 -26.13 37.54 21.32
C GLN F 1545 -25.74 36.38 22.22
N ASN F 1546 -25.20 35.32 21.61
CA ASN F 1546 -24.73 34.16 22.36
C ASN F 1546 -23.26 34.32 22.71
N ILE F 1547 -22.69 33.27 23.30
CA ILE F 1547 -21.32 33.35 23.81
C ILE F 1547 -20.32 33.44 22.66
N VAL F 1548 -20.59 32.73 21.56
CA VAL F 1548 -19.66 32.75 20.43
C VAL F 1548 -19.55 34.14 19.84
N THR F 1549 -20.68 34.83 19.68
CA THR F 1549 -20.65 36.17 19.12
C THR F 1549 -19.88 37.13 20.02
N GLU F 1550 -20.11 37.05 21.33
CA GLU F 1550 -19.40 37.93 22.26
C GLU F 1550 -17.90 37.65 22.24
N SER F 1551 -17.51 36.37 22.22
CA SER F 1551 -16.09 36.04 22.17
C SER F 1551 -15.46 36.55 20.88
N VAL F 1552 -16.17 36.40 19.76
CA VAL F 1552 -15.64 36.88 18.48
C VAL F 1552 -15.51 38.40 18.50
N LYS F 1553 -16.48 39.10 19.08
CA LYS F 1553 -16.39 40.55 19.17
C LYS F 1553 -15.24 41.00 20.06
N VAL F 1554 -15.02 40.29 21.18
CA VAL F 1554 -13.91 40.64 22.06
C VAL F 1554 -12.58 40.41 21.36
N GLU F 1555 -12.46 39.31 20.61
CA GLU F 1555 -11.24 39.08 19.84
C GLU F 1555 -11.06 40.12 18.75
N THR F 1556 -12.17 40.55 18.12
CA THR F 1556 -12.11 41.61 17.12
C THR F 1556 -11.63 42.92 17.73
N ASN F 1557 -12.10 43.25 18.93
CA ASN F 1557 -11.54 44.39 19.65
C ASN F 1557 -10.07 44.19 19.99
N GLN F 1558 -9.68 42.95 20.29
CA GLN F 1558 -8.28 42.66 20.59
C GLN F 1558 -7.39 42.90 19.37
N VAL F 1559 -7.91 42.64 18.18
CA VAL F 1559 -7.11 42.82 16.95
C VAL F 1559 -7.18 44.29 16.54
N TYR F 1560 -7.83 45.12 17.37
CA TYR F 1560 -7.91 46.56 17.16
C TYR F 1560 -8.63 46.92 15.86
N LEU F 1561 -9.82 46.35 15.68
CA LEU F 1561 -10.67 46.71 14.56
C LEU F 1561 -12.08 47.00 15.04
N PRO F 1562 -12.76 47.97 14.44
CA PRO F 1562 -14.11 48.33 14.91
C PRO F 1562 -15.11 47.22 14.62
N GLU F 1563 -15.95 46.96 15.63
CA GLU F 1563 -17.05 46.01 15.44
C GLU F 1563 -18.34 46.45 16.13
N GLY F 1564 -18.49 47.73 16.47
CA GLY F 1564 -19.69 48.17 17.16
C GLY F 1564 -20.84 48.48 16.23
N GLU F 1565 -20.56 48.77 14.95
CA GLU F 1565 -21.63 49.08 14.02
C GLU F 1565 -22.48 47.86 13.69
N LYS F 1566 -21.89 46.67 13.76
CA LYS F 1566 -22.58 45.44 13.44
C LYS F 1566 -22.56 44.52 14.67
N SER F 1567 -23.05 43.29 14.50
CA SER F 1567 -23.12 42.34 15.59
C SER F 1567 -22.48 41.01 15.22
N PHE F 1568 -21.69 40.98 14.16
CA PHE F 1568 -20.87 39.84 13.75
C PHE F 1568 -21.72 38.70 13.20
N ASP F 1569 -23.04 38.82 13.33
CA ASP F 1569 -23.96 37.80 12.85
C ASP F 1569 -24.72 38.33 11.63
N ILE F 1570 -24.40 37.80 10.45
CA ILE F 1570 -25.14 38.17 9.25
C ILE F 1570 -26.56 37.65 9.34
N THR F 1571 -26.74 36.42 9.81
CA THR F 1571 -28.05 35.83 10.01
C THR F 1571 -28.21 35.43 11.48
N SER F 1572 -29.38 35.72 12.03
CA SER F 1572 -29.65 35.38 13.42
C SER F 1572 -29.75 33.87 13.59
N MET F 1573 -29.24 33.37 14.71
CA MET F 1573 -29.26 31.94 15.01
C MET F 1573 -30.55 31.63 15.77
N THR F 1574 -31.45 30.92 15.11
CA THR F 1574 -32.77 30.59 15.66
C THR F 1574 -32.84 29.11 15.98
N THR F 1575 -33.28 28.79 17.19
CA THR F 1575 -33.47 27.39 17.57
C THR F 1575 -34.63 26.79 16.79
N THR F 1576 -34.42 25.61 16.23
CA THR F 1576 -35.43 24.91 15.43
C THR F 1576 -35.82 23.63 16.15
N LEU F 1577 -36.89 23.69 16.93
CA LEU F 1577 -37.37 22.52 17.67
C LEU F 1577 -38.90 22.53 17.71
N PRO F 1578 -39.53 21.46 17.24
CA PRO F 1578 -41.00 21.42 17.23
C PRO F 1578 -41.57 21.40 18.63
N PHE F 1579 -42.81 21.88 18.74
CA PHE F 1579 -43.50 21.99 20.01
C PHE F 1579 -44.48 20.84 20.20
N TYR F 1580 -44.82 20.58 21.45
CA TYR F 1580 -45.81 19.57 21.80
C TYR F 1580 -46.34 19.88 23.19
N ALA F 1581 -47.50 19.33 23.50
CA ALA F 1581 -48.19 19.58 24.76
C ALA F 1581 -48.05 18.41 25.71
N GLY F 1582 -47.86 18.71 26.99
CA GLY F 1582 -47.69 17.66 27.98
C GLY F 1582 -47.74 18.21 29.38
N TRP F 1583 -47.55 17.30 30.34
CA TRP F 1583 -47.59 17.64 31.75
C TRP F 1583 -46.20 17.98 32.24
N ASP F 1584 -46.05 19.17 32.82
CA ASP F 1584 -44.73 19.64 33.25
C ASP F 1584 -44.25 18.92 34.50
N GLU F 1585 -45.15 18.68 35.46
CA GLU F 1585 -44.89 17.95 36.70
C GLU F 1585 -44.02 18.77 37.65
N SER F 1586 -43.54 19.92 37.19
CA SER F 1586 -42.87 20.89 38.06
C SER F 1586 -43.77 22.10 38.35
N LEU F 1587 -44.35 22.68 37.30
CA LEU F 1587 -45.41 23.66 37.50
C LEU F 1587 -46.74 22.97 37.81
N LYS F 1588 -46.81 21.65 37.57
CA LYS F 1588 -48.05 20.89 37.68
C LYS F 1588 -49.15 21.48 36.80
N LYS F 1589 -48.77 21.86 35.59
CA LYS F 1589 -49.68 22.46 34.62
C LYS F 1589 -49.52 21.77 33.27
N PHE F 1590 -50.60 21.74 32.51
CA PHE F 1590 -50.57 21.20 31.15
C PHE F 1590 -50.12 22.30 30.21
N VAL F 1591 -48.91 22.16 29.65
CA VAL F 1591 -48.26 23.24 28.94
C VAL F 1591 -47.74 22.75 27.59
N VAL F 1592 -47.55 23.70 26.68
CA VAL F 1592 -46.94 23.46 25.38
C VAL F 1592 -45.48 23.93 25.45
N THR F 1593 -44.57 23.04 25.08
CA THR F 1593 -43.14 23.32 25.19
C THR F 1593 -42.42 22.69 23.99
N ASN F 1594 -41.08 22.75 24.03
CA ASN F 1594 -40.28 22.13 22.98
C ASN F 1594 -39.08 21.37 23.55
N ARG F 1595 -39.14 20.96 24.82
CA ARG F 1595 -38.03 20.26 25.47
C ARG F 1595 -38.17 18.78 25.20
N LEU F 1596 -37.34 18.26 24.31
CA LEU F 1596 -37.33 16.84 23.97
C LEU F 1596 -36.24 16.12 24.76
N LEU F 1597 -36.37 14.79 24.81
CA LEU F 1597 -35.36 13.98 25.48
C LEU F 1597 -34.04 14.07 24.74
N SER F 1598 -32.94 14.07 25.49
CA SER F 1598 -31.62 14.22 24.90
C SER F 1598 -31.29 13.02 24.01
N ARG F 1599 -30.51 13.30 22.96
CA ARG F 1599 -30.11 12.24 22.03
C ARG F 1599 -29.12 11.26 22.63
N ARG F 1600 -28.56 11.56 23.80
CA ARG F 1600 -27.67 10.62 24.48
C ARG F 1600 -28.43 9.49 25.14
N ASP F 1601 -29.75 9.57 25.24
CA ASP F 1601 -30.56 8.52 25.86
C ASP F 1601 -31.72 8.06 24.98
N ALA F 1602 -31.88 8.63 23.79
CA ALA F 1602 -33.01 8.29 22.93
C ALA F 1602 -32.76 6.95 22.25
N GLY F 1603 -33.62 5.98 22.53
CA GLY F 1603 -33.53 4.68 21.87
C GLY F 1603 -32.81 3.63 22.70
N LEU F 1604 -31.96 4.06 23.64
CA LEU F 1604 -31.20 3.12 24.43
C LEU F 1604 -32.05 2.47 25.51
N SER F 1605 -32.96 3.22 26.12
CA SER F 1605 -33.75 2.71 27.23
C SER F 1605 -35.05 3.51 27.33
N VAL F 1606 -36.01 2.94 28.06
CA VAL F 1606 -37.29 3.58 28.33
C VAL F 1606 -37.59 3.46 29.81
N ASN F 1607 -38.33 4.43 30.35
CA ASN F 1607 -38.81 4.39 31.72
C ASN F 1607 -40.32 4.25 31.81
N ASN F 1608 -40.92 3.46 30.91
CA ASN F 1608 -42.37 3.25 30.93
C ASN F 1608 -42.82 2.71 32.27
N ASN F 1609 -42.35 1.51 32.62
CA ASN F 1609 -42.61 0.97 33.93
C ASN F 1609 -41.84 1.77 34.98
N PRO F 1610 -42.24 1.69 36.26
CA PRO F 1610 -41.51 2.41 37.32
C PRO F 1610 -40.05 2.01 37.40
N GLN F 1611 -39.72 0.83 36.87
CA GLN F 1611 -38.35 0.39 36.76
C GLN F 1611 -37.87 0.58 35.32
N GLU F 1612 -36.63 1.06 35.18
CA GLU F 1612 -36.09 1.33 33.86
C GLU F 1612 -35.79 0.03 33.12
N ILE F 1613 -36.02 0.06 31.81
CA ILE F 1613 -35.81 -1.10 30.94
C ILE F 1613 -34.75 -0.72 29.90
N ASN F 1614 -33.69 -1.53 29.81
CA ASN F 1614 -32.64 -1.33 28.84
C ASN F 1614 -32.79 -2.31 27.68
N PHE F 1615 -32.67 -1.80 26.45
CA PHE F 1615 -32.88 -2.57 25.24
C PHE F 1615 -31.55 -3.21 24.83
N THR F 1616 -31.56 -4.52 24.55
CA THR F 1616 -30.30 -5.18 24.22
C THR F 1616 -30.07 -5.22 22.71
N ASN F 1617 -31.00 -5.85 21.97
CA ASN F 1617 -30.80 -6.16 20.57
C ASN F 1617 -30.79 -4.90 19.71
N PRO F 1618 -31.60 -3.89 20.04
CA PRO F 1618 -31.93 -2.82 19.08
C PRO F 1618 -30.67 -2.17 18.52
N PRO F 1619 -29.83 -1.58 19.38
CA PRO F 1619 -28.57 -1.04 18.87
C PRO F 1619 -27.52 -2.13 18.74
N ILE F 1620 -27.06 -2.37 17.51
CA ILE F 1620 -26.01 -3.36 17.30
C ILE F 1620 -24.67 -2.77 17.69
N GLN F 1621 -23.86 -3.54 18.40
CA GLN F 1621 -22.53 -3.12 18.81
C GLN F 1621 -21.44 -4.08 18.36
N GLY F 1622 -21.66 -4.77 17.24
CA GLY F 1622 -20.68 -5.72 16.74
C GLY F 1622 -21.16 -6.25 15.41
N LEU F 1623 -20.27 -6.98 14.74
CA LEU F 1623 -20.56 -7.49 13.41
C LEU F 1623 -19.74 -8.74 13.14
N ASN F 1624 -20.39 -9.72 12.52
CA ASN F 1624 -19.72 -10.94 12.08
C ASN F 1624 -20.05 -11.20 10.61
N GLU F 1625 -19.68 -12.36 10.09
CA GLU F 1625 -19.87 -12.65 8.67
C GLU F 1625 -21.34 -12.65 8.30
N GLY F 1626 -22.15 -13.43 9.03
CA GLY F 1626 -23.58 -13.48 8.72
C GLY F 1626 -24.29 -12.16 8.96
N SER F 1627 -23.96 -11.50 10.07
CA SER F 1627 -24.57 -10.20 10.36
C SER F 1627 -24.20 -9.18 9.30
N PHE F 1628 -22.94 -9.17 8.85
CA PHE F 1628 -22.54 -8.28 7.77
C PHE F 1628 -23.27 -8.61 6.49
N LEU F 1629 -23.44 -9.90 6.19
CA LEU F 1629 -24.15 -10.31 4.99
C LEU F 1629 -25.63 -9.90 5.03
N TYR F 1630 -26.24 -9.85 6.21
CA TYR F 1630 -27.64 -9.48 6.29
C TYR F 1630 -27.84 -7.98 6.08
N TRP F 1631 -26.96 -7.16 6.65
CA TRP F 1631 -27.05 -5.71 6.53
C TRP F 1631 -25.91 -5.12 5.70
N GLN F 1632 -25.55 -5.78 4.60
CA GLN F 1632 -24.38 -5.37 3.82
C GLN F 1632 -24.54 -3.95 3.24
N THR F 1633 -25.70 -3.64 2.69
CA THR F 1633 -25.94 -2.37 2.02
C THR F 1633 -26.70 -1.37 2.89
N GLU F 1634 -26.79 -1.63 4.20
CA GLU F 1634 -27.55 -0.75 5.09
C GLU F 1634 -26.68 -0.12 6.17
N MET F 1635 -25.37 -0.34 6.13
CA MET F 1635 -24.48 0.22 7.13
C MET F 1635 -23.87 1.53 6.63
N PRO F 1636 -23.49 2.43 7.55
CA PRO F 1636 -22.84 3.68 7.13
C PRO F 1636 -21.34 3.57 6.92
N PHE F 1637 -20.72 2.43 7.22
CA PHE F 1637 -19.28 2.30 7.08
C PHE F 1637 -18.92 0.83 6.92
N ASN F 1638 -17.73 0.60 6.36
CA ASN F 1638 -17.15 -0.72 6.20
C ASN F 1638 -15.77 -0.74 6.86
N SER F 1639 -15.47 -1.83 7.55
CA SER F 1639 -14.21 -1.99 8.27
C SER F 1639 -13.30 -2.96 7.54
N TYR F 1640 -12.00 -2.85 7.84
CA TYR F 1640 -11.01 -3.69 7.21
C TYR F 1640 -11.01 -5.12 7.76
N ASN F 1641 -11.49 -5.31 9.00
CA ASN F 1641 -11.42 -6.62 9.63
C ASN F 1641 -12.19 -7.68 8.86
N ILE F 1642 -13.21 -7.28 8.11
CA ILE F 1642 -14.01 -8.22 7.32
C ILE F 1642 -13.64 -8.14 5.84
N ASP F 1643 -13.34 -6.93 5.34
CA ASP F 1643 -12.99 -6.75 3.94
C ASP F 1643 -11.59 -7.22 3.60
N GLN F 1644 -10.78 -7.58 4.60
CA GLN F 1644 -9.43 -8.07 4.33
C GLN F 1644 -9.42 -9.46 3.71
N PHE F 1645 -10.53 -10.17 3.73
CA PHE F 1645 -10.60 -11.52 3.17
C PHE F 1645 -11.04 -11.54 1.71
N ILE F 1646 -11.21 -10.36 1.11
CA ILE F 1646 -11.50 -10.24 -0.32
C ILE F 1646 -10.32 -9.53 -0.98
N THR F 1647 -9.87 -10.08 -2.11
CA THR F 1647 -8.65 -9.59 -2.74
C THR F 1647 -8.82 -8.16 -3.24
N THR F 1648 -9.91 -7.88 -3.95
CA THR F 1648 -10.11 -6.54 -4.49
C THR F 1648 -10.32 -5.52 -3.38
N ASN F 1649 -11.10 -5.86 -2.36
CA ASN F 1649 -11.32 -4.94 -1.25
C ASN F 1649 -10.03 -4.67 -0.50
N GLN F 1650 -9.22 -5.72 -0.27
CA GLN F 1650 -7.95 -5.52 0.42
C GLN F 1650 -7.01 -4.65 -0.42
N SER F 1651 -6.96 -4.88 -1.72
CA SER F 1651 -6.14 -4.04 -2.59
C SER F 1651 -6.61 -2.60 -2.62
N PHE F 1652 -7.92 -2.37 -2.50
CA PHE F 1652 -8.43 -1.01 -2.40
C PHE F 1652 -8.06 -0.37 -1.06
N TYR F 1653 -8.04 -1.16 0.02
CA TYR F 1653 -7.64 -0.63 1.32
C TYR F 1653 -6.15 -0.29 1.34
N ALA F 1654 -5.32 -1.12 0.73
CA ALA F 1654 -3.87 -0.94 0.73
C ALA F 1654 -3.36 -1.05 -0.69
N PRO F 1655 -3.40 0.03 -1.45
CA PRO F 1655 -2.94 0.00 -2.85
C PRO F 1655 -1.42 0.07 -2.92
N LEU F 1656 -0.90 -0.06 -4.14
CA LEU F 1656 0.52 0.05 -4.37
C LEU F 1656 1.01 1.48 -4.15
N GLY F 1657 2.23 1.61 -3.65
CA GLY F 1657 2.80 2.92 -3.41
C GLY F 1657 3.72 3.39 -4.53
N TRP F 1658 3.58 2.80 -5.71
CA TRP F 1658 4.45 3.12 -6.83
C TRP F 1658 4.35 4.59 -7.20
N ARG F 1659 5.46 5.30 -7.10
CA ARG F 1659 5.51 6.72 -7.44
C ARG F 1659 6.95 7.07 -7.80
N ARG F 1660 7.11 8.26 -8.39
CA ARG F 1660 8.41 8.76 -8.86
C ARG F 1660 9.02 7.78 -9.86
N PHE F 1661 8.33 7.63 -10.99
CA PHE F 1661 8.70 6.64 -11.99
C PHE F 1661 10.07 6.94 -12.58
N GLU F 1662 10.81 5.88 -12.90
CA GLU F 1662 12.07 5.97 -13.62
C GLU F 1662 11.83 5.42 -15.02
N PHE F 1663 11.99 6.28 -16.03
CA PHE F 1663 11.62 5.93 -17.41
C PHE F 1663 12.74 5.12 -18.07
N ARG F 1664 13.05 3.98 -17.46
CA ARG F 1664 14.12 3.13 -17.97
C ARG F 1664 13.78 2.53 -19.32
N HIS F 1665 12.49 2.38 -19.63
CA HIS F 1665 12.10 1.80 -20.91
C HIS F 1665 12.25 2.80 -22.05
N SER F 1666 12.32 4.10 -21.75
CA SER F 1666 12.26 5.12 -22.78
C SER F 1666 13.45 6.07 -22.82
N ILE F 1667 14.25 6.15 -21.75
CA ILE F 1667 15.35 7.12 -21.74
C ILE F 1667 16.45 6.69 -22.70
N LEU F 1668 16.95 5.46 -22.55
CA LEU F 1668 18.00 4.91 -23.40
C LEU F 1668 19.28 5.75 -23.32
N LYS F 1669 19.65 6.37 -24.44
CA LYS F 1669 20.94 7.05 -24.53
C LYS F 1669 21.02 8.26 -23.60
N THR F 1670 22.25 8.59 -23.21
CA THR F 1670 22.55 9.72 -22.33
C THR F 1670 23.14 10.85 -23.15
N TRP F 1671 23.56 11.90 -22.44
CA TRP F 1671 24.02 13.13 -23.08
C TRP F 1671 25.46 13.04 -23.56
N VAL F 1672 26.39 12.87 -22.63
CA VAL F 1672 27.82 12.90 -22.93
C VAL F 1672 28.54 11.74 -22.24
N ASN F 1673 29.60 11.27 -22.87
CA ASN F 1673 30.41 10.19 -22.31
C ASN F 1673 31.28 10.71 -21.16
N LYS F 1684 38.98 -2.40 -13.51
CA LYS F 1684 37.92 -2.53 -12.52
C LYS F 1684 38.19 -3.71 -11.59
N LYS F 1685 39.43 -4.17 -11.56
CA LYS F 1685 39.81 -5.28 -10.70
C LYS F 1685 39.78 -4.85 -9.23
N THR F 1686 39.74 -5.84 -8.35
CA THR F 1686 39.71 -5.58 -6.92
C THR F 1686 40.98 -4.87 -6.48
N LEU F 1687 40.83 -3.82 -5.68
CA LEU F 1687 41.95 -3.01 -5.22
C LEU F 1687 42.25 -3.33 -3.77
N ILE F 1688 43.53 -3.60 -3.47
CA ILE F 1688 43.95 -3.82 -2.10
C ILE F 1688 43.96 -2.50 -1.35
N ILE F 1689 43.26 -2.46 -0.21
CA ILE F 1689 43.07 -1.25 0.57
C ILE F 1689 43.73 -1.43 1.92
N SER F 1690 44.59 -0.49 2.30
CA SER F 1690 45.20 -0.48 3.62
C SER F 1690 44.34 0.35 4.57
N LEU F 1691 44.18 -0.16 5.79
CA LEU F 1691 43.22 0.45 6.72
C LEU F 1691 43.72 1.78 7.26
N LYS F 1692 45.04 1.95 7.36
CA LYS F 1692 45.60 3.13 8.01
C LYS F 1692 45.41 4.41 7.21
N ASN F 1693 45.13 4.31 5.91
CA ASN F 1693 44.97 5.48 5.05
C ASN F 1693 43.52 5.67 4.60
N LEU F 1694 42.57 5.43 5.50
CA LEU F 1694 41.16 5.62 5.22
C LEU F 1694 40.58 6.66 6.17
N GLN F 1695 39.63 7.44 5.68
CA GLN F 1695 38.98 8.47 6.46
C GLN F 1695 37.49 8.17 6.63
N PRO F 1696 36.87 8.62 7.72
CA PRO F 1696 35.44 8.36 7.90
C PRO F 1696 34.60 8.98 6.79
N LEU F 1697 33.54 8.28 6.41
CA LEU F 1697 32.61 8.79 5.41
C LEU F 1697 31.68 9.82 6.03
N LYS F 1698 31.26 10.78 5.21
CA LYS F 1698 30.33 11.80 5.66
C LYS F 1698 28.94 11.20 5.87
N SER F 1699 28.11 11.94 6.60
CA SER F 1699 26.76 11.48 6.92
C SER F 1699 25.87 11.37 5.70
N SER F 1700 26.26 11.95 4.56
CA SER F 1700 25.46 11.90 3.35
C SER F 1700 25.63 10.59 2.58
N GLN F 1701 26.56 9.73 2.99
CA GLN F 1701 26.76 8.44 2.35
C GLN F 1701 26.34 7.26 3.19
N GLN F 1702 26.33 7.40 4.52
CA GLN F 1702 25.90 6.30 5.38
C GLN F 1702 24.43 5.95 5.13
N LYS F 1703 23.59 6.97 4.99
CA LYS F 1703 22.17 6.72 4.70
C LYS F 1703 22.00 6.03 3.35
N GLN F 1704 22.76 6.48 2.35
CA GLN F 1704 22.68 5.86 1.02
C GLN F 1704 23.13 4.40 1.06
N ASN F 1705 24.18 4.11 1.84
CA ASN F 1705 24.61 2.72 1.99
C ASN F 1705 23.55 1.89 2.71
N GLN F 1706 22.90 2.47 3.73
CA GLN F 1706 21.89 1.73 4.48
C GLN F 1706 20.63 1.49 3.65
N ILE F 1707 20.37 2.37 2.68
CA ILE F 1707 19.14 2.25 1.88
C ILE F 1707 19.14 0.95 1.10
N LYS F 1708 20.28 0.56 0.54
CA LYS F 1708 20.34 -0.67 -0.25
C LYS F 1708 20.07 -1.89 0.61
N THR F 1709 20.65 -1.92 1.82
CA THR F 1709 20.38 -3.04 2.73
C THR F 1709 18.92 -3.06 3.16
N LYS F 1710 18.34 -1.88 3.38
CA LYS F 1710 16.92 -1.81 3.71
C LYS F 1710 16.06 -2.36 2.57
N LYS F 1711 16.43 -2.03 1.33
CA LYS F 1711 15.71 -2.56 0.18
C LYS F 1711 15.86 -4.07 0.06
N LEU F 1712 17.05 -4.60 0.34
CA LEU F 1712 17.23 -6.04 0.33
C LEU F 1712 16.36 -6.72 1.39
N VAL F 1713 16.31 -6.13 2.59
CA VAL F 1713 15.45 -6.69 3.63
C VAL F 1713 13.99 -6.62 3.23
N ALA F 1714 13.58 -5.52 2.60
CA ALA F 1714 12.20 -5.40 2.14
C ALA F 1714 11.88 -6.45 1.07
N ARG F 1715 12.82 -6.71 0.16
CA ARG F 1715 12.63 -7.75 -0.83
C ARG F 1715 12.53 -9.14 -0.19
N ARG F 1716 13.35 -9.38 0.84
CA ARG F 1716 13.23 -10.64 1.58
C ARG F 1716 11.86 -10.77 2.24
N ILE F 1717 11.37 -9.69 2.83
CA ILE F 1717 10.10 -9.74 3.55
C ILE F 1717 8.93 -9.95 2.59
N LYS F 1718 8.88 -9.16 1.52
CA LYS F 1718 7.65 -9.03 0.75
C LYS F 1718 7.61 -9.91 -0.49
N LYS F 1719 8.75 -10.36 -1.00
CA LYS F 1719 8.78 -11.19 -2.21
C LYS F 1719 9.58 -12.46 -1.95
N ARG F 1720 9.30 -13.11 -0.83
CA ARG F 1720 9.90 -14.41 -0.55
C ARG F 1720 9.44 -15.43 -1.59
N TYR F 1721 10.38 -15.87 -2.42
CA TYR F 1721 10.02 -16.75 -3.54
C TYR F 1721 9.59 -18.13 -3.07
N LYS F 1722 9.96 -18.52 -1.85
CA LYS F 1722 9.53 -19.80 -1.32
C LYS F 1722 8.02 -19.84 -1.13
N LEU F 1723 7.45 -18.77 -0.57
CA LEU F 1723 6.02 -18.76 -0.26
C LEU F 1723 5.18 -18.62 -1.52
N LEU F 1724 5.55 -17.71 -2.42
CA LEU F 1724 4.77 -17.48 -3.63
C LEU F 1724 4.84 -18.63 -4.63
N LYS F 1725 5.77 -19.57 -4.43
CA LYS F 1725 5.84 -20.76 -5.28
C LYS F 1725 4.75 -21.76 -4.96
N GLN F 1726 4.32 -21.83 -3.70
CA GLN F 1726 3.27 -22.75 -3.27
C GLN F 1726 2.04 -22.03 -2.71
N MET F 1727 1.95 -20.71 -2.90
CA MET F 1727 0.86 -19.89 -2.37
C MET F 1727 -0.55 -20.37 -2.73
N PRO F 1728 -0.87 -20.63 -4.01
CA PRO F 1728 -2.28 -20.91 -4.35
C PRO F 1728 -2.87 -22.12 -3.66
N ASN F 1729 -2.07 -23.16 -3.40
CA ASN F 1729 -2.64 -24.42 -2.93
C ASN F 1729 -2.78 -24.47 -1.41
N GLN F 1730 -1.82 -23.88 -0.68
CA GLN F 1730 -1.82 -24.06 0.78
C GLN F 1730 -1.45 -22.79 1.53
N LEU F 1731 -1.57 -21.61 0.91
CA LEU F 1731 -1.13 -20.39 1.54
C LEU F 1731 -1.93 -19.22 0.98
N MET F 1732 -1.61 -18.02 1.47
CA MET F 1732 -2.17 -16.78 0.94
C MET F 1732 -1.10 -15.71 1.06
N TYR F 1733 -0.61 -15.22 -0.08
CA TYR F 1733 0.53 -14.30 -0.12
C TYR F 1733 0.32 -13.37 -1.30
N SER F 1734 -0.14 -12.15 -1.02
CA SER F 1734 -0.50 -11.22 -2.08
C SER F 1734 0.30 -9.92 -1.97
N PRO F 1735 0.60 -9.28 -3.09
CA PRO F 1735 1.37 -8.03 -3.04
C PRO F 1735 0.49 -6.81 -2.78
N THR F 1736 0.70 -6.15 -1.65
CA THR F 1736 -0.02 -4.93 -1.29
C THR F 1736 0.94 -3.96 -0.64
N GLY F 1737 0.55 -2.69 -0.64
CA GLY F 1737 1.31 -1.66 0.04
C GLY F 1737 0.92 -1.56 1.50
N PRO F 1738 1.35 -0.48 2.17
CA PRO F 1738 0.98 -0.28 3.56
C PRO F 1738 -0.51 0.03 3.70
N LEU F 1739 -1.05 -0.33 4.86
CA LEU F 1739 -2.46 -0.08 5.16
C LEU F 1739 -2.66 1.42 5.37
N LEU F 1740 -3.58 2.00 4.60
CA LEU F 1740 -3.78 3.45 4.63
C LEU F 1740 -4.92 3.88 5.55
N THR F 1741 -5.92 3.02 5.75
CA THR F 1741 -7.06 3.39 6.58
C THR F 1741 -7.69 2.12 7.15
N GLU F 1742 -8.50 2.31 8.19
CA GLU F 1742 -9.19 1.21 8.85
C GLU F 1742 -10.68 1.14 8.53
N VAL F 1743 -11.32 2.28 8.26
CA VAL F 1743 -12.74 2.32 7.93
C VAL F 1743 -12.92 3.15 6.67
N LEU F 1744 -13.97 2.84 5.93
CA LEU F 1744 -14.30 3.51 4.69
C LEU F 1744 -15.81 3.72 4.62
N PRO F 1745 -16.26 4.70 3.84
CA PRO F 1745 -17.71 4.80 3.57
C PRO F 1745 -18.21 3.52 2.91
N SER F 1746 -19.42 3.10 3.30
CA SER F 1746 -19.93 1.81 2.87
C SER F 1746 -20.21 1.74 1.38
N HIS F 1747 -20.28 2.88 0.69
CA HIS F 1747 -20.63 2.90 -0.73
C HIS F 1747 -19.40 2.98 -1.62
N TYR F 1748 -18.22 2.59 -1.11
CA TYR F 1748 -17.03 2.57 -1.96
C TYR F 1748 -17.06 1.41 -2.94
N ILE F 1749 -17.86 0.37 -2.67
CA ILE F 1749 -17.95 -0.77 -3.58
C ILE F 1749 -18.44 -0.33 -4.96
N SER F 1750 -19.19 0.77 -5.02
CA SER F 1750 -19.65 1.27 -6.31
C SER F 1750 -18.51 1.63 -7.24
N VAL F 1751 -17.32 1.89 -6.71
CA VAL F 1751 -16.16 2.16 -7.55
C VAL F 1751 -15.87 0.97 -8.45
N PHE F 1752 -16.17 -0.24 -7.99
CA PHE F 1752 -15.97 -1.45 -8.76
C PHE F 1752 -17.13 -1.77 -9.70
N ASP F 1753 -18.17 -0.93 -9.72
CA ASP F 1753 -19.33 -1.22 -10.56
C ASP F 1753 -18.97 -1.25 -12.04
N GLN F 1754 -18.17 -0.29 -12.49
CA GLN F 1754 -17.71 -0.27 -13.87
C GLN F 1754 -16.39 -1.02 -13.97
N GLN F 1755 -16.41 -2.15 -14.67
CA GLN F 1755 -15.25 -3.03 -14.76
C GLN F 1755 -14.39 -2.65 -15.95
N TYR F 1756 -13.23 -3.28 -16.02
CA TYR F 1756 -12.28 -3.08 -17.10
C TYR F 1756 -12.18 -4.34 -17.94
N ARG F 1757 -11.55 -4.21 -19.11
CA ARG F 1757 -11.36 -5.35 -20.00
C ARG F 1757 -10.43 -6.37 -19.36
N LEU F 1758 -10.62 -7.63 -19.74
CA LEU F 1758 -9.71 -8.68 -19.33
C LEU F 1758 -8.35 -8.48 -20.01
N PRO F 1759 -7.27 -8.88 -19.34
CA PRO F 1759 -5.93 -8.68 -19.93
C PRO F 1759 -5.74 -9.37 -21.27
N ARG F 1760 -6.45 -10.47 -21.53
CA ARG F 1760 -6.29 -11.19 -22.78
C ARG F 1760 -6.75 -10.35 -23.97
N ASN F 1761 -7.73 -9.46 -23.75
CA ASN F 1761 -8.19 -8.60 -24.84
C ASN F 1761 -7.21 -7.47 -25.12
N ARG F 1762 -6.52 -7.00 -24.08
CA ARG F 1762 -5.62 -5.85 -24.25
C ARG F 1762 -4.33 -6.24 -24.94
N TYR F 1763 -3.78 -7.42 -24.62
CA TYR F 1763 -2.47 -7.83 -25.12
C TYR F 1763 -2.60 -9.05 -26.01
N LEU F 1764 -1.54 -9.33 -26.75
CA LEU F 1764 -1.47 -10.54 -27.56
C LEU F 1764 -1.31 -11.77 -26.66
N LYS F 1765 -1.70 -12.92 -27.20
CA LYS F 1765 -1.72 -14.17 -26.42
C LYS F 1765 -0.70 -15.19 -26.91
N ARG F 1766 0.16 -14.82 -27.85
CA ARG F 1766 1.20 -15.73 -28.32
C ARG F 1766 2.50 -14.96 -28.55
N ASN F 1767 3.61 -15.64 -28.32
CA ASN F 1767 4.92 -15.02 -28.40
C ASN F 1767 5.38 -14.84 -29.85
N PRO F 1768 6.32 -13.91 -30.08
CA PRO F 1768 6.93 -13.80 -31.41
C PRO F 1768 7.93 -14.92 -31.69
N LEU F 1769 8.63 -14.83 -32.81
CA LEU F 1769 9.52 -15.90 -33.24
C LEU F 1769 10.59 -16.20 -32.19
N LYS F 1770 10.96 -17.48 -32.11
CA LYS F 1770 12.05 -17.92 -31.24
C LYS F 1770 13.25 -18.43 -32.02
N THR F 1771 13.13 -18.62 -33.33
CA THR F 1771 14.23 -19.06 -34.17
C THR F 1771 14.23 -18.24 -35.45
N LEU F 1772 15.40 -18.14 -36.08
CA LEU F 1772 15.59 -17.38 -37.31
C LEU F 1772 15.88 -18.37 -38.43
N LYS F 1773 14.87 -18.68 -39.25
CA LYS F 1773 15.02 -19.61 -40.35
C LYS F 1773 15.55 -18.88 -41.58
N LYS F 1774 15.53 -19.57 -42.72
CA LYS F 1774 16.13 -19.02 -43.94
C LYS F 1774 15.36 -17.80 -44.44
N THR F 1775 14.03 -17.90 -44.52
CA THR F 1775 13.24 -16.81 -45.06
C THR F 1775 13.30 -15.58 -44.18
N THR F 1776 13.28 -15.77 -42.86
CA THR F 1776 13.41 -14.63 -41.95
C THR F 1776 14.74 -13.92 -42.14
N LEU F 1777 15.83 -14.69 -42.27
CA LEU F 1777 17.13 -14.08 -42.49
C LEU F 1777 17.19 -13.35 -43.82
N LEU F 1778 16.59 -13.92 -44.86
CA LEU F 1778 16.57 -13.24 -46.16
C LEU F 1778 15.82 -11.91 -46.07
N ALA F 1779 14.66 -11.92 -45.42
CA ALA F 1779 13.88 -10.70 -45.27
C ALA F 1779 14.64 -9.66 -44.44
N LEU F 1780 15.29 -10.10 -43.36
CA LEU F 1780 16.07 -9.17 -42.54
C LEU F 1780 17.24 -8.59 -43.33
N MET F 1781 17.90 -9.41 -44.15
CA MET F 1781 18.99 -8.91 -44.97
C MET F 1781 18.50 -7.87 -45.96
N ASP F 1782 17.34 -8.14 -46.60
CA ASP F 1782 16.78 -7.15 -47.52
C ASP F 1782 16.45 -5.85 -46.81
N SER F 1783 15.81 -5.95 -45.64
CA SER F 1783 15.44 -4.75 -44.89
C SER F 1783 16.67 -3.95 -44.47
N SER F 1784 17.71 -4.63 -43.99
CA SER F 1784 18.94 -3.95 -43.59
C SER F 1784 19.63 -3.31 -44.78
N LYS F 1785 19.64 -4.00 -45.93
CA LYS F 1785 20.25 -3.44 -47.13
C LYS F 1785 19.51 -2.20 -47.61
N GLN F 1786 18.19 -2.15 -47.41
CA GLN F 1786 17.43 -0.98 -47.84
C GLN F 1786 17.82 0.27 -47.06
N THR F 1787 18.08 0.11 -45.76
CA THR F 1787 18.31 1.25 -44.87
C THR F 1787 19.79 1.58 -44.70
N ASN F 1788 20.62 1.20 -45.68
CA ASN F 1788 22.05 1.53 -45.67
C ASN F 1788 22.74 1.06 -44.39
N GLY F 1789 22.34 -0.12 -43.90
CA GLY F 1789 22.97 -0.70 -42.73
C GLY F 1789 22.48 -0.18 -41.40
N VAL F 1790 21.54 0.77 -41.39
CA VAL F 1790 20.96 1.27 -40.15
C VAL F 1790 19.74 0.41 -39.86
N ASN F 1791 19.89 -0.55 -38.95
CA ASN F 1791 18.85 -1.53 -38.69
C ASN F 1791 17.66 -0.90 -37.98
N LYS F 1792 16.50 -1.50 -38.17
CA LYS F 1792 15.28 -1.04 -37.54
C LYS F 1792 15.22 -1.51 -36.09
N GLU F 1793 14.34 -0.90 -35.31
CA GLU F 1793 14.07 -1.29 -33.95
C GLU F 1793 12.59 -1.62 -33.81
N PHE F 1794 12.29 -2.71 -33.10
CA PHE F 1794 10.94 -3.22 -32.99
C PHE F 1794 10.40 -3.00 -31.58
N THR F 1795 9.13 -2.63 -31.48
CA THR F 1795 8.46 -2.41 -30.20
C THR F 1795 7.26 -3.33 -30.10
N LEU F 1796 6.97 -3.77 -28.87
CA LEU F 1796 5.84 -4.65 -28.59
C LEU F 1796 4.85 -3.88 -27.72
N ARG F 1797 3.70 -3.54 -28.29
CA ARG F 1797 2.71 -2.72 -27.63
C ARG F 1797 1.39 -3.50 -27.50
N LYS F 1798 0.37 -2.81 -27.00
CA LYS F 1798 -0.94 -3.41 -26.80
C LYS F 1798 -1.70 -3.48 -28.12
N ARG F 1799 -2.83 -4.18 -28.08
CA ARG F 1799 -3.65 -4.34 -29.28
C ARG F 1799 -4.24 -3.00 -29.70
N VAL F 1800 -4.24 -2.74 -31.01
CA VAL F 1800 -4.77 -1.47 -31.52
C VAL F 1800 -6.24 -1.54 -31.93
N LYS F 1801 -6.79 -2.74 -32.07
CA LYS F 1801 -8.19 -2.90 -32.46
C LYS F 1801 -8.69 -4.22 -31.91
N PRO F 1802 -10.00 -4.34 -31.67
CA PRO F 1802 -10.55 -5.63 -31.23
C PRO F 1802 -10.48 -6.67 -32.34
N ARG F 1803 -10.55 -7.93 -31.93
CA ARG F 1803 -10.57 -9.03 -32.88
C ARG F 1803 -11.76 -8.89 -33.82
N ARG F 1804 -11.50 -8.98 -35.13
CA ARG F 1804 -12.57 -8.81 -36.11
C ARG F 1804 -13.44 -10.06 -36.19
N LYS F 1805 -12.87 -11.23 -35.91
CA LYS F 1805 -13.62 -12.47 -36.10
C LYS F 1805 -14.77 -12.58 -35.10
N TYR F 1806 -14.69 -11.86 -33.99
CA TYR F 1806 -15.72 -11.98 -32.94
C TYR F 1806 -17.03 -11.31 -33.37
N HIS F 1807 -16.95 -10.26 -34.18
CA HIS F 1807 -18.13 -9.53 -34.60
C HIS F 1807 -18.32 -9.49 -36.12
N ARG F 1808 -17.49 -10.19 -36.88
CA ARG F 1808 -17.55 -10.13 -38.33
C ARG F 1808 -17.34 -11.51 -38.92
N LYS F 1809 -17.92 -11.72 -40.11
CA LYS F 1809 -17.75 -12.96 -40.85
C LYS F 1809 -16.70 -12.76 -41.93
N ARG F 1810 -15.65 -13.57 -41.90
CA ARG F 1810 -14.51 -13.43 -42.79
C ARG F 1810 -14.28 -14.72 -43.55
N PHE F 1811 -13.95 -14.62 -44.83
CA PHE F 1811 -13.65 -15.78 -45.64
C PHE F 1811 -12.38 -16.46 -45.16
N ILE F 1812 -12.35 -17.79 -45.26
CA ILE F 1812 -11.17 -18.58 -44.93
C ILE F 1812 -10.59 -19.13 -46.23
N LYS F 1813 -9.31 -18.88 -46.47
CA LYS F 1813 -8.67 -19.19 -47.74
C LYS F 1813 -7.62 -20.28 -47.57
N LYS F 1814 -7.75 -21.34 -48.37
CA LYS F 1814 -6.81 -22.47 -48.45
C LYS F 1814 -6.46 -22.93 -47.04
N ASP F 1815 -5.18 -23.10 -46.69
CA ASP F 1815 -4.76 -23.52 -45.36
C ASP F 1815 -3.99 -22.44 -44.63
N GLY F 1816 -4.38 -21.18 -44.80
CA GLY F 1816 -3.70 -20.08 -44.17
C GLY F 1816 -2.65 -19.38 -45.01
N LEU F 1817 -2.58 -19.66 -46.30
CA LEU F 1817 -1.60 -19.04 -47.18
C LEU F 1817 -2.11 -17.68 -47.63
N ILE F 1818 -1.26 -16.67 -47.51
CA ILE F 1818 -1.62 -15.29 -47.84
C ILE F 1818 -0.71 -14.80 -48.95
N PHE F 1819 -1.30 -14.24 -50.00
CA PHE F 1819 -0.57 -13.66 -51.13
C PHE F 1819 -0.95 -12.18 -51.20
N PRO F 1820 -0.18 -11.30 -50.59
CA PRO F 1820 -0.56 -9.88 -50.51
C PRO F 1820 -0.70 -9.26 -51.89
N ARG F 1821 -1.69 -8.37 -52.02
CA ARG F 1821 -1.88 -7.59 -53.24
C ARG F 1821 -1.56 -6.13 -52.93
N ARG F 1822 -0.61 -5.56 -53.68
CA ARG F 1822 -0.14 -4.21 -53.43
C ARG F 1822 0.60 -3.72 -54.67
N THR F 1823 1.21 -2.55 -54.54
CA THR F 1823 2.06 -2.01 -55.59
C THR F 1823 3.52 -2.33 -55.28
N LYS F 1824 4.35 -2.27 -56.32
CA LYS F 1824 5.75 -2.59 -56.17
C LYS F 1824 6.45 -1.60 -55.24
N PHE F 1825 7.45 -2.09 -54.52
CA PHE F 1825 8.28 -1.23 -53.70
C PHE F 1825 9.05 -0.24 -54.58
N ASN F 1826 9.10 1.01 -54.15
CA ASN F 1826 9.81 2.05 -54.87
C ASN F 1826 11.18 2.29 -54.25
N THR F 1827 12.14 2.67 -55.08
CA THR F 1827 13.50 2.91 -54.64
C THR F 1827 13.59 4.12 -53.71
N GLU F 1845 15.95 0.46 -59.24
CA GLU F 1845 15.90 -0.60 -60.25
C GLU F 1845 17.31 -0.95 -60.70
N GLU F 1846 17.51 -0.94 -62.02
CA GLU F 1846 18.82 -1.16 -62.64
C GLU F 1846 19.33 -2.53 -62.24
N ASP F 1847 20.43 -2.63 -61.48
CA ASP F 1847 21.04 -3.95 -61.23
C ASP F 1847 20.37 -4.69 -60.08
N ASP F 1848 20.22 -4.05 -58.93
CA ASP F 1848 19.75 -4.72 -57.72
C ASP F 1848 18.25 -4.48 -57.54
N LEU F 1849 17.46 -5.53 -57.79
CA LEU F 1849 16.03 -5.50 -57.51
C LEU F 1849 15.75 -6.12 -56.14
N ARG F 1850 14.49 -6.10 -55.76
CA ARG F 1850 14.04 -6.74 -54.52
C ARG F 1850 13.20 -7.96 -54.85
N TRP F 1851 13.53 -9.09 -54.21
CA TRP F 1851 12.89 -10.36 -54.49
C TRP F 1851 12.27 -10.91 -53.22
N ARG F 1852 11.05 -11.41 -53.33
CA ARG F 1852 10.39 -12.05 -52.20
C ARG F 1852 11.11 -13.35 -51.87
N PRO F 1853 11.49 -13.58 -50.61
CA PRO F 1853 12.25 -14.79 -50.27
C PRO F 1853 11.46 -16.06 -50.56
N SER F 1854 12.16 -17.09 -51.00
CA SER F 1854 11.59 -18.40 -51.27
C SER F 1854 12.26 -19.43 -50.38
N SER F 1855 11.46 -20.20 -49.64
CA SER F 1855 12.01 -21.17 -48.70
C SER F 1855 12.73 -22.30 -49.43
N ARG F 1856 12.05 -22.91 -50.41
CA ARG F 1856 12.65 -24.05 -51.12
C ARG F 1856 13.69 -23.60 -52.14
N THR F 1857 13.46 -22.45 -52.79
CA THR F 1857 14.29 -21.98 -53.88
C THR F 1857 14.43 -23.06 -54.96
N LYS F 1858 13.31 -23.73 -55.24
CA LYS F 1858 13.26 -24.83 -56.20
C LYS F 1858 14.31 -25.90 -55.89
N LEU F 1886 -23.35 -25.48 -39.40
CA LEU F 1886 -23.84 -24.13 -39.13
C LEU F 1886 -24.64 -24.08 -37.83
N ARG F 1887 -23.97 -23.78 -36.73
CA ARG F 1887 -24.60 -23.70 -35.43
C ARG F 1887 -25.02 -22.26 -35.14
N GLN F 1888 -25.55 -22.04 -33.94
CA GLN F 1888 -25.88 -20.69 -33.48
C GLN F 1888 -24.71 -20.16 -32.65
N LEU F 1889 -24.34 -18.91 -32.89
CA LEU F 1889 -23.19 -18.33 -32.23
C LEU F 1889 -23.47 -18.09 -30.74
N ARG F 1890 -22.54 -18.53 -29.89
CA ARG F 1890 -22.66 -18.32 -28.46
C ARG F 1890 -22.40 -16.86 -28.13
N ARG F 1891 -22.91 -16.43 -26.97
CA ARG F 1891 -22.79 -15.05 -26.51
C ARG F 1891 -21.72 -14.95 -25.43
N ARG F 1892 -20.73 -14.10 -25.67
CA ARG F 1892 -19.67 -13.88 -24.70
C ARG F 1892 -20.09 -12.83 -23.67
N GLU F 1893 -19.56 -12.96 -22.46
CA GLU F 1893 -19.87 -12.05 -21.38
C GLU F 1893 -18.96 -10.83 -21.47
N PHE F 1894 -19.52 -9.71 -21.93
CA PHE F 1894 -18.74 -8.49 -22.07
C PHE F 1894 -18.40 -7.91 -20.70
N GLN F 1895 -17.26 -7.23 -20.63
CA GLN F 1895 -16.81 -6.59 -19.39
C GLN F 1895 -17.05 -5.08 -19.38
N GLN F 1896 -17.01 -4.42 -20.54
CA GLN F 1896 -17.23 -2.98 -20.62
C GLN F 1896 -18.71 -2.69 -20.87
N VAL F 1897 -19.51 -3.00 -19.85
CA VAL F 1897 -20.95 -2.73 -19.88
C VAL F 1897 -21.35 -2.09 -18.56
N LEU F 1898 -22.47 -1.37 -18.59
CA LEU F 1898 -22.99 -0.71 -17.40
C LEU F 1898 -23.75 -1.69 -16.52
N LYS F 1899 -23.84 -1.35 -15.24
CA LYS F 1899 -24.51 -2.16 -14.25
C LYS F 1899 -25.47 -1.28 -13.44
N PRO F 1900 -26.65 -1.79 -13.09
CA PRO F 1900 -27.55 -1.01 -12.24
C PRO F 1900 -26.87 -0.62 -10.93
N LEU F 1901 -27.12 0.61 -10.51
CA LEU F 1901 -26.41 1.16 -9.35
C LEU F 1901 -27.09 0.73 -8.05
N GLN F 1902 -26.29 0.24 -7.11
CA GLN F 1902 -26.79 -0.09 -5.79
C GLN F 1902 -27.03 1.17 -4.97
N ARG F 1903 -28.12 1.15 -4.21
CA ARG F 1903 -28.51 2.29 -3.38
C ARG F 1903 -28.58 1.84 -1.93
N TYR F 1904 -27.88 2.58 -1.06
CA TYR F 1904 -27.69 2.20 0.34
C TYR F 1904 -28.69 2.95 1.20
N ILE F 1905 -29.93 2.47 1.20
CA ILE F 1905 -31.00 3.00 2.03
C ILE F 1905 -31.37 1.93 3.06
N PRO F 1906 -31.30 2.22 4.35
CA PRO F 1906 -31.76 1.25 5.35
C PRO F 1906 -33.24 0.94 5.17
N GLN F 1907 -33.61 -0.31 5.39
CA GLN F 1907 -34.97 -0.77 5.20
C GLN F 1907 -35.47 -1.42 6.48
N ASN F 1908 -36.80 -1.46 6.62
CA ASN F 1908 -37.44 -1.84 7.86
C ASN F 1908 -37.67 -3.35 7.92
N GLY F 1909 -37.89 -3.84 9.14
CA GLY F 1909 -37.94 -5.26 9.43
C GLY F 1909 -38.85 -6.12 8.57
N GLY F 1910 -38.45 -7.38 8.39
CA GLY F 1910 -39.24 -8.35 7.67
C GLY F 1910 -38.86 -9.77 8.05
N PHE F 1911 -39.87 -10.59 8.42
CA PHE F 1911 -39.69 -11.99 8.78
C PHE F 1911 -38.94 -12.14 10.11
N THR F 1912 -38.51 -11.03 10.70
CA THR F 1912 -37.81 -11.06 11.97
C THR F 1912 -37.87 -9.68 12.61
N TRP F 1913 -37.69 -9.65 13.92
CA TRP F 1913 -37.60 -8.39 14.64
C TRP F 1913 -36.29 -7.70 14.29
N PRO F 1914 -36.20 -6.38 14.44
CA PRO F 1914 -35.03 -5.66 13.90
C PRO F 1914 -33.71 -6.08 14.52
N GLY F 1915 -33.72 -6.64 15.72
CA GLY F 1915 -32.46 -7.00 16.38
C GLY F 1915 -31.68 -8.11 15.70
N ASP F 1916 -32.37 -9.17 15.28
CA ASP F 1916 -31.69 -10.38 14.83
C ASP F 1916 -31.65 -10.47 13.30
N TYR F 1917 -31.02 -11.55 12.82
CA TYR F 1917 -30.98 -11.91 11.41
C TYR F 1917 -31.40 -13.37 11.27
N LEU F 1918 -31.43 -13.85 10.04
CA LEU F 1918 -31.86 -15.23 9.75
C LEU F 1918 -30.72 -16.18 10.08
N ARG F 1919 -30.79 -16.76 11.28
CA ARG F 1919 -29.75 -17.68 11.73
C ARG F 1919 -29.85 -19.04 11.06
N LEU F 1920 -31.07 -19.53 10.83
CA LEU F 1920 -31.29 -20.88 10.34
C LEU F 1920 -31.38 -20.96 8.82
N GLU F 1921 -30.88 -19.96 8.10
CA GLU F 1921 -30.84 -20.05 6.66
C GLU F 1921 -29.89 -21.15 6.22
N ILE F 1922 -30.28 -21.87 5.17
CA ILE F 1922 -29.49 -22.99 4.67
C ILE F 1922 -28.51 -22.48 3.62
N VAL F 1923 -27.22 -22.71 3.86
CA VAL F 1923 -26.17 -22.35 2.91
C VAL F 1923 -25.45 -23.62 2.50
N GLU F 1924 -25.16 -23.74 1.20
CA GLU F 1924 -24.60 -24.97 0.64
C GLU F 1924 -23.09 -24.98 0.87
N MET F 1925 -22.69 -25.64 1.95
CA MET F 1925 -21.28 -25.83 2.28
C MET F 1925 -21.18 -27.13 3.06
N PRO F 1926 -20.29 -28.04 2.66
CA PRO F 1926 -20.27 -29.36 3.28
C PRO F 1926 -19.87 -29.30 4.75
N LYS F 1927 -20.40 -30.25 5.51
CA LYS F 1927 -20.03 -30.45 6.91
C LYS F 1927 -19.16 -31.69 7.03
N LEU F 1928 -18.13 -31.61 7.87
CA LEU F 1928 -17.14 -32.68 8.01
C LEU F 1928 -17.42 -33.48 9.27
N LYS F 1929 -17.36 -34.80 9.14
CA LYS F 1929 -17.51 -35.70 10.29
C LYS F 1929 -16.15 -35.93 10.95
N SER F 1930 -16.16 -35.99 12.28
CA SER F 1930 -14.92 -36.20 13.02
C SER F 1930 -14.30 -37.55 12.69
N ILE F 1931 -15.14 -38.58 12.51
CA ILE F 1931 -14.63 -39.90 12.16
C ILE F 1931 -13.98 -39.84 10.78
N ASN F 1932 -12.77 -40.38 10.69
CA ASN F 1932 -12.02 -40.32 9.44
C ASN F 1932 -12.69 -41.16 8.36
N ILE F 1933 -12.77 -40.60 7.16
CA ILE F 1933 -13.28 -41.29 5.98
C ILE F 1933 -12.12 -41.46 5.02
N LYS F 1934 -11.71 -42.71 4.79
CA LYS F 1934 -10.51 -42.98 4.01
C LYS F 1934 -10.68 -42.54 2.55
N LYS F 1935 -11.78 -42.94 1.91
CA LYS F 1935 -12.02 -42.63 0.51
C LYS F 1935 -13.51 -42.38 0.33
N THR F 1936 -13.91 -41.10 0.33
CA THR F 1936 -15.31 -40.74 0.15
C THR F 1936 -15.37 -39.30 -0.35
N SER F 1937 -15.80 -39.12 -1.60
CA SER F 1937 -15.95 -37.77 -2.14
C SER F 1937 -17.08 -37.04 -1.42
N LEU F 1938 -16.84 -35.77 -1.13
CA LEU F 1938 -17.82 -34.95 -0.42
C LEU F 1938 -19.01 -34.54 -1.28
N LYS F 1939 -18.96 -34.81 -2.58
CA LYS F 1939 -20.00 -34.44 -3.54
C LYS F 1939 -20.09 -32.93 -3.69
N GLN F 1940 -19.24 -32.19 -2.98
CA GLN F 1940 -19.17 -30.74 -3.10
C GLN F 1940 -17.80 -30.31 -2.57
N LYS F 1941 -16.93 -29.86 -3.49
CA LYS F 1941 -15.60 -29.41 -3.09
C LYS F 1941 -15.68 -28.20 -2.17
N ILE F 1942 -14.80 -28.18 -1.16
CA ILE F 1942 -14.75 -27.08 -0.22
C ILE F 1942 -14.14 -25.82 -0.82
N ASN F 1943 -13.71 -25.86 -2.08
CA ASN F 1943 -13.19 -24.71 -2.82
C ASN F 1943 -11.90 -24.20 -2.18
N VAL F 1944 -11.84 -22.89 -1.90
CA VAL F 1944 -10.64 -22.31 -1.29
C VAL F 1944 -10.42 -22.96 0.07
N GLN F 1945 -9.38 -23.78 0.16
CA GLN F 1945 -9.05 -24.56 1.36
C GLN F 1945 -8.37 -23.73 2.45
N PRO F 1946 -7.33 -22.95 2.15
CA PRO F 1946 -6.62 -22.27 3.24
C PRO F 1946 -7.39 -21.07 3.77
N VAL F 1947 -7.22 -20.82 5.08
CA VAL F 1947 -7.81 -19.63 5.69
C VAL F 1947 -7.11 -18.38 5.16
N GLY F 1948 -5.79 -18.32 5.32
CA GLY F 1948 -5.00 -17.25 4.73
C GLY F 1948 -5.15 -15.90 5.38
N ILE F 1949 -4.68 -15.76 6.61
CA ILE F 1949 -4.71 -14.50 7.35
C ILE F 1949 -3.31 -13.91 7.29
N MET F 1950 -3.14 -12.84 6.51
CA MET F 1950 -1.86 -12.14 6.41
C MET F 1950 -1.96 -10.80 7.13
N PRO F 1951 -1.34 -10.65 8.30
CA PRO F 1951 -1.52 -9.43 9.09
C PRO F 1951 -0.88 -8.21 8.44
N ARG F 1952 -1.55 -7.07 8.61
CA ARG F 1952 -1.02 -5.77 8.23
C ARG F 1952 -1.44 -4.74 9.26
N LYS F 1953 -0.50 -3.90 9.68
CA LYS F 1953 -0.72 -2.97 10.77
C LYS F 1953 -0.92 -1.55 10.25
N TYR F 1954 -1.68 -0.77 11.01
CA TYR F 1954 -1.97 0.63 10.68
C TYR F 1954 -0.89 1.48 11.34
N LEU F 1955 0.07 1.93 10.54
CA LEU F 1955 1.23 2.68 11.04
C LEU F 1955 0.99 4.17 10.79
N ILE F 1956 0.35 4.82 11.74
CA ILE F 1956 0.04 6.24 11.66
C ILE F 1956 0.96 7.07 12.54
N GLU F 1957 1.32 6.56 13.72
CA GLU F 1957 2.23 7.29 14.60
C GLU F 1957 3.63 7.39 14.01
N LYS F 1958 4.09 6.31 13.37
CA LYS F 1958 5.38 6.33 12.69
C LYS F 1958 5.40 7.39 11.59
N HIS F 1959 4.34 7.45 10.79
CA HIS F 1959 4.25 8.47 9.75
C HIS F 1959 4.20 9.86 10.34
N ASN F 1960 3.47 10.04 11.45
CA ASN F 1960 3.41 11.35 12.09
C ASN F 1960 4.78 11.78 12.60
N ILE F 1961 5.54 10.86 13.20
CA ILE F 1961 6.88 11.19 13.67
C ILE F 1961 7.78 11.55 12.49
N LYS F 1962 7.69 10.80 11.40
CA LYS F 1962 8.49 11.11 10.22
C LYS F 1962 8.15 12.49 9.65
N VAL F 1963 6.86 12.81 9.59
CA VAL F 1963 6.44 14.11 9.06
C VAL F 1963 6.89 15.23 9.99
N LEU F 1964 6.85 15.00 11.32
CA LEU F 1964 7.35 16.00 12.25
C LEU F 1964 8.84 16.24 12.04
N LYS F 1965 9.61 15.15 11.85
CA LYS F 1965 11.03 15.29 11.58
C LYS F 1965 11.28 16.06 10.29
N LYS F 1966 10.50 15.76 9.24
CA LYS F 1966 10.65 16.48 7.98
C LYS F 1966 10.34 17.97 8.14
N LYS F 1967 9.26 18.29 8.86
CA LYS F 1967 8.88 19.68 9.04
C LYS F 1967 9.92 20.44 9.85
N LEU F 1968 10.48 19.81 10.88
CA LEU F 1968 11.54 20.47 11.64
C LEU F 1968 12.82 20.59 10.83
N SER F 1969 13.06 19.65 9.90
CA SER F 1969 14.23 19.75 9.04
C SER F 1969 14.10 20.89 8.04
N GLN F 1970 12.90 21.10 7.49
CA GLN F 1970 12.71 22.16 6.51
C GLN F 1970 12.81 23.55 7.13
N ALA F 1971 12.69 23.67 8.45
CA ALA F 1971 12.78 24.95 9.12
C ALA F 1971 14.19 25.25 9.64
N TYR F 1972 15.15 24.37 9.37
CA TYR F 1972 16.52 24.52 9.86
C TYR F 1972 16.55 24.68 11.38
N SER F 1973 15.76 23.86 12.06
CA SER F 1973 15.65 23.85 13.51
C SER F 1973 15.75 22.42 14.03
N THR F 1974 16.75 21.68 13.53
CA THR F 1974 16.92 20.29 13.94
C THR F 1974 17.30 20.16 15.41
N GLN F 1975 17.88 21.19 16.01
CA GLN F 1975 18.23 21.13 17.43
C GLN F 1975 17.00 21.02 18.32
N GLN F 1976 15.84 21.44 17.83
CA GLN F 1976 14.59 21.28 18.56
C GLN F 1976 14.01 19.87 18.43
N LEU F 1977 14.57 19.05 17.54
CA LEU F 1977 13.98 17.74 17.24
C LEU F 1977 13.76 16.91 18.49
N THR F 1978 14.84 16.62 19.22
CA THR F 1978 14.74 15.82 20.44
C THR F 1978 13.84 16.48 21.48
N LYS F 1979 13.67 17.80 21.42
CA LYS F 1979 12.75 18.47 22.32
C LYS F 1979 11.30 18.23 21.92
N VAL F 1980 11.01 18.27 20.61
CA VAL F 1980 9.62 18.20 20.17
C VAL F 1980 9.14 16.75 20.13
N VAL F 1981 9.85 15.89 19.41
CA VAL F 1981 9.37 14.53 19.15
C VAL F 1981 9.07 13.81 20.46
N GLN F 1982 9.99 13.89 21.42
CA GLN F 1982 9.78 13.28 22.73
C GLN F 1982 8.44 13.69 23.32
N GLU F 1983 8.17 15.00 23.33
CA GLU F 1983 6.90 15.48 23.85
C GLU F 1983 5.73 14.81 23.14
N TYR F 1984 5.80 14.74 21.81
CA TYR F 1984 4.75 14.08 21.05
C TYR F 1984 4.54 12.65 21.54
N LYS F 1985 5.63 11.93 21.77
CA LYS F 1985 5.52 10.56 22.27
C LYS F 1985 4.79 10.53 23.60
N ASN F 1986 5.09 11.47 24.49
CA ASN F 1986 4.37 11.55 25.75
C ASN F 1986 2.89 11.77 25.52
N LEU F 1987 2.54 12.62 24.53
CA LEU F 1987 1.14 12.84 24.21
C LEU F 1987 0.45 11.54 23.81
N ILE F 1988 1.19 10.61 23.22
CA ILE F 1988 0.62 9.30 22.88
C ILE F 1988 0.35 8.50 24.16
N GLN F 1989 1.27 8.56 25.12
CA GLN F 1989 1.14 7.75 26.32
C GLN F 1989 -0.07 8.15 27.15
N ASN F 1990 -0.29 9.45 27.32
CA ASN F 1990 -1.41 9.95 28.11
C ASN F 1990 -2.05 11.16 27.44
N PHE G 94 -89.52 -29.15 -20.12
CA PHE G 94 -88.54 -29.48 -21.15
C PHE G 94 -87.40 -30.30 -20.55
N GLY G 95 -86.68 -31.02 -21.41
CA GLY G 95 -85.57 -31.84 -20.95
C GLY G 95 -84.26 -31.12 -20.73
N ARG G 96 -84.19 -29.84 -21.11
CA ARG G 96 -82.96 -29.08 -20.91
C ARG G 96 -82.72 -28.81 -19.43
N ASN G 97 -81.47 -28.97 -19.01
CA ASN G 97 -81.10 -28.68 -17.63
C ASN G 97 -81.05 -27.17 -17.41
N GLU G 98 -81.63 -26.71 -16.29
CA GLU G 98 -81.66 -25.29 -15.97
C GLU G 98 -81.30 -25.05 -14.51
N GLY G 99 -80.49 -25.91 -13.92
CA GLY G 99 -80.05 -25.73 -12.56
C GLY G 99 -78.89 -24.77 -12.45
N PRO G 100 -78.51 -24.46 -11.22
CA PRO G 100 -77.39 -23.54 -11.01
C PRO G 100 -76.06 -24.16 -11.38
N MET G 101 -75.13 -23.31 -11.77
CA MET G 101 -73.77 -23.76 -12.09
C MET G 101 -72.98 -23.99 -10.81
N THR G 102 -72.11 -25.00 -10.85
CA THR G 102 -71.30 -25.36 -9.70
C THR G 102 -69.88 -24.79 -9.87
N TRP G 103 -69.04 -25.03 -8.86
CA TRP G 103 -67.71 -24.44 -8.86
C TRP G 103 -66.81 -24.88 -10.02
N PRO G 104 -66.75 -26.16 -10.44
CA PRO G 104 -65.85 -26.49 -11.55
C PRO G 104 -66.21 -25.78 -12.85
N TRP G 105 -67.50 -25.59 -13.11
CA TRP G 105 -67.91 -24.82 -14.29
C TRP G 105 -67.49 -23.36 -14.15
N LYS G 106 -67.56 -22.81 -12.94
CA LYS G 106 -67.09 -21.44 -12.73
C LYS G 106 -65.60 -21.32 -13.00
N LEU G 107 -64.81 -22.30 -12.53
CA LEU G 107 -63.37 -22.28 -12.77
C LEU G 107 -63.08 -22.40 -14.27
N MET G 108 -63.78 -23.30 -14.96
CA MET G 108 -63.59 -23.43 -16.40
C MET G 108 -63.96 -22.14 -17.13
N CYS G 109 -65.06 -21.50 -16.74
CA CYS G 109 -65.46 -20.26 -17.37
C CYS G 109 -64.46 -19.14 -17.10
N ALA G 110 -63.89 -19.08 -15.91
CA ALA G 110 -62.85 -18.08 -15.63
C ALA G 110 -61.62 -18.32 -16.49
N ILE G 111 -61.20 -19.58 -16.62
CA ILE G 111 -60.07 -19.89 -17.47
C ILE G 111 -60.37 -19.52 -18.93
N LEU G 112 -61.60 -19.74 -19.38
CA LEU G 112 -62.00 -19.34 -20.72
C LEU G 112 -61.96 -17.81 -20.87
N TYR G 113 -62.49 -17.10 -19.86
CA TYR G 113 -62.49 -15.63 -19.90
C TYR G 113 -61.08 -15.07 -19.93
N MET G 114 -60.11 -15.82 -19.42
CA MET G 114 -58.73 -15.34 -19.42
C MET G 114 -58.13 -15.24 -20.82
N LEU G 115 -58.86 -15.58 -21.89
CA LEU G 115 -58.29 -15.62 -23.23
C LEU G 115 -58.17 -14.23 -23.89
N PRO G 116 -59.23 -13.41 -23.92
CA PRO G 116 -59.06 -12.06 -24.50
C PRO G 116 -58.04 -11.23 -23.76
N TRP G 117 -57.90 -11.42 -22.44
CA TRP G 117 -56.83 -10.76 -21.70
C TRP G 117 -55.47 -11.13 -22.27
N VAL G 118 -55.27 -12.42 -22.58
CA VAL G 118 -54.03 -12.83 -23.23
C VAL G 118 -53.90 -12.19 -24.60
N ASP G 119 -55.00 -12.06 -25.33
CA ASP G 119 -54.94 -11.46 -26.67
C ASP G 119 -54.58 -9.97 -26.63
N VAL G 120 -55.01 -9.23 -25.61
CA VAL G 120 -54.83 -7.78 -25.61
C VAL G 120 -53.87 -7.34 -24.50
N THR G 121 -53.14 -8.29 -23.91
CA THR G 121 -52.18 -7.96 -22.85
C THR G 121 -50.98 -7.17 -23.34
N GLU G 122 -50.76 -7.06 -24.65
CA GLU G 122 -49.58 -6.36 -25.13
C GLU G 122 -49.66 -4.85 -24.91
N LYS G 123 -50.86 -4.28 -24.87
CA LYS G 123 -51.05 -2.84 -24.78
C LYS G 123 -51.37 -2.38 -23.37
N THR G 124 -50.98 -3.15 -22.35
CA THR G 124 -51.29 -2.77 -20.98
C THR G 124 -50.43 -1.59 -20.50
N VAL G 125 -49.22 -1.43 -21.05
CA VAL G 125 -48.31 -0.40 -20.55
C VAL G 125 -48.84 0.99 -20.87
N TYR G 126 -49.44 1.17 -22.05
CA TYR G 126 -49.94 2.48 -22.43
C TYR G 126 -51.02 2.98 -21.47
N PHE G 127 -51.73 2.05 -20.82
CA PHE G 127 -52.68 2.47 -19.80
C PHE G 127 -52.04 2.54 -18.41
N VAL G 128 -51.16 1.59 -18.08
CA VAL G 128 -50.57 1.53 -16.76
C VAL G 128 -49.66 2.73 -16.48
N GLU G 129 -49.09 3.34 -17.53
CA GLU G 129 -48.25 4.51 -17.33
C GLU G 129 -48.99 5.60 -16.56
N ARG G 130 -50.30 5.73 -16.81
CA ARG G 130 -51.19 6.52 -15.97
C ARG G 130 -51.88 5.61 -14.97
N PHE G 131 -52.20 6.17 -13.80
CA PHE G 131 -52.81 5.40 -12.72
C PHE G 131 -52.03 4.11 -12.45
N PRO G 132 -50.86 4.21 -11.82
CA PRO G 132 -50.03 3.00 -11.61
C PRO G 132 -50.68 1.94 -10.73
N ALA G 133 -51.83 2.23 -10.11
CA ALA G 133 -52.44 1.28 -9.19
C ALA G 133 -52.84 -0.03 -9.87
N PHE G 134 -52.95 -0.05 -11.20
CA PHE G 134 -53.28 -1.25 -11.93
C PHE G 134 -52.05 -1.96 -12.49
N VAL G 135 -50.87 -1.65 -11.96
CA VAL G 135 -49.62 -2.18 -12.51
C VAL G 135 -49.61 -3.71 -12.44
N TRP G 136 -50.25 -4.30 -11.42
CA TRP G 136 -50.30 -5.74 -11.30
C TRP G 136 -50.89 -6.40 -12.54
N THR G 137 -51.77 -5.68 -13.24
CA THR G 137 -52.40 -6.24 -14.44
C THR G 137 -51.39 -6.56 -15.53
N GLU G 138 -50.17 -6.04 -15.44
CA GLU G 138 -49.11 -6.38 -16.38
C GLU G 138 -48.50 -7.75 -16.14
N TYR G 139 -48.53 -8.26 -14.91
CA TYR G 139 -47.78 -9.46 -14.56
C TYR G 139 -48.66 -10.66 -14.23
N PHE G 140 -49.96 -10.59 -14.52
CA PHE G 140 -50.87 -11.66 -14.10
C PHE G 140 -51.12 -12.72 -15.16
N SER G 141 -50.93 -12.40 -16.44
CA SER G 141 -51.36 -13.28 -17.52
C SER G 141 -50.23 -14.10 -18.13
N GLU G 142 -49.03 -14.06 -17.53
CA GLU G 142 -47.88 -14.73 -18.15
C GLU G 142 -48.07 -16.24 -18.31
N PRO G 143 -48.45 -17.00 -17.28
CA PRO G 143 -48.69 -18.44 -17.51
C PRO G 143 -49.78 -18.69 -18.52
N PHE G 144 -50.84 -17.88 -18.52
CA PHE G 144 -51.89 -18.04 -19.51
C PHE G 144 -51.41 -17.70 -20.91
N GLU G 145 -50.54 -16.70 -21.03
CA GLU G 145 -49.90 -16.42 -22.32
C GLU G 145 -49.07 -17.59 -22.81
N HIS G 146 -48.33 -18.24 -21.92
CA HIS G 146 -47.53 -19.40 -22.33
C HIS G 146 -48.42 -20.57 -22.72
N TRP G 147 -49.48 -20.84 -21.95
CA TRP G 147 -50.28 -22.03 -22.19
C TRP G 147 -51.17 -21.87 -23.43
N TYR G 148 -51.80 -20.70 -23.60
CA TYR G 148 -52.68 -20.49 -24.74
C TYR G 148 -51.93 -20.34 -26.05
N ASN G 149 -50.61 -20.12 -26.02
CA ASN G 149 -49.83 -19.92 -27.23
C ASN G 149 -48.82 -21.04 -27.46
N ILE G 150 -49.01 -22.20 -26.80
CA ILE G 150 -48.11 -23.32 -27.01
C ILE G 150 -48.23 -23.87 -28.42
N HIS G 151 -49.42 -23.79 -29.02
CA HIS G 151 -49.65 -24.22 -30.39
C HIS G 151 -50.38 -23.12 -31.13
N GLU G 152 -50.06 -22.98 -32.43
CA GLU G 152 -50.62 -21.89 -33.21
C GLU G 152 -52.12 -22.02 -33.43
N TYR G 153 -52.66 -23.23 -33.44
CA TYR G 153 -54.07 -23.46 -33.71
C TYR G 153 -54.86 -23.84 -32.46
N ALA G 154 -54.33 -23.52 -31.28
CA ALA G 154 -55.06 -23.79 -30.04
C ALA G 154 -56.38 -23.05 -29.94
N PRO G 155 -56.48 -21.74 -30.23
CA PRO G 155 -57.79 -21.06 -30.09
C PRO G 155 -58.89 -21.68 -30.93
N LEU G 156 -58.59 -22.08 -32.17
CA LEU G 156 -59.62 -22.70 -33.01
C LEU G 156 -60.05 -24.04 -32.44
N PHE G 157 -59.10 -24.83 -31.92
CA PHE G 157 -59.43 -26.09 -31.29
C PHE G 157 -60.32 -25.87 -30.07
N ILE G 158 -60.00 -24.87 -29.26
CA ILE G 158 -60.82 -24.58 -28.08
C ILE G 158 -62.22 -24.15 -28.50
N PHE G 159 -62.32 -23.30 -29.53
CA PHE G 159 -63.62 -22.85 -29.99
C PHE G 159 -64.47 -24.01 -30.50
N PHE G 160 -63.87 -24.92 -31.28
CA PHE G 160 -64.63 -26.04 -31.81
C PHE G 160 -64.98 -27.05 -30.72
N ALA G 161 -64.12 -27.22 -29.71
CA ALA G 161 -64.43 -28.12 -28.62
C ALA G 161 -65.49 -27.55 -27.68
N THR G 162 -65.60 -26.23 -27.59
CA THR G 162 -66.60 -25.62 -26.71
C THR G 162 -67.94 -25.48 -27.39
N TYR G 163 -67.96 -25.03 -28.65
CA TYR G 163 -69.23 -24.81 -29.34
C TYR G 163 -69.97 -26.13 -29.57
N LEU G 164 -69.24 -27.18 -29.93
CA LEU G 164 -69.87 -28.47 -30.23
C LEU G 164 -69.98 -29.36 -29.00
N GLY G 165 -68.95 -29.39 -28.16
CA GLY G 165 -68.92 -30.27 -27.01
C GLY G 165 -69.71 -29.80 -25.80
N ILE G 166 -69.87 -28.49 -25.66
CA ILE G 166 -70.48 -27.89 -24.47
C ILE G 166 -71.77 -27.15 -24.82
N VAL G 167 -71.70 -26.18 -25.73
CA VAL G 167 -72.86 -25.35 -26.03
C VAL G 167 -73.98 -26.16 -26.67
N ARG G 168 -73.61 -27.11 -27.54
CA ARG G 168 -74.63 -27.93 -28.19
C ARG G 168 -75.37 -28.81 -27.19
N ASN G 169 -74.65 -29.38 -26.23
CA ASN G 169 -75.26 -30.24 -25.23
C ASN G 169 -76.30 -29.48 -24.43
N LYS G 170 -77.48 -30.10 -24.24
CA LYS G 170 -78.56 -29.49 -23.48
C LYS G 170 -78.72 -30.08 -22.09
N LYS G 171 -77.80 -30.96 -21.68
CA LYS G 171 -77.79 -31.51 -20.33
C LYS G 171 -76.89 -30.72 -19.39
N ILE G 172 -75.99 -29.90 -19.91
CA ILE G 172 -75.18 -28.99 -19.13
C ILE G 172 -76.08 -27.84 -18.68
N PRO G 173 -75.92 -27.30 -17.47
CA PRO G 173 -76.75 -26.16 -17.05
C PRO G 173 -76.60 -24.97 -18.00
N HIS G 174 -77.70 -24.23 -18.16
CA HIS G 174 -77.75 -23.17 -19.16
C HIS G 174 -76.73 -22.07 -18.88
N VAL G 175 -76.51 -21.75 -17.60
CA VAL G 175 -75.64 -20.63 -17.25
C VAL G 175 -74.21 -20.89 -17.71
N ALA G 176 -73.74 -22.14 -17.57
CA ALA G 176 -72.39 -22.47 -18.00
C ALA G 176 -72.21 -22.26 -19.50
N ARG G 177 -73.18 -22.72 -20.28
CA ARG G 177 -73.14 -22.51 -21.73
C ARG G 177 -73.18 -21.03 -22.07
N TYR G 178 -74.01 -20.26 -21.35
CA TYR G 178 -74.10 -18.82 -21.60
C TYR G 178 -72.76 -18.14 -21.34
N HIS G 179 -72.09 -18.52 -20.25
CA HIS G 179 -70.81 -17.91 -19.93
C HIS G 179 -69.73 -18.33 -20.92
N VAL G 180 -69.75 -19.59 -21.37
CA VAL G 180 -68.78 -20.04 -22.36
C VAL G 180 -68.94 -19.25 -23.66
N MET G 181 -70.19 -19.11 -24.12
CA MET G 181 -70.44 -18.34 -25.34
C MET G 181 -70.09 -16.87 -25.16
N MET G 182 -70.33 -16.31 -23.96
CA MET G 182 -69.93 -14.94 -23.70
C MET G 182 -68.42 -14.77 -23.79
N GLY G 183 -67.66 -15.71 -23.23
CA GLY G 183 -66.21 -15.66 -23.34
C GLY G 183 -65.74 -15.77 -24.78
N VAL G 184 -66.37 -16.66 -25.55
CA VAL G 184 -66.01 -16.79 -26.96
C VAL G 184 -66.29 -15.49 -27.71
N MET G 185 -67.43 -14.85 -27.42
CA MET G 185 -67.76 -13.60 -28.10
C MET G 185 -66.83 -12.48 -27.68
N LEU G 186 -66.41 -12.45 -26.41
CA LEU G 186 -65.41 -11.47 -25.99
C LEU G 186 -64.09 -11.67 -26.72
N ASP G 187 -63.69 -12.93 -26.91
CA ASP G 187 -62.49 -13.20 -27.71
C ASP G 187 -62.67 -12.72 -29.14
N ILE G 188 -63.87 -12.90 -29.71
CA ILE G 188 -64.13 -12.41 -31.06
C ILE G 188 -64.01 -10.89 -31.12
N VAL G 189 -64.53 -10.20 -30.09
CA VAL G 189 -64.43 -8.74 -30.05
C VAL G 189 -62.98 -8.30 -29.95
N ALA G 190 -62.18 -9.01 -29.16
CA ALA G 190 -60.76 -8.69 -29.07
C ALA G 190 -60.06 -8.89 -30.41
N MET G 191 -60.43 -9.96 -31.13
CA MET G 191 -59.88 -10.17 -32.47
C MET G 191 -60.26 -9.05 -33.42
N ILE G 192 -61.51 -8.57 -33.32
CA ILE G 192 -61.94 -7.45 -34.15
C ILE G 192 -61.13 -6.21 -33.83
N LEU G 193 -60.87 -5.96 -32.54
CA LEU G 193 -60.05 -4.82 -32.16
C LEU G 193 -58.63 -4.94 -32.71
N ILE G 194 -58.06 -6.14 -32.66
CA ILE G 194 -56.73 -6.34 -33.24
C ILE G 194 -56.75 -6.08 -34.74
N VAL G 195 -57.77 -6.57 -35.43
CA VAL G 195 -57.86 -6.40 -36.88
C VAL G 195 -57.96 -4.92 -37.23
N THR G 196 -58.80 -4.18 -36.51
CA THR G 196 -58.93 -2.75 -36.78
C THR G 196 -57.69 -1.97 -36.34
N GLU G 197 -56.89 -2.52 -35.43
CA GLU G 197 -55.60 -1.92 -35.12
C GLU G 197 -54.62 -2.10 -36.28
N GLU G 198 -54.66 -3.26 -36.93
CA GLU G 198 -53.68 -3.56 -37.97
C GLU G 198 -53.77 -2.63 -39.17
N ASN G 199 -54.87 -1.91 -39.34
CA ASN G 199 -55.09 -1.07 -40.51
C ASN G 199 -55.12 0.42 -40.15
N LEU G 200 -54.42 0.82 -39.10
CA LEU G 200 -54.35 2.22 -38.75
C LEU G 200 -53.48 2.98 -39.76
N PRO G 201 -53.88 4.18 -40.16
CA PRO G 201 -53.04 4.98 -41.07
C PRO G 201 -51.76 5.44 -40.38
N THR G 202 -50.75 5.72 -41.20
CA THR G 202 -49.45 6.11 -40.68
C THR G 202 -49.51 7.46 -39.95
N GLY G 203 -50.39 8.36 -40.39
CA GLY G 203 -50.53 9.63 -39.70
C GLY G 203 -50.97 9.46 -38.25
N VAL G 204 -51.97 8.61 -38.03
CA VAL G 204 -52.39 8.29 -36.67
C VAL G 204 -51.33 7.45 -35.96
N LEU G 205 -50.60 6.62 -36.72
CA LEU G 205 -49.58 5.77 -36.11
C LEU G 205 -48.47 6.61 -35.49
N TRP G 206 -48.04 7.67 -36.18
CA TRP G 206 -46.92 8.49 -35.72
C TRP G 206 -47.36 9.69 -34.89
N THR G 207 -48.52 9.61 -34.26
CA THR G 207 -49.02 10.64 -33.35
C THR G 207 -49.39 10.01 -32.00
N PRO G 208 -49.43 10.81 -30.93
CA PRO G 208 -49.79 10.26 -29.62
C PRO G 208 -51.19 9.64 -29.57
N TRP G 209 -52.07 9.97 -30.53
CA TRP G 209 -53.40 9.38 -30.56
C TRP G 209 -53.34 7.86 -30.45
N SER G 210 -52.42 7.24 -31.19
CA SER G 210 -52.26 5.79 -31.17
C SER G 210 -52.13 5.28 -29.74
N ASP G 211 -51.30 5.95 -28.94
CA ASP G 211 -51.14 5.55 -27.54
C ASP G 211 -52.49 5.49 -26.85
N LEU G 212 -53.26 6.58 -26.96
CA LEU G 212 -54.61 6.59 -26.39
C LEU G 212 -55.40 5.38 -26.89
N PHE G 213 -55.41 5.17 -28.21
CA PHE G 213 -56.10 4.02 -28.77
C PHE G 213 -55.65 2.74 -28.09
N TYR G 214 -54.34 2.54 -28.00
CA TYR G 214 -53.82 1.33 -27.36
C TYR G 214 -54.38 1.19 -25.96
N ALA G 215 -54.33 2.27 -25.18
CA ALA G 215 -54.86 2.22 -23.82
C ALA G 215 -56.30 1.75 -23.83
N LEU G 216 -57.13 2.35 -24.68
CA LEU G 216 -58.53 1.95 -24.73
C LEU G 216 -58.65 0.48 -25.11
N MET G 217 -57.85 0.03 -26.08
CA MET G 217 -57.91 -1.37 -26.50
C MET G 217 -57.73 -2.30 -25.33
N PHE G 218 -56.92 -1.92 -24.35
CA PHE G 218 -56.84 -2.69 -23.12
C PHE G 218 -58.05 -2.41 -22.23
N TRP G 219 -58.24 -1.13 -21.87
CA TRP G 219 -59.08 -0.79 -20.73
C TRP G 219 -60.48 -1.33 -20.91
N PHE G 220 -61.12 -1.00 -22.03
CA PHE G 220 -62.48 -1.49 -22.28
C PHE G 220 -62.56 -2.99 -22.10
N ILE G 221 -61.67 -3.71 -22.80
CA ILE G 221 -61.67 -5.17 -22.72
C ILE G 221 -61.54 -5.60 -21.26
N PHE G 222 -60.59 -5.02 -20.55
CA PHE G 222 -60.38 -5.37 -19.15
C PHE G 222 -61.69 -5.25 -18.39
N LEU G 223 -62.36 -4.10 -18.54
CA LEU G 223 -63.62 -3.89 -17.83
C LEU G 223 -64.57 -5.04 -18.09
N LEU G 224 -64.77 -5.36 -19.37
CA LEU G 224 -65.70 -6.43 -19.72
C LEU G 224 -65.37 -7.70 -18.95
N VAL G 225 -64.10 -8.11 -19.00
CA VAL G 225 -63.71 -9.35 -18.35
C VAL G 225 -64.07 -9.28 -16.86
N ILE G 226 -63.67 -8.18 -16.21
CA ILE G 226 -63.94 -8.04 -14.79
C ILE G 226 -65.43 -8.16 -14.54
N TYR G 227 -66.23 -7.44 -15.32
CA TYR G 227 -67.68 -7.49 -15.16
C TYR G 227 -68.16 -8.93 -15.26
N CYS G 228 -67.73 -9.63 -16.30
CA CYS G 228 -68.16 -11.01 -16.49
C CYS G 228 -67.72 -11.86 -15.31
N LEU G 229 -66.50 -11.65 -14.83
CA LEU G 229 -66.02 -12.43 -13.70
C LEU G 229 -66.87 -12.17 -12.47
N PHE G 230 -67.31 -10.92 -12.26
CA PHE G 230 -68.13 -10.64 -11.10
C PHE G 230 -69.45 -11.39 -11.16
N PHE G 231 -69.90 -11.74 -12.38
CA PHE G 231 -71.11 -12.53 -12.54
C PHE G 231 -70.80 -13.96 -12.98
N CYS G 232 -69.55 -14.38 -12.84
CA CYS G 232 -69.17 -15.78 -13.07
C CYS G 232 -68.99 -16.54 -11.77
N PHE G 233 -68.27 -15.96 -10.80
CA PHE G 233 -68.19 -16.56 -9.48
C PHE G 233 -69.55 -16.59 -8.80
N LEU G 234 -70.41 -15.62 -9.10
CA LEU G 234 -71.83 -15.71 -8.78
C LEU G 234 -72.54 -16.37 -9.95
N GLY G 235 -73.45 -17.30 -9.65
CA GLY G 235 -74.14 -18.02 -10.70
C GLY G 235 -75.27 -17.23 -11.32
N TRP G 236 -74.98 -16.00 -11.76
CA TRP G 236 -75.99 -15.10 -12.29
C TRP G 236 -75.76 -14.87 -13.79
N TYR G 237 -76.71 -14.17 -14.40
CA TYR G 237 -76.64 -13.80 -15.81
C TYR G 237 -76.21 -12.34 -15.91
N CYS G 238 -75.08 -12.11 -16.60
CA CYS G 238 -74.63 -10.76 -16.90
C CYS G 238 -75.03 -10.42 -18.33
N GLU G 239 -75.76 -9.33 -18.51
CA GLU G 239 -76.27 -8.92 -19.81
C GLU G 239 -75.48 -7.72 -20.31
N ILE G 240 -74.97 -7.83 -21.54
CA ILE G 240 -74.15 -6.79 -22.15
C ILE G 240 -74.81 -6.37 -23.46
N PRO G 241 -74.94 -5.07 -23.74
CA PRO G 241 -75.60 -4.64 -24.97
C PRO G 241 -74.91 -5.18 -26.22
N LEU G 242 -75.72 -5.49 -27.23
CA LEU G 242 -75.31 -5.94 -28.56
C LEU G 242 -74.68 -7.33 -28.58
N ILE G 243 -74.60 -8.00 -27.43
CA ILE G 243 -73.97 -9.32 -27.35
C ILE G 243 -74.91 -10.37 -26.76
N SER G 244 -75.59 -10.04 -25.67
CA SER G 244 -76.33 -11.04 -24.90
C SER G 244 -77.46 -11.66 -25.72
N GLU G 245 -78.17 -10.86 -26.50
CA GLU G 245 -79.28 -11.39 -27.31
C GLU G 245 -78.75 -12.37 -28.36
N GLY G 246 -77.64 -12.03 -29.00
CA GLY G 246 -77.04 -12.95 -29.96
C GLY G 246 -76.58 -14.22 -29.30
N VAL G 247 -76.05 -14.12 -28.08
CA VAL G 247 -75.64 -15.31 -27.34
C VAL G 247 -76.85 -16.19 -27.02
N TYR G 248 -77.95 -15.57 -26.60
CA TYR G 248 -79.16 -16.31 -26.30
C TYR G 248 -79.68 -17.05 -27.54
N LEU G 249 -79.69 -16.38 -28.69
CA LEU G 249 -80.10 -17.04 -29.91
C LEU G 249 -79.13 -18.16 -30.29
N GLN G 250 -77.83 -17.93 -30.14
CA GLN G 250 -76.84 -18.91 -30.56
C GLN G 250 -76.88 -20.15 -29.68
N ILE G 251 -77.26 -19.98 -28.40
CA ILE G 251 -77.37 -21.13 -27.51
C ILE G 251 -78.42 -22.11 -28.02
N GLU G 252 -79.60 -21.60 -28.37
CA GLU G 252 -80.66 -22.47 -28.87
C GLU G 252 -80.44 -22.90 -30.31
N GLN G 253 -79.63 -22.16 -31.09
CA GLN G 253 -79.26 -22.64 -32.41
C GLN G 253 -78.23 -23.76 -32.34
N ALA G 254 -77.38 -23.73 -31.32
CA ALA G 254 -76.44 -24.84 -31.10
C ALA G 254 -77.20 -26.12 -30.77
N GLU G 255 -78.27 -26.01 -29.97
CA GLU G 255 -79.16 -27.14 -29.74
C GLU G 255 -79.89 -27.48 -31.04
N GLN G 256 -80.57 -28.63 -31.01
CA GLN G 256 -81.23 -29.24 -32.18
C GLN G 256 -80.40 -29.07 -33.44
N LEU G 257 -79.09 -29.31 -33.33
CA LEU G 257 -78.18 -29.22 -34.47
C LEU G 257 -78.11 -30.57 -35.16
N GLY G 258 -78.62 -30.64 -36.39
CA GLY G 258 -78.69 -31.92 -37.08
C GLY G 258 -79.62 -32.90 -36.41
N GLN G 259 -80.76 -32.43 -35.92
CA GLN G 259 -81.73 -33.28 -35.25
C GLN G 259 -83.14 -32.74 -35.40
N ASN H 12 -89.01 -13.42 -26.45
CA ASN H 12 -89.40 -14.62 -27.19
C ASN H 12 -88.40 -15.75 -26.96
N VAL H 13 -87.11 -15.39 -26.95
CA VAL H 13 -86.07 -16.38 -26.71
C VAL H 13 -86.08 -16.78 -25.24
N TYR H 14 -85.52 -17.96 -24.96
CA TYR H 14 -85.58 -18.57 -23.64
C TYR H 14 -85.05 -17.65 -22.53
N LYS H 15 -83.82 -17.14 -22.70
CA LYS H 15 -83.19 -16.22 -21.75
C LYS H 15 -83.04 -16.83 -20.36
N GLY H 16 -83.00 -18.15 -20.27
CA GLY H 16 -82.75 -18.82 -19.01
C GLY H 16 -83.95 -18.84 -18.09
N PRO H 17 -83.86 -19.60 -17.01
CA PRO H 17 -84.96 -19.65 -16.04
C PRO H 17 -85.09 -18.35 -15.27
N ALA H 18 -86.31 -18.10 -14.80
CA ALA H 18 -86.57 -16.88 -14.05
C ALA H 18 -86.10 -16.96 -12.59
N SER H 19 -85.85 -18.16 -12.08
CA SER H 19 -85.41 -18.29 -10.70
C SER H 19 -84.02 -17.69 -10.52
N ILE H 20 -83.13 -17.89 -11.47
CA ILE H 20 -81.77 -17.34 -11.39
C ILE H 20 -81.83 -15.86 -11.74
N PRO H 21 -81.32 -14.98 -10.88
CA PRO H 21 -81.44 -13.53 -11.13
C PRO H 21 -80.68 -13.10 -12.37
N HIS H 22 -81.21 -12.08 -13.03
CA HIS H 22 -80.61 -11.50 -14.22
C HIS H 22 -80.24 -10.05 -13.96
N ALA H 23 -79.11 -9.62 -14.52
CA ALA H 23 -78.68 -8.23 -14.45
C ALA H 23 -79.04 -7.53 -15.75
N SER H 24 -79.53 -6.30 -15.64
CA SER H 24 -79.94 -5.55 -16.81
C SER H 24 -78.72 -5.02 -17.57
N ALA H 25 -78.98 -4.31 -18.67
CA ALA H 25 -77.92 -3.62 -19.39
C ALA H 25 -77.68 -2.21 -18.89
N GLU H 26 -78.70 -1.60 -18.26
CA GLU H 26 -78.54 -0.25 -17.72
C GLU H 26 -77.47 -0.21 -16.63
N VAL H 27 -77.40 -1.24 -15.80
CA VAL H 27 -76.38 -1.28 -14.76
C VAL H 27 -74.99 -1.35 -15.36
N PHE H 28 -74.81 -2.17 -16.40
CA PHE H 28 -73.51 -2.25 -17.06
C PHE H 28 -73.14 -0.93 -17.72
N GLY H 29 -74.10 -0.28 -18.39
CA GLY H 29 -73.83 1.02 -18.98
C GLY H 29 -73.44 2.05 -17.94
N ALA H 30 -74.15 2.06 -16.82
CA ALA H 30 -73.81 2.98 -15.73
C ALA H 30 -72.43 2.70 -15.19
N PHE H 31 -72.07 1.43 -15.02
CA PHE H 31 -70.74 1.08 -14.53
C PHE H 31 -69.66 1.55 -15.49
N PHE H 32 -69.87 1.31 -16.80
CA PHE H 32 -68.90 1.72 -17.81
C PHE H 32 -68.72 3.24 -17.81
N LEU H 33 -69.82 3.99 -17.88
CA LEU H 33 -69.74 5.44 -17.89
C LEU H 33 -69.14 5.98 -16.60
N ALA H 34 -69.48 5.36 -15.47
CA ALA H 34 -68.95 5.81 -14.19
C ALA H 34 -67.44 5.61 -14.11
N THR H 35 -66.95 4.47 -14.58
CA THR H 35 -65.50 4.25 -14.58
C THR H 35 -64.79 5.25 -15.48
N ASN H 36 -65.31 5.46 -16.69
CA ASN H 36 -64.67 6.40 -17.60
C ASN H 36 -64.70 7.82 -17.04
N THR H 37 -65.82 8.23 -16.46
CA THR H 37 -65.94 9.57 -15.90
C THR H 37 -65.05 9.75 -14.68
N ALA H 38 -64.92 8.71 -13.86
CA ALA H 38 -64.00 8.78 -12.72
C ALA H 38 -62.56 8.96 -13.19
N LEU H 39 -62.15 8.21 -14.22
CA LEU H 39 -60.80 8.38 -14.73
C LEU H 39 -60.60 9.77 -15.31
N LEU H 40 -61.56 10.27 -16.08
CA LEU H 40 -61.44 11.60 -16.67
C LEU H 40 -61.39 12.68 -15.61
N ALA H 41 -62.23 12.57 -14.58
CA ALA H 41 -62.24 13.56 -13.50
C ALA H 41 -60.94 13.53 -12.71
N HIS H 42 -60.39 12.34 -12.48
CA HIS H 42 -59.09 12.26 -11.80
C HIS H 42 -57.98 12.85 -12.64
N MET H 43 -58.05 12.70 -13.97
CA MET H 43 -56.98 13.24 -14.82
C MET H 43 -56.93 14.76 -14.76
N PHE H 44 -58.08 15.43 -14.77
CA PHE H 44 -58.15 16.88 -14.83
C PHE H 44 -58.77 17.42 -13.55
N PRO H 45 -57.95 17.87 -12.58
CA PRO H 45 -58.53 18.33 -11.31
C PRO H 45 -59.41 19.56 -11.42
N GLY H 46 -59.04 20.52 -12.27
CA GLY H 46 -59.67 21.81 -12.30
C GLY H 46 -60.78 22.03 -13.32
N LYS H 47 -61.22 20.98 -14.01
CA LYS H 47 -62.20 21.13 -15.08
C LYS H 47 -63.60 20.68 -14.71
N LEU H 48 -63.77 20.00 -13.57
CA LEU H 48 -65.08 19.48 -13.17
C LEU H 48 -65.92 20.62 -12.60
N PHE H 49 -66.49 21.41 -13.51
CA PHE H 49 -67.32 22.57 -13.16
C PHE H 49 -66.55 23.56 -12.30
N GLY H 50 -65.24 23.66 -12.50
CA GLY H 50 -64.39 24.49 -11.67
C GLY H 50 -63.94 23.86 -10.38
N SER H 51 -64.38 22.63 -10.09
CA SER H 51 -64.03 21.92 -8.88
C SER H 51 -63.34 20.60 -9.21
N GLU H 52 -63.06 19.83 -8.16
CA GLU H 52 -62.41 18.54 -8.31
C GLU H 52 -63.17 17.45 -7.57
N LEU H 53 -62.63 16.23 -7.58
CA LEU H 53 -63.25 15.07 -6.93
C LEU H 53 -62.38 14.62 -5.77
N HIS H 54 -62.96 14.53 -4.59
CA HIS H 54 -62.25 14.15 -3.38
C HIS H 54 -62.80 12.81 -2.86
N VAL H 55 -61.88 11.92 -2.49
CA VAL H 55 -62.28 10.62 -1.96
C VAL H 55 -62.89 10.78 -0.57
N ARG H 56 -62.28 11.58 0.29
CA ARG H 56 -62.73 11.74 1.66
C ARG H 56 -63.01 13.21 1.93
N LYS H 57 -63.53 13.48 3.13
CA LYS H 57 -63.84 14.83 3.57
C LYS H 57 -62.73 15.37 4.48
N TRP H 58 -62.41 14.64 5.54
CA TRP H 58 -61.36 15.01 6.47
C TRP H 58 -60.35 13.88 6.58
N ASP H 59 -59.08 14.25 6.69
CA ASP H 59 -58.03 13.25 6.88
C ASP H 59 -58.18 12.61 8.26
N PRO H 60 -57.94 11.30 8.37
CA PRO H 60 -58.07 10.65 9.70
C PRO H 60 -57.12 11.22 10.74
N ASP H 61 -55.92 11.63 10.33
CA ASP H 61 -54.97 12.21 11.28
C ASP H 61 -55.49 13.53 11.83
N TYR H 62 -56.13 14.35 10.98
CA TYR H 62 -56.71 15.60 11.43
C TYR H 62 -57.80 15.36 12.49
N LEU H 63 -58.67 14.40 12.22
CA LEU H 63 -59.73 14.08 13.18
C LEU H 63 -59.15 13.56 14.49
N ALA H 64 -58.14 12.69 14.40
CA ALA H 64 -57.52 12.16 15.61
C ALA H 64 -56.85 13.27 16.42
N SER H 65 -56.18 14.20 15.74
CA SER H 65 -55.52 15.30 16.44
C SER H 65 -56.54 16.20 17.12
N CYS H 66 -57.64 16.52 16.43
CA CYS H 66 -58.66 17.36 17.04
C CYS H 66 -59.30 16.68 18.24
N CYS H 67 -59.61 15.39 18.11
CA CYS H 67 -60.21 14.67 19.22
C CYS H 67 -59.27 14.58 20.41
N ASN H 68 -57.98 14.31 20.15
CA ASN H 68 -57.00 14.26 21.23
C ASN H 68 -56.86 15.62 21.91
N GLU H 69 -56.85 16.69 21.12
CA GLU H 69 -56.75 18.03 21.69
C GLU H 69 -57.94 18.30 22.62
N GLN H 70 -59.15 18.01 22.14
CA GLN H 70 -60.34 18.27 22.95
C GLN H 70 -60.34 17.41 24.21
N GLY H 71 -60.00 16.12 24.08
CA GLY H 71 -59.98 15.24 25.23
C GLY H 71 -58.95 15.66 26.26
N MET H 72 -57.75 16.03 25.82
CA MET H 72 -56.71 16.47 26.74
C MET H 72 -57.11 17.78 27.42
N ARG H 73 -57.73 18.71 26.68
CA ARG H 73 -58.22 19.92 27.31
C ARG H 73 -59.23 19.61 28.40
N ARG H 74 -60.20 18.75 28.09
CA ARG H 74 -61.24 18.41 29.06
C ARG H 74 -60.65 17.73 30.29
N GLU H 75 -59.69 16.82 30.08
CA GLU H 75 -59.08 16.12 31.21
C GLU H 75 -58.23 17.07 32.06
N ALA H 76 -57.48 17.97 31.41
CA ALA H 76 -56.68 18.93 32.16
C ALA H 76 -57.55 19.87 32.98
N LEU H 77 -58.65 20.35 32.39
CA LEU H 77 -59.54 21.24 33.13
C LEU H 77 -60.21 20.53 34.30
N SER H 78 -60.38 19.21 34.21
CA SER H 78 -61.03 18.46 35.27
C SER H 78 -60.11 18.15 36.44
N GLY H 79 -58.81 18.42 36.32
CA GLY H 79 -57.89 18.18 37.41
C GLY H 79 -57.18 16.85 37.37
N LYS H 80 -56.86 16.34 36.18
CA LYS H 80 -56.16 15.08 36.05
C LYS H 80 -55.14 15.17 34.92
N LYS H 81 -54.14 14.31 34.98
CA LYS H 81 -53.10 14.30 33.97
C LYS H 81 -53.66 13.79 32.65
N PRO H 82 -53.54 14.54 31.56
CA PRO H 82 -54.11 14.10 30.28
C PRO H 82 -53.38 12.90 29.71
N ASN H 83 -54.10 12.14 28.89
CA ASN H 83 -53.56 10.98 28.21
C ASN H 83 -53.72 11.14 26.70
N LEU H 84 -52.81 10.53 25.95
CA LEU H 84 -52.80 10.60 24.49
C LEU H 84 -53.19 9.25 23.92
N TRP H 85 -54.26 9.21 23.14
CA TRP H 85 -54.70 7.98 22.50
C TRP H 85 -53.98 7.81 21.18
N LEU H 86 -53.39 6.63 20.98
CA LEU H 86 -52.56 6.36 19.82
C LEU H 86 -53.34 5.59 18.76
N LEU H 87 -53.14 5.95 17.50
CA LEU H 87 -53.77 5.24 16.39
C LEU H 87 -52.98 3.97 16.08
N GLY H 88 -53.65 2.83 16.16
CA GLY H 88 -52.99 1.56 15.87
C GLY H 88 -52.90 0.66 17.08
N GLY H 89 -52.70 1.24 18.26
CA GLY H 89 -52.60 0.46 19.48
C GLY H 89 -51.55 0.98 20.43
N GLY H 90 -51.47 0.38 21.62
CA GLY H 90 -50.52 0.80 22.62
C GLY H 90 -49.20 0.07 22.52
N PRO H 91 -48.40 0.13 23.59
CA PRO H 91 -47.08 -0.50 23.57
C PRO H 91 -47.12 -1.98 23.92
N ARG H 92 -46.03 -2.66 23.59
CA ARG H 92 -45.83 -4.06 23.92
C ARG H 92 -44.72 -4.17 24.95
N LEU H 93 -44.98 -4.89 26.03
CA LEU H 93 -44.00 -5.04 27.10
C LEU H 93 -42.90 -5.98 26.65
N VAL H 94 -41.83 -5.41 26.08
CA VAL H 94 -40.67 -6.17 25.64
C VAL H 94 -39.42 -5.47 26.15
N ASN H 95 -38.31 -6.20 26.19
CA ASN H 95 -37.04 -5.66 26.64
C ASN H 95 -35.98 -5.62 25.54
N ASP H 96 -36.34 -5.94 24.31
CA ASP H 96 -35.42 -5.94 23.17
C ASP H 96 -35.91 -4.90 22.16
N SER H 97 -35.09 -3.87 21.94
CA SER H 97 -35.31 -2.84 20.92
C SER H 97 -36.47 -1.91 21.27
N TRP H 98 -36.41 -0.69 20.77
CA TRP H 98 -37.48 0.29 20.94
C TRP H 98 -38.53 0.21 19.86
N GLU H 99 -38.17 -0.22 18.65
CA GLU H 99 -39.13 -0.28 17.56
C GLU H 99 -40.20 -1.34 17.82
N ARG H 100 -39.80 -2.48 18.40
CA ARG H 100 -40.76 -3.55 18.66
C ARG H 100 -41.77 -3.13 19.72
N MET H 101 -41.33 -2.33 20.70
CA MET H 101 -42.22 -1.92 21.79
C MET H 101 -43.36 -1.07 21.27
N TRP H 102 -43.09 -0.20 20.29
CA TRP H 102 -44.08 0.72 19.73
C TRP H 102 -44.38 0.38 18.28
N TRP H 103 -44.51 -0.91 17.97
CA TRP H 103 -44.64 -1.34 16.59
C TRP H 103 -45.96 -0.91 15.96
N ASN H 104 -47.05 -0.90 16.73
CA ASN H 104 -48.35 -0.61 16.16
C ASN H 104 -48.46 0.85 15.71
N ASN H 105 -48.07 1.79 16.58
CA ASN H 105 -48.14 3.19 16.22
C ASN H 105 -47.19 3.53 15.08
N LEU H 106 -45.99 2.95 15.10
CA LEU H 106 -45.04 3.16 14.00
C LEU H 106 -45.59 2.59 12.70
N HIS H 107 -46.25 1.43 12.75
CA HIS H 107 -46.85 0.85 11.57
C HIS H 107 -47.95 1.75 11.01
N TRP H 108 -48.76 2.33 11.90
CA TRP H 108 -49.79 3.28 11.44
C TRP H 108 -49.16 4.51 10.82
N LYS H 109 -48.11 5.05 11.45
CA LYS H 109 -47.54 6.31 10.98
C LYS H 109 -46.72 6.14 9.70
N ARG H 110 -46.18 4.94 9.46
CA ARG H 110 -45.34 4.71 8.29
C ARG H 110 -46.13 4.69 6.99
N TRP H 111 -47.46 4.63 7.05
CA TRP H 111 -48.30 4.65 5.86
C TRP H 111 -48.91 6.03 5.60
N LYS H 112 -48.25 7.09 6.05
CA LYS H 112 -48.84 8.43 5.94
C LYS H 112 -48.99 8.86 4.49
N VAL H 113 -47.93 8.76 3.70
CA VAL H 113 -47.95 9.20 2.31
C VAL H 113 -48.91 8.37 1.47
N PRO H 114 -48.86 7.03 1.50
CA PRO H 114 -49.83 6.26 0.69
C PRO H 114 -51.28 6.48 1.10
N ARG H 115 -51.55 6.69 2.39
CA ARG H 115 -52.92 6.82 2.85
C ARG H 115 -53.57 8.09 2.34
N THR H 116 -52.82 9.19 2.27
CA THR H 116 -53.37 10.48 1.90
C THR H 116 -53.26 10.76 0.40
N GLY H 117 -52.03 10.78 -0.12
CA GLY H 117 -51.79 11.17 -1.48
C GLY H 117 -52.31 10.18 -2.50
N PRO H 118 -52.67 10.68 -3.68
CA PRO H 118 -53.14 9.80 -4.76
C PRO H 118 -51.98 9.13 -5.49
N ALA H 119 -52.26 7.93 -5.99
CA ALA H 119 -51.25 7.18 -6.74
C ALA H 119 -50.98 7.78 -8.11
N PHE H 120 -52.02 8.25 -8.80
CA PHE H 120 -51.86 8.82 -10.13
C PHE H 120 -51.17 10.18 -10.04
N PRO H 121 -50.54 10.63 -11.13
CA PRO H 121 -49.91 11.96 -11.12
C PRO H 121 -50.94 13.05 -10.86
N GLN H 122 -50.53 14.06 -10.08
CA GLN H 122 -51.46 15.10 -9.65
C GLN H 122 -51.78 16.08 -10.78
N ASP H 123 -50.79 16.41 -11.59
CA ASP H 123 -50.96 17.37 -12.67
C ASP H 123 -51.12 16.63 -14.00
N MET H 124 -51.19 17.38 -15.10
CA MET H 124 -51.42 16.83 -16.41
C MET H 124 -50.21 17.06 -17.31
N TYR H 125 -49.77 16.01 -17.99
CA TYR H 125 -48.65 16.06 -18.91
C TYR H 125 -49.14 15.75 -20.32
N TRP H 126 -48.40 16.28 -21.31
CA TRP H 126 -48.67 16.08 -22.73
C TRP H 126 -49.87 16.89 -23.19
N GLN H 127 -50.53 17.56 -22.25
CA GLN H 127 -51.65 18.44 -22.55
C GLN H 127 -51.70 19.60 -21.56
N ALA I 79 -47.09 4.11 -63.24
CA ALA I 79 -47.99 5.12 -62.70
C ALA I 79 -48.32 4.85 -61.24
N ARG I 80 -47.85 5.74 -60.36
CA ARG I 80 -48.14 5.58 -58.93
C ARG I 80 -49.60 5.83 -58.62
N THR I 81 -50.25 6.73 -59.38
CA THR I 81 -51.65 7.05 -59.12
C THR I 81 -52.54 5.83 -59.34
N PHE I 82 -52.23 5.02 -60.36
CA PHE I 82 -53.02 3.83 -60.63
C PHE I 82 -52.98 2.86 -59.46
N GLU I 83 -51.78 2.56 -58.96
CA GLU I 83 -51.64 1.64 -57.83
C GLU I 83 -52.29 2.23 -56.57
N ARG I 84 -52.12 3.53 -56.35
CA ARG I 84 -52.72 4.18 -55.20
C ARG I 84 -54.24 4.05 -55.22
N ALA I 85 -54.86 4.36 -56.36
CA ALA I 85 -56.32 4.26 -56.47
C ALA I 85 -56.78 2.82 -56.32
N ALA I 86 -56.06 1.87 -56.94
CA ALA I 86 -56.44 0.48 -56.83
C ALA I 86 -56.38 -0.01 -55.38
N PHE I 87 -55.31 0.35 -54.67
CA PHE I 87 -55.18 -0.06 -53.28
C PHE I 87 -56.26 0.59 -52.41
N GLY I 88 -56.58 1.86 -52.66
CA GLY I 88 -57.64 2.51 -51.91
C GLY I 88 -58.99 1.85 -52.13
N PHE I 89 -59.30 1.53 -53.39
CA PHE I 89 -60.55 0.84 -53.70
C PHE I 89 -60.60 -0.53 -53.04
N ALA I 90 -59.48 -1.25 -53.06
CA ALA I 90 -59.43 -2.57 -52.42
C ALA I 90 -59.67 -2.45 -50.92
N LYS I 91 -59.05 -1.45 -50.28
CA LYS I 91 -59.27 -1.25 -48.84
C LYS I 91 -60.72 -0.89 -48.54
N MET I 92 -61.34 -0.05 -49.38
CA MET I 92 -62.75 0.29 -49.17
C MET I 92 -63.65 -0.93 -49.32
N TYR I 93 -63.37 -1.77 -50.32
CA TYR I 93 -64.16 -2.98 -50.49
C TYR I 93 -63.95 -3.94 -49.31
N LEU I 94 -62.72 -4.01 -48.78
CA LEU I 94 -62.47 -4.81 -47.60
C LEU I 94 -63.26 -4.30 -46.41
N PHE I 95 -63.33 -2.98 -46.24
CA PHE I 95 -64.12 -2.40 -45.17
C PHE I 95 -65.60 -2.74 -45.33
N CYS I 96 -66.10 -2.68 -46.57
CA CYS I 96 -67.50 -3.06 -46.82
C CYS I 96 -67.75 -4.52 -46.47
N LEU I 97 -66.83 -5.41 -46.84
CA LEU I 97 -66.98 -6.83 -46.51
C LEU I 97 -66.95 -7.04 -45.00
N PHE I 98 -66.06 -6.33 -44.30
CA PHE I 98 -66.00 -6.45 -42.85
C PHE I 98 -67.29 -5.95 -42.20
N MET I 99 -67.86 -4.88 -42.74
CA MET I 99 -69.15 -4.40 -42.23
C MET I 99 -70.26 -5.42 -42.48
N ARG I 100 -70.23 -6.08 -43.64
CA ARG I 100 -71.21 -7.15 -43.88
C ARG I 100 -71.04 -8.28 -42.88
N VAL I 101 -69.80 -8.66 -42.59
CA VAL I 101 -69.54 -9.72 -41.62
C VAL I 101 -70.07 -9.32 -40.25
N LEU I 102 -69.83 -8.05 -39.85
CA LEU I 102 -70.34 -7.57 -38.58
C LEU I 102 -71.86 -7.58 -38.53
N LEU I 103 -72.50 -7.15 -39.61
CA LEU I 103 -73.96 -7.08 -39.67
C LEU I 103 -74.61 -8.46 -39.76
N SER I 104 -73.87 -9.49 -40.17
CA SER I 104 -74.41 -10.84 -40.17
C SER I 104 -74.79 -11.31 -38.78
N TRP I 105 -74.25 -10.68 -37.73
CA TRP I 105 -74.57 -11.08 -36.37
C TRP I 105 -75.96 -10.64 -35.95
N PHE I 106 -76.49 -9.58 -36.54
CA PHE I 106 -77.79 -9.04 -36.15
C PHE I 106 -78.83 -9.41 -37.19
N PRO I 107 -79.79 -10.29 -36.88
CA PRO I 107 -80.84 -10.61 -37.84
C PRO I 107 -82.03 -9.66 -37.84
N SER I 108 -82.09 -8.73 -36.89
CA SER I 108 -83.23 -7.82 -36.79
C SER I 108 -83.16 -6.69 -37.82
N ILE I 109 -82.00 -6.43 -38.40
CA ILE I 109 -81.87 -5.34 -39.36
C ILE I 109 -82.67 -5.65 -40.61
N ASP I 110 -83.30 -4.61 -41.16
CA ASP I 110 -84.04 -4.72 -42.41
C ASP I 110 -83.17 -4.25 -43.57
N TRP I 111 -83.09 -5.06 -44.62
CA TRP I 111 -82.25 -4.73 -45.75
C TRP I 111 -82.92 -3.79 -46.74
N ASN I 112 -84.16 -3.39 -46.49
CA ASN I 112 -84.83 -2.41 -47.35
C ASN I 112 -84.43 -0.98 -47.02
N SER I 113 -83.88 -0.74 -45.83
CA SER I 113 -83.42 0.59 -45.48
C SER I 113 -82.22 0.99 -46.32
N GLN I 114 -82.11 2.30 -46.58
CA GLN I 114 -81.14 2.81 -47.56
C GLN I 114 -79.70 2.39 -47.30
N PRO I 115 -79.12 2.52 -46.10
CA PRO I 115 -77.71 2.14 -45.92
C PRO I 115 -77.48 0.65 -46.11
N TRP I 116 -78.32 -0.16 -45.46
CA TRP I 116 -78.17 -1.61 -45.58
C TRP I 116 -78.47 -2.08 -47.00
N ALA I 117 -79.47 -1.46 -47.66
CA ALA I 117 -79.76 -1.81 -49.04
C ALA I 117 -78.59 -1.51 -49.95
N PHE I 118 -77.98 -0.33 -49.79
CA PHE I 118 -76.81 0.00 -50.60
C PHE I 118 -75.65 -0.95 -50.33
N LEU I 119 -75.42 -1.27 -49.06
CA LEU I 119 -74.33 -2.17 -48.71
C LEU I 119 -74.52 -3.56 -49.33
N ARG I 120 -75.74 -4.10 -49.23
CA ARG I 120 -75.99 -5.42 -49.80
C ARG I 120 -75.97 -5.38 -51.32
N LEU I 121 -76.42 -4.26 -51.92
CA LEU I 121 -76.33 -4.13 -53.37
C LEU I 121 -74.87 -4.16 -53.83
N ILE I 122 -73.99 -3.49 -53.09
CA ILE I 122 -72.57 -3.51 -53.44
C ILE I 122 -71.98 -4.91 -53.23
N THR I 123 -72.32 -5.56 -52.13
CA THR I 123 -71.65 -6.79 -51.73
C THR I 123 -72.32 -8.08 -52.23
N GLU I 124 -73.42 -7.98 -52.97
CA GLU I 124 -74.16 -9.18 -53.36
C GLU I 124 -73.36 -10.18 -54.19
N PRO I 125 -72.72 -9.80 -55.32
CA PRO I 125 -72.20 -10.85 -56.22
C PRO I 125 -71.00 -11.61 -55.67
N TYR I 126 -70.07 -10.92 -55.00
CA TYR I 126 -68.87 -11.58 -54.52
C TYR I 126 -69.21 -12.66 -53.49
N LEU I 127 -70.12 -12.35 -52.56
CA LEU I 127 -70.54 -13.36 -51.61
C LEU I 127 -71.50 -14.37 -52.23
N GLN I 128 -72.24 -13.98 -53.26
CA GLN I 128 -73.12 -14.91 -53.95
C GLN I 128 -72.31 -16.02 -54.62
N ILE I 129 -71.15 -15.67 -55.16
CA ILE I 129 -70.27 -16.69 -55.76
C ILE I 129 -69.88 -17.72 -54.71
N TYR I 130 -69.43 -17.25 -53.54
CA TYR I 130 -68.98 -18.19 -52.51
C TYR I 130 -70.14 -18.96 -51.89
N ARG I 131 -71.35 -18.41 -51.91
CA ARG I 131 -72.51 -19.16 -51.45
C ARG I 131 -72.70 -20.42 -52.30
N GLY I 132 -72.60 -20.27 -53.62
CA GLY I 132 -72.65 -21.44 -54.48
C GLY I 132 -71.44 -22.34 -54.32
N ILE I 133 -70.25 -21.74 -54.18
CA ILE I 133 -69.02 -22.52 -54.10
C ILE I 133 -68.99 -23.35 -52.83
N LEU I 134 -69.26 -22.71 -51.69
CA LEU I 134 -69.13 -23.37 -50.39
C LEU I 134 -70.49 -23.48 -49.72
N PRO I 135 -70.99 -24.69 -49.46
CA PRO I 135 -72.23 -24.84 -48.70
C PRO I 135 -71.96 -24.70 -47.22
N PRO I 136 -73.00 -24.50 -46.41
CA PRO I 136 -72.80 -24.46 -44.95
C PRO I 136 -72.27 -25.79 -44.44
N LEU I 137 -71.49 -25.72 -43.36
CA LEU I 137 -70.83 -26.91 -42.83
C LEU I 137 -71.85 -27.96 -42.38
N PHE I 138 -72.88 -27.54 -41.65
CA PHE I 138 -73.90 -28.44 -41.15
C PHE I 138 -75.30 -28.07 -41.62
N GLY I 139 -75.43 -27.06 -42.47
CA GLY I 139 -76.73 -26.61 -42.93
C GLY I 139 -77.46 -25.70 -41.97
N GLN I 140 -76.86 -25.37 -40.82
CA GLN I 140 -77.48 -24.48 -39.84
C GLN I 140 -76.70 -23.20 -39.61
N LEU I 141 -75.38 -23.22 -39.77
CA LEU I 141 -74.53 -22.05 -39.53
C LEU I 141 -73.88 -21.63 -40.84
N ASP I 142 -73.81 -20.32 -41.05
CA ASP I 142 -73.28 -19.74 -42.29
C ASP I 142 -71.99 -18.99 -41.99
N PHE I 143 -70.93 -19.32 -42.73
CA PHE I 143 -69.65 -18.63 -42.62
C PHE I 143 -69.19 -18.02 -43.94
N THR I 144 -70.10 -17.89 -44.92
CA THR I 144 -69.69 -17.40 -46.25
C THR I 144 -69.11 -16.00 -46.20
N PRO I 145 -69.73 -15.00 -45.54
CA PRO I 145 -69.09 -13.67 -45.50
C PRO I 145 -67.70 -13.68 -44.88
N LEU I 146 -67.50 -14.49 -43.84
CA LEU I 146 -66.17 -14.57 -43.22
C LEU I 146 -65.15 -15.14 -44.17
N PHE I 147 -65.50 -16.20 -44.90
CA PHE I 147 -64.58 -16.77 -45.88
C PHE I 147 -64.26 -15.78 -47.00
N GLY I 148 -65.29 -15.08 -47.50
CA GLY I 148 -65.04 -14.07 -48.51
C GLY I 148 -64.13 -12.96 -48.02
N PHE I 149 -64.37 -12.50 -46.79
CA PHE I 149 -63.53 -11.46 -46.20
C PHE I 149 -62.08 -11.92 -46.06
N LEU I 150 -61.89 -13.15 -45.60
CA LEU I 150 -60.53 -13.67 -45.44
C LEU I 150 -59.82 -13.81 -46.78
N ILE I 151 -60.52 -14.33 -47.79
CA ILE I 151 -59.92 -14.50 -49.10
C ILE I 151 -59.55 -13.15 -49.69
N LEU I 152 -60.45 -12.17 -49.59
CA LEU I 152 -60.15 -10.84 -50.13
C LEU I 152 -59.02 -10.17 -49.35
N GLN I 153 -58.96 -10.40 -48.04
CA GLN I 153 -57.86 -9.85 -47.24
C GLN I 153 -56.52 -10.43 -47.69
N ASP I 154 -56.47 -11.74 -47.92
CA ASP I 154 -55.23 -12.34 -48.42
C ASP I 154 -54.88 -11.80 -49.80
N VAL I 155 -55.88 -11.66 -50.68
CA VAL I 155 -55.62 -11.18 -52.04
C VAL I 155 -55.06 -9.76 -52.01
N VAL I 156 -55.67 -8.88 -51.20
CA VAL I 156 -55.18 -7.51 -51.12
C VAL I 156 -53.81 -7.46 -50.43
N GLU I 157 -53.57 -8.38 -49.48
CA GLU I 157 -52.24 -8.49 -48.89
C GLU I 157 -51.20 -8.84 -49.93
N LEU I 158 -51.58 -9.64 -50.94
CA LEU I 158 -50.66 -9.99 -52.01
C LEU I 158 -50.20 -8.76 -52.79
N MET I 159 -51.04 -7.73 -52.87
CA MET I 159 -50.79 -6.55 -53.69
C MET I 159 -50.31 -5.36 -52.87
N SER I 160 -49.78 -5.61 -51.67
CA SER I 160 -49.27 -4.52 -50.85
C SER I 160 -47.99 -3.95 -51.46
N PRO I 161 -47.69 -2.68 -51.18
CA PRO I 161 -46.43 -2.11 -51.65
C PRO I 161 -45.22 -2.86 -51.08
N VAL I 162 -44.16 -2.93 -51.88
CA VAL I 162 -42.98 -3.69 -51.49
C VAL I 162 -42.35 -3.11 -50.24
N TYR I 163 -42.21 -1.79 -50.17
CA TYR I 163 -41.71 -1.10 -48.99
C TYR I 163 -42.78 -0.10 -48.53
N THR I 164 -43.39 -0.40 -47.38
CA THR I 164 -44.50 0.40 -46.85
C THR I 164 -44.02 1.61 -46.04
N LEU I 165 -42.71 1.85 -46.01
CA LEU I 165 -42.10 2.94 -45.23
C LEU I 165 -42.44 2.70 -43.77
N GLY I 166 -42.92 3.70 -43.03
CA GLY I 166 -43.03 3.56 -41.60
C GLY I 166 -41.66 3.34 -41.00
N HIS I 167 -41.39 2.13 -40.54
CA HIS I 167 -40.05 1.69 -40.19
C HIS I 167 -39.48 0.68 -41.17
N ALA I 168 -40.27 0.27 -42.18
CA ALA I 168 -39.81 -0.76 -43.10
C ALA I 168 -38.73 -0.24 -44.03
N LYS I 169 -38.96 0.93 -44.65
CA LYS I 169 -38.02 1.45 -45.63
C LYS I 169 -36.68 1.84 -45.03
N ASP I 170 -36.61 2.03 -43.72
CA ASP I 170 -35.31 2.23 -43.08
C ASP I 170 -34.48 0.97 -43.06
N THR I 171 -35.02 -0.16 -43.53
CA THR I 171 -34.31 -1.43 -43.57
C THR I 171 -33.81 -1.83 -42.19
N SER I 172 -34.66 -1.65 -41.17
CA SER I 172 -34.30 -1.87 -39.78
C SER I 172 -33.03 -1.10 -39.42
N MET I 173 -32.14 -1.73 -38.66
CA MET I 173 -30.88 -1.11 -38.27
C MET I 173 -29.74 -1.89 -38.93
N PHE I 174 -28.92 -1.18 -39.71
CA PHE I 174 -27.70 -1.72 -40.30
C PHE I 174 -28.03 -2.90 -41.22
N TRP I 175 -27.02 -3.71 -41.52
CA TRP I 175 -27.26 -4.98 -42.21
C TRP I 175 -27.78 -5.98 -41.19
N THR I 176 -28.93 -6.59 -41.48
CA THR I 176 -29.63 -7.42 -40.51
C THR I 176 -29.99 -8.77 -41.13
N THR I 177 -30.15 -9.77 -40.27
CA THR I 177 -30.60 -11.07 -40.74
C THR I 177 -32.00 -10.99 -41.34
N THR I 178 -32.90 -10.24 -40.69
CA THR I 178 -34.23 -10.06 -41.24
C THR I 178 -34.20 -9.27 -42.55
N ASP I 179 -33.46 -8.16 -42.57
CA ASP I 179 -33.33 -7.35 -43.77
C ASP I 179 -32.19 -6.34 -43.63
N LEU J 13 -30.64 59.43 -22.71
CA LEU J 13 -30.73 58.12 -23.33
C LEU J 13 -31.84 57.29 -22.68
N THR J 14 -32.32 56.29 -23.40
CA THR J 14 -33.37 55.43 -22.88
C THR J 14 -32.85 54.59 -21.71
N ASP J 15 -33.72 54.40 -20.72
CA ASP J 15 -33.35 53.61 -19.55
C ASP J 15 -33.51 52.12 -19.86
N PRO J 16 -32.44 51.33 -19.81
CA PRO J 16 -32.59 49.90 -20.11
C PRO J 16 -33.42 49.15 -19.09
N LEU J 17 -33.45 49.63 -17.83
CA LEU J 17 -34.12 48.91 -16.76
C LEU J 17 -35.58 49.33 -16.57
N LYS J 18 -36.08 50.26 -17.38
CA LYS J 18 -37.45 50.76 -17.24
C LYS J 18 -38.21 50.72 -18.56
N GLU J 19 -38.09 49.60 -19.28
CA GLU J 19 -38.92 49.40 -20.47
C GLU J 19 -40.34 49.03 -20.06
N ASP J 20 -41.31 49.55 -20.81
CA ASP J 20 -42.71 49.35 -20.46
C ASP J 20 -43.13 47.92 -20.80
N PRO J 21 -43.55 47.11 -19.82
CA PRO J 21 -43.99 45.73 -20.09
C PRO J 21 -45.47 45.63 -20.40
N THR J 22 -45.93 46.42 -21.37
CA THR J 22 -47.36 46.40 -21.72
C THR J 22 -47.70 45.21 -22.61
N VAL J 23 -46.89 44.95 -23.63
CA VAL J 23 -47.10 43.84 -24.54
C VAL J 23 -45.88 42.94 -24.49
N ILE J 24 -46.08 41.67 -24.19
CA ILE J 24 -45.02 40.66 -24.17
C ILE J 24 -45.26 39.72 -25.33
N ARG J 25 -44.24 39.52 -26.16
CA ARG J 25 -44.40 38.74 -27.39
C ARG J 25 -43.08 38.10 -27.73
N ASP J 26 -42.99 36.78 -27.58
CA ASP J 26 -41.81 36.02 -27.98
C ASP J 26 -42.13 35.16 -29.21
N GLU J 27 -41.11 35.00 -30.06
CA GLU J 27 -41.23 34.24 -31.30
C GLU J 27 -40.06 33.27 -31.38
N ALA J 28 -40.26 32.07 -30.84
CA ALA J 28 -39.24 31.03 -30.85
C ALA J 28 -39.91 29.67 -31.06
N GLN J 29 -39.57 29.02 -32.18
CA GLN J 29 -40.04 27.66 -32.41
C GLN J 29 -39.31 26.70 -31.48
N PHE J 30 -40.06 25.75 -30.92
CA PHE J 30 -39.49 24.82 -29.96
C PHE J 30 -38.35 23.98 -30.54
N PRO J 31 -38.46 23.38 -31.73
CA PRO J 31 -37.27 22.76 -32.32
C PRO J 31 -36.34 23.83 -32.85
N GLU J 32 -35.59 24.44 -31.94
CA GLU J 32 -34.81 25.63 -32.29
C GLU J 32 -33.65 25.26 -33.21
N PRO J 33 -33.59 25.83 -34.41
CA PRO J 33 -32.46 25.53 -35.31
C PRO J 33 -31.12 25.97 -34.76
N SER J 34 -31.09 26.94 -33.85
CA SER J 34 -29.84 27.37 -33.24
C SER J 34 -29.30 26.31 -32.29
N LEU J 35 -30.19 25.65 -31.54
CA LEU J 35 -29.78 24.68 -30.53
C LEU J 35 -29.79 23.25 -31.04
N TYR J 36 -30.52 22.95 -32.11
CA TYR J 36 -30.67 21.56 -32.57
C TYR J 36 -29.57 21.16 -33.54
N PHE J 37 -29.45 21.91 -34.64
CA PHE J 37 -28.46 21.62 -35.68
C PHE J 37 -27.10 22.17 -35.23
N LYS J 38 -26.49 21.47 -34.28
CA LYS J 38 -25.20 21.91 -33.74
C LYS J 38 -24.48 20.71 -33.14
N VAL J 39 -23.17 20.66 -33.36
CA VAL J 39 -22.31 19.62 -32.80
C VAL J 39 -21.40 20.26 -31.78
N PHE J 40 -21.37 19.69 -30.58
CA PHE J 40 -20.60 20.24 -29.47
C PHE J 40 -19.29 19.48 -29.28
N GLU J 41 -18.25 20.20 -28.86
CA GLU J 41 -17.01 19.56 -28.46
C GLU J 41 -17.14 18.85 -27.12
N SER J 42 -18.16 19.19 -26.34
CA SER J 42 -18.44 18.47 -25.11
C SER J 42 -18.81 17.01 -25.39
N GLU J 43 -19.31 16.73 -26.59
CA GLU J 43 -19.68 15.38 -27.00
C GLU J 43 -18.53 14.82 -27.84
N ALA J 44 -17.53 14.28 -27.16
CA ALA J 44 -16.33 13.75 -27.81
C ALA J 44 -16.20 12.24 -27.72
N GLY J 45 -16.50 11.65 -26.58
CA GLY J 45 -16.45 10.23 -26.40
C GLY J 45 -17.71 9.48 -26.77
N GLU J 46 -18.71 10.18 -27.33
CA GLU J 46 -19.97 9.56 -27.71
C GLU J 46 -19.91 9.14 -29.16
N PRO J 47 -20.11 7.85 -29.48
CA PRO J 47 -19.94 7.41 -30.86
C PRO J 47 -21.05 7.91 -31.79
N GLU J 48 -22.31 7.87 -31.35
CA GLU J 48 -23.41 8.24 -32.23
C GLU J 48 -23.25 9.64 -32.80
N ALA J 49 -22.73 10.57 -32.00
CA ALA J 49 -22.54 11.93 -32.46
C ALA J 49 -21.73 11.98 -33.75
N LYS J 50 -20.73 11.10 -33.88
CA LYS J 50 -19.95 11.05 -35.11
C LYS J 50 -20.85 10.95 -36.32
N ILE J 51 -21.77 9.99 -36.31
CA ILE J 51 -22.72 9.85 -37.41
C ILE J 51 -23.47 11.16 -37.62
N ARG J 52 -24.01 11.72 -36.53
CA ARG J 52 -24.71 12.98 -36.61
C ARG J 52 -23.85 14.04 -37.28
N ALA J 53 -22.57 14.09 -36.90
CA ALA J 53 -21.66 15.07 -37.49
C ALA J 53 -21.70 14.98 -39.01
N ASP J 54 -21.52 13.77 -39.55
CA ASP J 54 -21.55 13.62 -41.00
C ASP J 54 -22.88 14.10 -41.57
N VAL J 55 -23.99 13.72 -40.92
CA VAL J 55 -25.29 14.16 -41.37
C VAL J 55 -25.34 15.69 -41.42
N ASN J 56 -24.85 16.33 -40.36
CA ASN J 56 -24.84 17.80 -40.34
C ASN J 56 -24.11 18.35 -41.55
N LYS J 57 -22.94 17.77 -41.87
CA LYS J 57 -22.20 18.22 -43.03
C LYS J 57 -23.06 18.13 -44.28
N LEU J 58 -23.74 16.99 -44.47
CA LEU J 58 -24.62 16.83 -45.61
C LEU J 58 -25.62 17.97 -45.67
N TYR J 59 -26.25 18.27 -44.54
CA TYR J 59 -27.20 19.38 -44.50
C TYR J 59 -26.57 20.64 -45.06
N ASP J 60 -25.39 21.00 -44.55
CA ASP J 60 -24.74 22.22 -45.01
C ASP J 60 -24.48 22.14 -46.51
N ARG J 61 -24.01 20.99 -46.99
CA ARG J 61 -23.76 20.84 -48.42
C ARG J 61 -25.03 21.11 -49.22
N TRP J 62 -26.16 20.57 -48.77
CA TRP J 62 -27.41 20.83 -49.48
C TRP J 62 -27.76 22.31 -49.42
N ILE J 63 -27.54 22.94 -48.26
CA ILE J 63 -27.80 24.37 -48.14
C ILE J 63 -26.87 25.14 -49.08
N GLU J 64 -25.70 24.60 -49.37
CA GLU J 64 -24.78 25.25 -50.30
C GLU J 64 -25.18 25.09 -51.75
N LYS J 65 -26.10 24.17 -52.05
CA LYS J 65 -26.51 23.90 -53.42
C LYS J 65 -27.97 24.21 -53.69
N TYR J 66 -28.87 23.88 -52.76
CA TYR J 66 -30.30 24.15 -52.92
C TYR J 66 -30.85 25.11 -51.89
N GLY J 67 -30.17 25.33 -50.77
CA GLY J 67 -30.62 26.30 -49.79
C GLY J 67 -31.85 25.92 -49.01
N ARG J 68 -32.16 24.62 -48.93
CA ARG J 68 -33.36 24.16 -48.25
C ARG J 68 -33.12 23.04 -47.25
N ARG J 69 -31.87 22.60 -47.09
CA ARG J 69 -31.55 21.48 -46.20
C ARG J 69 -32.28 20.21 -46.60
N TRP J 70 -32.50 20.03 -47.90
CA TRP J 70 -33.21 18.88 -48.41
C TRP J 70 -32.71 18.63 -49.83
N PRO J 71 -32.32 17.40 -50.16
CA PRO J 71 -31.73 17.13 -51.47
C PRO J 71 -32.76 16.79 -52.53
N GLU J 72 -32.53 17.30 -53.74
CA GLU J 72 -33.22 16.79 -54.90
C GLU J 72 -32.71 15.39 -55.22
N ASP J 73 -33.61 14.54 -55.70
CA ASP J 73 -33.35 13.09 -55.79
C ASP J 73 -33.08 12.63 -54.36
N GLY J 74 -31.95 12.01 -54.07
CA GLY J 74 -31.61 11.62 -52.72
C GLY J 74 -30.11 11.55 -52.55
N ILE J 75 -29.66 10.67 -51.66
CA ILE J 75 -28.23 10.46 -51.49
C ILE J 75 -27.68 9.76 -52.73
N ASN J 76 -26.70 10.39 -53.37
CA ASN J 76 -26.17 9.92 -54.64
C ASN J 76 -24.93 9.07 -54.40
N THR J 77 -24.34 8.59 -55.51
CA THR J 77 -23.13 7.79 -55.41
C THR J 77 -21.93 8.64 -55.03
N GLU J 78 -21.90 9.91 -55.45
CA GLU J 78 -20.78 10.79 -55.16
C GLU J 78 -20.84 11.42 -53.79
N ASP J 79 -22.01 11.41 -53.14
CA ASP J 79 -22.10 11.95 -51.78
C ASP J 79 -21.27 11.14 -50.80
N MET J 80 -21.30 9.81 -50.93
CA MET J 80 -20.49 8.96 -50.06
C MET J 80 -19.00 9.20 -50.30
N VAL J 81 -18.61 9.35 -51.57
CA VAL J 81 -17.21 9.62 -51.90
C VAL J 81 -16.77 10.95 -51.30
N TRP J 82 -17.61 11.98 -51.43
CA TRP J 82 -17.28 13.27 -50.84
C TRP J 82 -17.17 13.18 -49.32
N LEU J 83 -18.11 12.49 -48.69
CA LEU J 83 -18.11 12.39 -47.23
C LEU J 83 -16.98 11.50 -46.72
N ALA J 84 -16.40 10.65 -47.57
CA ALA J 84 -15.31 9.78 -47.15
C ALA J 84 -13.94 10.46 -47.26
N GLU J 85 -13.68 11.12 -48.38
CA GLU J 85 -12.38 11.74 -48.63
C GLU J 85 -12.40 13.25 -48.41
N GLU J 86 -13.27 13.96 -49.12
CA GLU J 86 -13.21 15.42 -49.16
C GLU J 86 -13.74 16.09 -47.90
N ALA J 87 -14.71 15.46 -47.23
CA ALA J 87 -15.40 16.11 -46.12
C ALA J 87 -14.45 16.46 -44.97
N ASN J 88 -13.87 15.44 -44.34
CA ASN J 88 -12.99 15.63 -43.19
C ASN J 88 -11.65 14.98 -43.45
N LYS J 89 -10.58 15.66 -43.06
CA LYS J 89 -9.21 15.17 -43.22
C LYS J 89 -8.53 15.05 -41.87
N ARG J 90 -7.58 14.12 -41.79
CA ARG J 90 -6.85 13.85 -40.57
C ARG J 90 -5.38 14.15 -40.77
N LYS J 91 -4.70 14.52 -39.69
CA LYS J 91 -3.29 14.90 -39.76
C LYS J 91 -2.40 13.68 -39.96
N ARG J 92 -1.48 13.79 -40.92
CA ARG J 92 -0.43 12.82 -41.18
C ARG J 92 0.92 13.49 -40.88
N ALA J 93 2.02 12.76 -41.09
CA ALA J 93 3.31 13.31 -40.70
C ALA J 93 4.11 13.78 -41.91
N LYS J 94 4.46 12.88 -42.82
CA LYS J 94 5.21 13.24 -44.01
C LYS J 94 5.21 12.14 -45.06
N PRO J 95 4.98 12.46 -46.32
CA PRO J 95 5.22 11.51 -47.40
C PRO J 95 6.64 11.62 -47.93
N ARG J 96 7.05 10.58 -48.67
CA ARG J 96 8.37 10.56 -49.30
C ARG J 96 8.39 9.57 -50.45
N PRO J 97 7.66 9.83 -51.53
CA PRO J 97 7.56 8.86 -52.63
C PRO J 97 8.83 8.83 -53.47
N ARG J 98 8.85 7.90 -54.41
CA ARG J 98 9.96 7.75 -55.34
C ARG J 98 9.41 7.39 -56.72
N GLY J 99 10.21 7.65 -57.75
CA GLY J 99 9.76 7.51 -59.12
C GLY J 99 10.27 6.30 -59.89
N THR J 100 10.79 5.28 -59.21
CA THR J 100 11.30 4.10 -59.90
C THR J 100 10.93 2.86 -59.10
N VAL J 101 10.55 1.80 -59.82
CA VAL J 101 10.19 0.54 -59.20
C VAL J 101 11.44 -0.17 -58.71
N ALA J 102 11.27 -1.06 -57.72
CA ALA J 102 12.37 -1.84 -57.17
C ALA J 102 12.04 -3.32 -57.12
N ALA J 103 11.00 -3.76 -57.82
CA ALA J 103 10.60 -5.16 -57.84
C ALA J 103 10.39 -5.58 -59.29
N GLU J 104 10.23 -6.90 -59.49
CA GLU J 104 10.07 -7.49 -60.81
C GLU J 104 8.75 -8.22 -60.89
N LYS J 105 8.02 -8.01 -61.98
CA LYS J 105 6.75 -8.66 -62.24
C LYS J 105 6.87 -9.89 -63.13
N THR J 106 8.10 -10.40 -63.31
CA THR J 106 8.30 -11.60 -64.12
C THR J 106 7.72 -12.85 -63.48
N GLU J 107 7.25 -12.74 -62.23
CA GLU J 107 6.61 -13.87 -61.55
C GLU J 107 5.19 -14.02 -62.10
N TYR J 108 4.39 -14.86 -61.44
CA TYR J 108 3.02 -15.12 -61.86
C TYR J 108 2.27 -13.81 -62.09
N GLU J 109 1.60 -13.73 -63.24
CA GLU J 109 1.02 -12.46 -63.69
C GLU J 109 -0.09 -12.01 -62.75
N ASP J 110 -0.42 -10.72 -62.85
CA ASP J 110 -1.38 -10.06 -61.97
C ASP J 110 -0.97 -10.22 -60.51
N GLU J 111 0.32 -9.98 -60.24
CA GLU J 111 0.87 -10.06 -58.90
C GLU J 111 0.82 -8.73 -58.17
N PHE J 112 1.21 -7.64 -58.83
CA PHE J 112 1.16 -6.30 -58.26
C PHE J 112 0.10 -5.50 -59.01
N MET J 113 -0.76 -4.82 -58.25
CA MET J 113 -1.78 -3.99 -58.87
C MET J 113 -1.13 -2.82 -59.59
N PRO J 114 -1.64 -2.43 -60.76
CA PRO J 114 -0.98 -1.42 -61.57
C PRO J 114 -1.05 -0.04 -60.92
N ASP J 115 -0.08 0.80 -61.29
CA ASP J 115 -0.01 2.18 -60.84
C ASP J 115 0.69 3.03 -61.90
N PRO J 116 -0.02 3.92 -62.60
CA PRO J 116 0.57 4.74 -63.65
C PRO J 116 1.56 5.78 -63.09
N GLY J 152 -12.86 15.61 -65.15
CA GLY J 152 -12.13 15.84 -63.92
C GLY J 152 -11.43 14.60 -63.38
N PRO J 153 -10.22 14.33 -63.88
CA PRO J 153 -9.48 13.16 -63.40
C PRO J 153 -8.63 13.47 -62.17
N ARG J 154 -8.91 14.61 -61.54
CA ARG J 154 -8.05 15.09 -60.45
C ARG J 154 -8.03 14.11 -59.30
N THR J 155 -9.19 13.67 -58.82
CA THR J 155 -9.28 12.73 -57.71
C THR J 155 -10.55 11.91 -57.88
N ASN J 156 -10.82 11.07 -56.87
CA ASN J 156 -11.99 10.19 -56.92
C ASN J 156 -13.29 10.98 -56.95
N TYR J 157 -13.39 12.04 -56.13
CA TYR J 157 -14.61 12.84 -56.12
C TYR J 157 -14.81 13.55 -57.45
N GLU J 158 -13.73 14.06 -58.05
CA GLU J 158 -13.84 14.74 -59.34
C GLU J 158 -14.34 13.79 -60.42
N LYS J 159 -13.84 12.55 -60.43
CA LYS J 159 -14.28 11.58 -61.42
C LYS J 159 -15.71 11.11 -61.16
N THR J 160 -16.07 10.94 -59.89
CA THR J 160 -17.39 10.43 -59.55
C THR J 160 -18.49 11.40 -59.98
N VAL J 161 -18.28 12.70 -59.76
CA VAL J 161 -19.24 13.70 -60.19
C VAL J 161 -19.23 13.90 -61.70
N ALA J 162 -18.24 13.35 -62.39
CA ALA J 162 -18.15 13.43 -63.84
C ALA J 162 -18.71 12.20 -64.54
N GLY J 163 -19.41 11.34 -63.81
CA GLY J 163 -20.00 10.16 -64.40
C GLY J 163 -19.18 8.90 -64.21
N GLY J 164 -18.78 8.63 -62.96
CA GLY J 164 -18.02 7.41 -62.65
C GLY J 164 -18.89 6.40 -61.93
N LYS J 165 -19.14 5.24 -62.53
CA LYS J 165 -20.09 4.26 -61.92
C LYS J 165 -19.60 3.75 -60.57
N TRP J 166 -18.31 3.42 -60.45
CA TRP J 166 -17.75 2.88 -59.18
C TRP J 166 -18.47 1.60 -58.77
N VAL J 167 -18.97 0.82 -59.74
CA VAL J 167 -19.79 -0.39 -59.39
C VAL J 167 -18.95 -1.66 -59.44
N THR J 168 -17.76 -1.61 -60.04
CA THR J 168 -16.98 -2.86 -60.19
C THR J 168 -16.58 -3.40 -58.81
N ASP J 169 -16.67 -4.71 -58.60
CA ASP J 169 -16.21 -5.33 -57.32
C ASP J 169 -15.18 -6.41 -57.67
N GLU J 170 -14.15 -6.60 -56.83
CA GLU J 170 -13.11 -7.57 -57.12
C GLU J 170 -12.26 -7.79 -55.88
N PHE J 171 -11.78 -9.03 -55.72
CA PHE J 171 -10.77 -9.40 -54.72
C PHE J 171 -11.31 -9.36 -53.29
N GLU J 172 -10.60 -10.01 -52.37
CA GLU J 172 -10.96 -10.06 -50.97
C GLU J 172 -10.18 -9.01 -50.18
N SER J 173 -10.62 -8.77 -48.94
CA SER J 173 -10.05 -7.69 -48.13
C SER J 173 -8.69 -8.08 -47.56
N ALA J 174 -8.50 -9.37 -47.26
CA ALA J 174 -7.27 -9.80 -46.60
C ALA J 174 -6.04 -9.50 -47.43
N ASP J 175 -6.14 -9.66 -48.76
CA ASP J 175 -5.00 -9.37 -49.63
C ASP J 175 -4.62 -7.89 -49.56
N TYR J 176 -5.63 -7.01 -49.60
CA TYR J 176 -5.35 -5.58 -49.51
C TYR J 176 -4.77 -5.21 -48.16
N GLU J 177 -5.29 -5.80 -47.08
CA GLU J 177 -4.74 -5.51 -45.76
C GLU J 177 -3.30 -5.99 -45.62
N ALA J 178 -3.00 -7.18 -46.16
CA ALA J 178 -1.63 -7.68 -46.14
C ALA J 178 -0.71 -6.78 -46.95
N GLY J 179 -1.17 -6.33 -48.12
CA GLY J 179 -0.36 -5.41 -48.91
C GLY J 179 -0.12 -4.10 -48.20
N ASN J 180 -1.14 -3.57 -47.53
CA ASN J 180 -0.97 -2.33 -46.77
C ASN J 180 0.04 -2.51 -45.65
N LEU J 181 -0.05 -3.62 -44.91
CA LEU J 181 0.92 -3.89 -43.85
C LEU J 181 2.33 -4.05 -44.42
N GLU J 182 2.45 -4.73 -45.56
CA GLU J 182 3.75 -4.95 -46.17
C GLU J 182 4.38 -3.64 -46.63
N LYS J 183 3.59 -2.75 -47.21
CA LYS J 183 4.11 -1.45 -47.62
C LYS J 183 4.39 -0.56 -46.42
N LEU J 184 3.64 -0.71 -45.34
CA LEU J 184 3.90 0.07 -44.14
C LEU J 184 5.21 -0.35 -43.48
N TRP J 185 5.45 -1.66 -43.41
CA TRP J 185 6.71 -2.16 -42.86
C TRP J 185 7.88 -1.91 -43.79
N ASP J 186 7.61 -1.81 -45.10
CA ASP J 186 8.66 -1.76 -46.13
C ASP J 186 9.57 -2.98 -46.04
N MET J 187 9.00 -4.13 -45.71
CA MET J 187 9.70 -5.41 -45.64
C MET J 187 8.93 -6.46 -46.45
N TYR J 188 9.35 -7.71 -46.33
CA TYR J 188 8.64 -8.85 -46.88
C TYR J 188 8.14 -9.69 -45.73
N LEU J 189 6.83 -9.67 -45.48
CA LEU J 189 6.24 -10.39 -44.38
C LEU J 189 5.75 -11.78 -44.75
N TRP J 190 5.59 -12.07 -46.04
CA TRP J 190 5.21 -13.39 -46.50
C TRP J 190 6.12 -13.83 -47.64
N ASP J 191 6.41 -15.13 -47.67
CA ASP J 191 7.30 -15.68 -48.68
C ASP J 191 6.49 -16.13 -49.90
N ARG J 192 7.15 -16.85 -50.81
CA ARG J 192 6.47 -17.31 -52.02
C ARG J 192 5.34 -18.30 -51.69
N GLU J 193 5.57 -19.20 -50.73
CA GLU J 193 4.57 -20.22 -50.43
C GLU J 193 3.37 -19.63 -49.69
N GLY J 194 3.54 -18.53 -48.99
CA GLY J 194 2.48 -17.92 -48.23
C GLY J 194 2.60 -18.07 -46.72
N LYS J 195 3.74 -18.52 -46.22
CA LYS J 195 3.92 -18.66 -44.78
C LYS J 195 4.61 -17.44 -44.20
N PRO J 196 4.17 -16.97 -43.04
CA PRO J 196 4.73 -15.74 -42.48
C PRO J 196 6.22 -15.89 -42.16
N THR J 197 6.97 -14.81 -42.39
CA THR J 197 8.40 -14.80 -42.13
C THR J 197 8.79 -14.05 -40.86
N MET J 198 7.91 -13.20 -40.32
CA MET J 198 8.21 -12.42 -39.14
C MET J 198 7.41 -12.83 -37.91
N MET J 199 6.44 -13.72 -38.06
CA MET J 199 5.66 -14.25 -36.95
C MET J 199 5.61 -15.76 -37.06
N PRO J 200 5.38 -16.46 -35.94
CA PRO J 200 5.35 -17.93 -36.00
C PRO J 200 4.28 -18.44 -36.96
N ASP J 201 4.62 -19.52 -37.66
CA ASP J 201 3.72 -20.13 -38.63
C ASP J 201 3.16 -21.46 -38.15
N THR J 202 3.72 -22.05 -37.10
CA THR J 202 3.20 -23.29 -36.55
C THR J 202 1.87 -23.03 -35.84
N PRO J 203 1.01 -24.05 -35.75
CA PRO J 203 -0.23 -23.88 -34.99
C PRO J 203 0.06 -23.51 -33.54
N ALA J 204 -0.78 -22.63 -33.00
CA ALA J 204 -0.58 -22.16 -31.63
C ALA J 204 -0.71 -23.31 -30.64
N ALA J 205 0.25 -23.40 -29.72
CA ALA J 205 0.22 -24.45 -28.70
C ALA J 205 -0.86 -24.13 -27.69
N GLN J 206 -1.88 -25.00 -27.60
CA GLN J 206 -2.92 -24.81 -26.61
C GLN J 206 -2.36 -24.92 -25.20
N GLN J 207 -1.44 -25.86 -24.98
CA GLN J 207 -0.67 -25.87 -23.74
C GLN J 207 0.29 -24.69 -23.73
N GLU J 208 0.83 -24.40 -22.54
CA GLU J 208 1.69 -23.26 -22.25
C GLU J 208 0.93 -21.94 -22.30
N GLY J 209 -0.39 -21.97 -22.47
CA GLY J 209 -1.22 -20.78 -22.42
C GLY J 209 -1.33 -19.99 -23.69
N GLU J 210 -0.72 -20.43 -24.78
CA GLU J 210 -0.75 -19.66 -26.03
C GLU J 210 -2.05 -19.91 -26.78
N GLU J 211 -2.46 -18.91 -27.55
CA GLU J 211 -3.67 -18.99 -28.36
C GLU J 211 -3.38 -18.42 -29.75
N SER J 212 -4.18 -18.85 -30.72
CA SER J 212 -3.99 -18.41 -32.09
C SER J 212 -4.28 -16.92 -32.24
N GLU J 213 -3.57 -16.28 -33.17
CA GLU J 213 -3.71 -14.85 -33.41
C GLU J 213 -3.67 -14.60 -34.90
N ASP J 214 -4.55 -13.74 -35.38
CA ASP J 214 -4.56 -13.39 -36.79
C ASP J 214 -3.44 -12.42 -37.12
N PHE J 215 -3.08 -12.35 -38.40
CA PHE J 215 -1.96 -11.52 -38.82
C PHE J 215 -2.27 -10.04 -38.65
N ASP J 216 -3.51 -9.62 -38.88
CA ASP J 216 -3.88 -8.22 -38.78
C ASP J 216 -3.81 -7.68 -37.36
N ASP J 217 -3.68 -8.55 -36.37
CA ASP J 217 -3.44 -8.15 -34.98
C ASP J 217 -1.98 -8.26 -34.57
N PHE J 218 -1.30 -9.33 -34.97
CA PHE J 218 0.09 -9.51 -34.59
C PHE J 218 1.00 -8.51 -35.30
N TYR J 219 0.75 -8.23 -36.57
CA TYR J 219 1.55 -7.28 -37.31
C TYR J 219 1.20 -5.84 -36.98
N THR J 220 0.23 -5.59 -36.12
CA THR J 220 -0.12 -4.25 -35.68
C THR J 220 0.22 -3.99 -34.22
N ALA J 221 0.17 -5.01 -33.35
CA ALA J 221 0.60 -4.88 -31.97
C ALA J 221 2.10 -5.10 -31.80
N TYR J 222 2.82 -5.39 -32.89
CA TYR J 222 4.26 -5.61 -32.88
C TYR J 222 4.80 -5.01 -34.17
N ARG J 223 5.39 -3.82 -34.08
CA ARG J 223 5.71 -3.04 -35.27
C ARG J 223 7.10 -2.43 -35.19
N PRO J 224 7.67 -1.91 -36.30
CA PRO J 224 9.06 -1.43 -36.29
C PRO J 224 9.25 -0.05 -35.68
N ARG J 225 8.29 0.42 -34.90
CA ARG J 225 8.46 1.57 -34.02
C ARG J 225 8.51 2.89 -34.80
N ASP J 226 8.54 2.81 -36.13
CA ASP J 226 8.35 3.98 -36.98
C ASP J 226 6.93 4.02 -37.55
N VAL J 227 6.05 3.17 -37.04
CA VAL J 227 4.65 3.14 -37.42
C VAL J 227 3.83 3.33 -36.15
N ASP J 228 2.89 4.27 -36.18
CA ASP J 228 2.08 4.60 -35.02
C ASP J 228 0.76 3.84 -35.04
N SER J 229 0.00 4.00 -33.96
CA SER J 229 -1.26 3.26 -33.81
C SER J 229 -2.27 3.67 -34.87
N GLU J 230 -2.35 4.97 -35.19
CA GLU J 230 -3.33 5.43 -36.16
C GLU J 230 -3.06 4.89 -37.55
N GLU J 231 -1.79 4.91 -37.99
CA GLU J 231 -1.45 4.34 -39.29
C GLU J 231 -1.70 2.84 -39.33
N ALA J 232 -1.39 2.15 -38.24
CA ALA J 232 -1.65 0.71 -38.18
C ALA J 232 -3.14 0.42 -38.31
N ARG J 233 -3.97 1.18 -37.60
CA ARG J 233 -5.41 1.01 -37.72
C ARG J 233 -5.91 1.32 -39.13
N GLU J 234 -5.36 2.38 -39.74
CA GLU J 234 -5.79 2.75 -41.08
C GLU J 234 -5.37 1.71 -42.12
N ALA J 235 -4.27 1.00 -41.87
CA ALA J 235 -3.77 0.03 -42.84
C ALA J 235 -4.61 -1.25 -42.86
N VAL J 236 -5.20 -1.62 -41.73
CA VAL J 236 -5.91 -2.90 -41.62
C VAL J 236 -7.42 -2.71 -41.73
N TRP J 237 -7.88 -1.58 -42.25
CA TRP J 237 -9.29 -1.32 -42.53
C TRP J 237 -10.15 -1.49 -41.28
N ALA J 238 -9.91 -0.61 -40.31
CA ALA J 238 -10.75 -0.50 -39.13
C ALA J 238 -11.69 0.68 -39.31
N THR J 239 -12.95 0.41 -39.59
CA THR J 239 -13.92 1.45 -39.95
C THR J 239 -15.11 1.56 -39.04
N ASP J 240 -15.62 0.45 -38.48
CA ASP J 240 -16.85 0.50 -37.70
C ASP J 240 -16.66 1.33 -36.44
N GLU J 241 -17.62 2.22 -36.17
CA GLU J 241 -17.53 3.08 -35.00
C GLU J 241 -17.90 2.34 -33.72
N PHE J 242 -18.86 1.42 -33.80
CA PHE J 242 -19.43 0.84 -32.59
C PHE J 242 -18.72 -0.43 -32.14
N GLU J 243 -18.22 -1.25 -33.08
CA GLU J 243 -17.64 -2.54 -32.73
C GLU J 243 -16.16 -2.67 -32.99
N SER J 244 -15.59 -1.88 -33.91
CA SER J 244 -14.16 -1.94 -34.21
C SER J 244 -13.36 -0.94 -33.39
N ASP J 245 -13.93 -0.41 -32.30
CA ASP J 245 -13.24 0.54 -31.45
C ASP J 245 -13.58 0.26 -29.99
N GLU J 246 -12.57 0.36 -29.13
CA GLU J 246 -12.76 0.22 -27.69
C GLU J 246 -11.97 1.31 -26.98
N ASP J 247 -12.40 1.62 -25.76
CA ASP J 247 -11.81 2.68 -24.95
C ASP J 247 -10.81 2.06 -23.98
N ASN J 248 -9.61 2.63 -23.94
CA ASN J 248 -8.57 2.14 -23.06
C ASN J 248 -8.90 2.46 -21.60
N THR J 249 -8.26 1.71 -20.70
CA THR J 249 -8.52 1.88 -19.27
C THR J 249 -8.15 3.27 -18.78
N GLU J 250 -7.03 3.81 -19.26
CA GLU J 250 -6.52 5.09 -18.79
C GLU J 250 -6.95 6.26 -19.67
N SER J 251 -7.83 6.03 -20.64
CA SER J 251 -8.25 7.09 -21.55
C SER J 251 -9.77 7.22 -21.64
N GLU J 252 -10.54 6.58 -20.76
CA GLU J 252 -11.99 6.67 -20.81
C GLU J 252 -12.46 7.95 -20.11
N TRP J 253 -13.63 8.43 -20.53
CA TRP J 253 -14.17 9.67 -19.99
C TRP J 253 -14.69 9.46 -18.58
N ALA J 254 -14.50 10.47 -17.73
CA ALA J 254 -14.94 10.44 -16.35
C ALA J 254 -15.38 11.84 -15.95
N PRO J 255 -16.31 11.96 -15.00
CA PRO J 255 -16.71 13.29 -14.54
C PRO J 255 -15.55 14.00 -13.85
N GLU J 256 -15.55 15.33 -13.96
CA GLU J 256 -14.48 16.12 -13.36
C GLU J 256 -14.61 16.13 -11.84
N TYR J 257 -13.49 16.46 -11.20
CA TYR J 257 -13.44 16.70 -9.76
C TYR J 257 -13.13 18.17 -9.55
N VAL J 258 -14.03 18.88 -8.88
CA VAL J 258 -13.89 20.30 -8.65
C VAL J 258 -13.82 20.66 -7.18
N GLY J 259 -13.99 19.70 -6.28
CA GLY J 259 -13.98 20.01 -4.86
C GLY J 259 -15.11 20.96 -4.51
N ALA J 260 -14.75 22.09 -3.89
CA ALA J 260 -15.74 23.12 -3.59
C ALA J 260 -16.15 23.91 -4.82
N GLY J 261 -15.38 23.84 -5.90
CA GLY J 261 -15.74 24.53 -7.13
C GLY J 261 -15.69 26.03 -7.04
N LEU J 262 -14.77 26.60 -6.26
CA LEU J 262 -14.67 28.04 -6.10
C LEU J 262 -13.80 28.67 -7.19
N GLY J 263 -12.55 28.22 -7.28
CA GLY J 263 -11.65 28.76 -8.29
C GLY J 263 -11.72 28.01 -9.61
N LEU J 264 -12.48 28.54 -10.55
CA LEU J 264 -12.66 27.93 -11.86
C LEU J 264 -12.76 29.01 -12.92
N VAL J 265 -12.40 28.66 -14.15
CA VAL J 265 -12.57 29.57 -15.27
C VAL J 265 -14.03 29.51 -15.74
N ALA J 266 -14.69 30.67 -15.75
CA ALA J 266 -16.11 30.74 -16.09
C ALA J 266 -16.26 30.89 -17.60
N GLU J 267 -16.84 29.87 -18.23
CA GLU J 267 -17.11 29.96 -19.67
C GLU J 267 -18.13 31.05 -19.95
N ASP J 268 -19.17 31.14 -19.12
CA ASP J 268 -20.12 32.24 -19.14
C ASP J 268 -19.91 33.10 -17.92
N PRO J 269 -19.37 34.31 -18.06
CA PRO J 269 -19.04 35.11 -16.87
C PRO J 269 -20.23 35.44 -16.00
N LEU J 270 -21.41 35.63 -16.60
CA LEU J 270 -22.59 35.98 -15.82
C LEU J 270 -23.01 34.84 -14.89
N ASN J 271 -22.97 33.61 -15.39
CA ASN J 271 -23.39 32.44 -14.62
C ASN J 271 -22.22 31.49 -14.44
N PRO J 272 -21.53 31.51 -13.30
CA PRO J 272 -20.43 30.56 -13.07
C PRO J 272 -20.89 29.15 -12.74
N GLN J 273 -22.19 28.94 -12.51
CA GLN J 273 -22.68 27.59 -12.25
C GLN J 273 -22.66 26.74 -13.51
N TYR J 274 -22.61 27.37 -14.69
CA TYR J 274 -22.60 26.64 -15.94
C TYR J 274 -21.35 25.78 -16.07
N SER J 275 -20.29 26.12 -15.35
CA SER J 275 -19.04 25.38 -15.43
C SER J 275 -19.02 24.11 -14.58
N LEU J 276 -20.07 23.87 -13.79
CA LEU J 276 -20.16 22.69 -12.95
C LEU J 276 -20.96 21.56 -13.59
N ARG J 277 -21.31 21.69 -14.88
CA ARG J 277 -22.19 20.73 -15.52
C ARG J 277 -21.53 19.37 -15.74
N HIS J 278 -20.20 19.30 -15.67
CA HIS J 278 -19.48 18.06 -15.96
C HIS J 278 -18.95 17.40 -14.69
N SER J 279 -19.49 17.74 -13.53
CA SER J 279 -19.04 17.17 -12.26
C SER J 279 -20.24 16.63 -11.48
N ASN J 280 -19.96 16.11 -10.29
CA ASN J 280 -20.99 15.63 -9.38
C ASN J 280 -21.19 16.60 -8.21
N HIS J 281 -20.91 17.87 -8.43
CA HIS J 281 -21.09 18.88 -7.40
C HIS J 281 -22.57 18.97 -7.02
N PRO J 282 -22.88 19.24 -5.74
CA PRO J 282 -24.29 19.34 -5.34
C PRO J 282 -25.06 20.40 -6.09
N LEU J 283 -24.40 21.46 -6.56
CA LEU J 283 -25.05 22.54 -7.29
C LEU J 283 -24.86 22.40 -8.79
N ALA J 284 -24.57 21.20 -9.29
CA ALA J 284 -24.43 21.00 -10.72
C ALA J 284 -25.79 21.08 -11.40
N PRO J 285 -25.87 21.73 -12.57
CA PRO J 285 -27.16 21.88 -13.25
C PRO J 285 -27.68 20.55 -13.78
N PHE J 286 -28.93 20.22 -13.42
CA PHE J 286 -29.65 19.07 -13.94
C PHE J 286 -28.89 17.77 -13.72
N PRO J 287 -28.79 17.29 -12.47
CA PRO J 287 -28.07 16.02 -12.25
C PRO J 287 -28.69 14.84 -12.96
N GLY J 288 -30.03 14.80 -13.08
CA GLY J 288 -30.75 13.67 -13.65
C GLY J 288 -31.78 13.08 -12.71
N GLU J 289 -31.46 13.01 -11.42
CA GLU J 289 -32.38 12.57 -10.39
C GLU J 289 -32.45 13.66 -9.34
N PRO J 290 -33.64 14.12 -8.98
CA PRO J 290 -33.76 15.25 -8.06
C PRO J 290 -33.15 14.94 -6.69
N LEU J 291 -32.54 15.96 -6.10
CA LEU J 291 -32.03 15.82 -4.74
C LEU J 291 -33.19 15.60 -3.78
N LYS J 292 -33.02 14.63 -2.88
CA LYS J 292 -34.11 14.19 -2.02
C LYS J 292 -33.80 14.51 -0.57
N TRP J 293 -34.84 14.87 0.17
CA TRP J 293 -34.74 15.15 1.61
C TRP J 293 -34.67 13.81 2.35
N ALA J 294 -33.45 13.29 2.52
CA ALA J 294 -33.26 12.00 3.14
C ALA J 294 -33.28 12.12 4.66
N SER J 295 -33.92 11.14 5.30
CA SER J 295 -34.00 11.02 6.76
C SER J 295 -33.73 9.55 7.07
N TYR J 296 -32.46 9.23 7.30
CA TYR J 296 -32.00 7.85 7.45
C TYR J 296 -31.67 7.53 8.91
N VAL J 297 -32.12 6.36 9.36
CA VAL J 297 -31.71 5.79 10.63
C VAL J 297 -30.98 4.49 10.34
N TYR J 298 -29.72 4.41 10.71
CA TYR J 298 -28.89 3.25 10.45
C TYR J 298 -29.01 2.24 11.58
N PRO J 299 -28.64 0.98 11.32
CA PRO J 299 -28.78 -0.05 12.37
C PRO J 299 -28.00 0.26 13.63
N ASP J 300 -26.89 1.00 13.55
CA ASP J 300 -26.16 1.43 14.73
C ASP J 300 -26.74 2.69 15.34
N PHE J 301 -27.92 3.11 14.91
CA PHE J 301 -28.67 4.28 15.39
C PHE J 301 -28.01 5.60 15.02
N THR J 302 -27.03 5.58 14.12
CA THR J 302 -26.56 6.83 13.53
C THR J 302 -27.63 7.37 12.60
N THR J 303 -27.97 8.65 12.75
CA THR J 303 -29.06 9.25 11.99
C THR J 303 -28.52 10.38 11.14
N PHE J 304 -29.12 10.52 9.95
CA PHE J 304 -28.78 11.60 9.03
C PHE J 304 -30.06 12.25 8.54
N GLU J 305 -30.09 13.58 8.50
CA GLU J 305 -31.23 14.30 7.94
C GLU J 305 -30.71 15.46 7.10
N GLY J 306 -31.05 15.46 5.82
CA GLY J 306 -30.61 16.51 4.94
C GLY J 306 -30.71 16.10 3.49
N LEU J 307 -30.12 16.94 2.64
CA LEU J 307 -30.18 16.68 1.21
C LEU J 307 -29.33 15.48 0.83
N SER J 308 -29.76 14.76 -0.20
CA SER J 308 -29.04 13.59 -0.66
C SER J 308 -29.19 13.44 -2.16
N LYS J 309 -28.12 12.98 -2.80
CA LYS J 309 -28.12 12.63 -4.21
C LYS J 309 -28.04 11.12 -4.33
N GLN J 310 -28.80 10.55 -5.28
CA GLN J 310 -28.97 9.11 -5.39
C GLN J 310 -29.44 8.55 -4.04
N SER J 311 -28.53 7.93 -3.30
CA SER J 311 -28.80 7.48 -1.94
C SER J 311 -27.75 7.97 -0.95
N ILE J 312 -26.78 8.76 -1.40
CA ILE J 312 -25.64 9.17 -0.58
C ILE J 312 -25.92 10.58 -0.04
N PRO J 313 -25.55 10.87 1.21
CA PRO J 313 -25.65 12.26 1.69
C PRO J 313 -24.85 13.21 0.81
N HIS J 314 -25.47 14.33 0.45
CA HIS J 314 -24.88 15.25 -0.52
C HIS J 314 -25.57 16.60 -0.39
N GLY J 315 -24.78 17.66 -0.18
CA GLY J 315 -25.34 18.98 -0.04
C GLY J 315 -25.18 19.53 1.36
N MET J 316 -26.28 19.65 2.10
CA MET J 316 -26.24 20.09 3.48
C MET J 316 -27.01 19.10 4.35
N GLY J 317 -26.71 19.13 5.64
CA GLY J 317 -27.49 18.31 6.55
C GLY J 317 -26.88 18.24 7.94
N VAL J 318 -27.57 17.48 8.78
CA VAL J 318 -27.19 17.25 10.17
C VAL J 318 -27.10 15.74 10.40
N MET J 319 -26.00 15.29 10.96
CA MET J 319 -25.79 13.89 11.27
C MET J 319 -25.52 13.72 12.76
N THR J 320 -26.27 12.82 13.40
CA THR J 320 -26.09 12.48 14.79
C THR J 320 -25.49 11.09 14.89
N PHE J 321 -24.42 10.96 15.66
CA PHE J 321 -23.67 9.71 15.76
C PHE J 321 -24.17 8.89 16.95
N GLY J 322 -24.41 7.61 16.70
CA GLY J 322 -24.69 6.67 17.76
C GLY J 322 -23.46 5.80 17.98
N THR J 323 -23.65 4.51 18.27
CA THR J 323 -22.53 3.60 18.28
C THR J 323 -21.93 3.51 16.88
N GLY J 324 -20.61 3.47 16.81
CA GLY J 324 -19.92 3.54 15.54
C GLY J 324 -19.54 4.95 15.16
N THR J 325 -19.50 5.19 13.85
CA THR J 325 -19.13 6.49 13.31
C THR J 325 -19.81 6.69 11.96
N GLY J 326 -19.48 7.78 11.30
CA GLY J 326 -20.03 8.06 9.99
C GLY J 326 -19.48 9.37 9.47
N ALA J 327 -19.86 9.70 8.23
CA ALA J 327 -19.46 10.92 7.55
C ALA J 327 -17.95 11.06 7.41
N GLY J 328 -17.22 9.95 7.42
CA GLY J 328 -15.78 9.99 7.26
C GLY J 328 -15.00 10.20 8.54
N PHE J 329 -15.67 10.40 9.66
CA PHE J 329 -14.97 10.61 10.92
C PHE J 329 -14.29 9.33 11.38
N ALA J 330 -13.21 9.48 12.14
CA ALA J 330 -12.54 8.32 12.72
C ALA J 330 -13.42 7.67 13.77
N MET J 331 -13.18 6.38 14.00
CA MET J 331 -14.01 5.61 14.93
C MET J 331 -13.89 6.11 16.36
N SER J 332 -12.74 6.68 16.72
CA SER J 332 -12.48 7.12 18.09
C SER J 332 -12.88 8.57 18.35
N GLN J 333 -13.23 9.33 17.30
CA GLN J 333 -13.54 10.75 17.50
C GLN J 333 -14.92 10.93 18.12
N THR J 334 -15.88 10.14 17.72
CA THR J 334 -17.28 10.37 18.07
C THR J 334 -17.70 9.53 19.27
N ARG J 335 -18.80 9.95 19.89
CA ARG J 335 -19.46 9.24 20.97
C ARG J 335 -20.96 9.17 20.67
N TYR J 336 -21.71 8.57 21.58
CA TYR J 336 -23.16 8.46 21.40
C TYR J 336 -23.79 9.81 21.76
N GLY J 337 -24.39 10.47 20.76
CA GLY J 337 -25.04 11.74 20.96
C GLY J 337 -24.37 12.93 20.31
N ASP J 338 -23.14 12.78 19.82
CA ASP J 338 -22.47 13.88 19.15
C ASP J 338 -23.15 14.16 17.80
N LYS J 339 -22.96 15.39 17.32
CA LYS J 339 -23.60 15.79 16.08
C LYS J 339 -22.66 16.64 15.24
N TYR J 340 -22.86 16.57 13.92
CA TYR J 340 -22.17 17.43 12.97
C TYR J 340 -23.22 18.10 12.08
N GLU J 341 -23.15 19.42 11.98
CA GLU J 341 -24.10 20.20 11.20
C GLU J 341 -23.35 21.00 10.15
N GLY J 342 -23.75 20.85 8.89
CA GLY J 342 -23.08 21.65 7.88
C GLY J 342 -23.09 20.95 6.53
N GLU J 343 -22.03 21.20 5.76
CA GLU J 343 -21.97 20.73 4.39
C GLU J 343 -21.49 19.29 4.30
N PHE J 344 -22.11 18.53 3.41
CA PHE J 344 -21.74 17.15 3.11
C PHE J 344 -21.46 17.03 1.61
N GLN J 345 -20.58 16.11 1.27
CA GLN J 345 -20.24 15.88 -0.14
C GLN J 345 -19.76 14.44 -0.29
N ALA J 346 -20.49 13.66 -1.10
CA ALA J 346 -20.16 12.26 -1.36
C ALA J 346 -20.08 11.45 -0.06
N GLY J 347 -20.94 11.78 0.89
CA GLY J 347 -20.96 11.10 2.17
C GLY J 347 -19.91 11.57 3.15
N TYR J 348 -19.08 12.54 2.78
CA TYR J 348 -18.05 13.07 3.65
C TYR J 348 -18.46 14.42 4.21
N ALA J 349 -17.98 14.71 5.42
CA ALA J 349 -18.16 16.02 6.02
C ALA J 349 -17.13 16.97 5.40
N HIS J 350 -17.47 17.49 4.21
CA HIS J 350 -16.54 18.26 3.40
C HIS J 350 -17.12 19.66 3.18
N GLY J 351 -16.39 20.67 3.62
CA GLY J 351 -16.83 22.04 3.43
C GLY J 351 -16.74 22.89 4.68
N LEU J 352 -17.85 23.50 5.07
CA LEU J 352 -17.94 24.27 6.30
C LEU J 352 -18.92 23.60 7.23
N GLY J 353 -18.62 23.63 8.53
CA GLY J 353 -19.53 23.00 9.45
C GLY J 353 -19.18 23.26 10.90
N GLN J 354 -19.96 22.61 11.77
CA GLN J 354 -19.77 22.68 13.20
C GLN J 354 -19.96 21.29 13.79
N PHE J 355 -19.02 20.88 14.64
CA PHE J 355 -19.07 19.62 15.34
C PHE J 355 -19.31 19.89 16.83
N THR J 356 -20.35 19.27 17.39
CA THR J 356 -20.71 19.45 18.78
C THR J 356 -20.74 18.10 19.47
N SER J 357 -20.17 18.05 20.68
CA SER J 357 -20.15 16.85 21.50
C SER J 357 -20.77 17.18 22.85
N GLU J 358 -21.95 16.64 23.10
CA GLU J 358 -22.64 16.92 24.35
C GLU J 358 -21.99 16.20 25.52
N ALA J 359 -21.35 15.06 25.27
CA ALA J 359 -20.73 14.28 26.34
C ALA J 359 -19.46 14.95 26.84
N SER J 360 -18.62 15.45 25.94
CA SER J 360 -17.34 16.02 26.31
C SER J 360 -17.34 17.54 26.39
N GLY J 361 -18.21 18.21 25.63
CA GLY J 361 -18.30 19.66 25.65
C GLY J 361 -17.54 20.36 24.54
N GLU J 362 -16.69 19.64 23.82
CA GLU J 362 -15.93 20.25 22.73
C GLU J 362 -16.86 20.76 21.64
N VAL J 363 -16.62 21.99 21.19
CA VAL J 363 -17.35 22.58 20.08
C VAL J 363 -16.33 23.09 19.07
N TYR J 364 -16.43 22.64 17.84
CA TYR J 364 -15.52 23.05 16.77
C TYR J 364 -16.32 23.68 15.65
N ILE J 365 -15.90 24.87 15.22
CA ILE J 365 -16.56 25.59 14.13
C ILE J 365 -15.53 25.91 13.08
N GLY J 366 -15.77 25.49 11.84
CA GLY J 366 -14.84 25.87 10.80
C GLY J 366 -14.78 24.97 9.57
N GLU J 367 -13.57 24.83 9.02
CA GLU J 367 -13.39 24.15 7.75
C GLU J 367 -13.13 22.66 7.94
N PHE J 368 -13.66 21.86 7.02
CA PHE J 368 -13.44 20.43 6.96
C PHE J 368 -13.05 20.04 5.52
N PHE J 369 -12.07 19.15 5.40
CA PHE J 369 -11.72 18.53 4.13
C PHE J 369 -11.80 17.03 4.30
N ALA J 370 -12.35 16.35 3.29
CA ALA J 370 -12.66 14.93 3.40
C ALA J 370 -13.51 14.69 4.65
N GLY J 371 -12.97 13.92 5.60
CA GLY J 371 -13.67 13.69 6.85
C GLY J 371 -12.91 14.19 8.06
N GLN J 372 -11.95 15.08 7.85
CA GLN J 372 -11.05 15.53 8.91
C GLN J 372 -10.89 17.04 8.85
N ARG J 373 -10.53 17.62 9.98
CA ARG J 373 -10.36 19.07 10.08
C ARG J 373 -9.16 19.52 9.24
N HIS J 374 -9.40 20.49 8.35
CA HIS J 374 -8.36 20.94 7.43
C HIS J 374 -8.72 22.36 6.99
N GLY J 375 -8.03 23.35 7.55
CA GLY J 375 -8.29 24.75 7.31
C GLY J 375 -8.34 25.50 8.61
N CYS J 376 -9.00 26.65 8.61
CA CYS J 376 -9.13 27.45 9.81
C CYS J 376 -10.29 26.95 10.67
N GLY J 377 -10.12 27.04 11.99
CA GLY J 377 -11.13 26.55 12.90
C GLY J 377 -11.05 27.24 14.24
N MET J 378 -12.17 27.18 14.97
CA MET J 378 -12.30 27.76 16.29
C MET J 378 -12.86 26.71 17.24
N THR J 379 -12.24 26.60 18.42
CA THR J 379 -12.54 25.53 19.36
C THR J 379 -12.94 26.14 20.70
N LEU J 380 -14.05 25.66 21.25
CA LEU J 380 -14.52 26.04 22.58
C LEU J 380 -14.71 24.78 23.42
N ASP J 381 -14.58 24.94 24.72
CA ASP J 381 -14.77 23.86 25.69
C ASP J 381 -15.84 24.30 26.68
N MET J 382 -17.10 24.00 26.36
CA MET J 382 -18.24 24.36 27.19
C MET J 382 -18.57 23.27 28.21
N LYS J 383 -17.60 22.45 28.61
CA LYS J 383 -17.86 21.38 29.56
C LYS J 383 -18.41 21.86 30.90
N PRO J 384 -17.86 22.89 31.55
CA PRO J 384 -18.44 23.32 32.83
C PRO J 384 -19.88 23.77 32.73
N TYR J 385 -20.27 24.42 31.62
CA TYR J 385 -21.65 24.86 31.46
C TYR J 385 -22.59 23.66 31.42
N PHE J 386 -22.25 22.63 30.64
CA PHE J 386 -23.07 21.43 30.60
C PHE J 386 -23.06 20.71 31.93
N TYR J 387 -21.91 20.71 32.62
CA TYR J 387 -21.81 20.05 33.92
C TYR J 387 -22.75 20.69 34.93
N LEU J 388 -22.79 22.03 34.97
CA LEU J 388 -23.72 22.71 35.88
C LEU J 388 -25.16 22.57 35.41
N LEU J 389 -25.39 22.52 34.10
CA LEU J 389 -26.75 22.37 33.60
C LEU J 389 -27.33 21.02 33.96
N GLU J 390 -26.52 19.96 33.91
CA GLU J 390 -26.98 18.61 34.22
C GLU J 390 -27.20 18.37 35.70
N ARG J 391 -26.76 19.29 36.57
CA ARG J 391 -26.88 19.12 38.02
C ARG J 391 -28.02 19.93 38.62
N GLY J 392 -29.01 20.31 37.81
CA GLY J 392 -30.18 21.00 38.32
C GLY J 392 -30.07 22.51 38.41
N VAL J 393 -29.08 23.12 37.78
CA VAL J 393 -28.91 24.57 37.81
C VAL J 393 -29.57 25.18 36.58
N ASP J 394 -30.33 26.25 36.80
CA ASP J 394 -31.00 26.92 35.70
C ASP J 394 -29.96 27.53 34.75
N PRO J 395 -30.29 27.62 33.45
CA PRO J 395 -29.27 28.06 32.48
C PRO J 395 -28.69 29.43 32.76
N VAL J 396 -29.49 30.36 33.27
CA VAL J 396 -28.98 31.72 33.52
C VAL J 396 -27.91 31.70 34.60
N GLU J 397 -28.16 30.98 35.70
CA GLU J 397 -27.18 30.92 36.78
C GLU J 397 -25.91 30.21 36.34
N ALA J 398 -26.04 29.12 35.60
CA ALA J 398 -24.86 28.40 35.12
C ALA J 398 -24.05 29.28 34.17
N TYR J 399 -24.71 30.01 33.28
CA TYR J 399 -24.01 30.92 32.38
C TYR J 399 -23.29 32.00 33.18
N ARG J 400 -23.96 32.57 34.18
CA ARG J 400 -23.32 33.60 35.00
C ARG J 400 -22.09 33.04 35.72
N ARG J 401 -22.17 31.79 36.18
CA ARG J 401 -21.05 31.20 36.89
C ARG J 401 -19.88 30.91 35.96
N THR J 402 -20.15 30.40 34.75
CA THR J 402 -19.09 29.83 33.93
C THR J 402 -18.91 30.53 32.58
N ALA J 403 -19.36 31.77 32.43
CA ALA J 403 -19.14 32.46 31.16
C ALA J 403 -17.69 32.89 30.98
N GLY J 404 -17.09 33.45 32.04
CA GLY J 404 -15.77 34.03 31.90
C GLY J 404 -14.69 32.99 31.59
N ALA J 405 -14.72 31.86 32.30
CA ALA J 405 -13.72 30.82 32.07
C ALA J 405 -13.81 30.26 30.67
N ILE J 406 -15.03 30.05 30.17
CA ILE J 406 -15.21 29.54 28.81
C ILE J 406 -14.75 30.57 27.78
N MET J 407 -15.05 31.86 28.02
CA MET J 407 -14.64 32.89 27.08
C MET J 407 -13.12 33.05 27.03
N LYS J 408 -12.45 32.87 28.18
CA LYS J 408 -11.00 33.02 28.20
C LYS J 408 -10.28 31.89 27.48
N ASN J 409 -10.86 30.70 27.46
CA ASN J 409 -10.23 29.53 26.89
C ASN J 409 -10.64 29.27 25.43
N VAL J 410 -11.15 30.29 24.74
CA VAL J 410 -11.47 30.13 23.33
C VAL J 410 -10.19 30.03 22.52
N GLU J 411 -10.11 29.03 21.64
CA GLU J 411 -8.91 28.79 20.86
C GLU J 411 -9.19 28.99 19.37
N VAL J 412 -8.23 29.59 18.67
CA VAL J 412 -8.28 29.74 17.22
C VAL J 412 -7.08 29.04 16.63
N ARG J 413 -7.30 28.19 15.64
CA ARG J 413 -6.23 27.32 15.17
C ARG J 413 -6.34 27.10 13.66
N THR J 414 -5.21 26.68 13.09
CA THR J 414 -5.15 26.20 11.72
C THR J 414 -4.78 24.73 11.74
N TRP J 415 -5.59 23.90 11.08
CA TRP J 415 -5.45 22.46 11.10
C TRP J 415 -5.03 21.96 9.72
N TYR J 416 -4.14 20.98 9.69
CA TYR J 416 -3.69 20.36 8.45
C TYR J 416 -3.90 18.86 8.56
N ARG J 417 -4.85 18.33 7.80
CA ARG J 417 -5.14 16.89 7.77
C ARG J 417 -5.44 16.35 9.16
N GLY J 418 -6.17 17.14 9.96
CA GLY J 418 -6.52 16.76 11.30
C GLY J 418 -5.48 17.05 12.36
N ASN J 419 -4.37 17.68 12.01
CA ASN J 419 -3.32 18.00 12.96
C ASN J 419 -3.20 19.50 13.14
N LYS J 420 -2.95 19.92 14.39
CA LYS J 420 -2.83 21.33 14.73
C LYS J 420 -1.43 21.84 14.39
N LEU J 421 -1.36 22.93 13.64
CA LEU J 421 -0.11 23.55 13.27
C LEU J 421 0.28 24.61 14.29
N GLY J 422 1.56 24.99 14.28
CA GLY J 422 2.08 25.99 15.18
C GLY J 422 3.03 25.48 16.23
N ASP J 423 3.39 24.19 16.21
CA ASP J 423 4.31 23.62 17.18
C ASP J 423 5.63 23.16 16.56
N ALA J 424 5.73 23.11 15.23
CA ALA J 424 6.95 22.74 14.54
C ALA J 424 7.49 23.92 13.73
N LYS J 425 7.26 25.14 14.24
CA LYS J 425 7.74 26.37 13.62
C LYS J 425 7.25 26.50 12.18
N GLU J 426 5.99 26.13 11.94
CA GLU J 426 5.41 26.27 10.60
C GLU J 426 5.26 27.73 10.21
N ASP J 427 5.10 28.62 11.20
CA ASP J 427 4.88 30.03 10.89
C ASP J 427 6.14 30.70 10.36
N GLU J 428 7.31 30.29 10.82
CA GLU J 428 8.56 30.96 10.49
C GLU J 428 9.29 30.33 9.31
N VAL J 429 8.67 29.37 8.62
CA VAL J 429 9.37 28.65 7.55
C VAL J 429 9.78 29.60 6.43
N VAL J 430 8.86 30.47 6.00
CA VAL J 430 9.12 31.32 4.85
C VAL J 430 10.24 32.31 5.13
N GLU J 431 10.20 32.97 6.29
CA GLU J 431 11.24 33.93 6.64
C GLU J 431 12.60 33.25 6.80
N ILE J 432 12.62 32.08 7.43
CA ILE J 432 13.87 31.34 7.58
C ILE J 432 14.44 30.96 6.22
N ASN J 433 13.59 30.52 5.30
CA ASN J 433 14.06 30.19 3.96
C ASN J 433 14.57 31.42 3.22
N VAL J 434 13.92 32.57 3.40
CA VAL J 434 14.40 33.80 2.76
C VAL J 434 15.79 34.17 3.30
N LEU J 435 15.97 34.08 4.61
CA LEU J 435 17.27 34.36 5.20
C LEU J 435 18.33 33.38 4.72
N LYS J 436 17.97 32.10 4.61
CA LYS J 436 18.89 31.09 4.09
C LYS J 436 19.30 31.41 2.67
N ASP J 437 18.34 31.80 1.82
CA ASP J 437 18.66 32.20 0.46
C ASP J 437 19.58 33.42 0.44
N GLU J 438 19.37 34.35 1.38
CA GLU J 438 20.24 35.51 1.49
C GLU J 438 21.61 35.19 2.08
N LEU J 439 21.79 34.02 2.69
CA LEU J 439 23.07 33.65 3.28
C LEU J 439 24.08 33.11 2.28
N ASP J 440 23.71 32.96 1.00
CA ASP J 440 24.64 32.41 0.04
C ASP J 440 25.71 33.44 -0.34
N ASP J 441 26.66 33.00 -1.17
CA ASP J 441 27.72 33.87 -1.65
C ASP J 441 27.21 34.74 -2.81
N PRO J 442 27.75 35.95 -2.96
CA PRO J 442 27.19 36.89 -3.94
C PRO J 442 27.18 36.39 -5.37
N PHE J 443 28.22 35.66 -5.79
CA PHE J 443 28.30 35.23 -7.18
C PHE J 443 27.16 34.27 -7.54
N GLU J 444 26.88 33.32 -6.65
CA GLU J 444 25.80 32.38 -6.90
C GLU J 444 24.45 33.10 -6.97
N ILE J 445 24.22 34.05 -6.07
CA ILE J 445 22.96 34.79 -6.07
C ILE J 445 22.80 35.58 -7.36
N ALA J 446 23.87 36.26 -7.78
CA ALA J 446 23.81 37.04 -9.01
C ALA J 446 23.56 36.16 -10.23
N LEU J 447 24.26 35.03 -10.31
CA LEU J 447 24.08 34.12 -11.44
C LEU J 447 22.66 33.55 -11.46
N ARG J 448 22.13 33.19 -10.30
CA ARG J 448 20.77 32.65 -10.22
C ARG J 448 19.74 33.69 -10.64
N ASN J 449 19.90 34.93 -10.16
CA ASN J 449 18.97 35.99 -10.53
C ASN J 449 19.04 36.32 -12.02
N SER J 450 20.24 36.27 -12.61
CA SER J 450 20.36 36.49 -14.04
C SER J 450 19.72 35.35 -14.83
N LEU J 451 19.92 34.11 -14.38
CA LEU J 451 19.34 32.95 -15.05
C LEU J 451 17.82 33.00 -15.00
N HIS J 452 17.26 33.51 -13.90
CA HIS J 452 15.81 33.58 -13.80
C HIS J 452 15.21 34.44 -14.91
N ASP J 453 15.83 35.59 -15.18
CA ASP J 453 15.35 36.45 -16.27
C ASP J 453 15.68 35.84 -17.63
N ALA J 454 16.85 35.20 -17.75
CA ALA J 454 17.25 34.61 -19.02
C ALA J 454 16.28 33.52 -19.45
N LYS J 455 15.82 32.70 -18.50
CA LYS J 455 14.88 31.63 -18.83
C LYS J 455 13.57 32.19 -19.38
N LEU J 456 13.05 33.24 -18.75
CA LEU J 456 11.82 33.85 -19.22
C LEU J 456 12.01 34.45 -20.62
N ARG J 457 13.11 35.18 -20.81
CA ARG J 457 13.36 35.79 -22.12
C ARG J 457 13.52 34.75 -23.21
N LYS J 458 14.12 33.60 -22.89
CA LYS J 458 14.27 32.54 -23.87
C LYS J 458 12.92 31.87 -24.17
N TRP J 459 12.13 31.60 -23.13
CA TRP J 459 10.85 30.92 -23.35
C TRP J 459 9.86 31.81 -24.09
N LYS J 460 9.98 33.13 -23.96
CA LYS J 460 9.00 34.02 -24.58
C LYS J 460 8.98 33.89 -26.10
N ALA J 461 10.10 33.52 -26.71
CA ALA J 461 10.23 33.53 -28.16
C ALA J 461 10.34 32.15 -28.79
N MET J 462 10.24 31.07 -28.01
CA MET J 462 10.43 29.74 -28.56
C MET J 462 9.18 29.25 -29.29
N SER J 463 9.40 28.34 -30.24
CA SER J 463 8.35 27.65 -30.96
C SER J 463 7.76 26.53 -30.11
N PRO J 464 6.49 26.16 -30.35
CA PRO J 464 5.89 25.08 -29.54
C PRO J 464 6.66 23.77 -29.59
N GLN J 465 7.22 23.40 -30.75
CA GLN J 465 8.04 22.20 -30.83
C GLN J 465 9.30 22.36 -29.98
N ASP J 466 9.93 23.54 -30.03
CA ASP J 466 11.08 23.81 -29.18
C ASP J 466 10.71 23.76 -27.71
N LYS J 467 9.53 24.28 -27.36
CA LYS J 467 9.08 24.20 -25.97
C LYS J 467 8.90 22.75 -25.53
N ALA J 468 8.31 21.92 -26.39
CA ALA J 468 8.12 20.52 -26.05
C ALA J 468 9.46 19.82 -25.86
N MET J 469 10.41 20.08 -26.76
CA MET J 469 11.73 19.46 -26.62
C MET J 469 12.43 19.92 -25.34
N ASP J 470 12.31 21.21 -25.01
CA ASP J 470 12.89 21.74 -23.79
C ASP J 470 12.29 21.06 -22.56
N ARG J 471 10.96 20.89 -22.55
CA ARG J 471 10.33 20.24 -21.41
C ARG J 471 10.74 18.78 -21.30
N ILE J 472 10.90 18.11 -22.45
CA ILE J 472 11.38 16.72 -22.43
C ILE J 472 12.78 16.66 -21.83
N VAL J 473 13.66 17.58 -22.24
CA VAL J 473 15.01 17.60 -21.71
C VAL J 473 15.00 17.85 -20.20
N SER J 474 14.14 18.78 -19.75
CA SER J 474 14.04 19.06 -18.33
C SER J 474 13.56 17.84 -17.56
N ILE J 475 12.57 17.12 -18.10
CA ILE J 475 12.08 15.91 -17.45
C ILE J 475 13.17 14.87 -17.37
N ILE J 476 13.94 14.70 -18.45
CA ILE J 476 15.02 13.70 -18.46
C ILE J 476 16.07 14.06 -17.41
N GLU J 477 16.42 15.34 -17.31
CA GLU J 477 17.39 15.77 -16.31
C GLU J 477 16.87 15.53 -14.89
N ARG J 478 15.60 15.83 -14.65
CA ARG J 478 15.02 15.60 -13.33
C ARG J 478 15.02 14.11 -12.98
N VAL J 479 14.73 13.26 -13.96
CA VAL J 479 14.76 11.82 -13.72
C VAL J 479 16.18 11.35 -13.44
N GLN J 480 17.14 11.82 -14.23
CA GLN J 480 18.54 11.44 -14.05
C GLN J 480 19.13 11.96 -12.77
N ARG J 481 18.52 12.98 -12.15
CA ARG J 481 18.98 13.42 -10.85
C ARG J 481 18.81 12.37 -9.76
N ARG J 482 17.99 11.34 -9.99
CA ARG J 482 17.77 10.27 -9.03
C ARG J 482 18.34 8.94 -9.45
N ASN J 483 18.14 8.52 -10.70
CA ASN J 483 18.60 7.23 -11.20
C ASN J 483 19.39 7.43 -12.49
N PRO J 484 20.66 7.83 -12.38
CA PRO J 484 21.50 7.94 -13.59
C PRO J 484 21.96 6.56 -14.05
N GLY J 485 21.85 6.31 -15.35
CA GLY J 485 22.26 5.03 -15.89
C GLY J 485 23.77 4.85 -15.84
N ARG J 486 24.18 3.59 -15.68
CA ARG J 486 25.60 3.26 -15.64
C ARG J 486 26.15 3.05 -17.04
N PHE J 487 26.01 4.07 -17.89
CA PHE J 487 26.50 3.97 -19.25
C PHE J 487 28.02 3.88 -19.27
N GLY J 488 28.55 2.96 -20.08
CA GLY J 488 29.97 2.69 -20.09
C GLY J 488 30.46 1.81 -18.97
N ALA J 489 29.56 1.29 -18.13
CA ALA J 489 29.94 0.46 -17.00
C ALA J 489 29.00 -0.73 -16.85
N TYR J 490 28.45 -1.23 -17.96
CA TYR J 490 27.58 -2.40 -17.95
C TYR J 490 28.33 -3.69 -18.23
N TYR J 491 29.16 -3.71 -19.27
CA TYR J 491 29.91 -4.89 -19.65
C TYR J 491 31.37 -4.52 -19.90
N ARG J 492 32.28 -5.45 -19.62
CA ARG J 492 33.70 -5.27 -19.84
C ARG J 492 34.28 -6.53 -20.46
N GLU J 493 35.58 -6.52 -20.70
CA GLU J 493 36.29 -7.72 -21.12
C GLU J 493 37.38 -8.04 -20.10
N ASP J 494 37.50 -9.33 -19.78
CA ASP J 494 38.45 -9.78 -18.77
C ASP J 494 39.84 -9.91 -19.40
N GLU J 495 40.80 -10.48 -18.66
CA GLU J 495 42.15 -10.62 -19.19
C GLU J 495 42.18 -11.54 -20.40
N LYS J 496 41.41 -12.63 -20.36
CA LYS J 496 41.37 -13.56 -21.49
C LYS J 496 40.70 -12.95 -22.70
N GLY J 497 39.98 -11.84 -22.53
CA GLY J 497 39.25 -11.22 -23.61
C GLY J 497 37.77 -11.54 -23.64
N ARG J 498 37.28 -12.36 -22.71
CA ARG J 498 35.87 -12.72 -22.68
C ARG J 498 35.06 -11.59 -22.08
N VAL J 499 33.87 -11.34 -22.66
CA VAL J 499 32.99 -10.30 -22.14
C VAL J 499 32.32 -10.79 -20.87
N ARG J 500 32.32 -9.93 -19.85
CA ARG J 500 31.72 -10.24 -18.56
C ARG J 500 30.96 -9.03 -18.03
N PRO J 501 29.91 -9.25 -17.24
CA PRO J 501 29.16 -8.13 -16.67
C PRO J 501 29.99 -7.37 -15.65
N VAL J 502 29.66 -6.09 -15.48
CA VAL J 502 30.34 -5.22 -14.54
C VAL J 502 29.39 -5.02 -13.35
N LEU J 503 29.66 -5.74 -12.27
CA LEU J 503 28.90 -5.56 -11.03
C LEU J 503 29.56 -4.48 -10.18
N ASP J 504 29.05 -4.29 -8.97
CA ASP J 504 29.57 -3.29 -8.04
C ASP J 504 29.89 -4.01 -6.73
N SER J 505 30.14 -3.22 -5.68
CA SER J 505 30.50 -3.76 -4.37
C SER J 505 29.39 -4.63 -3.78
N ASP J 506 28.26 -4.73 -4.46
CA ASP J 506 27.16 -5.60 -4.07
C ASP J 506 26.70 -6.36 -5.32
N GLY J 507 25.71 -7.23 -5.13
CA GLY J 507 25.17 -7.98 -6.25
C GLY J 507 24.12 -7.21 -7.02
N ALA J 508 24.48 -6.05 -7.55
CA ALA J 508 23.56 -5.19 -8.28
C ALA J 508 24.13 -4.84 -9.64
N ASP J 509 23.27 -4.84 -10.66
CA ASP J 509 23.65 -4.42 -12.00
C ASP J 509 23.18 -3.01 -12.33
N THR J 510 22.12 -2.53 -11.69
CA THR J 510 21.63 -1.18 -11.90
C THR J 510 21.05 -0.66 -10.60
N ASP J 511 20.91 0.66 -10.51
CA ASP J 511 20.38 1.28 -9.30
C ASP J 511 18.89 0.98 -9.11
N PHE J 512 18.20 0.57 -10.17
CA PHE J 512 16.76 0.32 -10.07
C PHE J 512 16.49 -0.97 -9.31
N ASP J 513 15.54 -0.91 -8.39
CA ASP J 513 15.06 -2.08 -7.67
C ASP J 513 13.56 -2.21 -7.87
N SER J 514 13.09 -3.44 -8.05
CA SER J 514 11.67 -3.67 -8.33
C SER J 514 10.84 -3.82 -7.06
N VAL J 515 11.43 -3.69 -5.88
CA VAL J 515 10.67 -3.85 -4.64
C VAL J 515 10.05 -2.54 -4.15
N ASP J 516 10.55 -1.39 -4.59
CA ASP J 516 9.94 -0.12 -4.23
C ASP J 516 8.65 0.14 -5.00
N MET J 517 8.36 -0.67 -6.02
CA MET J 517 7.11 -0.52 -6.76
C MET J 517 5.89 -0.83 -5.90
N ILE J 518 6.06 -1.68 -4.89
CA ILE J 518 4.96 -2.07 -4.01
C ILE J 518 5.00 -1.37 -2.67
N GLN J 519 6.03 -0.56 -2.40
CA GLN J 519 6.18 0.11 -1.12
C GLN J 519 6.37 1.61 -1.24
N GLY J 520 6.92 2.09 -2.35
CA GLY J 520 7.10 3.51 -2.58
C GLY J 520 8.42 4.03 -2.06
N VAL J 521 8.69 5.29 -2.40
CA VAL J 521 9.92 5.98 -1.99
C VAL J 521 9.56 7.39 -1.54
N ASP J 522 10.21 7.85 -0.48
CA ASP J 522 10.00 9.19 0.02
C ASP J 522 10.73 10.21 -0.87
N THR J 523 10.64 11.49 -0.48
CA THR J 523 11.28 12.54 -1.25
C THR J 523 12.80 12.40 -1.26
N ASP J 524 13.40 12.07 -0.11
CA ASP J 524 14.85 11.96 -0.02
C ASP J 524 15.36 10.68 -0.68
N GLY J 525 14.62 9.57 -0.56
CA GLY J 525 15.07 8.32 -1.14
C GLY J 525 14.72 7.11 -0.30
N ASP J 526 14.29 7.33 0.94
CA ASP J 526 13.90 6.24 1.80
C ASP J 526 12.60 5.60 1.28
N LEU J 527 12.34 4.37 1.73
CA LEU J 527 11.21 3.61 1.20
C LEU J 527 9.88 4.07 1.81
N GLY J 528 9.73 3.90 3.13
CA GLY J 528 8.48 4.24 3.77
C GLY J 528 7.87 3.06 4.50
N PRO J 529 6.63 3.22 4.98
CA PRO J 529 5.99 2.17 5.75
C PRO J 529 5.74 0.91 4.94
N GLY J 530 5.74 -0.23 5.64
CA GLY J 530 5.46 -1.51 5.02
C GLY J 530 4.47 -2.33 5.83
N TRP J 531 4.34 -3.61 5.52
CA TRP J 531 3.42 -4.46 6.25
C TRP J 531 3.93 -4.69 7.66
N GLU J 532 3.12 -4.31 8.65
CA GLU J 532 3.42 -4.58 10.06
C GLU J 532 4.82 -4.09 10.44
N GLY J 533 5.20 -2.90 9.96
CA GLY J 533 6.54 -2.40 10.18
C GLY J 533 6.88 -2.15 11.64
N ALA J 534 5.87 -1.89 12.47
CA ALA J 534 6.05 -1.57 13.89
C ALA J 534 7.09 -0.47 14.01
N THR J 535 7.85 -0.45 15.11
CA THR J 535 8.95 0.50 15.31
C THR J 535 8.46 1.94 15.11
N ASP J 536 7.59 2.34 16.03
CA ASP J 536 6.99 3.68 16.05
C ASP J 536 8.00 4.75 15.66
N SER J 537 9.19 4.69 16.25
CA SER J 537 10.34 5.46 15.82
C SER J 537 11.49 4.50 15.55
N GLU J 538 12.14 4.65 14.40
CA GLU J 538 13.20 3.73 14.03
C GLU J 538 14.52 4.03 14.70
N GLU J 539 14.51 4.83 15.78
CA GLU J 539 15.68 4.94 16.64
C GLU J 539 15.92 3.64 17.40
N ASN J 540 14.95 2.72 17.39
CA ASN J 540 15.13 1.34 17.81
C ASN J 540 15.37 0.48 16.57
N PRO J 541 16.61 0.28 16.17
CA PRO J 541 16.89 -0.42 14.91
C PRO J 541 16.85 -1.93 15.08
N MET J 542 16.85 -2.62 13.95
CA MET J 542 16.87 -4.08 13.93
C MET J 542 18.29 -4.58 14.17
N ASP J 543 18.39 -5.78 14.72
CA ASP J 543 19.70 -6.34 15.05
C ASP J 543 20.51 -6.57 13.78
N PRO J 544 21.80 -6.22 13.77
CA PRO J 544 22.59 -6.35 12.53
C PRO J 544 22.67 -7.77 11.98
N ARG J 545 22.72 -8.78 12.86
CA ARG J 545 22.81 -10.16 12.38
C ARG J 545 21.58 -10.54 11.57
N ILE J 546 20.39 -10.23 12.09
CA ILE J 546 19.16 -10.50 11.37
C ILE J 546 19.13 -9.73 10.06
N ARG J 547 19.59 -8.48 10.08
CA ARG J 547 19.60 -7.66 8.89
C ARG J 547 20.45 -8.28 7.79
N GLU J 548 21.66 -8.72 8.14
CA GLU J 548 22.55 -9.32 7.14
C GLU J 548 22.01 -10.66 6.64
N LEU J 549 21.46 -11.46 7.55
CA LEU J 549 20.89 -12.74 7.14
C LEU J 549 19.75 -12.53 6.15
N MET J 550 18.87 -11.57 6.44
CA MET J 550 17.75 -11.29 5.55
C MET J 550 18.23 -10.68 4.24
N ALA J 551 19.31 -9.91 4.26
CA ALA J 551 19.88 -9.38 3.01
C ALA J 551 20.37 -10.51 2.12
N ALA J 552 21.09 -11.48 2.71
CA ALA J 552 21.54 -12.63 1.93
C ALA J 552 20.37 -13.44 1.39
N GLU J 553 19.34 -13.64 2.21
CA GLU J 553 18.16 -14.37 1.76
C GLU J 553 17.46 -13.63 0.62
N GLY J 554 17.38 -12.30 0.71
CA GLY J 554 16.82 -11.53 -0.38
C GLY J 554 17.65 -11.63 -1.65
N MET J 555 18.97 -11.69 -1.51
CA MET J 555 19.82 -11.86 -2.69
C MET J 555 19.55 -13.20 -3.37
N ASP J 556 19.46 -14.29 -2.60
CA ASP J 556 19.20 -15.57 -3.24
C ASP J 556 17.79 -15.61 -3.82
N ASP J 557 16.83 -14.93 -3.18
CA ASP J 557 15.49 -14.83 -3.74
C ASP J 557 15.50 -14.08 -5.08
N LYS J 558 16.30 -13.01 -5.17
CA LYS J 558 16.45 -12.29 -6.42
C LYS J 558 17.06 -13.19 -7.49
N LEU J 559 18.04 -14.00 -7.10
CA LEU J 559 18.63 -14.95 -8.05
C LEU J 559 17.58 -15.93 -8.57
N GLU J 560 16.74 -16.45 -7.66
CA GLU J 560 15.68 -17.36 -8.09
C GLU J 560 14.69 -16.67 -9.01
N ASP J 561 14.33 -15.42 -8.71
CA ASP J 561 13.41 -14.67 -9.56
C ASP J 561 14.00 -14.46 -10.94
N GLU J 562 15.29 -14.12 -11.02
CA GLU J 562 15.94 -13.95 -12.31
C GLU J 562 15.95 -15.25 -13.08
N GLY J 563 16.23 -16.37 -12.40
CA GLY J 563 16.21 -17.65 -13.08
C GLY J 563 14.84 -18.00 -13.65
N PHE J 564 13.79 -17.78 -12.86
CA PHE J 564 12.44 -18.05 -13.35
C PHE J 564 12.08 -17.14 -14.52
N LYS J 565 12.41 -15.85 -14.42
CA LYS J 565 12.10 -14.94 -15.52
C LYS J 565 12.83 -15.34 -16.79
N ASP J 566 14.11 -15.74 -16.66
CA ASP J 566 14.85 -16.18 -17.83
C ASP J 566 14.22 -17.42 -18.45
N THR J 567 13.95 -18.45 -17.64
CA THR J 567 13.42 -19.68 -18.19
C THR J 567 12.00 -19.52 -18.73
N VAL J 568 11.29 -18.46 -18.35
CA VAL J 568 9.95 -18.23 -18.88
C VAL J 568 9.97 -17.38 -20.13
N LEU J 569 10.72 -16.26 -20.14
CA LEU J 569 10.58 -15.26 -21.19
C LEU J 569 11.79 -15.13 -22.11
N GLY J 570 12.92 -15.76 -21.80
CA GLY J 570 14.13 -15.51 -22.55
C GLY J 570 14.17 -16.14 -23.93
N SER J 571 13.21 -17.02 -24.24
CA SER J 571 13.24 -17.71 -25.53
C SER J 571 12.79 -16.82 -26.68
N ALA J 572 11.89 -15.87 -26.43
CA ALA J 572 11.36 -15.03 -27.49
C ALA J 572 12.41 -14.01 -27.95
N ILE J 573 12.23 -13.53 -29.18
CA ILE J 573 13.11 -12.55 -29.79
C ILE J 573 12.30 -11.30 -30.10
N ILE J 574 12.76 -10.16 -29.59
CA ILE J 574 12.11 -8.88 -29.87
C ILE J 574 12.79 -8.16 -31.04
N ASN J 575 14.11 -7.99 -30.98
CA ASN J 575 14.86 -7.35 -32.05
C ASN J 575 15.90 -8.33 -32.59
N PRO J 576 15.68 -8.94 -33.75
CA PRO J 576 16.63 -9.94 -34.25
C PRO J 576 17.98 -9.38 -34.62
N TYR J 577 18.10 -8.06 -34.84
CA TYR J 577 19.37 -7.49 -35.24
C TYR J 577 20.38 -7.45 -34.10
N THR J 578 19.91 -7.29 -32.86
CA THR J 578 20.81 -7.23 -31.72
C THR J 578 20.58 -8.38 -30.74
N GLY J 579 19.77 -9.35 -31.10
CA GLY J 579 19.49 -10.46 -30.18
C GLY J 579 18.81 -10.02 -28.91
N LEU J 580 17.83 -9.12 -29.01
CA LEU J 580 17.12 -8.60 -27.85
C LEU J 580 15.96 -9.53 -27.52
N ASP J 581 16.08 -10.25 -26.40
CA ASP J 581 15.04 -11.18 -25.97
C ASP J 581 13.92 -10.42 -25.26
N MET J 582 12.85 -11.14 -24.94
CA MET J 582 11.70 -10.51 -24.30
C MET J 582 11.95 -10.19 -22.83
N LYS J 583 12.77 -11.00 -22.15
CA LYS J 583 13.03 -10.78 -20.74
C LYS J 583 13.70 -9.43 -20.49
N THR J 584 14.80 -9.16 -21.20
CA THR J 584 15.49 -7.89 -21.03
C THR J 584 14.65 -6.73 -21.52
N TYR J 585 13.88 -6.92 -22.59
CA TYR J 585 13.02 -5.85 -23.09
C TYR J 585 11.96 -5.48 -22.07
N LEU J 586 11.32 -6.46 -21.44
CA LEU J 586 10.29 -6.19 -20.45
C LEU J 586 10.85 -5.81 -19.09
N ASP J 587 12.13 -6.08 -18.83
CA ASP J 587 12.75 -5.60 -17.60
C ASP J 587 13.32 -4.19 -17.73
N GLY J 588 13.26 -3.60 -18.92
CA GLY J 588 13.77 -2.26 -19.12
C GLY J 588 15.27 -2.16 -19.29
N LYS J 589 15.94 -3.25 -19.63
CA LYS J 589 17.39 -3.28 -19.76
C LYS J 589 17.84 -3.30 -21.22
N GLU J 590 17.15 -2.55 -22.08
CA GLU J 590 17.52 -2.52 -23.49
C GLU J 590 18.88 -1.85 -23.70
N ARG J 591 19.20 -0.84 -22.89
CA ARG J 591 20.51 -0.19 -23.00
C ARG J 591 21.64 -1.15 -22.62
N HIS J 592 21.37 -2.11 -21.74
CA HIS J 592 22.36 -3.14 -21.46
C HIS J 592 22.72 -3.91 -22.73
N GLN J 593 21.71 -4.33 -23.48
CA GLN J 593 21.97 -5.02 -24.75
C GLN J 593 22.67 -4.10 -25.74
N ALA J 594 22.26 -2.83 -25.79
CA ALA J 594 22.88 -1.88 -26.71
C ALA J 594 24.36 -1.71 -26.43
N GLU J 595 24.75 -1.63 -25.15
CA GLU J 595 26.15 -1.55 -24.81
C GLU J 595 26.87 -2.87 -25.03
N LEU J 596 26.18 -3.99 -24.77
CA LEU J 596 26.81 -5.31 -24.91
C LEU J 596 27.18 -5.58 -26.36
N VAL J 597 26.33 -5.19 -27.30
CA VAL J 597 26.63 -5.41 -28.71
C VAL J 597 27.92 -4.72 -29.11
N SER J 598 28.07 -3.45 -28.73
CA SER J 598 29.28 -2.70 -29.08
C SER J 598 30.50 -3.25 -28.34
N VAL J 599 30.32 -3.66 -27.08
CA VAL J 599 31.44 -4.21 -26.32
C VAL J 599 31.93 -5.50 -26.97
N TYR J 600 31.00 -6.37 -27.38
CA TYR J 600 31.40 -7.61 -28.04
C TYR J 600 32.06 -7.35 -29.39
N LYS J 601 31.49 -6.43 -30.19
CA LYS J 601 32.05 -6.19 -31.51
C LYS J 601 33.42 -5.52 -31.43
N ALA J 602 33.66 -4.72 -30.39
CA ALA J 602 34.97 -4.08 -30.26
C ALA J 602 36.01 -4.99 -29.66
N SER J 603 35.61 -6.11 -29.08
CA SER J 603 36.56 -7.01 -28.43
C SER J 603 37.40 -7.76 -29.46
N ARG J 604 38.59 -8.20 -29.01
CA ARG J 604 39.47 -8.97 -29.89
C ARG J 604 38.84 -10.28 -30.31
N GLU J 605 38.16 -10.96 -29.38
CA GLU J 605 37.46 -12.19 -29.73
C GLU J 605 36.35 -11.92 -30.75
N GLY J 606 35.60 -10.84 -30.56
CA GLY J 606 34.58 -10.48 -31.54
C GLY J 606 35.18 -10.14 -32.88
N ARG J 607 36.31 -9.44 -32.88
CA ARG J 607 36.97 -9.10 -34.15
C ARG J 607 37.45 -10.35 -34.87
N LYS J 608 38.02 -11.31 -34.13
CA LYS J 608 38.48 -12.54 -34.78
C LYS J 608 37.30 -13.36 -35.30
N TYR J 609 36.18 -13.37 -34.58
CA TYR J 609 34.99 -14.06 -35.07
C TYR J 609 34.47 -13.39 -36.34
N LEU J 610 34.45 -12.06 -36.35
CA LEU J 610 34.00 -11.33 -37.53
C LEU J 610 34.93 -11.59 -38.72
N ASN J 611 36.23 -11.64 -38.47
CA ASN J 611 37.18 -11.96 -39.55
C ASN J 611 36.95 -13.37 -40.07
N LYS J 612 36.72 -14.33 -39.18
CA LYS J 612 36.48 -15.71 -39.61
C LYS J 612 35.22 -15.82 -40.45
N VAL J 613 34.14 -15.14 -40.04
CA VAL J 613 32.92 -15.19 -40.84
C VAL J 613 33.06 -14.33 -42.10
N ARG J 614 33.98 -13.37 -42.13
CA ARG J 614 34.25 -12.62 -43.36
C ARG J 614 35.05 -13.47 -44.34
N LYS J 615 35.82 -14.43 -43.85
CA LYS J 615 36.58 -15.31 -44.74
C LYS J 615 35.65 -16.08 -45.67
N ASP J 616 34.53 -16.57 -45.14
CA ASP J 616 33.57 -17.32 -45.95
C ASP J 616 32.43 -16.42 -46.42
N LEU J 642 26.84 13.24 -26.92
CA LEU J 642 27.99 13.72 -27.68
C LEU J 642 29.30 13.28 -27.00
N SER J 643 30.41 13.48 -27.69
CA SER J 643 31.72 13.15 -27.14
C SER J 643 32.20 14.26 -26.22
N ARG J 644 33.14 13.90 -25.34
CA ARG J 644 33.70 14.88 -24.41
C ARG J 644 34.45 15.98 -25.15
N GLU J 645 35.21 15.60 -26.19
CA GLU J 645 36.00 16.59 -26.92
C GLU J 645 35.11 17.61 -27.62
N ALA J 646 33.99 17.17 -28.18
CA ALA J 646 33.08 18.09 -28.84
C ALA J 646 32.53 19.12 -27.87
N GLU J 647 32.10 18.67 -26.68
CA GLU J 647 31.59 19.60 -25.68
C GLU J 647 32.69 20.53 -25.20
N ASP J 648 33.92 20.01 -25.04
CA ASP J 648 35.03 20.86 -24.60
C ASP J 648 35.34 21.94 -25.62
N ASP J 649 35.38 21.60 -26.91
CA ASP J 649 35.69 22.60 -27.91
C ASP J 649 34.54 23.60 -28.08
N ARG J 650 33.29 23.13 -27.93
CA ARG J 650 32.17 24.05 -27.97
C ARG J 650 32.22 25.03 -26.80
N LEU J 651 32.56 24.54 -25.60
CA LEU J 651 32.71 25.43 -24.46
C LEU J 651 33.85 26.41 -24.67
N ALA J 652 34.96 25.95 -25.24
CA ALA J 652 36.07 26.84 -25.52
C ALA J 652 35.67 27.92 -26.53
N ARG J 653 34.91 27.54 -27.55
CA ARG J 653 34.43 28.52 -28.52
C ARG J 653 33.51 29.53 -27.88
N LEU J 654 32.61 29.08 -27.00
CA LEU J 654 31.73 29.99 -26.30
C LEU J 654 32.51 30.96 -25.42
N TYR J 655 33.54 30.44 -24.72
CA TYR J 655 34.38 31.29 -23.88
C TYR J 655 35.12 32.33 -24.71
N GLU J 656 35.71 31.90 -25.83
CA GLU J 656 36.48 32.81 -26.67
C GLU J 656 35.60 33.88 -27.31
N GLN J 657 34.41 33.47 -27.77
CA GLN J 657 33.54 34.39 -28.49
C GLN J 657 33.00 35.51 -27.61
N ALA J 658 32.97 35.30 -26.29
CA ALA J 658 32.48 36.31 -25.36
C ALA J 658 33.59 37.19 -24.81
N GLY J 659 34.83 36.98 -25.23
CA GLY J 659 35.94 37.79 -24.74
C GLY J 659 36.32 37.53 -23.30
N VAL J 660 36.02 36.34 -22.78
CA VAL J 660 36.32 35.97 -21.40
C VAL J 660 37.41 34.91 -21.43
N SER J 661 38.60 35.28 -20.96
CA SER J 661 39.69 34.31 -20.87
C SER J 661 39.52 33.41 -19.65
N LYS J 662 40.22 32.28 -19.68
CA LYS J 662 40.19 31.36 -18.55
C LYS J 662 40.84 31.96 -17.31
N GLU J 663 41.78 32.89 -17.49
CA GLU J 663 42.38 33.57 -16.35
C GLU J 663 41.34 34.37 -15.58
N ASP J 664 40.42 35.04 -16.29
CA ASP J 664 39.34 35.77 -15.63
C ASP J 664 38.45 34.84 -14.83
N GLU J 665 38.11 33.68 -15.41
CA GLU J 665 37.29 32.71 -14.69
C GLU J 665 37.99 32.19 -13.45
N ARG J 666 39.29 31.91 -13.56
CA ARG J 666 40.05 31.45 -12.40
C ARG J 666 40.12 32.54 -11.33
N ARG J 667 40.30 33.79 -11.74
CA ARG J 667 40.33 34.90 -10.78
C ARG J 667 39.00 35.04 -10.06
N VAL J 668 37.90 34.95 -10.80
CA VAL J 668 36.58 35.07 -10.17
C VAL J 668 36.32 33.91 -9.22
N GLU J 669 36.71 32.70 -9.62
CA GLU J 669 36.54 31.54 -8.76
C GLU J 669 37.36 31.68 -7.48
N GLY J 670 38.59 32.15 -7.60
CA GLY J 670 39.41 32.38 -6.41
C GLY J 670 38.82 33.46 -5.51
N LEU J 671 38.31 34.55 -6.10
CA LEU J 671 37.68 35.60 -5.32
C LEU J 671 36.47 35.06 -4.57
N ALA J 672 35.65 34.24 -5.24
CA ALA J 672 34.46 33.71 -4.59
C ALA J 672 34.81 32.72 -3.48
N ALA J 673 35.77 31.82 -3.74
CA ALA J 673 36.06 30.75 -2.80
C ALA J 673 36.98 31.20 -1.68
N ARG J 674 38.19 31.62 -2.03
CA ARG J 674 39.20 31.90 -1.01
C ARG J 674 38.93 33.20 -0.26
N TRP J 675 38.37 34.20 -0.93
CA TRP J 675 38.18 35.51 -0.34
C TRP J 675 36.80 35.69 0.27
N ARG J 676 35.77 35.03 -0.27
CA ARG J 676 34.41 35.19 0.21
C ARG J 676 33.86 33.92 0.85
N ARG J 677 33.91 32.79 0.15
CA ARG J 677 33.38 31.55 0.71
C ARG J 677 34.19 31.11 1.93
N LEU J 678 35.51 31.24 1.86
CA LEU J 678 36.35 30.94 3.02
C LEU J 678 36.22 31.98 4.11
N LEU J 679 35.73 33.19 3.78
CA LEU J 679 35.55 34.22 4.80
C LEU J 679 34.50 33.81 5.82
N ALA J 680 33.41 33.20 5.37
CA ALA J 680 32.34 32.76 6.26
C ALA J 680 32.12 31.26 6.14
N ARG J 695 16.11 20.64 -0.66
CA ARG J 695 17.21 21.40 -0.08
C ARG J 695 17.72 22.44 -1.07
N ARG J 696 17.13 22.43 -2.27
CA ARG J 696 17.48 23.42 -3.27
C ARG J 696 16.99 24.80 -2.84
N PRO J 697 17.69 25.87 -3.23
CA PRO J 697 17.23 27.22 -2.87
C PRO J 697 15.87 27.53 -3.47
N GLY J 698 15.06 28.24 -2.71
CA GLY J 698 13.73 28.62 -3.15
C GLY J 698 12.75 28.56 -2.00
N ASN J 699 11.51 28.91 -2.31
CA ASN J 699 10.43 28.89 -1.32
C ASN J 699 9.83 27.50 -1.27
N PRO J 700 9.84 26.82 -0.12
CA PRO J 700 9.23 25.47 -0.06
C PRO J 700 7.75 25.48 -0.40
N LEU J 701 7.03 26.53 -0.04
CA LEU J 701 5.60 26.64 -0.34
C LEU J 701 5.43 27.62 -1.50
N ALA J 702 5.56 27.08 -2.71
CA ALA J 702 5.47 27.86 -3.94
C ALA J 702 4.41 27.28 -4.86
N ALA J 703 3.61 28.16 -5.47
CA ALA J 703 2.59 27.72 -6.41
C ALA J 703 3.20 27.35 -7.76
N ASN J 704 3.88 28.29 -8.39
CA ASN J 704 4.57 28.04 -9.65
C ASN J 704 6.01 27.65 -9.37
N ASP J 705 6.43 26.49 -9.90
CA ASP J 705 7.73 25.93 -9.55
C ASP J 705 8.51 25.43 -10.76
N SER J 706 8.12 25.81 -11.98
CA SER J 706 8.80 25.37 -13.20
C SER J 706 8.83 23.85 -13.29
N ASP J 707 9.92 23.23 -12.83
CA ASP J 707 10.02 21.78 -12.77
C ASP J 707 9.49 21.32 -11.41
N THR J 708 8.37 20.60 -11.43
CA THR J 708 7.72 20.17 -10.19
C THR J 708 7.63 18.65 -10.07
N GLY J 709 7.11 17.97 -11.09
CA GLY J 709 6.85 16.55 -11.01
C GLY J 709 5.53 16.18 -10.36
N PHE J 710 4.87 17.13 -9.70
CA PHE J 710 3.54 16.93 -9.09
C PHE J 710 3.54 15.76 -8.10
N GLU J 711 4.66 15.57 -7.40
CA GLU J 711 4.76 14.47 -6.44
C GLU J 711 5.28 14.96 -5.10
N THR J 712 6.08 16.02 -5.10
CA THR J 712 6.57 16.57 -3.84
C THR J 712 5.40 17.15 -3.05
N GLU J 713 5.31 16.76 -1.78
CA GLU J 713 4.16 17.07 -0.95
C GLU J 713 4.54 18.04 0.16
N SER J 714 3.77 19.11 0.31
CA SER J 714 3.93 20.02 1.43
C SER J 714 3.09 19.53 2.61
N ASP J 715 3.73 19.43 3.78
CA ASP J 715 3.07 18.97 4.99
C ASP J 715 2.62 20.13 5.88
N MET J 716 2.35 21.29 5.28
CA MET J 716 1.93 22.47 6.03
C MET J 716 1.28 23.45 5.07
N MET J 717 0.72 24.51 5.64
CA MET J 717 0.08 25.57 4.88
C MET J 717 0.25 26.89 5.61
N GLU J 718 0.05 27.98 4.87
CA GLU J 718 0.10 29.30 5.48
C GLU J 718 -0.98 29.43 6.55
N MET J 719 -0.56 29.70 7.77
CA MET J 719 -1.47 29.74 8.90
C MET J 719 -2.44 30.91 8.78
N CYS J 720 -3.70 30.67 9.15
CA CYS J 720 -4.70 31.73 9.10
C CYS J 720 -4.40 32.78 10.17
N ASP J 721 -4.69 34.04 9.84
CA ASP J 721 -4.62 35.12 10.81
C ASP J 721 -5.99 35.31 11.46
N ILE J 722 -6.03 36.18 12.46
CA ILE J 722 -7.26 36.37 13.24
C ILE J 722 -8.44 36.84 12.38
N PRO J 723 -8.30 37.86 11.52
CA PRO J 723 -9.46 38.25 10.67
C PRO J 723 -9.98 37.12 9.80
N GLU J 724 -9.08 36.30 9.24
CA GLU J 724 -9.51 35.20 8.40
C GLU J 724 -10.27 34.16 9.19
N ILE J 725 -9.80 33.85 10.40
CA ILE J 725 -10.51 32.91 11.26
C ILE J 725 -11.87 33.46 11.65
N LEU J 726 -11.95 34.76 11.97
CA LEU J 726 -13.22 35.37 12.33
C LEU J 726 -14.21 35.31 11.16
N GLY J 727 -13.74 35.61 9.95
CA GLY J 727 -14.61 35.52 8.79
C GLY J 727 -15.05 34.10 8.51
N THR J 728 -14.14 33.14 8.69
CA THR J 728 -14.49 31.73 8.48
C THR J 728 -15.56 31.29 9.47
N VAL J 729 -15.43 31.69 10.73
CA VAL J 729 -16.46 31.35 11.72
C VAL J 729 -17.77 32.04 11.38
N GLN J 730 -17.70 33.29 10.94
CA GLN J 730 -18.92 34.03 10.58
C GLN J 730 -19.67 33.35 9.45
N GLU J 731 -18.94 32.85 8.45
CA GLU J 731 -19.59 32.16 7.35
C GLU J 731 -20.04 30.75 7.75
N ALA J 732 -19.27 30.10 8.62
CA ALA J 732 -19.65 28.76 9.07
C ALA J 732 -20.93 28.79 9.88
N ARG J 733 -21.14 29.84 10.68
CA ARG J 733 -22.40 29.95 11.42
C ARG J 733 -23.58 30.10 10.47
N GLN J 734 -23.42 30.89 9.40
CA GLN J 734 -24.46 30.97 8.38
C GLN J 734 -24.73 29.62 7.76
N ILE J 735 -23.67 28.88 7.43
CA ILE J 735 -23.84 27.57 6.80
C ILE J 735 -24.57 26.63 7.73
N VAL J 736 -24.21 26.64 9.02
CA VAL J 736 -24.86 25.78 10.00
C VAL J 736 -26.34 26.14 10.15
N GLU J 737 -26.64 27.45 10.20
CA GLU J 737 -28.03 27.88 10.33
C GLU J 737 -28.85 27.44 9.13
N ARG J 738 -28.28 27.57 7.92
CA ARG J 738 -29.01 27.14 6.73
C ARG J 738 -29.17 25.63 6.68
N ALA J 739 -28.19 24.87 7.18
CA ALA J 739 -28.25 23.42 7.15
C ALA J 739 -29.19 22.86 8.22
N ARG J 740 -29.41 23.59 9.31
CA ARG J 740 -30.29 23.12 10.38
C ARG J 740 -31.77 23.21 10.02
N MET J 741 -32.11 23.47 8.76
CA MET J 741 -33.50 23.53 8.33
C MET J 741 -34.01 22.19 7.78
N TRP J 742 -33.16 21.16 7.76
CA TRP J 742 -33.57 19.82 7.33
C TRP J 742 -33.63 18.84 8.51
N ARG J 743 -33.81 19.35 9.72
CA ARG J 743 -33.56 18.56 10.92
C ARG J 743 -34.78 17.81 11.44
N PHE J 744 -36.00 18.27 11.16
CA PHE J 744 -37.18 17.68 11.77
C PHE J 744 -38.28 17.45 10.74
N LYS J 745 -37.94 16.80 9.63
CA LYS J 745 -38.88 16.36 8.60
C LYS J 745 -40.15 15.80 9.26
N PRO J 746 -41.34 16.26 8.83
CA PRO J 746 -42.58 15.95 9.57
C PRO J 746 -42.81 14.47 9.84
N TYR J 747 -42.86 13.65 8.80
CA TYR J 747 -43.05 12.21 8.95
C TYR J 747 -41.82 11.51 8.37
N GLY J 748 -40.80 11.35 9.22
CA GLY J 748 -39.60 10.64 8.84
C GLY J 748 -39.16 9.73 9.96
N GLU J 749 -38.25 8.80 9.61
CA GLU J 749 -37.84 7.79 10.57
C GLU J 749 -37.19 8.40 11.81
N VAL J 750 -36.30 9.36 11.61
CA VAL J 750 -35.64 9.99 12.76
C VAL J 750 -36.65 10.72 13.62
N GLY J 751 -37.56 11.47 13.00
CA GLY J 751 -38.56 12.19 13.77
C GLY J 751 -39.51 11.26 14.51
N LEU J 752 -39.91 10.16 13.86
CA LEU J 752 -40.84 9.23 14.49
C LEU J 752 -40.18 8.44 15.62
N ARG J 753 -38.89 8.16 15.51
CA ARG J 753 -38.24 7.22 16.42
C ARG J 753 -37.31 7.86 17.43
N MET J 754 -37.01 9.16 17.30
CA MET J 754 -36.06 9.82 18.18
C MET J 754 -36.64 11.02 18.93
N ALA J 755 -37.90 11.37 18.69
CA ALA J 755 -38.57 12.45 19.42
C ALA J 755 -39.37 11.80 20.53
N GLN J 756 -38.88 11.89 21.76
CA GLN J 756 -39.47 11.20 22.89
C GLN J 756 -39.59 12.15 24.08
N ASP J 757 -40.46 11.79 25.01
CA ASP J 757 -40.65 12.55 26.24
C ASP J 757 -39.72 12.01 27.32
N ALA J 758 -39.97 12.39 28.58
CA ALA J 758 -39.09 11.99 29.67
C ALA J 758 -39.06 10.47 29.85
N ASN J 759 -40.21 9.82 29.68
CA ASN J 759 -40.27 8.37 29.85
C ASN J 759 -39.87 7.60 28.61
N GLY J 760 -39.54 8.29 27.52
CA GLY J 760 -39.12 7.63 26.30
C GLY J 760 -40.25 7.30 25.33
N SER J 761 -41.50 7.52 25.71
CA SER J 761 -42.61 7.26 24.81
C SER J 761 -42.65 8.31 23.70
N PRO J 762 -43.15 7.95 22.52
CA PRO J 762 -43.21 8.92 21.42
C PRO J 762 -44.20 10.03 21.72
N VAL J 763 -43.95 11.19 21.14
CA VAL J 763 -44.79 12.38 21.32
C VAL J 763 -45.36 12.79 19.97
N SER J 764 -46.51 13.43 20.00
CA SER J 764 -47.17 13.92 18.80
C SER J 764 -46.70 15.35 18.54
N LEU J 765 -45.67 15.48 17.71
CA LEU J 765 -45.12 16.79 17.39
C LEU J 765 -46.13 17.61 16.60
N MET J 766 -46.21 18.91 16.92
CA MET J 766 -47.13 19.82 16.25
C MET J 766 -46.54 20.19 14.88
N GLN J 767 -46.75 19.30 13.92
CA GLN J 767 -46.27 19.52 12.55
C GLN J 767 -47.36 19.19 11.54
N GLU J 768 -48.61 19.18 11.97
CA GLU J 768 -49.71 18.97 11.04
C GLU J 768 -49.83 20.17 10.11
N PRO J 769 -50.05 19.94 8.80
CA PRO J 769 -50.14 21.07 7.86
C PRO J 769 -51.41 21.89 8.02
N LEU J 770 -52.42 21.37 8.71
CA LEU J 770 -53.72 22.03 8.81
C LEU J 770 -54.18 22.30 10.23
N HIS J 771 -53.60 21.64 11.24
CA HIS J 771 -54.09 21.72 12.60
C HIS J 771 -53.07 22.45 13.47
N TYR J 772 -53.54 23.48 14.18
CA TYR J 772 -52.73 24.25 15.14
C TYR J 772 -53.44 24.20 16.49
N PRO J 773 -53.12 23.21 17.33
CA PRO J 773 -53.91 23.02 18.55
C PRO J 773 -53.40 23.80 19.76
N HIS J 774 -54.19 23.77 20.84
CA HIS J 774 -53.82 24.33 22.13
C HIS J 774 -53.44 25.80 22.03
N GLY J 775 -54.22 26.55 21.25
CA GLY J 775 -54.00 27.98 21.14
C GLY J 775 -52.66 28.37 20.58
N THR J 776 -52.18 27.66 19.57
CA THR J 776 -50.93 27.99 18.90
C THR J 776 -51.17 28.45 17.46
N LYS J 777 -52.36 28.98 17.18
CA LYS J 777 -52.69 29.41 15.83
C LYS J 777 -51.91 30.67 15.41
N PHE J 778 -51.24 31.33 16.35
CA PHE J 778 -50.39 32.47 16.00
C PHE J 778 -49.16 32.05 15.21
N MET J 779 -48.84 30.75 15.18
CA MET J 779 -47.70 30.26 14.42
C MET J 779 -48.01 30.07 12.94
N ALA J 780 -49.26 30.25 12.53
CA ALA J 780 -49.62 30.08 11.14
C ALA J 780 -48.97 31.16 10.29
N PRO J 781 -48.19 30.80 9.26
CA PRO J 781 -47.53 31.82 8.43
C PRO J 781 -48.45 32.44 7.40
N GLY J 782 -49.64 32.88 7.85
CA GLY J 782 -50.60 33.47 6.94
C GLY J 782 -51.48 34.50 7.63
N PRO J 783 -52.56 34.90 6.95
CA PRO J 783 -53.49 35.84 7.59
C PRO J 783 -54.15 35.29 8.83
N LEU J 784 -54.25 33.95 8.95
CA LEU J 784 -54.88 33.36 10.12
C LEU J 784 -54.07 33.64 11.38
N GLY J 785 -52.75 33.74 11.26
CA GLY J 785 -51.91 34.00 12.42
C GLY J 785 -52.15 35.37 13.03
N LEU J 786 -52.39 36.38 12.17
CA LEU J 786 -52.59 37.73 12.68
C LEU J 786 -53.87 37.85 13.48
N CYS J 787 -54.85 36.97 13.23
CA CYS J 787 -56.11 37.04 13.96
C CYS J 787 -55.93 36.73 15.44
N HIS J 788 -54.97 35.86 15.78
CA HIS J 788 -54.73 35.45 17.15
C HIS J 788 -53.53 36.20 17.74
N ALA J 789 -53.38 36.08 19.05
CA ALA J 789 -52.38 36.83 19.80
C ALA J 789 -51.27 35.91 20.29
N VAL J 790 -50.10 36.50 20.51
CA VAL J 790 -48.93 35.79 20.99
C VAL J 790 -49.04 35.59 22.50
N PRO J 791 -48.39 34.56 23.07
CA PRO J 791 -48.56 34.26 24.50
C PRO J 791 -47.87 35.21 25.46
N ASP J 792 -47.32 36.33 24.96
CA ASP J 792 -46.70 37.35 25.82
C ASP J 792 -45.51 36.80 26.60
N ASP J 793 -44.49 36.33 25.87
CA ASP J 793 -43.24 35.87 26.46
C ASP J 793 -42.08 36.56 25.76
N PRO J 794 -41.26 37.34 26.47
CA PRO J 794 -40.20 38.11 25.79
C PRO J 794 -39.21 37.24 25.01
N SER J 795 -38.82 36.08 25.53
CA SER J 795 -37.92 35.21 24.78
C SER J 795 -38.57 34.68 23.51
N LEU J 796 -39.85 34.30 23.60
CA LEU J 796 -40.58 33.86 22.42
C LEU J 796 -40.68 34.99 21.40
N ARG J 797 -40.92 36.21 21.87
CA ARG J 797 -41.00 37.36 20.97
C ARG J 797 -39.66 37.61 20.28
N GLN J 798 -38.55 37.49 21.01
CA GLN J 798 -37.24 37.66 20.40
C GLN J 798 -36.97 36.57 19.37
N GLU J 799 -37.34 35.33 19.69
CA GLU J 799 -37.17 34.25 18.73
C GLU J 799 -37.97 34.49 17.46
N MET J 800 -39.22 34.93 17.61
CA MET J 800 -40.05 35.23 16.45
C MET J 800 -39.48 36.39 15.65
N ALA J 801 -38.93 37.40 16.33
CA ALA J 801 -38.32 38.51 15.62
C ALA J 801 -37.10 38.05 14.82
N LYS J 802 -36.27 37.18 15.41
CA LYS J 802 -35.12 36.67 14.67
C LYS J 802 -35.55 35.85 13.46
N VAL J 803 -36.57 35.00 13.63
CA VAL J 803 -37.06 34.22 12.50
C VAL J 803 -37.60 35.14 11.41
N ALA J 804 -38.33 36.18 11.80
CA ALA J 804 -38.85 37.13 10.82
C ALA J 804 -37.72 37.86 10.10
N HIS J 805 -36.65 38.20 10.83
CA HIS J 805 -35.51 38.84 10.19
C HIS J 805 -34.86 37.92 9.17
N ASN J 806 -34.70 36.64 9.51
CA ASN J 806 -34.16 35.69 8.55
C ASN J 806 -35.06 35.55 7.33
N TYR J 807 -36.38 35.50 7.55
CA TYR J 807 -37.32 35.39 6.45
C TYR J 807 -37.24 36.60 5.53
N ALA J 808 -37.13 37.80 6.11
CA ALA J 808 -37.01 39.00 5.30
C ALA J 808 -35.70 39.03 4.53
N ALA J 809 -34.62 38.55 5.15
CA ALA J 809 -33.34 38.47 4.45
C ALA J 809 -33.42 37.54 3.26
N ILE J 810 -34.11 36.40 3.43
CA ILE J 810 -34.33 35.49 2.30
C ILE J 810 -35.22 36.15 1.25
N TYR J 811 -36.25 36.88 1.68
CA TYR J 811 -37.19 37.49 0.76
C TYR J 811 -36.52 38.54 -0.12
N ARG J 812 -35.63 39.34 0.45
CA ARG J 812 -35.04 40.46 -0.30
C ARG J 812 -34.18 40.00 -1.47
N MET J 813 -33.78 38.73 -1.53
CA MET J 813 -32.90 38.26 -2.59
C MET J 813 -33.66 37.88 -3.86
N TYR J 814 -34.99 37.85 -3.84
CA TYR J 814 -35.77 37.46 -5.01
C TYR J 814 -36.79 38.51 -5.45
N ASN J 815 -37.03 39.55 -4.65
CA ASN J 815 -38.01 40.58 -4.99
C ASN J 815 -37.34 41.94 -4.96
N PHE J 816 -37.49 42.71 -6.03
CA PHE J 816 -36.84 44.00 -6.18
C PHE J 816 -37.88 45.08 -6.45
N ASP J 817 -37.41 46.32 -6.47
CA ASP J 817 -38.26 47.48 -6.75
C ASP J 817 -38.03 47.95 -8.18
N TRP J 818 -39.12 48.34 -8.85
CA TRP J 818 -39.00 48.81 -10.23
C TRP J 818 -38.36 50.19 -10.28
N ASP J 819 -38.67 51.06 -9.32
CA ASP J 819 -38.12 52.41 -9.24
C ASP J 819 -37.54 52.62 -7.85
N PRO J 820 -36.28 52.24 -7.63
CA PRO J 820 -35.68 52.39 -6.30
C PRO J 820 -35.45 53.85 -5.94
N GLU J 821 -35.54 54.12 -4.64
CA GLU J 821 -35.29 55.46 -4.10
C GLU J 821 -33.79 55.73 -4.05
N PRO J 822 -33.36 56.95 -4.39
CA PRO J 822 -31.94 57.30 -4.24
C PRO J 822 -31.50 57.17 -2.79
N GLY J 823 -30.25 56.74 -2.62
CA GLY J 823 -29.70 56.48 -1.30
C GLY J 823 -29.78 55.04 -0.85
N THR J 824 -30.27 54.15 -1.69
CA THR J 824 -30.37 52.73 -1.36
C THR J 824 -29.36 51.93 -2.20
N VAL J 825 -29.08 50.71 -1.75
CA VAL J 825 -28.09 49.86 -2.41
C VAL J 825 -28.51 49.54 -3.84
N GLN J 826 -29.78 49.16 -4.02
CA GLN J 826 -30.27 48.82 -5.35
C GLN J 826 -30.16 50.00 -6.30
N TYR J 827 -30.31 51.23 -5.79
CA TYR J 827 -30.15 52.40 -6.63
C TYR J 827 -28.74 52.50 -7.17
N LYS J 828 -27.74 52.30 -6.31
CA LYS J 828 -26.35 52.37 -6.78
C LYS J 828 -26.03 51.20 -7.71
N ILE J 829 -26.65 50.04 -7.48
CA ILE J 829 -26.44 48.91 -8.38
C ILE J 829 -26.96 49.24 -9.77
N ASP J 830 -28.16 49.82 -9.84
CA ASP J 830 -28.73 50.21 -11.14
C ASP J 830 -27.88 51.28 -11.81
N GLN J 831 -27.38 52.24 -11.03
CA GLN J 831 -26.50 53.27 -11.58
C GLN J 831 -25.24 52.66 -12.18
N ARG J 832 -24.63 51.70 -11.48
CA ARG J 832 -23.42 51.06 -12.00
C ARG J 832 -23.72 50.25 -13.25
N ILE J 833 -24.87 49.58 -13.29
CA ILE J 833 -25.24 48.82 -14.49
C ILE J 833 -25.39 49.74 -15.68
N ARG J 834 -26.07 50.87 -15.49
CA ARG J 834 -26.25 51.83 -16.58
C ARG J 834 -24.91 52.41 -17.04
N ARG J 835 -24.03 52.71 -16.07
CA ARG J 835 -22.70 53.20 -16.43
C ARG J 835 -21.92 52.17 -17.24
N ALA J 836 -22.03 50.89 -16.86
CA ALA J 836 -21.36 49.83 -17.59
C ALA J 836 -21.86 49.75 -19.02
N GLN J 837 -23.17 49.83 -19.20
CA GLN J 837 -23.73 49.80 -20.56
C GLN J 837 -23.24 50.98 -21.39
N GLU J 838 -23.22 52.18 -20.79
CA GLU J 838 -22.76 53.36 -21.51
C GLU J 838 -21.29 53.25 -21.90
N LEU J 839 -20.46 52.76 -20.97
CA LEU J 839 -19.04 52.60 -21.26
C LEU J 839 -18.81 51.58 -22.38
N ARG J 840 -19.54 50.47 -22.34
CA ARG J 840 -19.40 49.47 -23.40
C ARG J 840 -19.83 50.05 -24.74
N ASN J 841 -20.91 50.83 -24.75
CA ASN J 841 -21.35 51.45 -26.00
C ASN J 841 -20.29 52.41 -26.55
N ASN J 842 -19.67 53.21 -25.67
CA ASN J 842 -18.63 54.13 -26.12
C ASN J 842 -17.43 53.37 -26.67
N ALA J 843 -17.04 52.29 -26.00
CA ALA J 843 -15.92 51.48 -26.47
C ALA J 843 -16.23 50.87 -27.84
N MET J 844 -17.46 50.36 -28.01
CA MET J 844 -17.84 49.79 -29.30
C MET J 844 -17.86 50.85 -30.40
N ALA J 845 -18.31 52.07 -30.05
CA ALA J 845 -18.30 53.14 -31.04
C ALA J 845 -16.88 53.49 -31.47
N ARG J 846 -15.95 53.54 -30.51
CA ARG J 846 -14.56 53.80 -30.86
C ARG J 846 -13.98 52.69 -31.73
N TYR J 847 -14.32 51.43 -31.41
CA TYR J 847 -13.86 50.31 -32.23
C TYR J 847 -14.43 50.41 -33.64
N LEU J 848 -15.70 50.79 -33.77
CA LEU J 848 -16.30 50.96 -35.09
C LEU J 848 -15.61 52.08 -35.87
N ALA J 849 -15.27 53.18 -35.19
CA ALA J 849 -14.56 54.26 -35.87
C ALA J 849 -13.20 53.78 -36.36
N ALA J 850 -12.48 53.01 -35.53
CA ALA J 850 -11.19 52.47 -35.96
C ALA J 850 -11.36 51.53 -37.16
N ALA J 851 -12.39 50.69 -37.12
CA ALA J 851 -12.65 49.77 -38.23
C ALA J 851 -12.95 50.52 -39.51
N ASP J 852 -13.75 51.59 -39.41
CA ASP J 852 -14.05 52.40 -40.59
C ASP J 852 -12.80 53.06 -41.14
N GLU J 853 -11.92 53.53 -40.25
CA GLU J 853 -10.67 54.13 -40.71
C GLU J 853 -9.80 53.10 -41.43
N VAL J 854 -9.72 51.89 -40.89
CA VAL J 854 -8.87 50.87 -41.49
C VAL J 854 -9.41 50.42 -42.83
N LEU J 855 -10.72 50.13 -42.90
CA LEU J 855 -11.31 49.55 -44.09
C LEU J 855 -11.42 50.53 -45.25
N ARG J 856 -11.23 51.83 -45.00
CA ARG J 856 -11.33 52.82 -46.06
C ARG J 856 -10.37 53.98 -45.82
N GLY K 78 -5.22 62.68 -29.47
CA GLY K 78 -4.66 63.14 -28.21
C GLY K 78 -5.59 62.95 -27.03
N THR K 79 -6.58 63.83 -26.92
CA THR K 79 -7.54 63.73 -25.82
C THR K 79 -8.39 62.48 -25.92
N GLN K 80 -8.68 62.02 -27.15
CA GLN K 80 -9.50 60.84 -27.34
C GLN K 80 -8.85 59.61 -26.73
N GLN K 81 -7.53 59.45 -26.94
CA GLN K 81 -6.83 58.31 -26.39
C GLN K 81 -6.82 58.34 -24.86
N GLU K 82 -6.59 59.51 -24.28
CA GLU K 82 -6.62 59.65 -22.83
C GLU K 82 -8.00 59.32 -22.28
N LEU K 83 -9.06 59.79 -22.94
CA LEU K 83 -10.41 59.49 -22.50
C LEU K 83 -10.70 58.00 -22.59
N ALA K 84 -10.24 57.36 -23.66
CA ALA K 84 -10.45 55.92 -23.82
C ALA K 84 -9.72 55.14 -22.72
N GLN K 85 -8.48 55.54 -22.42
CA GLN K 85 -7.74 54.86 -21.35
C GLN K 85 -8.41 55.06 -20.00
N MET K 86 -8.90 56.27 -19.73
CA MET K 86 -9.60 56.53 -18.48
C MET K 86 -10.88 55.70 -18.39
N GLU K 87 -11.61 55.57 -19.50
CA GLU K 87 -12.83 54.77 -19.50
C GLU K 87 -12.51 53.30 -19.30
N ALA K 88 -11.42 52.81 -19.88
CA ALA K 88 -10.99 51.43 -19.63
C ALA K 88 -10.63 51.22 -18.17
N MET K 89 -9.93 52.18 -17.57
CA MET K 89 -9.60 52.09 -16.15
C MET K 89 -10.85 52.09 -15.28
N GLU K 90 -11.84 52.91 -15.64
CA GLU K 90 -13.11 52.92 -14.90
C GLU K 90 -13.84 51.59 -15.07
N LEU K 91 -13.84 51.04 -16.27
CA LEU K 91 -14.44 49.73 -16.50
C LEU K 91 -13.74 48.66 -15.67
N ALA K 92 -12.44 48.80 -15.46
CA ALA K 92 -11.69 47.81 -14.69
C ALA K 92 -12.21 47.69 -13.27
N THR K 93 -12.56 48.81 -12.64
CA THR K 93 -12.98 48.82 -11.25
C THR K 93 -14.43 49.25 -11.05
N LEU K 94 -15.26 49.16 -12.09
CA LEU K 94 -16.64 49.65 -11.97
C LEU K 94 -17.47 48.82 -11.00
N PHE K 95 -17.34 47.49 -11.07
CA PHE K 95 -18.14 46.59 -10.25
C PHE K 95 -17.45 46.20 -8.96
N ASP K 96 -16.38 46.89 -8.60
CA ASP K 96 -15.74 46.71 -7.30
C ASP K 96 -16.60 47.44 -6.27
N MET K 97 -17.50 46.71 -5.60
CA MET K 97 -18.48 47.32 -4.73
C MET K 97 -17.87 47.98 -3.49
N SER K 98 -16.62 47.65 -3.15
CA SER K 98 -15.98 48.31 -2.03
C SER K 98 -15.54 49.73 -2.38
N LYS K 99 -15.25 49.99 -3.64
CA LYS K 99 -14.83 51.32 -4.07
C LYS K 99 -16.04 52.23 -4.22
N PRO K 100 -16.09 53.37 -3.53
CA PRO K 100 -17.18 54.32 -3.77
C PRO K 100 -17.12 54.89 -5.17
N HIS K 101 -18.29 55.22 -5.70
CA HIS K 101 -18.38 55.77 -7.04
C HIS K 101 -19.18 57.06 -7.03
N PRO K 102 -18.75 58.07 -7.79
CA PRO K 102 -19.48 59.36 -7.80
C PRO K 102 -20.90 59.26 -8.32
N LEU K 103 -21.22 58.26 -9.14
CA LEU K 103 -22.58 58.12 -9.65
C LEU K 103 -23.52 57.51 -8.62
N ASP K 104 -23.01 57.04 -7.50
CA ASP K 104 -23.87 56.56 -6.43
C ASP K 104 -24.61 57.73 -5.77
N ASN K 105 -25.83 57.46 -5.32
CA ASN K 105 -26.72 58.43 -4.69
C ASN K 105 -26.72 59.78 -5.41
N ALA K 106 -26.63 59.74 -6.74
CA ALA K 106 -26.65 60.96 -7.54
C ALA K 106 -28.09 61.41 -7.80
N ALA K 107 -28.22 62.65 -8.27
CA ALA K 107 -29.54 63.20 -8.54
C ALA K 107 -30.07 62.65 -9.86
N PRO K 108 -31.25 62.02 -9.86
CA PRO K 108 -31.81 61.52 -11.11
C PRO K 108 -32.27 62.66 -12.02
N ALA K 109 -32.42 62.33 -13.31
CA ALA K 109 -32.85 63.32 -14.28
C ALA K 109 -34.20 63.92 -13.94
N THR K 110 -35.09 63.14 -13.32
CA THR K 110 -36.38 63.61 -12.88
C THR K 110 -36.53 63.39 -11.38
N PRO K 111 -37.32 64.22 -10.69
CA PRO K 111 -37.52 64.02 -9.25
C PRO K 111 -38.13 62.66 -8.97
N TRP K 112 -37.69 62.06 -7.87
CA TRP K 112 -38.11 60.69 -7.57
C TRP K 112 -39.53 60.66 -7.03
N LYS K 113 -40.35 59.79 -7.62
CA LYS K 113 -41.70 59.53 -7.14
C LYS K 113 -41.91 58.02 -7.14
N GLY K 114 -42.58 57.51 -6.11
CA GLY K 114 -42.82 56.08 -6.01
C GLY K 114 -43.66 55.54 -7.15
N GLU K 115 -43.02 54.81 -8.06
CA GLU K 115 -43.71 54.22 -9.20
C GLU K 115 -43.86 52.72 -9.01
N LEU K 116 -44.70 52.13 -9.87
CA LEU K 116 -44.92 50.70 -9.90
C LEU K 116 -44.86 50.22 -11.34
N ARG K 117 -44.42 48.98 -11.52
CA ARG K 117 -44.29 48.41 -12.86
C ARG K 117 -45.67 48.28 -13.49
N PRO K 118 -45.87 48.79 -14.71
CA PRO K 118 -47.18 48.68 -15.35
C PRO K 118 -47.58 47.22 -15.56
N VAL K 119 -48.86 46.95 -15.37
CA VAL K 119 -49.37 45.58 -15.50
C VAL K 119 -49.49 45.23 -16.98
N PRO K 120 -48.95 44.09 -17.43
CA PRO K 120 -49.11 43.70 -18.83
C PRO K 120 -50.56 43.43 -19.17
N ARG K 121 -50.91 43.63 -20.44
CA ARG K 121 -52.26 43.40 -20.93
C ARG K 121 -52.32 42.22 -21.90
N LYS K 122 -51.51 42.25 -22.96
CA LYS K 122 -51.54 41.25 -24.01
C LYS K 122 -50.26 40.41 -23.95
N ILE K 123 -50.43 39.09 -23.88
CA ILE K 123 -49.32 38.16 -23.77
C ILE K 123 -49.45 37.12 -24.87
N VAL K 124 -48.38 36.91 -25.64
CA VAL K 124 -48.36 35.95 -26.72
C VAL K 124 -47.20 34.99 -26.46
N LEU K 125 -47.53 33.76 -26.09
CA LEU K 125 -46.50 32.76 -25.81
C LEU K 125 -46.06 32.05 -27.08
N SER K 126 -44.76 31.84 -27.20
CA SER K 126 -44.18 31.08 -28.29
C SER K 126 -44.30 29.58 -28.01
N PRO K 127 -44.20 28.74 -29.05
CA PRO K 127 -44.19 27.29 -28.80
C PRO K 127 -43.08 26.85 -27.88
N TYR K 128 -41.95 27.55 -27.89
CA TYR K 128 -40.86 27.27 -26.95
C TYR K 128 -41.33 27.35 -25.51
N GLN K 129 -42.07 28.41 -25.17
CA GLN K 129 -42.58 28.55 -23.80
C GLN K 129 -43.61 27.48 -23.48
N TYR K 130 -44.49 27.15 -24.44
CA TYR K 130 -45.47 26.10 -24.21
C TYR K 130 -44.80 24.78 -23.89
N GLU K 131 -43.80 24.39 -24.68
CA GLU K 131 -43.14 23.12 -24.45
C GLU K 131 -42.32 23.14 -23.17
N MET K 132 -41.70 24.28 -22.84
CA MET K 132 -40.96 24.37 -21.58
C MET K 132 -41.91 24.23 -20.39
N ILE K 133 -43.08 24.86 -20.46
CA ILE K 133 -44.06 24.73 -19.39
C ILE K 133 -44.54 23.28 -19.28
N ASN K 134 -44.78 22.63 -20.42
CA ASN K 134 -45.21 21.23 -20.40
C ASN K 134 -44.15 20.35 -19.76
N TYR K 135 -42.88 20.57 -20.10
CA TYR K 135 -41.78 19.80 -19.52
C TYR K 135 -41.70 20.01 -18.01
N GLN K 136 -41.82 21.27 -17.57
CA GLN K 136 -41.78 21.55 -16.13
C GLN K 136 -42.96 20.91 -15.41
N ARG K 137 -44.15 20.93 -16.01
CA ARG K 137 -45.30 20.26 -15.42
C ARG K 137 -45.08 18.77 -15.34
N MET K 138 -44.41 18.20 -16.35
CA MET K 138 -44.07 16.77 -16.30
C MET K 138 -43.14 16.48 -15.14
N LEU K 139 -42.15 17.35 -14.90
CA LEU K 139 -41.19 17.09 -13.84
C LEU K 139 -41.83 17.17 -12.46
N MET K 140 -42.81 18.05 -12.29
CA MET K 140 -43.38 18.33 -10.97
C MET K 140 -44.74 17.68 -10.74
N ARG K 141 -45.15 16.73 -11.58
CA ARG K 141 -46.50 16.20 -11.46
C ARG K 141 -46.64 15.23 -10.29
N LYS K 142 -45.52 14.77 -9.72
CA LYS K 142 -45.54 13.85 -8.58
C LYS K 142 -44.90 14.44 -7.34
N ASN K 143 -44.79 15.76 -7.25
CA ASN K 143 -44.08 16.38 -6.14
C ASN K 143 -44.91 16.38 -4.87
N ILE K 144 -44.21 16.36 -3.74
CA ILE K 144 -44.80 16.56 -2.42
C ILE K 144 -44.11 17.76 -1.80
N TRP K 145 -44.89 18.73 -1.34
CA TRP K 145 -44.37 20.02 -0.92
C TRP K 145 -44.34 20.12 0.59
N TYR K 146 -43.48 21.00 1.08
CA TYR K 146 -43.41 21.32 2.51
C TYR K 146 -43.34 22.82 2.69
N TYR K 147 -43.79 23.31 3.84
CA TYR K 147 -43.76 24.73 4.11
C TYR K 147 -43.34 24.99 5.55
N ARG K 148 -42.90 26.22 5.82
CA ARG K 148 -42.38 26.61 7.12
C ARG K 148 -43.30 27.63 7.76
N ASP K 149 -43.46 27.52 9.09
CA ASP K 149 -44.33 28.39 9.86
C ASP K 149 -43.54 29.55 10.46
N ARG K 150 -44.19 30.33 11.33
CA ARG K 150 -43.55 31.50 11.92
C ARG K 150 -42.45 31.11 12.89
N MET K 151 -42.50 29.90 13.43
CA MET K 151 -41.50 29.42 14.36
C MET K 151 -40.36 28.67 13.68
N ASN K 152 -40.32 28.69 12.35
CA ASN K 152 -39.24 28.08 11.56
C ASN K 152 -39.21 26.56 11.76
N VAL K 153 -40.37 25.93 11.64
CA VAL K 153 -40.51 24.48 11.77
C VAL K 153 -41.19 23.96 10.51
N PRO K 154 -40.64 22.95 9.84
CA PRO K 154 -41.35 22.37 8.70
C PRO K 154 -42.69 21.79 9.11
N ARG K 155 -43.66 21.89 8.21
CA ARG K 155 -45.06 21.64 8.56
C ARG K 155 -45.71 20.69 7.56
N GLY K 156 -45.70 19.40 7.88
CA GLY K 156 -46.61 18.45 7.28
C GLY K 156 -46.25 18.01 5.87
N PRO K 157 -46.52 16.75 5.55
CA PRO K 157 -46.45 16.29 4.15
C PRO K 157 -47.65 16.82 3.39
N CYS K 158 -47.40 17.65 2.37
CA CYS K 158 -48.45 18.40 1.68
C CYS K 158 -48.54 18.02 0.21
N PRO K 159 -49.45 17.13 -0.16
CA PRO K 159 -49.81 16.99 -1.57
C PRO K 159 -50.58 18.21 -2.06
N LEU K 160 -50.92 18.18 -3.35
CA LEU K 160 -51.50 19.37 -3.99
C LEU K 160 -52.82 19.78 -3.35
N HIS K 161 -53.69 18.82 -3.04
CA HIS K 161 -54.98 19.16 -2.47
C HIS K 161 -54.84 19.66 -1.04
N VAL K 162 -53.88 19.15 -0.29
CA VAL K 162 -53.63 19.67 1.05
C VAL K 162 -53.13 21.11 0.98
N VAL K 163 -52.27 21.40 -0.01
CA VAL K 163 -51.83 22.78 -0.21
C VAL K 163 -53.01 23.67 -0.57
N LYS K 164 -53.91 23.19 -1.43
CA LYS K 164 -55.08 23.97 -1.80
C LYS K 164 -55.96 24.25 -0.59
N GLU K 165 -56.17 23.24 0.25
CA GLU K 165 -56.99 23.43 1.44
C GLU K 165 -56.35 24.42 2.41
N ALA K 166 -55.03 24.33 2.60
CA ALA K 166 -54.35 25.29 3.45
C ALA K 166 -54.40 26.70 2.89
N TRP K 167 -54.29 26.85 1.57
CA TRP K 167 -54.43 28.15 0.94
C TRP K 167 -55.82 28.72 1.14
N VAL K 168 -56.85 27.88 0.99
CA VAL K 168 -58.23 28.34 1.17
C VAL K 168 -58.48 28.74 2.62
N SER K 169 -57.97 27.96 3.56
CA SER K 169 -58.21 28.22 4.98
C SER K 169 -57.49 29.45 5.50
N GLY K 170 -56.63 30.06 4.70
CA GLY K 170 -55.90 31.24 5.14
C GLY K 170 -54.72 30.95 6.03
N ILE K 171 -54.23 29.71 6.04
CA ILE K 171 -53.07 29.36 6.84
C ILE K 171 -51.77 29.75 6.12
N VAL K 172 -51.73 29.64 4.79
CA VAL K 172 -50.55 29.99 4.01
C VAL K 172 -50.96 31.01 2.96
N ASP K 173 -49.96 31.74 2.46
CA ASP K 173 -50.17 32.74 1.43
C ASP K 173 -48.96 32.72 0.49
N GLU K 174 -48.87 33.73 -0.37
CA GLU K 174 -47.81 33.78 -1.37
C GLU K 174 -46.44 34.06 -0.77
N ASN K 175 -46.36 34.47 0.50
CA ASN K 175 -45.09 34.78 1.14
C ASN K 175 -44.56 33.63 1.99
N THR K 176 -45.27 32.51 2.07
CA THR K 176 -44.81 31.39 2.88
C THR K 176 -43.63 30.69 2.20
N LEU K 177 -42.73 30.16 3.02
CA LEU K 177 -41.54 29.47 2.52
C LEU K 177 -41.89 28.01 2.23
N PHE K 178 -41.71 27.60 0.98
CA PHE K 178 -42.03 26.27 0.52
C PHE K 178 -40.79 25.57 -0.04
N TRP K 179 -40.86 24.25 -0.08
CA TRP K 179 -39.82 23.41 -0.65
C TRP K 179 -40.44 22.25 -1.41
N GLY K 180 -39.85 21.93 -2.56
CA GLY K 180 -40.28 20.81 -3.38
C GLY K 180 -39.09 20.02 -3.90
N HIS K 181 -39.33 19.11 -4.84
CA HIS K 181 -38.26 18.22 -5.28
C HIS K 181 -37.22 18.97 -6.11
N GLY K 182 -37.65 19.90 -6.95
CA GLY K 182 -36.75 20.54 -7.90
C GLY K 182 -35.88 21.66 -7.37
N LEU K 183 -35.94 21.96 -6.07
CA LEU K 183 -35.21 23.09 -5.51
C LEU K 183 -34.09 22.60 -4.60
N TYR K 184 -33.23 23.55 -4.23
CA TYR K 184 -32.14 23.31 -3.29
C TYR K 184 -32.33 24.01 -1.96
N ASP K 185 -33.08 25.11 -1.92
CA ASP K 185 -33.32 25.88 -0.70
C ASP K 185 -34.81 26.13 -0.55
N TRP K 186 -35.19 26.81 0.54
CA TRP K 186 -36.56 27.18 0.79
C TRP K 186 -36.82 28.57 0.26
N LEU K 187 -37.86 28.71 -0.55
CA LEU K 187 -38.16 29.96 -1.25
C LEU K 187 -39.60 30.36 -0.99
N PRO K 188 -39.91 31.65 -1.14
CA PRO K 188 -41.32 32.07 -1.05
C PRO K 188 -42.17 31.40 -2.13
N ALA K 189 -43.45 31.20 -1.80
CA ALA K 189 -44.32 30.43 -2.68
C ALA K 189 -44.47 31.08 -4.05
N LYS K 190 -44.52 32.41 -4.12
CA LYS K 190 -44.67 33.08 -5.41
C LYS K 190 -43.38 33.07 -6.23
N ASN K 191 -42.24 32.73 -5.62
CA ASN K 191 -40.98 32.66 -6.35
C ASN K 191 -40.70 31.28 -6.93
N ILE K 192 -41.51 30.27 -6.60
CA ILE K 192 -41.42 28.98 -7.25
C ILE K 192 -42.12 29.07 -8.60
N LYS K 193 -41.57 28.39 -9.60
CA LYS K 193 -41.97 28.61 -10.99
C LYS K 193 -43.46 28.40 -11.19
N LEU K 194 -43.94 27.17 -10.94
CA LEU K 194 -45.34 26.80 -11.15
C LEU K 194 -45.89 26.20 -9.86
N LEU K 195 -46.30 27.05 -8.94
CA LEU K 195 -46.94 26.58 -7.71
C LEU K 195 -48.27 27.30 -7.49
N LEU K 196 -48.33 28.58 -7.84
CA LEU K 196 -49.55 29.36 -7.73
C LEU K 196 -50.58 28.97 -8.79
N PRO K 197 -50.20 28.78 -10.05
CA PRO K 197 -51.19 28.30 -11.03
C PRO K 197 -51.82 26.96 -10.64
N MET K 198 -51.05 26.07 -10.02
CA MET K 198 -51.61 24.79 -9.59
C MET K 198 -52.65 24.96 -8.50
N VAL K 199 -52.35 25.79 -7.51
CA VAL K 199 -53.27 25.96 -6.38
C VAL K 199 -54.53 26.71 -6.80
N ARG K 200 -54.36 27.78 -7.58
CA ARG K 200 -55.43 28.74 -7.82
C ARG K 200 -56.39 28.27 -8.92
N THR K 201 -57.17 27.25 -8.59
CA THR K 201 -58.33 26.93 -9.39
C THR K 201 -59.44 27.94 -9.09
N PRO K 202 -60.40 28.10 -10.01
CA PRO K 202 -61.46 29.10 -9.77
C PRO K 202 -62.21 28.88 -8.46
N GLU K 203 -62.46 27.62 -8.09
CA GLU K 203 -63.12 27.33 -6.82
C GLU K 203 -62.25 27.77 -5.65
N VAL K 204 -60.94 27.54 -5.74
CA VAL K 204 -60.04 27.98 -4.68
C VAL K 204 -60.06 29.49 -4.54
N ARG K 205 -60.07 30.20 -5.68
CA ARG K 205 -60.15 31.66 -5.63
C ARG K 205 -61.43 32.13 -4.99
N PHE K 206 -62.57 31.55 -5.38
CA PHE K 206 -63.85 31.97 -4.82
C PHE K 206 -63.92 31.67 -3.32
N ALA K 207 -63.46 30.49 -2.92
CA ALA K 207 -63.49 30.12 -1.51
C ALA K 207 -62.56 30.98 -0.67
N THR K 208 -61.36 31.28 -1.17
CA THR K 208 -60.44 32.11 -0.39
C THR K 208 -60.95 33.55 -0.32
N TRP K 209 -61.61 34.03 -1.37
CA TRP K 209 -62.22 35.35 -1.30
C TRP K 209 -63.31 35.39 -0.24
N ILE K 210 -64.16 34.36 -0.21
CA ILE K 210 -65.21 34.30 0.81
C ILE K 210 -64.60 34.26 2.20
N LYS K 211 -63.58 33.41 2.39
CA LYS K 211 -62.96 33.27 3.70
C LYS K 211 -62.31 34.58 4.15
N ARG K 212 -61.64 35.27 3.24
CA ARG K 212 -61.02 36.55 3.57
C ARG K 212 -62.07 37.60 3.91
N THR K 213 -63.13 37.70 3.11
CA THR K 213 -64.07 38.80 3.25
C THR K 213 -65.00 38.63 4.45
N PHE K 214 -65.43 37.41 4.74
CA PHE K 214 -66.49 37.22 5.73
C PHE K 214 -66.05 36.56 7.02
N SER K 215 -64.85 35.99 7.09
CA SER K 215 -64.43 35.33 8.32
C SER K 215 -63.21 35.98 8.96
N LEU K 216 -62.13 36.14 8.19
CA LEU K 216 -60.88 36.61 8.78
C LEU K 216 -60.90 38.11 9.01
N LYS K 217 -61.45 38.88 8.07
CA LYS K 217 -61.43 40.34 8.22
C LYS K 217 -62.25 40.82 9.42
N PRO K 218 -63.51 40.39 9.62
CA PRO K 218 -64.21 40.82 10.84
C PRO K 218 -63.53 40.37 12.12
N SER K 219 -62.93 39.17 12.12
CA SER K 219 -62.22 38.71 13.30
C SER K 219 -61.00 39.56 13.58
N LEU K 220 -60.28 39.98 12.54
CA LEU K 220 -59.14 40.87 12.70
C LEU K 220 -59.60 42.22 13.25
N ASN K 221 -60.71 42.76 12.73
CA ASN K 221 -61.24 44.01 13.25
C ASN K 221 -61.61 43.87 14.73
N ARG K 222 -62.26 42.76 15.09
CA ARG K 222 -62.68 42.55 16.46
C ARG K 222 -61.47 42.42 17.39
N ILE K 223 -60.44 41.70 16.96
CA ILE K 223 -59.27 41.53 17.82
C ILE K 223 -58.48 42.83 17.93
N ARG K 224 -58.47 43.64 16.88
CA ARG K 224 -57.84 44.96 16.98
C ARG K 224 -58.60 45.86 17.96
N GLU K 225 -59.94 45.81 17.91
CA GLU K 225 -60.73 46.67 18.79
C GLU K 225 -60.66 46.19 20.25
N GLN K 226 -60.57 44.87 20.46
CA GLN K 226 -60.64 44.33 21.82
C GLN K 226 -59.37 44.58 22.61
N ARG K 227 -58.21 44.39 21.98
CA ARG K 227 -56.92 44.46 22.67
C ARG K 227 -56.12 45.64 22.14
N LYS K 228 -55.64 46.48 23.05
CA LYS K 228 -54.87 47.65 22.68
C LYS K 228 -53.42 47.33 22.30
N GLU K 229 -52.98 46.09 22.51
CA GLU K 229 -51.60 45.72 22.19
C GLU K 229 -51.33 45.81 20.69
N HIS K 230 -52.36 45.80 19.86
CA HIS K 230 -52.22 46.04 18.42
C HIS K 230 -52.19 47.55 18.19
N ARG K 231 -51.00 48.10 17.99
CA ARG K 231 -50.84 49.54 17.83
C ARG K 231 -51.49 49.98 16.52
N ASP K 232 -52.40 50.96 16.61
CA ASP K 232 -53.09 51.48 15.43
C ASP K 232 -52.15 52.02 14.36
N PRO K 233 -51.13 52.82 14.68
CA PRO K 233 -50.22 53.30 13.63
C PRO K 233 -49.49 52.19 12.89
N GLN K 234 -49.15 51.11 13.58
CA GLN K 234 -48.40 49.99 12.99
C GLN K 234 -49.33 48.77 12.95
N GLU K 235 -50.08 48.64 11.86
CA GLU K 235 -50.99 47.53 11.65
C GLU K 235 -50.66 46.84 10.33
N ALA K 236 -50.59 45.51 10.36
CA ALA K 236 -50.30 44.75 9.14
C ALA K 236 -51.51 44.74 8.21
N SER K 237 -51.25 44.55 6.92
CA SER K 237 -52.28 44.50 5.90
C SER K 237 -52.26 43.18 5.14
N LEU K 238 -51.99 42.08 5.84
CA LEU K 238 -51.91 40.79 5.18
C LEU K 238 -53.31 40.27 4.82
N GLN K 239 -54.31 40.59 5.63
CA GLN K 239 -55.67 40.13 5.34
C GLN K 239 -56.22 40.75 4.07
N VAL K 240 -55.83 42.00 3.79
CA VAL K 240 -56.37 42.70 2.62
C VAL K 240 -55.97 42.00 1.33
N GLU K 241 -54.75 41.47 1.28
CA GLU K 241 -54.20 40.87 0.07
C GLU K 241 -54.31 39.34 0.06
N LEU K 242 -55.10 38.76 0.97
CA LEU K 242 -55.26 37.31 1.00
C LEU K 242 -55.92 36.78 -0.27
N MET K 243 -56.88 37.54 -0.81
CA MET K 243 -57.63 37.08 -1.98
C MET K 243 -56.70 36.73 -3.14
N ARG K 244 -55.65 37.53 -3.34
CA ARG K 244 -54.68 37.28 -4.39
C ARG K 244 -53.83 36.05 -4.08
N PHE L 326 83.72 -76.27 7.55
CA PHE L 326 84.19 -75.17 6.74
C PHE L 326 83.21 -74.86 5.61
N ARG L 327 83.74 -74.51 4.44
CA ARG L 327 82.90 -74.17 3.30
C ARG L 327 82.17 -75.39 2.75
N TRP L 328 82.73 -76.59 2.94
CA TRP L 328 82.13 -77.80 2.38
C TRP L 328 80.75 -78.06 2.95
N LEU L 329 80.46 -77.60 4.16
CA LEU L 329 79.14 -77.77 4.76
C LEU L 329 78.16 -76.66 4.36
N LEU L 330 78.60 -75.67 3.60
CA LEU L 330 77.72 -74.58 3.20
C LEU L 330 76.53 -75.03 2.37
N PRO L 331 76.69 -75.83 1.30
CA PRO L 331 75.51 -76.16 0.49
C PRO L 331 74.48 -77.02 1.22
N VAL L 332 74.93 -78.02 1.98
CA VAL L 332 73.99 -78.97 2.60
C VAL L 332 73.00 -78.23 3.50
N ALA L 333 73.52 -77.38 4.38
CA ALA L 333 72.65 -76.62 5.27
C ALA L 333 71.63 -75.80 4.49
N ILE L 334 72.00 -75.33 3.30
CA ILE L 334 71.07 -74.58 2.46
C ILE L 334 69.81 -75.38 2.23
N ALA L 335 69.97 -76.67 1.89
CA ALA L 335 68.81 -77.53 1.68
C ALA L 335 67.90 -77.50 2.90
N ALA L 336 68.50 -77.61 4.09
CA ALA L 336 67.71 -77.57 5.32
C ALA L 336 66.85 -76.32 5.37
N GLU L 337 67.45 -75.16 5.04
CA GLU L 337 66.69 -73.92 5.01
C GLU L 337 65.49 -74.06 4.08
N VAL L 338 65.71 -74.55 2.86
CA VAL L 338 64.60 -74.78 1.95
C VAL L 338 63.63 -75.78 2.56
N LEU L 339 64.16 -76.85 3.16
CA LEU L 339 63.31 -77.86 3.79
C LEU L 339 62.43 -77.23 4.85
N PHE L 340 62.87 -76.13 5.47
CA PHE L 340 62.03 -75.46 6.45
C PHE L 340 61.03 -74.51 5.78
N TYR L 341 61.42 -73.83 4.72
CA TYR L 341 60.56 -72.79 4.14
C TYR L 341 59.54 -73.39 3.16
N ARG L 342 60.02 -73.93 2.04
CA ARG L 342 59.15 -74.25 0.93
C ARG L 342 58.26 -75.46 1.23
N ARG L 343 58.59 -76.24 2.25
CA ARG L 343 57.71 -77.32 2.67
C ARG L 343 56.74 -76.87 3.76
N PHE L 344 57.10 -75.84 4.53
CA PHE L 344 56.28 -75.41 5.66
C PHE L 344 55.76 -73.99 5.51
N LEU L 345 56.64 -73.02 5.24
CA LEU L 345 56.21 -71.63 5.15
C LEU L 345 55.25 -71.41 3.98
N HIS L 346 55.54 -72.03 2.83
CA HIS L 346 54.75 -71.77 1.64
C HIS L 346 53.28 -72.14 1.80
N PRO L 347 52.90 -73.33 2.29
CA PRO L 347 51.47 -73.62 2.45
C PRO L 347 50.82 -72.75 3.53
N ARG L 348 51.44 -72.72 4.72
CA ARG L 348 50.85 -72.08 5.90
C ARG L 348 50.28 -70.71 5.57
N LEU L 349 51.14 -69.78 5.15
CA LEU L 349 50.68 -68.42 4.88
C LEU L 349 49.61 -68.42 3.80
N ASP L 350 49.81 -69.23 2.74
CA ASP L 350 48.80 -69.32 1.69
C ASP L 350 47.45 -69.67 2.27
N ASP L 351 47.42 -70.63 3.20
CA ASP L 351 46.17 -70.98 3.88
C ASP L 351 45.48 -69.74 4.40
N ASN L 352 46.21 -68.94 5.20
CA ASN L 352 45.63 -67.72 5.74
C ASN L 352 45.12 -66.83 4.62
N GLN L 353 45.91 -66.66 3.56
CA GLN L 353 45.48 -65.88 2.42
C GLN L 353 44.14 -66.40 1.91
N ARG L 354 44.08 -67.72 1.64
CA ARG L 354 42.82 -68.30 1.18
C ARG L 354 41.72 -68.04 2.19
N ARG L 355 42.02 -68.21 3.47
CA ARG L 355 41.04 -67.92 4.52
C ARG L 355 40.49 -66.51 4.35
N VAL L 356 41.38 -65.53 4.18
CA VAL L 356 40.93 -64.15 4.02
C VAL L 356 39.97 -64.06 2.84
N GLU L 357 40.33 -64.69 1.72
CA GLU L 357 39.47 -64.64 0.54
C GLU L 357 38.07 -65.11 0.88
N ARG L 358 37.96 -66.23 1.61
CA ARG L 358 36.66 -66.74 1.99
C ARG L 358 35.86 -65.68 2.73
N GLU L 359 36.49 -65.04 3.72
CA GLU L 359 35.79 -64.01 4.48
C GLU L 359 35.29 -62.91 3.55
N GLU L 360 36.14 -62.50 2.60
CA GLU L 360 35.73 -61.45 1.66
C GLU L 360 34.45 -61.85 0.95
N GLU L 361 34.40 -63.10 0.45
CA GLU L 361 33.20 -63.56 -0.25
C GLU L 361 31.98 -63.41 0.64
N ARG L 362 32.11 -63.77 1.93
CA ARG L 362 30.98 -63.67 2.85
C ARG L 362 30.39 -62.27 2.81
N VAL L 363 31.25 -61.24 2.85
CA VAL L 363 30.76 -59.87 2.88
C VAL L 363 29.86 -59.62 1.68
N TRP L 364 30.32 -60.00 0.48
CA TRP L 364 29.52 -59.76 -0.72
C TRP L 364 28.20 -60.48 -0.63
N ALA L 365 28.18 -61.70 -0.09
CA ALA L 365 26.92 -62.42 0.08
C ALA L 365 25.94 -61.58 0.87
N LEU L 366 26.40 -61.00 1.99
CA LEU L 366 25.53 -60.15 2.78
C LEU L 366 25.05 -58.95 1.96
N ARG L 367 25.95 -58.35 1.18
CA ARG L 367 25.55 -57.26 0.30
C ARG L 367 24.43 -57.71 -0.63
N GLY L 368 24.53 -58.94 -1.15
CA GLY L 368 23.47 -59.46 -1.99
C GLY L 368 22.13 -59.44 -1.30
N GLN L 369 22.10 -59.84 -0.03
CA GLN L 369 20.86 -59.78 0.74
C GLN L 369 20.32 -58.36 0.78
N GLN L 370 21.21 -57.38 0.98
CA GLN L 370 20.77 -55.99 0.98
C GLN L 370 20.15 -55.62 -0.35
N ARG L 371 20.70 -56.14 -1.45
CA ARG L 371 20.09 -55.91 -2.76
C ARG L 371 18.86 -56.79 -2.96
N ARG L 372 18.83 -57.95 -2.29
CA ARG L 372 17.67 -58.82 -2.40
C ARG L 372 16.43 -58.18 -1.81
N ALA L 373 16.55 -57.60 -0.62
CA ALA L 373 15.44 -56.89 -0.01
C ALA L 373 15.19 -55.57 -0.74
N LEU L 374 13.93 -55.13 -0.72
CA LEU L 374 13.48 -53.88 -1.32
C LEU L 374 13.67 -53.83 -2.83
N GLY L 375 13.92 -54.98 -3.46
CA GLY L 375 13.98 -55.03 -4.92
C GLY L 375 15.07 -54.18 -5.53
N LEU L 376 16.25 -54.17 -4.91
CA LEU L 376 17.37 -53.41 -5.44
C LEU L 376 18.13 -54.22 -6.47
N HIS L 377 18.74 -53.51 -7.43
CA HIS L 377 19.47 -54.17 -8.51
C HIS L 377 20.85 -54.63 -8.02
N ARG L 378 21.56 -55.33 -8.91
CA ARG L 378 22.85 -55.89 -8.55
C ARG L 378 23.86 -54.78 -8.28
N PRO L 379 24.78 -55.00 -7.33
CA PRO L 379 25.80 -53.99 -7.02
C PRO L 379 27.00 -54.00 -7.95
N HIS L 380 26.96 -54.79 -9.02
CA HIS L 380 28.01 -54.86 -10.05
C HIS L 380 29.41 -54.90 -9.44
N ARG L 381 29.68 -55.98 -8.70
CA ARG L 381 30.97 -56.13 -8.04
C ARG L 381 32.07 -56.24 -9.08
N PRO L 382 33.25 -55.68 -8.83
CA PRO L 382 34.34 -55.78 -9.81
C PRO L 382 34.93 -57.18 -9.87
N ASP L 383 35.65 -57.43 -10.95
CA ASP L 383 36.35 -58.70 -11.12
C ASP L 383 37.59 -58.75 -10.24
N LYS L 384 38.14 -59.96 -10.08
CA LYS L 384 39.35 -60.14 -9.28
C LYS L 384 40.53 -59.42 -9.89
N ASP L 385 40.56 -59.31 -11.23
CA ASP L 385 41.62 -58.56 -11.89
C ASP L 385 41.59 -57.10 -11.46
N ALA L 386 40.40 -56.50 -11.39
CA ALA L 386 40.28 -55.15 -10.86
C ALA L 386 40.56 -55.14 -9.36
N ALA L 387 40.22 -56.22 -8.66
CA ALA L 387 40.36 -56.26 -7.20
C ALA L 387 41.82 -56.21 -6.78
N TRP L 388 42.68 -57.04 -7.39
CA TRP L 388 44.07 -57.06 -6.97
C TRP L 388 44.76 -55.75 -7.32
N ARG L 389 44.33 -55.10 -8.41
CA ARG L 389 44.82 -53.75 -8.70
C ARG L 389 44.34 -52.75 -7.66
N LEU L 390 43.08 -52.88 -7.23
CA LEU L 390 42.52 -52.02 -6.20
C LEU L 390 43.20 -52.23 -4.85
N GLU L 391 43.88 -53.37 -4.66
CA GLU L 391 44.69 -53.55 -3.46
C GLU L 391 45.76 -52.47 -3.37
N GLN L 392 46.36 -52.10 -4.50
CA GLN L 392 47.33 -51.02 -4.51
C GLN L 392 46.68 -49.67 -4.21
N MET L 393 45.38 -49.55 -4.44
CA MET L 393 44.67 -48.30 -4.23
C MET L 393 44.41 -48.09 -2.74
N TYR L 394 43.47 -47.19 -2.42
CA TYR L 394 43.10 -46.96 -1.03
C TYR L 394 42.47 -48.20 -0.41
N ASP L 395 41.89 -49.07 -1.24
CA ASP L 395 41.27 -50.30 -0.77
C ASP L 395 42.32 -51.28 -0.23
N LEU M 9 -79.15 -30.37 9.94
CA LEU M 9 -79.78 -30.38 8.63
C LEU M 9 -78.84 -30.96 7.58
N SER M 10 -79.31 -32.00 6.87
CA SER M 10 -78.51 -32.60 5.82
C SER M 10 -78.29 -31.66 4.63
N GLY M 11 -79.16 -30.66 4.46
CA GLY M 11 -78.95 -29.69 3.40
C GLY M 11 -77.66 -28.93 3.57
N LEU M 12 -77.33 -28.56 4.80
CA LEU M 12 -76.04 -27.91 5.06
C LEU M 12 -74.89 -28.84 4.74
N LEU M 13 -75.00 -30.12 5.14
CA LEU M 13 -73.95 -31.09 4.86
C LEU M 13 -73.82 -31.37 3.37
N GLY M 14 -74.84 -31.08 2.58
CA GLY M 14 -74.75 -31.33 1.14
C GLY M 14 -73.72 -30.44 0.45
N ASP M 15 -73.61 -29.19 0.89
CA ASP M 15 -72.71 -28.25 0.25
C ASP M 15 -71.25 -28.61 0.53
N ILE M 16 -70.38 -28.36 -0.45
CA ILE M 16 -68.98 -28.69 -0.33
C ILE M 16 -68.29 -27.78 0.69
N GLY M 17 -68.66 -26.50 0.72
CA GLY M 17 -68.01 -25.57 1.63
C GLY M 17 -68.20 -25.92 3.09
N VAL M 18 -69.41 -26.34 3.45
CA VAL M 18 -69.68 -26.74 4.83
C VAL M 18 -68.84 -27.96 5.20
N LYS M 19 -68.73 -28.92 4.28
CA LYS M 19 -67.91 -30.10 4.54
C LYS M 19 -66.45 -29.73 4.74
N CYS M 20 -65.93 -28.83 3.89
CA CYS M 20 -64.54 -28.40 4.04
C CYS M 20 -64.32 -27.68 5.36
N THR M 21 -65.25 -26.81 5.74
CA THR M 21 -65.13 -26.10 7.01
C THR M 21 -65.17 -27.07 8.19
N LEU M 22 -66.06 -28.05 8.14
CA LEU M 22 -66.14 -29.03 9.22
C LEU M 22 -64.87 -29.87 9.29
N ALA M 23 -64.31 -30.25 8.14
CA ALA M 23 -63.06 -31.01 8.14
C ALA M 23 -61.93 -30.19 8.73
N PHE M 24 -61.84 -28.91 8.36
CA PHE M 24 -60.81 -28.04 8.91
C PHE M 24 -60.97 -27.89 10.43
N ALA M 25 -62.21 -27.69 10.88
CA ALA M 25 -62.46 -27.56 12.31
C ALA M 25 -62.11 -28.83 13.06
N GLY M 26 -62.43 -29.98 12.49
CA GLY M 26 -62.08 -31.25 13.14
C GLY M 26 -60.59 -31.47 13.21
N THR M 27 -59.86 -31.11 12.13
CA THR M 27 -58.41 -31.22 12.16
C THR M 27 -57.82 -30.31 13.22
N VAL M 28 -58.33 -29.08 13.33
CA VAL M 28 -57.83 -28.15 14.34
C VAL M 28 -58.13 -28.69 15.74
N ALA M 29 -59.33 -29.24 15.94
CA ALA M 29 -59.69 -29.79 17.24
C ALA M 29 -58.80 -30.96 17.62
N ALA M 30 -58.53 -31.87 16.67
CA ALA M 30 -57.65 -32.99 16.95
C ALA M 30 -56.24 -32.52 17.27
N GLY M 31 -55.73 -31.55 16.51
CA GLY M 31 -54.42 -31.01 16.79
C GLY M 31 -54.33 -30.40 18.17
N ALA M 32 -55.33 -29.60 18.54
CA ALA M 32 -55.34 -29.00 19.87
C ALA M 32 -55.47 -30.06 20.95
N ALA M 33 -56.21 -31.14 20.69
CA ALA M 33 -56.33 -32.21 21.66
C ALA M 33 -55.00 -32.91 21.88
N ILE M 34 -54.21 -33.08 20.82
CA ILE M 34 -53.00 -33.89 20.91
C ILE M 34 -51.72 -33.11 21.17
N VAL M 35 -51.73 -31.78 21.03
CA VAL M 35 -50.51 -31.00 21.20
C VAL M 35 -50.57 -29.98 22.33
N VAL M 36 -51.75 -29.66 22.85
CA VAL M 36 -51.85 -28.63 23.89
C VAL M 36 -51.33 -29.19 25.21
N PRO M 37 -50.32 -28.57 25.81
CA PRO M 37 -49.81 -29.04 27.09
C PRO M 37 -50.64 -28.53 28.25
N SER M 38 -50.40 -29.11 29.43
CA SER M 38 -51.09 -28.71 30.64
C SER M 38 -50.23 -29.09 31.83
N GLY M 39 -49.67 -28.08 32.50
CA GLY M 39 -48.83 -28.30 33.66
C GLY M 39 -47.41 -28.74 33.36
N LYS M 40 -47.05 -28.91 32.10
CA LYS M 40 -45.70 -29.32 31.72
C LYS M 40 -44.79 -28.16 31.39
N GLN M 41 -45.33 -26.94 31.33
CA GLN M 41 -44.48 -25.78 31.06
C GLN M 41 -43.57 -25.49 32.24
N VAL M 42 -44.15 -25.23 33.42
CA VAL M 42 -43.36 -25.00 34.62
C VAL M 42 -42.59 -26.25 35.00
N GLU M 43 -43.21 -27.43 34.86
CA GLU M 43 -42.57 -28.67 35.27
C GLU M 43 -41.32 -28.95 34.43
N ALA M 44 -41.45 -28.88 33.11
CA ALA M 44 -40.35 -29.25 32.22
C ALA M 44 -39.83 -28.08 31.40
N ALA M 45 -40.68 -27.40 30.64
CA ALA M 45 -40.19 -26.46 29.64
C ALA M 45 -39.56 -25.22 30.27
N SER M 46 -40.29 -24.58 31.19
CA SER M 46 -39.86 -23.27 31.70
C SER M 46 -38.53 -23.38 32.44
N LEU M 47 -38.43 -24.33 33.37
CA LEU M 47 -37.20 -24.48 34.13
C LEU M 47 -36.04 -24.89 33.24
N ASP M 48 -36.32 -25.69 32.21
CA ASP M 48 -35.24 -26.16 31.34
C ASP M 48 -34.70 -25.05 30.45
N ILE M 49 -35.58 -24.18 29.93
CA ILE M 49 -35.15 -23.23 28.90
C ILE M 49 -34.78 -21.88 29.52
N TYR M 50 -35.38 -21.54 30.66
CA TYR M 50 -35.09 -20.27 31.32
C TYR M 50 -34.65 -20.41 32.76
N GLY M 51 -34.96 -21.52 33.43
CA GLY M 51 -34.62 -21.67 34.84
C GLY M 51 -35.31 -20.66 35.74
N ARG M 52 -36.55 -20.32 35.42
CA ARG M 52 -37.33 -19.34 36.17
C ARG M 52 -38.77 -19.81 36.22
N PRO M 53 -39.53 -19.40 37.24
CA PRO M 53 -40.96 -19.73 37.25
C PRO M 53 -41.68 -19.08 36.10
N PRO M 54 -42.72 -19.71 35.56
CA PRO M 54 -43.40 -19.12 34.39
C PRO M 54 -44.03 -17.77 34.67
N SER M 55 -44.48 -17.53 35.90
CA SER M 55 -45.10 -16.25 36.23
C SER M 55 -44.11 -15.10 36.09
N GLN M 56 -42.87 -15.30 36.53
CA GLN M 56 -41.87 -14.23 36.47
C GLN M 56 -41.40 -14.00 35.03
N LEU M 57 -41.67 -14.95 34.14
CA LEU M 57 -41.21 -14.83 32.76
C LEU M 57 -41.93 -13.69 32.04
N LEU M 58 -41.23 -13.10 31.07
CA LEU M 58 -41.83 -12.09 30.21
C LEU M 58 -42.92 -12.74 29.35
N PRO M 59 -43.90 -11.96 28.90
CA PRO M 59 -44.98 -12.56 28.09
C PRO M 59 -44.51 -13.27 26.83
N ASN M 60 -43.42 -12.81 26.21
CA ASN M 60 -42.89 -13.48 25.03
C ASN M 60 -42.08 -14.72 25.36
N GLU M 61 -41.77 -14.95 26.63
CA GLU M 61 -41.04 -16.15 27.03
C GLU M 61 -41.98 -17.29 27.38
N ARG M 62 -43.11 -16.97 28.01
CA ARG M 62 -44.11 -17.98 28.34
C ARG M 62 -44.63 -18.67 27.09
N ARG M 63 -44.83 -17.91 26.02
CA ARG M 63 -45.24 -18.50 24.75
C ARG M 63 -44.18 -19.46 24.22
N ALA M 64 -42.90 -19.10 24.36
CA ALA M 64 -41.83 -20.00 23.92
C ALA M 64 -41.84 -21.29 24.73
N ALA M 65 -42.03 -21.19 26.04
CA ALA M 65 -42.09 -22.40 26.87
C ALA M 65 -43.27 -23.28 26.48
N GLU M 66 -44.44 -22.67 26.26
CA GLU M 66 -45.61 -23.44 25.84
C GLU M 66 -45.38 -24.10 24.49
N PHE M 67 -44.75 -23.39 23.56
CA PHE M 67 -44.44 -23.98 22.27
C PHE M 67 -43.49 -25.15 22.41
N ALA M 68 -42.47 -25.03 23.28
CA ALA M 68 -41.55 -26.12 23.50
C ALA M 68 -42.26 -27.34 24.06
N ALA M 69 -43.14 -27.14 25.04
CA ALA M 69 -43.90 -28.26 25.60
C ALA M 69 -44.79 -28.90 24.55
N GLY M 70 -45.47 -28.09 23.74
CA GLY M 70 -46.32 -28.64 22.69
C GLY M 70 -45.53 -29.42 21.65
N HIS M 71 -44.37 -28.90 21.27
CA HIS M 71 -43.53 -29.61 20.29
C HIS M 71 -43.02 -30.93 20.85
N ARG M 72 -42.64 -30.95 22.13
CA ARG M 72 -42.24 -32.20 22.76
C ARG M 72 -43.39 -33.20 22.76
N ARG M 73 -44.60 -32.73 23.08
CA ARG M 73 -45.76 -33.63 23.05
C ARG M 73 -46.02 -34.16 21.65
N TRP M 74 -45.90 -33.30 20.65
CA TRP M 74 -46.15 -33.71 19.27
C TRP M 74 -45.14 -34.77 18.83
N LYS M 75 -43.86 -34.56 19.16
CA LYS M 75 -42.85 -35.56 18.80
C LYS M 75 -43.07 -36.87 19.54
N GLY M 76 -43.42 -36.79 20.83
CA GLY M 76 -43.72 -38.01 21.56
C GLY M 76 -44.88 -38.78 20.96
N PHE M 77 -45.95 -38.06 20.57
CA PHE M 77 -47.09 -38.72 19.94
C PHE M 77 -46.72 -39.33 18.60
N VAL M 78 -45.98 -38.59 17.77
CA VAL M 78 -45.65 -39.09 16.45
C VAL M 78 -44.65 -40.25 16.51
N ASP M 79 -43.90 -40.38 17.61
CA ASP M 79 -42.98 -41.51 17.73
C ASP M 79 -43.65 -42.72 18.35
N ASN M 80 -44.42 -42.51 19.43
CA ASN M 80 -44.97 -43.63 20.19
C ASN M 80 -46.25 -44.21 19.61
N SER M 81 -46.90 -43.52 18.66
CA SER M 81 -48.18 -43.98 18.14
C SER M 81 -48.14 -44.28 16.66
N ILE M 82 -47.63 -43.36 15.83
CA ILE M 82 -47.67 -43.54 14.39
C ILE M 82 -46.45 -44.30 13.90
N TYR M 83 -45.25 -43.86 14.31
CA TYR M 83 -44.03 -44.41 13.74
C TYR M 83 -43.77 -45.84 14.20
N SER M 84 -44.13 -46.18 15.44
CA SER M 84 -44.00 -47.58 15.87
C SER M 84 -44.88 -48.49 15.02
N TRP M 85 -46.13 -48.07 14.80
CA TRP M 85 -47.05 -48.85 13.98
C TRP M 85 -46.55 -49.00 12.55
N THR M 86 -46.06 -47.91 11.95
CA THR M 86 -45.64 -47.92 10.56
C THR M 86 -44.22 -48.44 10.36
N ARG M 87 -43.47 -48.66 11.43
CA ARG M 87 -42.11 -49.18 11.34
C ARG M 87 -41.99 -50.59 11.90
N THR M 88 -43.04 -51.11 12.52
CA THR M 88 -43.07 -52.55 12.82
C THR M 88 -42.81 -53.36 11.57
N LEU M 89 -43.36 -52.93 10.44
CA LEU M 89 -42.95 -53.46 9.15
C LEU M 89 -41.56 -52.94 8.82
N PRO M 90 -40.59 -53.79 8.51
CA PRO M 90 -39.24 -53.31 8.19
C PRO M 90 -39.18 -52.62 6.84
N GLY M 91 -37.98 -52.17 6.45
CA GLY M 91 -37.81 -51.55 5.16
C GLY M 91 -38.19 -52.47 4.01
N HIS M 92 -39.29 -52.16 3.34
CA HIS M 92 -39.80 -53.00 2.25
C HIS M 92 -39.14 -52.64 0.92
N ASP M 93 -37.83 -52.89 0.87
CA ASP M 93 -36.99 -52.76 -0.31
C ASP M 93 -36.76 -51.31 -0.70
N ASN M 94 -37.44 -50.37 -0.03
CA ASN M 94 -37.20 -48.94 -0.15
C ASN M 94 -37.11 -48.48 -1.60
N PRO M 95 -38.23 -48.40 -2.33
CA PRO M 95 -38.18 -47.95 -3.73
C PRO M 95 -37.56 -46.57 -3.84
N ILE M 96 -36.71 -46.40 -4.87
CA ILE M 96 -35.94 -45.18 -5.07
C ILE M 96 -36.19 -44.70 -6.50
N VAL M 97 -35.99 -43.40 -6.71
CA VAL M 97 -36.07 -42.83 -8.05
C VAL M 97 -35.03 -43.48 -8.93
N ASN M 98 -35.46 -44.07 -10.05
CA ASN M 98 -34.55 -44.71 -10.97
C ASN M 98 -33.82 -43.66 -11.84
N PRO M 99 -34.53 -42.68 -12.43
CA PRO M 99 -33.75 -41.70 -13.18
C PRO M 99 -33.09 -40.64 -12.30
N ALA N 3 78.66 3.60 17.98
CA ALA N 3 77.39 2.94 17.69
C ALA N 3 76.82 2.29 18.94
N ALA N 4 77.70 1.91 19.87
CA ALA N 4 77.26 1.29 21.11
C ALA N 4 76.42 2.24 21.94
N ALA N 5 76.90 3.49 22.10
CA ALA N 5 76.16 4.47 22.89
C ALA N 5 74.82 4.78 22.26
N PHE N 6 74.77 4.94 20.93
CA PHE N 6 73.51 5.22 20.25
C PHE N 6 72.53 4.07 20.42
N ALA N 7 73.01 2.83 20.27
CA ALA N 7 72.13 1.67 20.43
C ALA N 7 71.60 1.57 21.85
N ALA N 8 72.46 1.77 22.85
CA ALA N 8 72.03 1.70 24.24
C ALA N 8 71.02 2.79 24.55
N PHE N 9 71.28 4.02 24.09
CA PHE N 9 70.35 5.12 24.33
C PHE N 9 69.01 4.89 23.65
N ALA N 10 69.03 4.40 22.41
CA ALA N 10 67.78 4.12 21.71
C ALA N 10 66.99 3.02 22.42
N GLY N 11 67.68 1.97 22.86
CA GLY N 11 66.99 0.89 23.57
C GLY N 11 66.39 1.39 24.87
N PHE N 12 67.14 2.19 25.65
CA PHE N 12 66.61 2.71 26.90
C PHE N 12 65.41 3.63 26.66
N ALA N 13 65.50 4.50 25.66
CA ALA N 13 64.41 5.41 25.35
C ALA N 13 63.16 4.64 24.90
N PHE N 14 63.35 3.61 24.06
CA PHE N 14 62.21 2.82 23.60
C PHE N 14 61.57 2.07 24.76
N ALA N 15 62.39 1.50 25.65
CA ALA N 15 61.84 0.80 26.81
C ALA N 15 61.07 1.75 27.72
N ALA N 16 61.62 2.94 27.97
CA ALA N 16 60.93 3.91 28.81
C ALA N 16 59.62 4.36 28.16
N PHE N 17 59.63 4.62 26.86
CA PHE N 17 58.41 5.04 26.17
C PHE N 17 57.35 3.94 26.20
N ALA N 18 57.76 2.68 26.00
CA ALA N 18 56.81 1.59 26.05
C ALA N 18 56.26 1.37 27.44
N ALA N 19 57.08 1.57 28.48
CA ALA N 19 56.61 1.38 29.85
C ALA N 19 55.72 2.52 30.30
N ALA N 20 55.94 3.73 29.79
CA ALA N 20 55.13 4.87 30.18
C ALA N 20 53.67 4.67 29.80
N GLY N 21 53.41 4.16 28.60
CA GLY N 21 52.05 3.93 28.15
C GLY N 21 51.43 2.69 28.76
#